data_6FTL
#
_entry.id   6FTL
#
_cell.length_a   111.022
_cell.length_b   111.022
_cell.length_c   396.361
_cell.angle_alpha   90.00
_cell.angle_beta   90.00
_cell.angle_gamma   90.00
#
_symmetry.space_group_name_H-M   'P 41 21 2'
#
loop_
_entity.id
_entity.type
_entity.pdbx_description
1 polymer 'Ribulose bisphosphate carboxylase large chain'
2 polymer 'Ribulose-1,5-bisphosphate carboxylase/oxygenase small subunit'
3 non-polymer 'MAGNESIUM ION'
4 non-polymer 2-CARBOXYARABINITOL-1,5-DIPHOSPHATE
5 non-polymer 1,2-ETHANEDIOL
6 water water
#
loop_
_entity_poly.entity_id
_entity_poly.type
_entity_poly.pdbx_seq_one_letter_code
_entity_poly.pdbx_strand_id
1 'polypeptide(L)'
;MSQSVSERTRIKSDRYESGVIPYAKMGYWDASYTVKDTDVLALFRITPQPGVDPVEAAAAVAGESSTATWTVVWTDLLTA
CERYRAKAYRVDPVPNSADVFFAFIAYECDLFEEASLANLTASIIGNVFGFKAVSALRLEDMRIPHSYL(LOH)TFQG
(HYP)ATGIIVERERLNKYGTPL(HLU)GATVKPKLGLSGKNYGRVVYEGL(LYO)GGLDFL(KCX)DDENINSQPFMRW
RERFLNCMEGINRASAATGEVKGSYLNITAATMEEVYKRAEYAKAVGSIVVMIDLVMGYTAIQSIAYWARENDMLLHLHR
AGNSTYARQKNHGINFRVICKWMRMSGVDHIHAGTVVGKLEGDPLMI(M3L)GFYDILRLTELEVNLPFGIFFEMDWASL
RRCMPVASGGIHCGQMHQLIHYLGDDVVLQFGGGTIGHPDGIQAGATANRVALESMVLARNEGVDYFDQQVGPQILRDAA
KTCGPLQTALDLWKDISFDYTSTDTADFAE
;
A,C,E,G
2 'polypeptide(L)'
;MRLTQGCFSFLPDLTDAQIEKQVAYAMAKGWAMNVEWTDDPHPRNNYWELWGLPLFDIKDPATVMFELNEARKSCAAGYI
RINAFDASYGVESCVMSFITNRPTNEPGFYLDRTDGPGRQIVYSIKSYSVQANPEGSRY
;
I,J,K,L
#
loop_
_chem_comp.id
_chem_comp.type
_chem_comp.name
_chem_comp.formula
CAP saccharide 2-CARBOXYARABINITOL-1,5-DIPHOSPHATE 'C6 H14 O13 P2'
EDO non-polymer 1,2-ETHANEDIOL 'C2 H6 O2'
LOH non-polymer 3,4-dihydroxylysine 'C6 H14 N2 O4'
MG non-polymer 'MAGNESIUM ION' 'Mg 2'
#
# COMPACT_ATOMS: atom_id res chain seq x y z
N GLN A 3 -56.76 17.93 50.43
CA GLN A 3 -57.70 16.99 49.76
C GLN A 3 -56.92 15.91 49.01
N SER A 4 -56.04 16.33 48.09
CA SER A 4 -55.40 15.45 47.09
C SER A 4 -54.05 14.90 47.55
N VAL A 5 -53.65 13.76 46.94
CA VAL A 5 -52.35 13.11 47.18
C VAL A 5 -51.18 14.06 46.89
N SER A 6 -51.29 14.87 45.83
CA SER A 6 -50.33 15.95 45.51
C SER A 6 -50.11 16.87 46.68
N GLU A 7 -51.22 17.33 47.26
CA GLU A 7 -51.15 18.27 48.37
C GLU A 7 -50.63 17.62 49.67
N ARG A 8 -51.17 16.45 50.05
CA ARG A 8 -50.73 15.69 51.26
C ARG A 8 -49.25 15.26 51.22
N THR A 9 -48.71 15.02 50.03
CA THR A 9 -47.32 14.60 49.84
C THR A 9 -46.36 15.74 49.40
N ARG A 10 -46.83 16.99 49.29
CA ARG A 10 -45.93 18.15 49.11
C ARG A 10 -44.84 18.13 50.17
N ILE A 11 -43.63 18.44 49.74
CA ILE A 11 -42.46 18.47 50.61
C ILE A 11 -42.51 19.76 51.44
N LYS A 12 -42.27 19.62 52.75
CA LYS A 12 -42.43 20.69 53.74
C LYS A 12 -41.13 21.10 54.45
N SER A 13 -39.97 20.60 54.03
CA SER A 13 -38.70 21.00 54.64
C SER A 13 -38.23 22.38 54.14
N ASP A 14 -37.27 22.95 54.86
CA ASP A 14 -36.67 24.26 54.53
C ASP A 14 -35.89 24.26 53.22
N ARG A 15 -35.21 23.14 52.94
CA ARG A 15 -34.42 22.95 51.71
C ARG A 15 -35.25 22.54 50.46
N TYR A 16 -36.30 21.72 50.65
CA TYR A 16 -37.03 21.14 49.52
C TYR A 16 -38.52 21.51 49.37
N GLU A 17 -39.01 22.44 50.18
CA GLU A 17 -40.27 23.08 49.88
C GLU A 17 -40.09 23.83 48.56
N SER A 18 -41.12 23.84 47.75
CA SER A 18 -41.12 24.62 46.52
C SER A 18 -40.84 26.10 46.74
N GLY A 19 -40.31 26.74 45.70
CA GLY A 19 -39.98 28.16 45.73
C GLY A 19 -38.50 28.45 45.63
N VAL A 20 -38.21 29.75 45.62
CA VAL A 20 -36.88 30.27 45.35
C VAL A 20 -36.19 30.56 46.66
N ILE A 21 -35.03 29.94 46.89
CA ILE A 21 -34.14 30.31 48.01
C ILE A 21 -32.75 30.64 47.46
N PRO A 22 -32.00 31.51 48.16
CA PRO A 22 -30.66 31.87 47.67
C PRO A 22 -29.77 30.65 47.42
N TYR A 23 -28.90 30.71 46.40
CA TYR A 23 -27.95 29.61 46.12
C TYR A 23 -27.11 29.31 47.37
N ALA A 24 -26.70 30.36 48.09
CA ALA A 24 -25.83 30.25 49.30
C ALA A 24 -26.38 29.36 50.42
N LYS A 25 -27.71 29.25 50.46
CA LYS A 25 -28.45 28.33 51.37
C LYS A 25 -28.87 26.97 50.73
N MET A 26 -28.51 26.70 49.46
CA MET A 26 -28.88 25.42 48.78
C MET A 26 -27.75 24.36 48.79
N GLY A 27 -26.62 24.69 49.44
CA GLY A 27 -25.45 23.82 49.60
C GLY A 27 -24.26 24.16 48.74
N TYR A 28 -24.25 25.32 48.06
CA TYR A 28 -23.20 25.70 47.08
C TYR A 28 -22.14 26.67 47.60
N TRP A 29 -22.32 27.11 48.85
CA TRP A 29 -21.35 27.90 49.60
C TRP A 29 -20.97 27.08 50.82
N ASP A 30 -19.68 26.90 51.03
CA ASP A 30 -19.19 26.25 52.24
C ASP A 30 -17.73 26.64 52.41
N ALA A 31 -17.47 27.67 53.21
CA ALA A 31 -16.11 28.18 53.41
C ALA A 31 -15.21 27.29 54.23
N SER A 32 -15.77 26.34 54.95
CA SER A 32 -14.98 25.39 55.72
C SER A 32 -14.67 24.06 54.97
N TYR A 33 -15.06 23.98 53.67
CA TYR A 33 -14.91 22.76 52.87
C TYR A 33 -13.45 22.42 52.61
N THR A 34 -13.09 21.15 52.84
CA THR A 34 -11.72 20.70 52.62
C THR A 34 -11.70 20.08 51.24
N VAL A 35 -10.88 20.67 50.39
CA VAL A 35 -10.66 20.20 49.03
C VAL A 35 -10.04 18.79 49.07
N LYS A 36 -10.64 17.85 48.31
CA LYS A 36 -10.03 16.55 48.02
C LYS A 36 -9.08 16.74 46.84
N ASP A 37 -8.02 15.93 46.76
CA ASP A 37 -7.11 15.91 45.58
C ASP A 37 -7.79 15.50 44.27
N THR A 38 -8.90 14.79 44.37
CA THR A 38 -9.70 14.41 43.23
C THR A 38 -10.70 15.47 42.74
N ASP A 39 -11.01 16.50 43.53
CA ASP A 39 -11.89 17.59 43.05
C ASP A 39 -11.31 18.34 41.85
N VAL A 40 -12.18 18.81 40.96
CA VAL A 40 -11.81 19.80 39.92
C VAL A 40 -12.03 21.16 40.55
N LEU A 41 -11.10 22.08 40.40
CA LEU A 41 -11.24 23.40 41.01
C LEU A 41 -11.24 24.45 39.94
N ALA A 42 -11.93 25.54 40.21
CA ALA A 42 -11.94 26.66 39.29
C ALA A 42 -11.79 27.93 40.07
N LEU A 43 -11.11 28.91 39.48
CA LEU A 43 -11.04 30.24 40.05
C LEU A 43 -11.73 31.14 39.09
N PHE A 44 -12.69 31.94 39.57
CA PHE A 44 -13.40 32.92 38.74
C PHE A 44 -13.19 34.34 39.31
N ARG A 45 -12.95 35.31 38.43
CA ARG A 45 -13.00 36.73 38.79
C ARG A 45 -14.42 37.26 38.53
N ILE A 46 -15.24 37.14 39.56
CA ILE A 46 -16.69 37.48 39.55
C ILE A 46 -16.89 38.98 39.80
N THR A 47 -17.62 39.64 38.92
CA THR A 47 -18.03 41.02 39.15
C THR A 47 -19.55 41.03 39.39
N PRO A 48 -19.98 40.97 40.67
CA PRO A 48 -21.40 40.92 40.95
C PRO A 48 -22.10 42.25 40.60
N GLN A 49 -23.35 42.15 40.10
CA GLN A 49 -24.17 43.35 39.84
C GLN A 49 -24.33 44.21 41.10
N PRO A 50 -24.43 45.54 40.93
CA PRO A 50 -24.63 46.36 42.13
C PRO A 50 -25.79 45.87 43.01
N GLY A 51 -25.55 45.73 44.32
CA GLY A 51 -26.51 45.17 45.27
C GLY A 51 -26.59 43.64 45.34
N VAL A 52 -25.73 42.92 44.61
CA VAL A 52 -25.69 41.44 44.74
C VAL A 52 -24.50 41.05 45.63
N ASP A 53 -24.77 40.11 46.54
CA ASP A 53 -23.79 39.67 47.51
C ASP A 53 -22.70 38.86 46.80
N PRO A 54 -21.40 39.16 47.07
CA PRO A 54 -20.30 38.41 46.45
C PRO A 54 -20.36 36.90 46.70
N VAL A 55 -20.72 36.53 47.93
CA VAL A 55 -20.78 35.14 48.34
C VAL A 55 -22.00 34.46 47.72
N GLU A 56 -23.08 35.21 47.54
CA GLU A 56 -24.26 34.71 46.83
C GLU A 56 -23.96 34.46 45.31
N ALA A 57 -23.19 35.35 44.70
CA ALA A 57 -22.84 35.21 43.28
C ALA A 57 -21.89 34.05 43.03
N ALA A 58 -20.95 33.84 43.95
CA ALA A 58 -20.04 32.70 43.91
C ALA A 58 -20.80 31.39 44.10
N ALA A 59 -21.73 31.38 45.05
CA ALA A 59 -22.65 30.25 45.24
C ALA A 59 -23.54 29.95 44.00
N ALA A 60 -24.03 30.99 43.33
CA ALA A 60 -24.80 30.87 42.09
C ALA A 60 -23.98 30.26 40.96
N VAL A 61 -22.76 30.75 40.79
CA VAL A 61 -21.86 30.18 39.79
C VAL A 61 -21.61 28.69 40.11
N ALA A 62 -21.46 28.34 41.40
CA ALA A 62 -21.23 26.94 41.79
C ALA A 62 -22.47 26.08 41.50
N GLY A 63 -23.64 26.60 41.85
CA GLY A 63 -24.91 25.93 41.60
C GLY A 63 -25.20 25.66 40.13
N GLU A 64 -25.10 26.72 39.31
CA GLU A 64 -25.46 26.65 37.90
C GLU A 64 -24.38 26.01 36.98
N SER A 65 -23.23 25.69 37.55
CA SER A 65 -22.20 24.88 36.89
C SER A 65 -22.09 23.49 37.52
N SER A 66 -23.07 23.12 38.35
CA SER A 66 -23.10 21.78 38.91
C SER A 66 -24.49 21.17 38.88
N THR A 67 -25.33 21.45 39.89
CA THR A 67 -26.62 20.74 40.05
C THR A 67 -27.86 21.62 40.24
N ALA A 68 -27.70 22.95 40.31
CA ALA A 68 -28.79 23.86 40.69
C ALA A 68 -29.57 24.42 39.51
N THR A 69 -30.79 24.81 39.84
CA THR A 69 -31.52 25.73 39.00
C THR A 69 -32.07 26.86 39.94
N TRP A 70 -32.69 27.87 39.34
CA TRP A 70 -33.25 29.04 40.04
C TRP A 70 -34.32 28.77 41.12
N THR A 71 -34.92 27.58 41.11
CA THR A 71 -35.98 27.20 42.04
C THR A 71 -35.72 25.75 42.52
N VAL A 72 -36.29 25.43 43.66
CA VAL A 72 -36.07 24.16 44.30
C VAL A 72 -36.80 23.04 43.57
N VAL A 73 -36.16 21.87 43.49
CA VAL A 73 -36.73 20.69 42.80
C VAL A 73 -36.61 19.42 43.68
N TRP A 74 -37.75 18.74 43.88
CA TRP A 74 -37.78 17.50 44.69
C TRP A 74 -36.90 16.32 44.16
N THR A 75 -36.64 16.36 42.84
CA THR A 75 -35.80 15.39 42.14
C THR A 75 -34.33 15.33 42.64
N ASP A 76 -33.85 16.43 43.27
CA ASP A 76 -32.60 16.41 44.06
C ASP A 76 -32.53 15.23 45.03
N LEU A 77 -33.67 14.89 45.65
CA LEU A 77 -33.79 13.76 46.59
C LEU A 77 -33.86 12.35 45.96
N LEU A 78 -33.78 12.26 44.63
CA LEU A 78 -33.58 10.97 43.93
C LEU A 78 -32.09 10.73 43.67
N THR A 79 -31.24 11.67 44.06
CA THR A 79 -29.78 11.55 43.92
C THR A 79 -29.13 11.66 45.30
N ALA A 80 -27.85 11.33 45.41
CA ALA A 80 -27.04 11.73 46.56
C ALA A 80 -26.67 13.20 46.31
N CYS A 81 -27.65 14.08 46.52
CA CYS A 81 -27.51 15.45 46.07
C CYS A 81 -26.43 16.24 46.78
N GLU A 82 -26.02 15.84 48.00
CA GLU A 82 -24.98 16.56 48.77
C GLU A 82 -23.60 16.37 48.13
N ARG A 83 -23.41 15.23 47.47
CA ARG A 83 -22.15 14.87 46.85
C ARG A 83 -21.84 15.68 45.58
N TYR A 84 -22.85 15.79 44.73
CA TYR A 84 -22.72 16.33 43.39
C TYR A 84 -22.67 17.86 43.36
N ARG A 85 -23.24 18.52 44.37
CA ARG A 85 -23.22 20.00 44.46
C ARG A 85 -21.81 20.57 44.48
N ALA A 86 -21.51 21.52 43.60
CA ALA A 86 -20.21 22.16 43.66
C ALA A 86 -20.21 23.03 44.90
N LYS A 87 -19.03 23.46 45.31
CA LYS A 87 -18.89 24.22 46.55
C LYS A 87 -17.95 25.39 46.27
N ALA A 88 -18.52 26.59 46.17
CA ALA A 88 -17.72 27.80 46.38
C ALA A 88 -17.19 27.65 47.80
N TYR A 89 -15.87 27.53 47.94
CA TYR A 89 -15.23 27.32 49.24
C TYR A 89 -14.36 28.49 49.67
N ARG A 90 -14.24 29.50 48.81
CA ARG A 90 -13.40 30.64 49.10
C ARG A 90 -13.82 31.81 48.24
N VAL A 91 -14.10 32.95 48.86
CA VAL A 91 -14.34 34.21 48.18
C VAL A 91 -13.45 35.25 48.85
N ASP A 92 -12.59 35.83 48.02
CA ASP A 92 -11.55 36.75 48.46
C ASP A 92 -11.70 38.04 47.65
N PRO A 93 -11.30 39.19 48.24
CA PRO A 93 -11.29 40.44 47.49
C PRO A 93 -10.12 40.46 46.56
N VAL A 94 -10.25 41.22 45.46
CA VAL A 94 -9.23 41.37 44.43
C VAL A 94 -8.46 42.66 44.71
N PRO A 95 -7.12 42.64 44.59
CA PRO A 95 -6.34 43.86 44.82
C PRO A 95 -6.80 45.08 44.00
N ASN A 96 -6.84 46.25 44.65
CA ASN A 96 -7.10 47.55 43.99
C ASN A 96 -8.49 47.63 43.35
N SER A 97 -9.45 47.06 44.06
CA SER A 97 -10.85 46.95 43.65
C SER A 97 -11.63 46.53 44.90
N ALA A 98 -12.81 47.13 45.09
CA ALA A 98 -13.77 46.70 46.12
C ALA A 98 -15.07 46.13 45.51
N ASP A 99 -15.14 46.01 44.17
CA ASP A 99 -16.35 45.50 43.50
C ASP A 99 -16.17 44.15 42.74
N VAL A 100 -14.95 43.61 42.73
CA VAL A 100 -14.60 42.39 41.99
C VAL A 100 -13.98 41.42 42.97
N PHE A 101 -14.37 40.15 42.85
CA PHE A 101 -13.93 39.13 43.78
C PHE A 101 -13.40 37.89 43.07
N PHE A 102 -12.54 37.15 43.77
CA PHE A 102 -11.99 35.89 43.31
C PHE A 102 -12.81 34.86 43.98
N ALA A 103 -13.29 33.87 43.24
CA ALA A 103 -14.11 32.81 43.83
C ALA A 103 -13.57 31.44 43.45
N PHE A 104 -13.20 30.65 44.45
CA PHE A 104 -12.67 29.32 44.24
C PHE A 104 -13.82 28.34 44.38
N ILE A 105 -14.09 27.55 43.35
CA ILE A 105 -15.17 26.54 43.39
C ILE A 105 -14.59 25.13 43.29
N ALA A 106 -15.25 24.12 43.88
CA ALA A 106 -14.82 22.71 43.91
C ALA A 106 -15.87 21.77 43.34
N TYR A 107 -15.49 20.99 42.34
CA TYR A 107 -16.42 20.12 41.63
C TYR A 107 -16.00 18.68 41.83
N GLU A 108 -16.94 17.83 42.22
CA GLU A 108 -16.66 16.44 42.46
C GLU A 108 -16.22 15.80 41.15
N CYS A 109 -15.16 14.99 41.22
CA CYS A 109 -14.62 14.26 40.07
C CYS A 109 -15.68 13.54 39.22
N ASP A 110 -16.64 12.90 39.91
CA ASP A 110 -17.78 12.21 39.26
C ASP A 110 -18.75 13.12 38.45
N LEU A 111 -18.64 14.44 38.57
CA LEU A 111 -19.45 15.32 37.70
C LEU A 111 -19.04 15.32 36.20
N PHE A 112 -17.83 14.86 35.91
CA PHE A 112 -17.28 15.02 34.58
C PHE A 112 -17.06 13.70 33.88
N GLU A 113 -17.52 13.64 32.62
CA GLU A 113 -17.24 12.50 31.74
C GLU A 113 -15.78 12.39 31.51
N GLU A 114 -15.29 11.16 31.61
CA GLU A 114 -13.85 10.90 31.54
C GLU A 114 -13.34 11.24 30.15
N ALA A 115 -12.18 11.89 30.10
CA ALA A 115 -11.48 12.18 28.84
C ALA A 115 -12.28 13.10 27.90
N SER A 116 -13.19 13.93 28.42
CA SER A 116 -13.98 14.86 27.59
C SER A 116 -13.82 16.30 27.98
N LEU A 117 -13.01 17.02 27.24
CA LEU A 117 -12.99 18.47 27.35
C LEU A 117 -14.38 19.10 27.16
N ALA A 118 -15.18 18.57 26.23
CA ALA A 118 -16.49 19.16 25.94
C ALA A 118 -17.42 19.13 27.16
N ASN A 119 -17.36 18.05 27.92
CA ASN A 119 -18.17 17.93 29.12
C ASN A 119 -17.69 18.79 30.28
N LEU A 120 -16.39 18.80 30.55
CA LEU A 120 -15.79 19.74 31.50
C LEU A 120 -16.20 21.18 31.22
N THR A 121 -16.02 21.62 29.98
CA THR A 121 -16.31 22.98 29.60
C THR A 121 -17.81 23.25 29.45
N ALA A 122 -18.65 22.21 29.37
CA ALA A 122 -20.11 22.39 29.41
C ALA A 122 -20.55 22.83 30.82
N SER A 123 -20.03 22.12 31.82
CA SER A 123 -20.27 22.47 33.20
C SER A 123 -19.60 23.84 33.55
N ILE A 124 -18.28 23.91 33.41
CA ILE A 124 -17.51 25.08 33.91
C ILE A 124 -17.81 26.40 33.20
N ILE A 125 -18.04 26.38 31.89
CA ILE A 125 -18.31 27.61 31.13
C ILE A 125 -19.68 27.74 30.50
N GLY A 126 -20.48 26.71 30.56
CA GLY A 126 -21.68 26.61 29.74
C GLY A 126 -22.59 27.80 29.84
N ASN A 127 -23.18 27.98 31.03
CA ASN A 127 -24.24 28.96 31.22
C ASN A 127 -23.88 30.18 32.03
N VAL A 128 -23.06 30.02 33.05
CA VAL A 128 -22.87 31.03 34.08
C VAL A 128 -22.32 32.38 33.64
N PHE A 129 -21.74 32.48 32.44
CA PHE A 129 -21.19 33.74 31.99
C PHE A 129 -22.26 34.68 31.50
N GLY A 130 -23.39 34.12 31.09
CA GLY A 130 -24.53 34.91 30.65
C GLY A 130 -25.57 35.11 31.72
N PHE A 131 -25.18 35.16 33.00
CA PHE A 131 -26.14 35.32 34.14
C PHE A 131 -26.37 36.79 34.48
N LYS A 132 -27.63 37.23 34.55
CA LYS A 132 -27.94 38.63 34.85
C LYS A 132 -27.35 39.11 36.18
N ALA A 133 -27.39 38.24 37.20
CA ALA A 133 -26.92 38.55 38.58
C ALA A 133 -25.46 39.00 38.69
N VAL A 134 -24.68 38.65 37.68
CA VAL A 134 -23.26 38.94 37.59
C VAL A 134 -23.05 39.76 36.33
N SER A 135 -22.50 40.97 36.45
CA SER A 135 -22.24 41.83 35.28
C SER A 135 -20.97 41.42 34.49
N ALA A 136 -19.98 40.83 35.18
CA ALA A 136 -18.85 40.16 34.50
C ALA A 136 -18.29 38.93 35.22
N LEU A 137 -17.55 38.12 34.48
CA LEU A 137 -17.10 36.83 34.96
C LEU A 137 -15.94 36.40 34.12
N ARG A 138 -14.87 36.01 34.78
CA ARG A 138 -13.70 35.47 34.09
C ARG A 138 -13.13 34.23 34.74
N LEU A 139 -12.97 33.17 33.97
CA LEU A 139 -12.31 31.95 34.44
C LEU A 139 -10.81 32.20 34.39
N GLU A 140 -10.20 32.29 35.55
CA GLU A 140 -8.81 32.67 35.63
C GLU A 140 -7.82 31.51 35.62
N ASP A 141 -8.23 30.37 36.16
CA ASP A 141 -7.35 29.21 36.30
C ASP A 141 -8.15 28.03 36.77
N MET A 142 -7.64 26.83 36.51
CA MET A 142 -8.23 25.59 37.08
C MET A 142 -7.18 24.61 37.59
N ARG A 143 -7.61 23.77 38.55
CA ARG A 143 -6.81 22.70 39.11
C ARG A 143 -7.46 21.42 38.63
N ILE A 144 -6.87 20.85 37.58
CA ILE A 144 -7.35 19.64 36.99
C ILE A 144 -6.63 18.53 37.77
N PRO A 145 -7.36 17.77 38.57
CA PRO A 145 -6.74 16.78 39.45
C PRO A 145 -6.08 15.62 38.69
N HIS A 146 -4.97 15.12 39.24
CA HIS A 146 -4.27 13.92 38.74
C HIS A 146 -5.20 12.84 38.16
N SER A 147 -6.29 12.50 38.86
CA SER A 147 -7.21 11.44 38.42
C SER A 147 -8.01 11.74 37.18
N TYR A 148 -8.24 13.03 36.92
CA TYR A 148 -8.87 13.41 35.68
C TYR A 148 -7.84 13.38 34.56
N LEU A 149 -6.65 13.88 34.82
CA LEU A 149 -5.63 13.95 33.77
C LEU A 149 -5.29 12.56 33.23
NZ LOH A 150 0.37 8.75 34.41
CE LOH A 150 -0.70 9.21 35.30
CD LOH A 150 -2.03 9.29 34.55
CG LOH A 150 -3.26 9.37 35.45
CB LOH A 150 -4.58 9.14 34.69
CA LOH A 150 -4.86 10.20 33.61
N LOH A 150 -5.18 11.55 34.10
C LOH A 150 -5.90 9.65 32.64
O LOH A 150 -5.59 8.68 31.96
OH1 LOH A 150 -5.67 9.09 35.62
OH2 LOH A 150 -3.15 8.35 36.46
N THR A 151 -7.10 10.22 32.56
CA THR A 151 -8.09 9.83 31.53
C THR A 151 -7.82 10.46 30.17
N PHE A 152 -7.04 11.56 30.12
CA PHE A 152 -6.74 12.30 28.88
C PHE A 152 -5.41 11.84 28.32
N GLN A 153 -5.19 12.05 27.01
CA GLN A 153 -3.96 11.62 26.37
C GLN A 153 -2.79 12.56 26.67
N GLY A 154 -3.04 13.86 26.74
CA GLY A 154 -1.96 14.83 26.73
C GLY A 154 -1.30 14.78 25.37
N HYP A 155 -0.24 15.55 25.11
CA HYP A 155 0.31 15.67 23.75
C HYP A 155 0.60 14.36 23.07
O HYP A 155 1.15 13.44 23.67
CB HYP A 155 1.54 16.58 23.80
CG HYP A 155 1.30 17.36 25.09
CD HYP A 155 0.54 16.39 26.00
OD1 HYP A 155 0.21 18.25 24.88
N ALA A 156 0.20 14.31 21.82
CA ALA A 156 0.38 13.24 20.87
C ALA A 156 1.85 12.83 20.82
N THR A 157 2.71 13.83 20.71
CA THR A 157 4.12 13.62 20.58
C THR A 157 4.86 14.14 21.82
N GLY A 158 4.82 15.45 22.04
CA GLY A 158 5.46 16.09 23.19
C GLY A 158 6.67 16.88 22.80
N ILE A 159 7.31 17.55 23.75
CA ILE A 159 8.56 18.29 23.45
C ILE A 159 9.72 17.32 23.23
N ILE A 160 9.78 16.30 24.06
CA ILE A 160 10.91 15.39 24.06
C ILE A 160 11.00 14.63 22.75
N VAL A 161 9.93 13.93 22.42
CA VAL A 161 9.89 13.07 21.25
C VAL A 161 9.92 13.89 19.95
N GLU A 162 9.28 15.05 19.97
CA GLU A 162 9.39 15.96 18.86
C GLU A 162 10.84 16.28 18.56
N ARG A 163 11.59 16.65 19.59
CA ARG A 163 13.01 16.96 19.41
C ARG A 163 13.78 15.74 18.90
N GLU A 164 13.37 14.56 19.34
CA GLU A 164 13.99 13.30 18.89
C GLU A 164 13.74 13.04 17.41
N ARG A 165 12.48 13.22 17.00
CA ARG A 165 12.09 13.13 15.59
C ARG A 165 12.75 14.12 14.67
N LEU A 166 12.98 15.33 15.15
CA LEU A 166 13.67 16.37 14.37
C LEU A 166 15.19 16.23 14.40
N ASN A 167 15.70 15.63 15.48
CA ASN A 167 17.14 15.54 15.77
C ASN A 167 17.74 16.93 16.01
N LYS A 168 16.98 17.80 16.70
CA LYS A 168 17.45 19.14 17.12
C LYS A 168 17.28 19.35 18.65
N TYR A 169 18.38 19.64 19.33
CA TYR A 169 18.43 19.89 20.75
C TYR A 169 19.45 21.00 20.98
N GLY A 170 19.17 21.94 21.90
CA GLY A 170 20.17 22.95 22.34
C GLY A 170 19.82 24.40 22.04
N THR A 171 18.99 24.63 21.04
CA THR A 171 18.46 25.95 20.74
C THR A 171 16.95 25.85 20.71
N PRO A 172 16.26 27.00 20.69
CA PRO A 172 14.88 26.98 20.28
C PRO A 172 14.74 26.59 18.81
N LEU A 173 13.63 25.94 18.49
CA LEU A 173 13.32 25.63 17.12
C LEU A 173 12.85 26.89 16.42
N HLU A 174 12.90 26.86 15.10
CA HLU A 174 12.70 28.04 14.28
CB HLU A 174 14.03 28.23 13.57
CG HLU A 174 14.86 29.41 14.05
CD1 HLU A 174 15.98 29.73 13.07
CD2 HLU A 174 14.06 30.68 14.30
C HLU A 174 11.56 27.77 13.34
O HLU A 174 11.24 26.62 13.03
OH HLU A 174 13.89 28.37 12.17
N GLY A 175 10.94 28.85 12.86
CA GLY A 175 9.77 28.73 12.00
C GLY A 175 9.41 30.00 11.26
N ALA A 176 8.42 29.93 10.39
CA ALA A 176 7.88 31.09 9.72
C ALA A 176 6.53 30.80 9.09
N THR A 177 5.59 31.73 9.25
CA THR A 177 4.33 31.68 8.49
C THR A 177 4.54 32.23 7.06
N VAL A 178 4.15 31.44 6.07
CA VAL A 178 4.15 31.83 4.65
C VAL A 178 3.19 33.03 4.40
N LYS A 179 3.68 34.05 3.70
CA LYS A 179 2.95 35.30 3.42
C LYS A 179 3.04 35.58 1.93
N PRO A 180 2.13 36.37 1.34
CA PRO A 180 0.91 36.91 1.97
C PRO A 180 0.01 35.82 2.57
N LYS A 181 -0.91 36.22 3.45
CA LYS A 181 -1.72 35.21 4.16
C LYS A 181 -2.55 34.39 3.17
N LEU A 182 -3.17 35.06 2.22
CA LEU A 182 -3.95 34.44 1.16
C LEU A 182 -3.46 34.94 -0.22
N GLY A 183 -3.84 34.18 -1.25
CA GLY A 183 -3.50 34.46 -2.64
C GLY A 183 -2.55 33.51 -3.35
N LEU A 184 -1.63 32.86 -2.62
CA LEU A 184 -0.59 32.03 -3.26
C LEU A 184 -1.13 30.71 -3.79
N SER A 185 -0.64 30.30 -4.96
CA SER A 185 -0.93 28.99 -5.51
C SER A 185 -0.13 27.98 -4.73
N GLY A 186 -0.50 26.72 -4.87
CA GLY A 186 0.24 25.62 -4.27
C GLY A 186 1.70 25.54 -4.68
N LYS A 187 1.95 25.75 -5.96
CA LYS A 187 3.31 25.67 -6.52
C LYS A 187 4.21 26.79 -5.96
N ASN A 188 3.67 28.00 -5.85
CA ASN A 188 4.41 29.08 -5.20
C ASN A 188 4.54 28.84 -3.70
N TYR A 189 3.49 28.30 -3.09
CA TYR A 189 3.56 27.96 -1.66
C TYR A 189 4.79 27.08 -1.42
N GLY A 190 4.90 26.00 -2.18
CA GLY A 190 6.05 25.09 -2.08
C GLY A 190 7.42 25.72 -2.38
N ARG A 191 7.43 26.73 -3.26
CA ARG A 191 8.59 27.53 -3.50
C ARG A 191 9.06 28.24 -2.22
N VAL A 192 8.15 28.98 -1.60
CA VAL A 192 8.47 29.70 -0.36
C VAL A 192 8.94 28.72 0.72
N VAL A 193 8.29 27.56 0.80
CA VAL A 193 8.62 26.54 1.80
C VAL A 193 10.03 26.00 1.56
N TYR A 194 10.35 25.71 0.31
CA TYR A 194 11.71 25.29 -0.06
C TYR A 194 12.76 26.36 0.31
N GLU A 195 12.48 27.59 -0.09
CA GLU A 195 13.41 28.67 0.14
C GLU A 195 13.73 28.83 1.64
N GLY A 196 12.72 29.04 2.47
CA GLY A 196 12.90 29.23 3.91
C GLY A 196 13.47 28.03 4.66
N LEU A 197 13.19 26.81 4.20
CA LEU A 197 13.82 25.65 4.84
C LEU A 197 15.30 25.55 4.45
N LYO A 198 15.61 25.75 3.16
CA LYO A 198 17.01 25.73 2.67
C LYO A 198 17.89 26.78 3.32
O LYO A 198 19.06 26.50 3.64
CB LYO A 198 17.07 25.98 1.15
CG LYO A 198 18.44 25.72 0.55
OG LYO A 198 18.96 24.53 1.16
CD LYO A 198 18.39 25.49 -0.98
CE LYO A 198 19.61 25.93 -1.80
NZ LYO A 198 20.36 24.77 -2.15
N GLY A 199 17.32 27.98 3.52
CA GLY A 199 18.06 29.08 4.13
C GLY A 199 18.27 28.95 5.63
N GLY A 200 17.59 27.98 6.27
CA GLY A 200 17.81 27.68 7.69
C GLY A 200 16.63 27.37 8.60
N LEU A 201 15.39 27.60 8.19
CA LEU A 201 14.25 27.34 9.10
C LEU A 201 13.99 25.84 9.27
N ASP A 202 13.58 25.46 10.48
CA ASP A 202 13.19 24.07 10.76
C ASP A 202 11.84 23.79 10.14
N PHE A 203 10.91 24.69 10.34
CA PHE A 203 9.59 24.60 9.78
C PHE A 203 9.28 25.85 9.01
N LEU A 204 8.34 25.76 8.07
CA LEU A 204 7.47 26.91 7.74
C LEU A 204 6.07 26.50 8.11
N KCX A 205 5.07 27.34 7.84
CA KCX A 205 3.67 26.91 8.07
CB KCX A 205 3.20 27.14 9.51
CG KCX A 205 3.12 28.60 9.94
CD KCX A 205 2.79 28.72 11.43
CE KCX A 205 1.32 28.49 11.76
NZ KCX A 205 0.44 29.41 11.07
C KCX A 205 2.67 27.57 7.20
O KCX A 205 2.84 28.70 6.76
CX KCX A 205 0.27 30.64 11.50
OQ1 KCX A 205 -0.53 31.46 10.86
OQ2 KCX A 205 0.80 31.09 12.50
N ASP A 206 1.56 26.87 7.00
CA ASP A 206 0.40 27.48 6.36
C ASP A 206 -0.11 28.54 7.33
N ASP A 207 -0.63 29.63 6.79
CA ASP A 207 -1.32 30.61 7.61
C ASP A 207 -2.61 29.91 8.10
N GLU A 208 -3.16 30.40 9.20
CA GLU A 208 -4.31 29.76 9.81
C GLU A 208 -5.52 29.74 8.90
N ASN A 209 -5.67 30.79 8.10
CA ASN A 209 -6.79 30.92 7.16
C ASN A 209 -6.52 30.31 5.78
N ILE A 210 -5.35 29.71 5.59
CA ILE A 210 -5.06 28.88 4.42
C ILE A 210 -5.55 27.48 4.74
N ASN A 211 -6.66 27.10 4.10
CA ASN A 211 -7.21 25.76 4.16
C ASN A 211 -7.33 25.23 2.73
N SER A 212 -8.32 25.72 1.97
CA SER A 212 -8.52 25.31 0.58
C SER A 212 -9.51 26.24 -0.08
N GLN A 213 -9.06 26.97 -1.10
CA GLN A 213 -9.82 28.06 -1.71
C GLN A 213 -9.57 28.09 -3.24
N PRO A 214 -10.33 28.92 -3.99
CA PRO A 214 -10.15 28.99 -5.47
C PRO A 214 -8.72 29.26 -5.95
N PHE A 215 -8.01 30.14 -5.23
CA PHE A 215 -6.59 30.45 -5.52
C PHE A 215 -5.59 29.29 -5.36
N MET A 216 -5.96 28.29 -4.53
CA MET A 216 -5.12 27.14 -4.20
C MET A 216 -5.95 26.08 -3.51
N ARG A 217 -6.02 24.89 -4.08
CA ARG A 217 -6.73 23.78 -3.46
C ARG A 217 -5.73 22.96 -2.72
N TRP A 218 -6.20 22.35 -1.62
CA TRP A 218 -5.28 21.85 -0.61
C TRP A 218 -4.32 20.79 -1.11
N ARG A 219 -4.74 19.94 -2.02
CA ARG A 219 -3.84 18.90 -2.52
C ARG A 219 -2.65 19.47 -3.28
N GLU A 220 -2.82 20.57 -4.00
CA GLU A 220 -1.69 21.13 -4.77
C GLU A 220 -0.65 21.68 -3.81
N ARG A 221 -1.11 22.32 -2.74
CA ARG A 221 -0.22 22.78 -1.68
C ARG A 221 0.56 21.64 -1.04
N PHE A 222 -0.10 20.54 -0.71
CA PHE A 222 0.56 19.47 0.05
C PHE A 222 1.64 18.79 -0.79
N LEU A 223 1.34 18.48 -2.06
CA LEU A 223 2.31 17.79 -2.93
C LEU A 223 3.49 18.70 -3.23
N ASN A 224 3.23 19.95 -3.57
CA ASN A 224 4.31 20.90 -3.80
C ASN A 224 5.14 21.16 -2.56
N CYS A 225 4.49 21.22 -1.40
CA CYS A 225 5.25 21.39 -0.19
C CYS A 225 6.19 20.22 0.09
N MET A 226 5.75 18.97 -0.16
CA MET A 226 6.61 17.80 0.12
C MET A 226 7.83 17.74 -0.79
N GLU A 227 7.71 18.22 -2.03
CA GLU A 227 8.86 18.44 -2.90
C GLU A 227 9.77 19.50 -2.27
N GLY A 228 9.21 20.59 -1.77
CA GLY A 228 10.02 21.62 -1.12
C GLY A 228 10.71 21.15 0.15
N ILE A 229 9.98 20.44 0.97
CA ILE A 229 10.49 19.95 2.23
C ILE A 229 11.67 19.00 2.00
N ASN A 230 11.44 18.01 1.16
CA ASN A 230 12.43 16.98 0.87
C ASN A 230 13.65 17.56 0.14
N ARG A 231 13.39 18.57 -0.70
CA ARG A 231 14.48 19.25 -1.36
C ARG A 231 15.38 19.93 -0.35
N ALA A 232 14.75 20.61 0.61
CA ALA A 232 15.50 21.33 1.66
C ALA A 232 16.25 20.35 2.54
N SER A 233 15.60 19.26 2.89
CA SER A 233 16.18 18.17 3.65
C SER A 233 17.42 17.55 2.94
N ALA A 234 17.32 17.30 1.64
CA ALA A 234 18.48 16.83 0.85
C ALA A 234 19.59 17.89 0.66
N ALA A 235 19.21 19.17 0.68
CA ALA A 235 20.17 20.25 0.54
C ALA A 235 20.97 20.45 1.86
N THR A 236 20.39 20.04 3.00
CA THR A 236 20.90 20.42 4.34
C THR A 236 21.39 19.23 5.22
N GLY A 237 20.87 18.03 4.98
CA GLY A 237 21.12 16.90 5.85
C GLY A 237 20.31 16.95 7.13
N GLU A 238 19.23 17.74 7.12
CA GLU A 238 18.37 17.95 8.29
C GLU A 238 16.93 17.43 8.03
N VAL A 239 16.26 17.04 9.11
CA VAL A 239 14.83 16.80 9.07
C VAL A 239 14.18 18.15 8.96
N LYS A 240 13.15 18.23 8.14
CA LYS A 240 12.46 19.49 7.87
C LYS A 240 10.99 19.24 7.77
N GLY A 241 10.23 20.33 7.88
CA GLY A 241 8.82 20.25 7.59
C GLY A 241 8.12 21.57 7.41
N SER A 242 6.82 21.48 7.08
CA SER A 242 5.94 22.65 7.05
C SER A 242 4.62 22.24 7.63
N TYR A 243 4.03 23.09 8.45
CA TYR A 243 2.76 22.73 9.10
C TYR A 243 1.63 22.76 8.09
N LEU A 244 1.27 21.59 7.56
CA LEU A 244 0.20 21.49 6.56
C LEU A 244 -1.14 21.61 7.27
N ASN A 245 -1.90 22.65 6.93
CA ASN A 245 -3.15 22.93 7.59
C ASN A 245 -4.26 22.01 7.08
N ILE A 246 -4.77 21.17 8.00
CA ILE A 246 -5.83 20.21 7.70
C ILE A 246 -7.21 20.70 8.15
N THR A 247 -7.27 21.94 8.61
CA THR A 247 -8.49 22.57 9.09
C THR A 247 -9.53 22.58 8.01
N ALA A 248 -10.74 22.18 8.39
CA ALA A 248 -11.81 22.07 7.42
C ALA A 248 -13.14 22.10 8.10
N ALA A 249 -14.17 22.22 7.29
CA ALA A 249 -15.53 22.33 7.75
C ALA A 249 -16.04 21.11 8.55
N THR A 250 -15.68 19.94 8.08
CA THR A 250 -16.21 18.70 8.61
C THR A 250 -15.07 17.79 9.04
N MET A 251 -15.29 17.08 10.14
CA MET A 251 -14.36 16.06 10.61
C MET A 251 -14.00 15.07 9.51
N GLU A 252 -14.90 14.86 8.56
CA GLU A 252 -14.64 13.95 7.43
C GLU A 252 -13.56 14.52 6.51
N GLU A 253 -13.58 15.85 6.34
CA GLU A 253 -12.56 16.53 5.54
C GLU A 253 -11.21 16.72 6.27
N VAL A 254 -11.23 16.92 7.59
CA VAL A 254 -10.01 17.06 8.36
C VAL A 254 -9.21 15.77 8.26
N TYR A 255 -9.93 14.67 8.37
CA TYR A 255 -9.37 13.33 8.27
C TYR A 255 -8.84 13.02 6.89
N LYS A 256 -9.53 13.41 5.80
CA LYS A 256 -8.95 13.21 4.46
C LYS A 256 -7.56 13.84 4.42
N ARG A 257 -7.53 15.11 4.83
CA ARG A 257 -6.32 15.95 4.78
C ARG A 257 -5.22 15.49 5.73
N ALA A 258 -5.58 15.09 6.93
CA ALA A 258 -4.61 14.44 7.81
C ALA A 258 -4.01 13.18 7.11
N GLU A 259 -4.87 12.25 6.71
CA GLU A 259 -4.47 10.99 6.05
C GLU A 259 -3.61 11.24 4.78
N TYR A 260 -3.94 12.28 4.01
CA TYR A 260 -3.14 12.67 2.81
C TYR A 260 -1.71 13.08 3.20
N ALA A 261 -1.65 13.96 4.20
CA ALA A 261 -0.38 14.48 4.77
C ALA A 261 0.50 13.34 5.27
N LYS A 262 -0.12 12.36 5.93
CA LYS A 262 0.62 11.19 6.41
C LYS A 262 1.10 10.42 5.24
N ALA A 263 0.24 10.22 4.25
CA ALA A 263 0.58 9.42 3.09
C ALA A 263 1.76 10.01 2.32
N VAL A 264 1.86 11.32 2.26
CA VAL A 264 2.92 11.98 1.47
C VAL A 264 4.19 12.21 2.29
N GLY A 265 4.17 11.91 3.58
CA GLY A 265 5.41 11.87 4.37
C GLY A 265 5.62 13.01 5.35
N SER A 266 4.64 13.87 5.50
CA SER A 266 4.80 15.02 6.40
C SER A 266 5.02 14.63 7.85
N ILE A 267 5.97 15.32 8.46
CA ILE A 267 6.28 15.14 9.86
C ILE A 267 5.27 15.84 10.81
N VAL A 268 4.53 16.82 10.29
CA VAL A 268 3.67 17.67 11.09
C VAL A 268 2.41 18.11 10.32
N VAL A 269 1.28 18.26 11.03
CA VAL A 269 0.10 18.95 10.48
C VAL A 269 -0.29 20.11 11.40
N MET A 270 -1.00 21.12 10.89
CA MET A 270 -1.61 22.13 11.79
C MET A 270 -3.11 22.15 11.76
N ILE A 271 -3.66 22.54 12.90
CA ILE A 271 -5.07 22.75 13.08
C ILE A 271 -5.30 24.12 13.71
N ASP A 272 -6.50 24.65 13.50
CA ASP A 272 -6.92 25.95 14.04
C ASP A 272 -7.89 25.74 15.21
N LEU A 273 -7.77 26.53 16.27
CA LEU A 273 -8.71 26.44 17.42
C LEU A 273 -10.21 26.66 17.08
N VAL A 274 -10.48 27.45 16.03
CA VAL A 274 -11.83 27.59 15.50
C VAL A 274 -12.52 26.28 15.06
N MET A 275 -11.76 25.22 14.80
CA MET A 275 -12.35 23.88 14.52
C MET A 275 -13.11 23.29 15.71
N GLY A 276 -12.62 23.65 16.90
CA GLY A 276 -13.29 23.44 18.17
C GLY A 276 -12.95 22.13 18.84
N TYR A 277 -13.28 22.06 20.12
CA TYR A 277 -12.72 21.06 21.01
C TYR A 277 -12.91 19.59 20.62
N THR A 278 -14.09 19.23 20.15
CA THR A 278 -14.35 17.82 19.79
C THR A 278 -13.54 17.36 18.57
N ALA A 279 -13.42 18.22 17.56
CA ALA A 279 -12.53 17.92 16.44
C ALA A 279 -11.09 17.81 16.92
N ILE A 280 -10.66 18.76 17.76
CA ILE A 280 -9.30 18.77 18.27
C ILE A 280 -8.97 17.47 18.98
N GLN A 281 -9.72 17.11 20.02
CA GLN A 281 -9.45 15.87 20.74
C GLN A 281 -9.42 14.68 19.79
N SER A 282 -10.31 14.67 18.79
CA SER A 282 -10.33 13.57 17.80
C SER A 282 -9.02 13.48 17.02
N ILE A 283 -8.56 14.61 16.46
CA ILE A 283 -7.35 14.67 15.63
C ILE A 283 -6.05 14.56 16.46
N ALA A 284 -6.12 14.92 17.74
CA ALA A 284 -5.03 14.65 18.69
C ALA A 284 -4.86 13.17 18.97
N TYR A 285 -5.96 12.43 19.05
CA TYR A 285 -5.90 10.95 19.10
C TYR A 285 -5.35 10.46 17.75
N TRP A 286 -5.73 11.11 16.68
CA TRP A 286 -5.27 10.71 15.37
C TRP A 286 -3.75 10.88 15.25
N ALA A 287 -3.24 12.03 15.71
CA ALA A 287 -1.80 12.31 15.62
C ALA A 287 -0.93 11.29 16.34
N ARG A 288 -1.36 10.89 17.53
CA ARG A 288 -0.70 9.84 18.30
C ARG A 288 -0.67 8.56 17.48
N GLU A 289 -1.82 8.22 16.90
CA GLU A 289 -1.99 6.94 16.20
C GLU A 289 -1.19 6.88 14.90
N ASN A 290 -0.90 8.06 14.34
CA ASN A 290 -0.32 8.18 13.03
C ASN A 290 1.04 8.88 12.99
N ASP A 291 1.73 8.90 14.12
CA ASP A 291 3.11 9.39 14.20
C ASP A 291 3.28 10.79 13.62
N MET A 292 2.39 11.69 14.01
CA MET A 292 2.28 13.03 13.44
C MET A 292 2.39 14.07 14.53
N LEU A 293 3.15 15.14 14.26
CA LEU A 293 3.17 16.30 15.10
C LEU A 293 1.91 17.05 14.80
N LEU A 294 1.31 17.63 15.83
CA LEU A 294 0.04 18.35 15.70
C LEU A 294 0.24 19.75 16.25
N HIS A 295 0.22 20.72 15.35
CA HIS A 295 0.45 22.10 15.68
C HIS A 295 -0.88 22.81 15.81
N LEU A 296 -1.12 23.48 16.93
CA LEU A 296 -2.39 24.13 17.17
C LEU A 296 -2.25 25.61 17.07
N HIS A 297 -2.80 26.18 16.00
CA HIS A 297 -2.98 27.59 15.92
C HIS A 297 -4.18 28.00 16.75
N ARG A 298 -4.05 29.07 17.54
CA ARG A 298 -5.06 29.40 18.57
C ARG A 298 -6.15 30.36 18.08
N ALA A 299 -6.60 30.18 16.83
CA ALA A 299 -7.47 31.13 16.11
C ALA A 299 -8.77 31.36 16.86
N GLY A 300 -9.09 32.61 17.14
CA GLY A 300 -10.30 33.00 17.88
C GLY A 300 -10.12 33.13 19.38
N ASN A 301 -8.96 32.70 19.89
CA ASN A 301 -8.70 32.72 21.33
C ASN A 301 -8.92 34.10 21.99
N SER A 302 -8.50 35.14 21.29
CA SER A 302 -8.52 36.48 21.82
C SER A 302 -9.92 37.09 21.93
N THR A 303 -10.92 36.46 21.31
CA THR A 303 -12.32 36.88 21.48
C THR A 303 -12.78 36.82 22.95
N TYR A 304 -12.29 35.83 23.71
CA TYR A 304 -12.60 35.66 25.16
C TYR A 304 -11.40 35.80 26.07
N ALA A 305 -10.19 35.93 25.52
CA ALA A 305 -8.95 35.93 26.33
C ALA A 305 -8.29 37.29 26.53
N ARG A 306 -8.77 38.32 25.85
CA ARG A 306 -8.05 39.57 25.80
C ARG A 306 -8.28 40.39 27.08
N GLN A 307 -9.55 40.49 27.52
CA GLN A 307 -9.89 41.39 28.62
C GLN A 307 -9.76 40.77 30.02
N LYS A 308 -9.32 41.60 30.96
CA LYS A 308 -9.13 41.23 32.38
C LYS A 308 -10.45 40.98 33.12
N ASN A 309 -11.48 41.75 32.77
CA ASN A 309 -12.77 41.66 33.48
C ASN A 309 -13.57 40.41 33.11
N HIS A 310 -13.53 39.98 31.86
CA HIS A 310 -14.47 38.94 31.38
C HIS A 310 -13.84 37.97 30.37
N GLY A 311 -14.11 36.68 30.54
CA GLY A 311 -13.75 35.67 29.57
C GLY A 311 -13.09 34.44 30.17
N ILE A 312 -12.09 33.94 29.47
CA ILE A 312 -11.30 32.83 29.94
C ILE A 312 -9.86 33.24 29.76
N ASN A 313 -9.10 33.33 30.83
CA ASN A 313 -7.67 33.51 30.67
C ASN A 313 -7.07 32.37 29.87
N PHE A 314 -6.20 32.75 28.94
CA PHE A 314 -5.51 31.81 28.07
C PHE A 314 -4.74 30.69 28.79
N ARG A 315 -4.33 30.91 30.02
CA ARG A 315 -3.70 29.84 30.82
C ARG A 315 -4.62 28.62 30.96
N VAL A 316 -5.93 28.86 31.07
CA VAL A 316 -6.88 27.76 31.17
C VAL A 316 -6.90 27.00 29.84
N ILE A 317 -6.92 27.75 28.74
CA ILE A 317 -6.84 27.17 27.40
C ILE A 317 -5.57 26.33 27.19
N CYS A 318 -4.42 26.79 27.70
CA CYS A 318 -3.18 25.99 27.69
C CYS A 318 -3.38 24.63 28.35
N LYS A 319 -4.03 24.62 29.52
CA LYS A 319 -4.30 23.37 30.25
C LYS A 319 -5.21 22.43 29.47
N TRP A 320 -6.31 22.99 29.02
CA TRP A 320 -7.30 22.26 28.27
C TRP A 320 -6.66 21.70 26.99
N MET A 321 -5.86 22.52 26.29
CA MET A 321 -5.24 22.09 25.06
C MET A 321 -4.09 21.11 25.30
N ARG A 322 -3.40 21.24 26.44
CA ARG A 322 -2.37 20.25 26.80
C ARG A 322 -3.01 18.90 27.14
N MET A 323 -4.19 18.93 27.78
CA MET A 323 -5.01 17.73 28.06
C MET A 323 -5.48 16.99 26.79
N SER A 324 -6.04 17.76 25.86
CA SER A 324 -6.54 17.25 24.57
C SER A 324 -5.47 16.58 23.74
N GLY A 325 -4.29 17.20 23.73
CA GLY A 325 -3.10 16.57 23.21
C GLY A 325 -2.42 17.20 22.01
N VAL A 326 -2.64 18.48 21.76
CA VAL A 326 -1.85 19.21 20.76
C VAL A 326 -0.36 19.33 21.19
N ASP A 327 0.57 19.29 20.22
CA ASP A 327 2.01 19.28 20.50
C ASP A 327 2.59 20.67 20.52
N HIS A 328 2.10 21.53 19.64
CA HIS A 328 2.43 22.96 19.68
C HIS A 328 1.17 23.70 20.04
N ILE A 329 1.32 24.82 20.72
CA ILE A 329 0.29 25.83 20.76
C ILE A 329 0.98 27.19 20.81
N HIS A 330 0.44 28.16 20.09
CA HIS A 330 0.93 29.53 20.11
C HIS A 330 0.62 30.12 21.49
N ALA A 331 1.64 30.71 22.13
CA ALA A 331 1.50 31.22 23.48
C ALA A 331 2.02 32.64 23.76
N GLY A 332 2.65 33.27 22.77
CA GLY A 332 3.00 34.69 22.88
C GLY A 332 4.47 34.97 22.65
N THR A 333 4.73 36.25 22.38
CA THR A 333 6.06 36.72 22.08
C THR A 333 6.63 37.70 23.08
N VAL A 334 5.77 38.29 23.91
CA VAL A 334 6.12 39.52 24.68
C VAL A 334 6.40 40.76 23.80
N VAL A 335 7.43 40.69 22.97
CA VAL A 335 7.93 41.86 22.22
C VAL A 335 7.36 42.03 20.81
N GLY A 336 6.54 41.07 20.36
CA GLY A 336 5.91 41.10 19.03
C GLY A 336 4.61 41.87 18.99
N LYS A 337 3.82 41.65 17.94
CA LYS A 337 2.62 42.45 17.64
C LYS A 337 1.31 42.06 18.35
N LEU A 338 1.31 40.98 19.15
CA LEU A 338 0.09 40.47 19.82
C LEU A 338 0.25 40.49 21.32
N GLU A 339 -0.81 40.93 22.00
CA GLU A 339 -0.86 41.13 23.45
C GLU A 339 -0.04 40.11 24.22
N GLY A 340 0.73 40.59 25.18
CA GLY A 340 1.62 39.70 25.91
C GLY A 340 2.44 40.42 26.94
N ASP A 341 1.83 40.60 28.10
CA ASP A 341 2.55 40.95 29.30
C ASP A 341 3.54 39.82 29.65
N PRO A 342 4.80 40.16 29.96
CA PRO A 342 5.83 39.16 30.29
C PRO A 342 5.49 38.10 31.39
N LEU A 343 4.92 38.53 32.51
CA LEU A 343 4.61 37.58 33.59
C LEU A 343 3.47 36.61 33.25
N MET A 344 2.48 37.05 32.48
CA MET A 344 1.40 36.18 32.07
C MET A 344 1.93 35.11 31.08
N ILE A 345 2.75 35.55 30.13
CA ILE A 345 3.38 34.66 29.12
C ILE A 345 4.16 33.54 29.80
N M3L A 346 4.92 33.90 30.83
CA M3L A 346 5.79 32.94 31.51
CB M3L A 346 6.80 33.66 32.41
CG M3L A 346 8.00 34.25 31.66
CD M3L A 346 9.15 34.35 32.67
CE M3L A 346 10.41 35.08 32.19
NZ M3L A 346 11.64 34.71 32.96
C M3L A 346 4.95 31.98 32.29
O M3L A 346 5.33 30.82 32.43
CM1 M3L A 346 11.48 34.54 34.44
CM2 M3L A 346 12.59 35.83 32.83
CM3 M3L A 346 12.23 33.46 32.42
N GLY A 347 3.81 32.45 32.79
CA GLY A 347 2.80 31.59 33.35
C GLY A 347 2.36 30.56 32.34
N PHE A 348 1.94 31.01 31.17
CA PHE A 348 1.46 30.12 30.12
C PHE A 348 2.54 29.10 29.72
N TYR A 349 3.77 29.60 29.53
CA TYR A 349 4.88 28.73 29.11
C TYR A 349 5.14 27.63 30.15
N ASP A 350 5.05 27.97 31.44
CA ASP A 350 5.20 26.97 32.52
C ASP A 350 4.08 25.97 32.58
N ILE A 351 2.87 26.42 32.28
CA ILE A 351 1.72 25.53 32.23
C ILE A 351 1.90 24.50 31.12
N LEU A 352 2.38 24.97 29.98
CA LEU A 352 2.65 24.10 28.85
C LEU A 352 3.81 23.14 29.06
N ARG A 353 4.87 23.57 29.76
CA ARG A 353 6.16 22.86 29.75
C ARG A 353 6.58 22.16 31.02
N LEU A 354 6.04 22.54 32.18
CA LEU A 354 6.48 21.93 33.43
C LEU A 354 5.71 20.65 33.78
N THR A 355 6.37 19.78 34.54
CA THR A 355 5.76 18.54 35.02
C THR A 355 4.82 18.79 36.21
N GLU A 356 5.05 19.90 36.92
CA GLU A 356 4.17 20.34 38.01
C GLU A 356 4.23 21.86 38.17
N LEU A 357 3.15 22.41 38.72
CA LEU A 357 3.01 23.83 38.96
C LEU A 357 2.91 24.07 40.45
N GLU A 358 3.38 25.22 40.88
CA GLU A 358 3.36 25.64 42.25
C GLU A 358 2.77 27.02 42.25
N VAL A 359 2.08 27.39 43.33
CA VAL A 359 1.46 28.71 43.37
C VAL A 359 2.51 29.77 43.09
N ASN A 360 2.18 30.63 42.11
CA ASN A 360 3.02 31.73 41.73
C ASN A 360 2.10 32.86 41.24
N LEU A 361 1.71 33.73 42.16
CA LEU A 361 0.68 34.72 41.89
C LEU A 361 1.08 35.73 40.77
N PRO A 362 2.33 36.22 40.81
CA PRO A 362 2.75 37.16 39.75
C PRO A 362 2.69 36.57 38.32
N PHE A 363 3.00 35.28 38.17
CA PHE A 363 2.92 34.54 36.90
C PHE A 363 1.49 34.08 36.54
N GLY A 364 0.48 34.51 37.28
CA GLY A 364 -0.88 34.07 37.06
C GLY A 364 -1.19 32.62 37.40
N ILE A 365 -0.27 31.91 38.04
CA ILE A 365 -0.50 30.53 38.48
C ILE A 365 -1.14 30.58 39.87
N PHE A 366 -2.46 30.44 39.90
CA PHE A 366 -3.26 30.49 41.13
C PHE A 366 -3.41 29.13 41.82
N PHE A 367 -3.03 28.03 41.17
CA PHE A 367 -3.22 26.69 41.72
C PHE A 367 -1.97 25.84 41.67
N GLU A 368 -1.74 25.07 42.74
CA GLU A 368 -0.73 24.04 42.75
C GLU A 368 -1.31 22.82 42.00
N MET A 369 -0.54 22.27 41.05
CA MET A 369 -1.03 21.26 40.12
C MET A 369 0.07 20.36 39.56
N ASP A 370 -0.09 19.04 39.74
CA ASP A 370 0.71 18.02 39.08
C ASP A 370 0.08 17.71 37.70
N TRP A 371 0.93 17.45 36.71
CA TRP A 371 0.46 17.19 35.35
C TRP A 371 0.26 15.69 35.00
N ALA A 372 0.46 14.81 35.97
CA ALA A 372 0.24 13.36 35.83
C ALA A 372 1.07 12.76 34.70
N SER A 373 2.26 13.33 34.49
CA SER A 373 3.14 12.92 33.40
C SER A 373 2.51 12.96 32.00
N LEU A 374 1.49 13.79 31.80
CA LEU A 374 1.08 14.13 30.45
C LEU A 374 2.26 14.83 29.87
N ARG A 375 2.54 14.55 28.61
CA ARG A 375 3.74 15.07 27.95
C ARG A 375 3.72 16.57 27.85
N ARG A 376 4.89 17.12 27.54
CA ARG A 376 5.07 18.56 27.59
C ARG A 376 4.69 19.14 26.25
N CYS A 377 3.87 20.19 26.27
CA CYS A 377 3.41 20.85 25.04
C CYS A 377 4.36 22.00 24.67
N MET A 378 4.79 22.04 23.41
CA MET A 378 5.71 23.08 22.93
C MET A 378 5.03 24.44 22.74
N PRO A 379 5.51 25.50 23.41
CA PRO A 379 4.97 26.81 23.05
C PRO A 379 5.57 27.37 21.76
N VAL A 380 4.80 28.27 21.12
CA VAL A 380 5.15 28.87 19.84
C VAL A 380 5.03 30.41 19.89
N ALA A 381 6.16 31.06 19.67
CA ALA A 381 6.22 32.51 19.67
C ALA A 381 6.09 32.96 18.24
N SER A 382 5.12 33.82 17.97
CA SER A 382 4.83 34.19 16.61
C SER A 382 4.23 35.58 16.57
N GLY A 383 4.57 36.34 15.55
CA GLY A 383 3.82 37.54 15.19
C GLY A 383 4.51 38.84 15.51
N GLY A 384 4.98 39.52 14.47
CA GLY A 384 5.61 40.83 14.60
C GLY A 384 7.00 40.80 15.22
N ILE A 385 7.68 39.64 15.21
CA ILE A 385 9.03 39.52 15.80
C ILE A 385 10.11 39.45 14.72
N HIS A 386 11.25 40.09 14.99
CA HIS A 386 12.40 40.07 14.11
C HIS A 386 13.64 39.67 14.89
N CYS A 387 14.68 39.25 14.18
CA CYS A 387 15.88 38.69 14.85
C CYS A 387 16.62 39.69 15.70
N GLY A 388 16.53 40.96 15.37
CA GLY A 388 17.06 42.03 16.22
C GLY A 388 16.49 42.03 17.64
N GLN A 389 15.51 41.17 17.93
CA GLN A 389 14.98 40.97 19.28
C GLN A 389 15.39 39.65 19.93
N MET A 390 16.43 38.99 19.41
CA MET A 390 16.72 37.61 19.83
C MET A 390 17.14 37.53 21.29
N HIS A 391 17.83 38.55 21.76
CA HIS A 391 18.16 38.68 23.18
C HIS A 391 16.95 38.56 24.08
N GLN A 392 15.88 39.22 23.68
CA GLN A 392 14.66 39.25 24.46
C GLN A 392 13.87 37.95 24.39
N LEU A 393 13.83 37.34 23.22
CA LEU A 393 13.06 36.13 23.03
C LEU A 393 13.66 35.01 23.86
N ILE A 394 14.98 34.85 23.76
CA ILE A 394 15.73 33.86 24.56
C ILE A 394 15.57 34.09 26.06
N HIS A 395 15.64 35.35 26.50
CA HIS A 395 15.48 35.67 27.92
C HIS A 395 14.10 35.35 28.47
N TYR A 396 13.07 35.83 27.80
CA TYR A 396 11.68 35.62 28.25
C TYR A 396 11.13 34.21 28.02
N LEU A 397 11.40 33.62 26.86
CA LEU A 397 10.70 32.40 26.41
C LEU A 397 11.49 31.11 26.60
N GLY A 398 12.81 31.20 26.72
CA GLY A 398 13.62 30.05 27.13
C GLY A 398 14.03 29.13 26.00
N ASP A 399 14.32 27.87 26.35
CA ASP A 399 14.89 26.88 25.42
C ASP A 399 13.88 26.20 24.48
N ASP A 400 12.80 25.68 25.05
CA ASP A 400 11.85 24.88 24.29
C ASP A 400 10.70 25.75 23.82
N VAL A 401 10.79 26.16 22.57
CA VAL A 401 9.83 27.08 21.96
C VAL A 401 10.13 27.10 20.46
N VAL A 402 9.12 27.39 19.64
CA VAL A 402 9.33 27.61 18.25
C VAL A 402 9.20 29.11 18.03
N LEU A 403 10.29 29.75 17.66
CA LEU A 403 10.29 31.17 17.31
C LEU A 403 9.94 31.24 15.84
N GLN A 404 8.91 31.99 15.50
CA GLN A 404 8.41 31.98 14.14
C GLN A 404 8.45 33.35 13.53
N PHE A 405 9.10 33.46 12.37
CA PHE A 405 9.39 34.74 11.73
C PHE A 405 8.78 34.74 10.33
N GLY A 406 7.53 35.21 10.21
CA GLY A 406 6.86 35.25 8.90
C GLY A 406 7.33 36.45 8.08
N GLY A 407 6.83 37.63 8.42
CA GLY A 407 7.38 38.86 7.89
C GLY A 407 8.87 38.98 8.16
N GLY A 408 9.33 38.52 9.31
CA GLY A 408 10.74 38.56 9.68
C GLY A 408 11.68 37.66 8.88
N THR A 409 11.15 36.79 8.01
CA THR A 409 11.94 36.05 7.04
C THR A 409 11.60 36.57 5.66
N ILE A 410 10.33 36.58 5.30
CA ILE A 410 9.93 36.87 3.91
C ILE A 410 10.11 38.35 3.51
N GLY A 411 10.10 39.25 4.48
CA GLY A 411 10.25 40.68 4.21
C GLY A 411 11.69 41.12 4.02
N HIS A 412 12.61 40.16 4.07
CA HIS A 412 14.03 40.39 3.84
C HIS A 412 14.25 40.77 2.37
N PRO A 413 15.02 41.85 2.13
CA PRO A 413 15.11 42.38 0.75
C PRO A 413 15.91 41.49 -0.17
N ASP A 414 16.91 40.84 0.40
CA ASP A 414 17.74 39.85 -0.29
C ASP A 414 17.14 38.45 -0.47
N GLY A 415 15.87 38.24 -0.11
CA GLY A 415 15.16 37.01 -0.51
C GLY A 415 14.88 36.11 0.67
N ILE A 416 14.19 35.00 0.42
CA ILE A 416 13.68 34.20 1.52
C ILE A 416 14.80 33.47 2.23
N GLN A 417 15.66 32.80 1.49
CA GLN A 417 16.83 32.14 2.09
C GLN A 417 17.60 33.05 3.04
N ALA A 418 17.84 34.28 2.58
CA ALA A 418 18.59 35.24 3.36
C ALA A 418 17.89 35.60 4.67
N GLY A 419 16.59 35.90 4.63
CA GLY A 419 15.88 36.15 5.88
C GLY A 419 15.95 34.98 6.87
N ALA A 420 15.85 33.76 6.35
CA ALA A 420 15.99 32.55 7.14
C ALA A 420 17.40 32.43 7.72
N THR A 421 18.44 32.63 6.91
CA THR A 421 19.82 32.56 7.41
C THR A 421 20.07 33.58 8.55
N ALA A 422 19.56 34.80 8.41
CA ALA A 422 19.64 35.81 9.46
C ALA A 422 19.00 35.34 10.76
N ASN A 423 17.78 34.86 10.65
CA ASN A 423 17.10 34.42 11.85
C ASN A 423 17.87 33.34 12.60
N ARG A 424 18.46 32.40 11.87
CA ARG A 424 19.19 31.30 12.47
C ARG A 424 20.57 31.69 13.01
N VAL A 425 21.25 32.62 12.35
CA VAL A 425 22.54 33.04 12.84
C VAL A 425 22.32 33.82 14.14
N ALA A 426 21.34 34.71 14.13
CA ALA A 426 20.94 35.42 15.33
C ALA A 426 20.56 34.47 16.46
N LEU A 427 19.90 33.37 16.14
CA LEU A 427 19.46 32.45 17.16
C LEU A 427 20.65 31.74 17.77
N GLU A 428 21.41 31.09 16.90
CA GLU A 428 22.52 30.22 17.33
C GLU A 428 23.65 31.01 18.00
N SER A 429 23.93 32.21 17.48
CA SER A 429 24.93 33.07 18.09
C SER A 429 24.46 33.54 19.47
N MET A 430 23.20 33.91 19.62
CA MET A 430 22.68 34.36 20.91
C MET A 430 22.67 33.23 21.92
N VAL A 431 22.36 32.00 21.50
CA VAL A 431 22.40 30.85 22.42
C VAL A 431 23.86 30.50 22.77
N LEU A 432 24.79 30.70 21.83
CA LEU A 432 26.19 30.45 22.14
C LEU A 432 26.67 31.33 23.31
N ALA A 433 26.53 32.64 23.13
CA ALA A 433 26.86 33.65 24.13
C ALA A 433 26.18 33.38 25.49
N ARG A 434 24.89 33.07 25.46
CA ARG A 434 24.16 32.75 26.70
C ARG A 434 24.89 31.65 27.46
N ASN A 435 25.18 30.54 26.79
CA ASN A 435 25.86 29.42 27.43
C ASN A 435 27.29 29.72 27.89
N GLU A 436 27.95 30.67 27.22
CA GLU A 436 29.27 31.14 27.65
C GLU A 436 29.23 31.92 28.97
N GLY A 437 28.03 32.36 29.40
CA GLY A 437 27.85 33.15 30.61
C GLY A 437 27.70 34.64 30.39
N VAL A 438 27.48 35.07 29.14
CA VAL A 438 27.33 36.49 28.81
C VAL A 438 26.00 37.02 29.33
N ASP A 439 26.00 38.24 29.86
CA ASP A 439 24.78 38.89 30.33
C ASP A 439 24.06 39.46 29.06
N TYR A 440 23.55 38.52 28.25
CA TYR A 440 22.89 38.78 26.96
C TYR A 440 21.60 39.59 27.05
N PHE A 441 20.87 39.53 28.15
CA PHE A 441 19.61 40.27 28.23
C PHE A 441 19.82 41.77 28.39
N ASP A 442 21.01 42.19 28.83
CA ASP A 442 21.32 43.62 28.92
C ASP A 442 21.01 44.34 27.60
N GLN A 443 20.45 45.54 27.73
CA GLN A 443 20.07 46.39 26.60
C GLN A 443 21.22 46.62 25.61
N GLN A 444 22.46 46.68 26.11
CA GLN A 444 23.63 46.92 25.26
C GLN A 444 24.32 45.63 24.81
N VAL A 445 24.51 44.69 25.74
CA VAL A 445 25.25 43.45 25.43
C VAL A 445 24.49 42.58 24.41
N GLY A 446 23.17 42.51 24.54
CA GLY A 446 22.32 41.71 23.64
C GLY A 446 22.40 42.07 22.16
N PRO A 447 22.05 43.34 21.80
CA PRO A 447 22.20 43.80 20.42
C PRO A 447 23.62 43.71 19.89
N GLN A 448 24.60 43.81 20.80
CA GLN A 448 26.01 43.72 20.45
C GLN A 448 26.44 42.32 20.01
N ILE A 449 25.83 41.28 20.57
CA ILE A 449 26.12 39.90 20.17
C ILE A 449 25.67 39.65 18.73
N LEU A 450 24.52 40.21 18.37
CA LEU A 450 23.95 40.11 17.03
C LEU A 450 24.73 40.95 16.05
N ARG A 451 25.27 42.09 16.50
CA ARG A 451 26.17 42.90 15.66
C ARG A 451 27.50 42.21 15.39
N ASP A 452 28.03 41.49 16.40
CA ASP A 452 29.26 40.68 16.27
C ASP A 452 29.10 39.53 15.29
N ALA A 453 28.03 38.76 15.46
CA ALA A 453 27.70 37.69 14.54
C ALA A 453 27.47 38.20 13.11
N ALA A 454 26.86 39.38 12.98
CA ALA A 454 26.59 40.03 11.68
C ALA A 454 27.82 40.50 10.90
N LYS A 455 28.97 40.62 11.56
CA LYS A 455 30.22 40.95 10.84
C LYS A 455 30.55 39.91 9.75
N THR A 456 30.13 38.65 9.91
CA THR A 456 30.30 37.63 8.84
C THR A 456 28.97 37.01 8.41
N CYS A 457 27.88 37.78 8.51
CA CYS A 457 26.57 37.42 7.96
C CYS A 457 25.85 38.66 7.43
N GLY A 458 26.00 38.90 6.12
CA GLY A 458 25.35 40.02 5.41
C GLY A 458 23.83 39.99 5.50
N PRO A 459 23.23 38.81 5.34
CA PRO A 459 21.80 38.66 5.68
C PRO A 459 21.42 39.18 7.09
N LEU A 460 22.21 38.83 8.12
CA LEU A 460 21.87 39.30 9.49
C LEU A 460 22.10 40.81 9.64
N GLN A 461 23.23 41.28 9.13
CA GLN A 461 23.52 42.71 9.05
C GLN A 461 22.38 43.48 8.38
N THR A 462 21.87 42.97 7.27
CA THR A 462 20.78 43.63 6.55
C THR A 462 19.49 43.71 7.40
N ALA A 463 19.12 42.59 8.02
CA ALA A 463 17.89 42.47 8.84
C ALA A 463 17.91 43.32 10.10
N LEU A 464 19.07 43.40 10.75
CA LEU A 464 19.24 44.31 11.90
C LEU A 464 19.05 45.76 11.45
N ASP A 465 19.69 46.16 10.36
CA ASP A 465 19.55 47.54 9.86
C ASP A 465 18.13 47.88 9.42
N LEU A 466 17.47 46.93 8.77
CA LEU A 466 16.11 47.14 8.30
C LEU A 466 15.09 47.33 9.44
N TRP A 467 15.10 46.43 10.42
CA TRP A 467 14.12 46.47 11.53
C TRP A 467 14.69 46.96 12.89
N LYS A 468 15.76 47.75 12.86
CA LYS A 468 16.38 48.31 14.08
C LYS A 468 15.39 49.14 14.89
N ASP A 469 14.60 49.98 14.22
CA ASP A 469 13.71 50.92 14.92
C ASP A 469 12.30 50.34 15.22
N ILE A 470 12.16 49.01 15.30
CA ILE A 470 10.82 48.35 15.29
C ILE A 470 10.36 47.82 16.67
N SER A 471 9.21 48.33 17.12
CA SER A 471 8.62 47.85 18.35
C SER A 471 7.10 48.06 18.39
N PHE A 472 6.45 47.27 19.23
CA PHE A 472 5.00 47.27 19.39
C PHE A 472 4.77 47.49 20.89
N ASP A 473 5.03 48.72 21.29
CA ASP A 473 4.97 49.11 22.70
C ASP A 473 3.61 49.76 22.98
N TYR A 474 2.75 49.02 23.66
CA TYR A 474 1.42 49.48 24.01
C TYR A 474 1.06 48.94 25.40
N THR A 475 0.18 49.67 26.10
CA THR A 475 -0.40 49.21 27.36
C THR A 475 -1.08 47.83 27.15
N SER A 476 -0.75 46.88 28.04
CA SER A 476 -1.38 45.56 28.08
C SER A 476 -2.78 45.69 28.68
N THR A 477 -3.64 44.75 28.31
CA THR A 477 -4.97 44.57 28.91
C THR A 477 -5.01 43.35 29.86
N ASP A 478 -4.42 42.23 29.44
CA ASP A 478 -4.36 40.99 30.23
C ASP A 478 -3.14 41.03 31.16
N THR A 479 -3.35 41.49 32.39
CA THR A 479 -2.27 41.78 33.35
C THR A 479 -2.48 41.18 34.75
N ALA A 480 -1.38 41.08 35.50
CA ALA A 480 -1.35 40.47 36.83
C ALA A 480 -1.92 41.37 37.91
N ASP A 481 -2.50 40.74 38.92
CA ASP A 481 -3.06 41.41 40.11
C ASP A 481 -2.05 41.57 41.23
N PHE A 482 -1.13 40.60 41.33
CA PHE A 482 -0.08 40.56 42.33
C PHE A 482 1.27 40.93 41.70
N ALA A 483 1.99 41.83 42.36
CA ALA A 483 3.20 42.44 41.82
C ALA A 483 4.46 41.61 42.10
N GLU A 484 5.54 41.96 41.38
CA GLU A 484 6.86 41.32 41.40
C GLU A 484 6.93 40.15 40.40
N MET B 1 28.96 20.79 0.64
CA MET B 1 27.96 21.46 1.48
C MET B 1 28.28 21.23 2.95
N ARG B 2 27.70 22.06 3.83
CA ARG B 2 27.76 21.92 5.32
C ARG B 2 26.42 21.20 5.56
N LEU B 3 26.36 19.92 5.89
CA LEU B 3 25.88 19.40 7.19
C LEU B 3 25.49 20.34 8.33
N THR B 4 24.21 20.73 8.35
CA THR B 4 23.67 21.61 9.39
C THR B 4 22.79 20.89 10.49
N GLN B 5 23.03 19.60 10.72
CA GLN B 5 22.65 18.97 12.00
C GLN B 5 23.45 19.63 13.11
N GLY B 6 23.04 19.43 14.36
CA GLY B 6 23.66 20.10 15.51
C GLY B 6 23.21 21.55 15.62
N CYS B 7 23.22 22.10 16.83
CA CYS B 7 22.59 23.39 17.06
C CYS B 7 23.50 24.61 16.83
N PHE B 8 24.75 24.42 16.46
CA PHE B 8 25.63 25.58 16.16
C PHE B 8 26.22 25.54 14.75
N SER B 9 25.72 24.65 13.90
CA SER B 9 26.22 24.50 12.54
C SER B 9 25.97 25.67 11.60
N PHE B 10 25.20 26.69 12.00
CA PHE B 10 25.10 27.95 11.21
C PHE B 10 26.16 28.99 11.59
N LEU B 11 26.97 28.67 12.60
CA LEU B 11 28.18 29.43 12.95
C LEU B 11 29.41 28.68 12.47
N PRO B 12 30.56 29.37 12.38
CA PRO B 12 31.78 28.62 12.05
C PRO B 12 32.10 27.53 13.08
N ASP B 13 32.78 26.49 12.61
CA ASP B 13 33.29 25.40 13.45
C ASP B 13 33.79 25.95 14.79
N LEU B 14 33.46 25.27 15.88
CA LEU B 14 33.86 25.70 17.21
C LEU B 14 35.35 25.43 17.50
N THR B 15 36.00 26.40 18.14
CA THR B 15 37.37 26.27 18.64
C THR B 15 37.33 25.34 19.85
N ASP B 16 38.48 24.81 20.26
CA ASP B 16 38.50 23.95 21.44
C ASP B 16 38.12 24.75 22.68
N ALA B 17 38.46 26.03 22.69
CA ALA B 17 38.03 26.95 23.76
C ALA B 17 36.49 27.16 23.81
N GLN B 18 35.84 27.24 22.65
CA GLN B 18 34.37 27.34 22.59
C GLN B 18 33.66 26.03 22.98
N ILE B 19 34.07 24.92 22.39
CA ILE B 19 33.51 23.61 22.78
C ILE B 19 33.63 23.44 24.29
N GLU B 20 34.80 23.74 24.85
CA GLU B 20 35.01 23.61 26.29
C GLU B 20 33.99 24.45 27.05
N LYS B 21 33.68 25.64 26.55
CA LYS B 21 32.68 26.52 27.20
C LYS B 21 31.25 26.01 27.19
N GLN B 22 30.80 25.46 26.07
CA GLN B 22 29.47 24.83 26.01
C GLN B 22 29.41 23.60 26.91
N VAL B 23 30.47 22.79 26.87
CA VAL B 23 30.64 21.66 27.77
C VAL B 23 30.53 22.09 29.25
N ALA B 24 31.09 23.24 29.61
CA ALA B 24 30.97 23.80 30.98
C ALA B 24 29.56 24.25 31.37
N TYR B 25 28.85 24.93 30.46
CA TYR B 25 27.45 25.27 30.65
C TYR B 25 26.61 24.03 30.92
N ALA B 26 26.81 23.00 30.11
CA ALA B 26 26.06 21.76 30.29
C ALA B 26 26.35 21.06 31.63
N MET B 27 27.62 21.10 32.03
CA MET B 27 28.06 20.44 33.25
C MET B 27 27.63 21.19 34.52
N ALA B 28 27.55 22.52 34.47
CA ALA B 28 26.96 23.31 35.54
C ALA B 28 25.44 23.05 35.68
N LYS B 29 24.77 22.69 34.58
CA LYS B 29 23.35 22.25 34.63
C LYS B 29 23.19 20.79 35.06
N GLY B 30 24.29 20.08 35.31
CA GLY B 30 24.25 18.71 35.83
C GLY B 30 23.93 17.66 34.79
N TRP B 31 24.09 18.01 33.51
CA TRP B 31 23.80 17.12 32.40
C TRP B 31 25.01 16.23 32.14
N ALA B 32 24.75 15.05 31.57
CA ALA B 32 25.78 14.08 31.21
C ALA B 32 26.19 14.30 29.73
N MET B 33 27.49 14.42 29.49
CA MET B 33 28.02 14.57 28.15
C MET B 33 28.40 13.20 27.57
N ASN B 34 28.30 13.08 26.26
CA ASN B 34 28.86 11.94 25.56
C ASN B 34 29.32 12.36 24.18
N VAL B 35 30.23 11.56 23.63
CA VAL B 35 30.85 11.81 22.34
C VAL B 35 30.41 10.73 21.38
N GLU B 36 30.10 11.11 20.15
CA GLU B 36 29.60 10.17 19.16
C GLU B 36 30.22 10.43 17.79
N TRP B 37 30.37 9.37 17.00
CA TRP B 37 31.01 9.42 15.67
C TRP B 37 30.13 8.76 14.58
N THR B 38 30.23 9.26 13.34
CA THR B 38 29.64 8.58 12.17
C THR B 38 30.22 9.11 10.88
N ASP B 39 30.11 8.31 9.83
CA ASP B 39 30.34 8.79 8.47
C ASP B 39 29.12 8.53 7.59
N ASP B 40 27.94 8.46 8.23
CA ASP B 40 26.66 8.50 7.54
C ASP B 40 25.99 9.80 7.97
N PRO B 41 26.07 10.86 7.13
CA PRO B 41 25.47 12.13 7.51
C PRO B 41 23.93 12.21 7.33
N HIS B 42 23.28 11.12 6.87
CA HIS B 42 21.84 11.11 6.65
C HIS B 42 20.99 11.68 7.83
N PRO B 43 20.02 12.57 7.55
CA PRO B 43 19.19 13.15 8.62
C PRO B 43 18.45 12.12 9.48
N ARG B 44 18.08 10.99 8.89
CA ARG B 44 17.47 9.85 9.62
C ARG B 44 18.43 8.83 10.31
N ASN B 45 19.73 9.11 10.35
CA ASN B 45 20.70 8.29 11.09
C ASN B 45 20.73 8.64 12.59
N ASN B 46 19.72 8.13 13.28
CA ASN B 46 19.55 8.26 14.72
C ASN B 46 20.81 7.96 15.51
N TYR B 47 21.36 6.78 15.25
CA TYR B 47 22.39 6.23 16.10
C TYR B 47 23.77 6.36 15.46
N TRP B 48 24.44 7.45 15.81
CA TRP B 48 25.88 7.58 15.61
C TRP B 48 26.56 6.64 16.60
N GLU B 49 27.79 6.27 16.30
CA GLU B 49 28.50 5.25 17.07
C GLU B 49 28.93 5.87 18.39
N LEU B 50 28.82 5.12 19.47
CA LEU B 50 29.23 5.60 20.80
C LEU B 50 30.76 5.67 20.92
N TRP B 51 31.26 6.74 21.53
CA TRP B 51 32.65 6.82 21.92
C TRP B 51 32.62 6.64 23.45
N GLY B 52 32.73 5.38 23.86
CA GLY B 52 32.63 4.98 25.26
C GLY B 52 31.23 5.05 25.81
N LEU B 53 31.11 4.86 27.10
CA LEU B 53 29.90 5.23 27.81
C LEU B 53 29.80 6.76 27.91
N PRO B 54 28.59 7.30 28.13
CA PRO B 54 28.47 8.69 28.57
C PRO B 54 29.28 8.95 29.82
N LEU B 55 29.71 10.19 30.00
CA LEU B 55 30.64 10.57 31.07
C LEU B 55 29.86 11.11 32.26
N PHE B 56 29.18 10.18 32.93
CA PHE B 56 28.13 10.48 33.93
C PHE B 56 28.61 11.20 35.18
N ASP B 57 29.61 10.57 35.81
CA ASP B 57 30.06 10.94 37.15
C ASP B 57 31.31 11.83 37.02
N ILE B 58 31.20 12.91 36.24
CA ILE B 58 32.36 13.70 35.84
C ILE B 58 32.07 15.18 36.02
N LYS B 59 32.96 15.89 36.71
CA LYS B 59 32.74 17.29 37.13
C LYS B 59 33.82 18.27 36.62
N ASP B 60 34.73 17.82 35.77
CA ASP B 60 35.77 18.66 35.19
C ASP B 60 35.65 18.66 33.65
N PRO B 61 35.34 19.82 33.02
CA PRO B 61 35.22 19.93 31.57
C PRO B 61 36.42 19.41 30.76
N ALA B 62 37.64 19.60 31.28
CA ALA B 62 38.83 19.14 30.59
C ALA B 62 38.85 17.62 30.39
N THR B 63 38.19 16.87 31.26
CA THR B 63 38.03 15.42 31.08
C THR B 63 37.21 15.08 29.85
N VAL B 64 36.21 15.91 29.52
CA VAL B 64 35.45 15.76 28.28
C VAL B 64 36.29 16.13 27.05
N MET B 65 37.05 17.22 27.15
CA MET B 65 37.92 17.64 26.03
C MET B 65 39.01 16.61 25.75
N PHE B 66 39.51 15.99 26.81
CA PHE B 66 40.47 14.90 26.68
C PHE B 66 39.88 13.76 25.87
N GLU B 67 38.66 13.36 26.16
CA GLU B 67 37.96 12.32 25.38
C GLU B 67 37.59 12.76 23.96
N LEU B 68 37.25 14.04 23.81
CA LEU B 68 37.09 14.58 22.48
C LEU B 68 38.34 14.36 21.65
N ASN B 69 39.53 14.69 22.19
CA ASN B 69 40.78 14.54 21.45
C ASN B 69 41.18 13.09 21.15
N GLU B 70 40.94 12.17 22.08
CA GLU B 70 41.15 10.75 21.78
C GLU B 70 40.27 10.27 20.64
N ALA B 71 39.05 10.79 20.57
CA ALA B 71 38.12 10.42 19.50
C ALA B 71 38.63 10.97 18.19
N ARG B 72 39.00 12.24 18.21
CA ARG B 72 39.50 12.90 17.00
C ARG B 72 40.67 12.18 16.31
N LYS B 73 41.59 11.67 17.13
CA LYS B 73 42.77 10.91 16.68
C LYS B 73 42.46 9.46 16.29
N SER B 74 41.62 8.79 17.08
CA SER B 74 41.34 7.37 16.86
C SER B 74 40.38 7.07 15.71
N CYS B 75 39.38 7.94 15.52
CA CYS B 75 38.25 7.68 14.61
C CYS B 75 38.57 8.08 13.17
N ALA B 76 37.94 7.40 12.21
CA ALA B 76 38.12 7.74 10.80
C ALA B 76 37.56 9.14 10.47
N ALA B 77 37.89 9.64 9.27
CA ALA B 77 37.34 10.91 8.79
C ALA B 77 35.81 10.82 8.73
N GLY B 78 35.14 11.92 9.01
CA GLY B 78 33.69 11.91 9.17
C GLY B 78 33.23 12.99 10.13
N TYR B 79 32.29 12.64 11.00
CA TYR B 79 31.69 13.62 11.91
C TYR B 79 31.83 13.12 13.32
N ILE B 80 32.01 14.07 14.23
CA ILE B 80 31.96 13.83 15.66
C ILE B 80 31.03 14.88 16.25
N ARG B 81 30.24 14.47 17.22
CA ARG B 81 29.42 15.41 17.97
C ARG B 81 29.46 15.12 19.45
N ILE B 82 29.17 16.15 20.23
CA ILE B 82 29.02 16.03 21.65
C ILE B 82 27.56 16.27 21.92
N ASN B 83 26.97 15.39 22.73
CA ASN B 83 25.60 15.56 23.18
C ASN B 83 25.57 15.76 24.69
N ALA B 84 24.50 16.39 25.15
CA ALA B 84 24.28 16.62 26.58
C ALA B 84 22.98 15.94 26.93
N PHE B 85 22.99 15.07 27.93
CA PHE B 85 21.79 14.32 28.33
C PHE B 85 21.26 14.77 29.70
N ASP B 86 19.97 15.06 29.78
CA ASP B 86 19.34 15.32 31.07
C ASP B 86 18.43 14.16 31.42
N ALA B 87 18.78 13.43 32.48
CA ALA B 87 17.93 12.30 32.99
C ALA B 87 16.82 12.70 34.00
N SER B 88 16.69 13.98 34.33
CA SER B 88 15.57 14.50 35.13
C SER B 88 14.22 14.02 34.59
N TYR B 89 13.30 13.74 35.50
CA TYR B 89 11.90 13.46 35.18
C TYR B 89 11.37 14.55 34.24
N GLY B 90 10.64 14.13 33.20
CA GLY B 90 10.04 15.06 32.26
C GLY B 90 10.96 15.58 31.16
N VAL B 91 12.24 15.23 31.22
CA VAL B 91 13.17 15.46 30.12
C VAL B 91 13.59 14.06 29.62
N GLU B 92 14.44 13.37 30.39
CA GLU B 92 14.96 12.01 30.05
C GLU B 92 15.47 11.88 28.63
N SER B 93 16.19 12.91 28.18
CA SER B 93 16.55 13.04 26.79
C SER B 93 17.75 13.94 26.65
N CYS B 94 18.35 13.86 25.46
CA CYS B 94 19.35 14.81 25.04
C CYS B 94 18.72 16.19 25.01
N VAL B 95 19.45 17.20 25.46
CA VAL B 95 19.00 18.61 25.42
C VAL B 95 19.98 19.58 24.75
N MET B 96 21.04 19.05 24.13
CA MET B 96 22.01 19.84 23.39
C MET B 96 22.88 18.86 22.60
N SER B 97 22.94 19.05 21.29
CA SER B 97 23.80 18.28 20.43
C SER B 97 24.42 19.25 19.42
N PHE B 98 25.74 19.17 19.25
CA PHE B 98 26.45 20.00 18.27
C PHE B 98 27.66 19.32 17.65
N ILE B 99 27.96 19.72 16.43
CA ILE B 99 29.05 19.13 15.65
C ILE B 99 30.34 19.75 16.13
N THR B 100 31.32 18.91 16.45
CA THR B 100 32.70 19.37 16.79
C THR B 100 33.70 19.16 15.65
N ASN B 101 33.42 18.16 14.81
CA ASN B 101 34.20 17.85 13.63
C ASN B 101 33.34 17.53 12.43
N ARG B 102 33.78 17.96 11.26
CA ARG B 102 33.14 17.59 10.03
C ARG B 102 34.27 17.33 9.05
N PRO B 103 34.01 16.60 7.96
CA PRO B 103 35.04 16.39 6.95
C PRO B 103 35.42 17.67 6.23
N THR B 104 36.60 17.66 5.60
CA THR B 104 37.05 18.79 4.79
C THR B 104 36.06 19.03 3.64
N ASN B 105 35.63 17.97 2.97
CA ASN B 105 34.65 18.05 1.88
C ASN B 105 33.44 17.14 2.20
N GLU B 106 32.23 17.69 2.16
CA GLU B 106 31.00 16.86 2.21
C GLU B 106 30.25 17.08 0.91
N PRO B 107 30.14 16.04 0.06
CA PRO B 107 29.32 16.18 -1.16
C PRO B 107 27.80 16.42 -0.91
N GLY B 108 27.28 15.86 0.19
CA GLY B 108 25.89 15.99 0.53
C GLY B 108 25.06 14.89 -0.12
N PHE B 109 23.86 15.28 -0.59
CA PHE B 109 22.80 14.33 -0.95
C PHE B 109 22.15 14.67 -2.26
N TYR B 110 21.53 13.66 -2.85
CA TYR B 110 20.54 13.87 -3.86
C TYR B 110 19.19 13.32 -3.42
N LEU B 111 18.16 13.71 -4.18
CA LEU B 111 16.80 13.29 -3.93
C LEU B 111 16.37 12.29 -5.00
N ASP B 112 16.16 11.07 -4.56
CA ASP B 112 15.69 10.01 -5.43
C ASP B 112 14.15 10.03 -5.44
N ARG B 113 13.58 10.05 -6.64
CA ARG B 113 12.14 10.20 -6.86
C ARG B 113 11.57 8.99 -7.56
N THR B 114 10.68 8.29 -6.85
CA THR B 114 9.92 7.13 -7.36
C THR B 114 8.47 7.56 -7.51
N ASP B 115 7.86 7.26 -8.64
CA ASP B 115 6.43 7.53 -8.85
C ASP B 115 5.54 6.63 -7.98
N GLY B 116 4.77 7.26 -7.08
CA GLY B 116 3.69 6.58 -6.33
C GLY B 116 2.37 6.54 -7.11
N PRO B 117 1.23 6.41 -6.39
CA PRO B 117 -0.12 6.68 -6.93
C PRO B 117 -0.25 8.11 -7.47
N GLY B 118 -1.03 8.29 -8.54
CA GLY B 118 -1.34 9.62 -9.07
C GLY B 118 -0.13 10.54 -9.29
N ARG B 119 -0.09 11.64 -8.55
CA ARG B 119 1.05 12.56 -8.59
C ARG B 119 2.02 12.33 -7.43
N GLN B 120 1.72 11.38 -6.56
CA GLN B 120 2.57 11.14 -5.39
C GLN B 120 3.95 10.67 -5.78
N ILE B 121 4.95 11.22 -5.09
CA ILE B 121 6.31 10.81 -5.28
C ILE B 121 6.72 10.19 -3.98
N VAL B 122 7.38 9.04 -4.10
CA VAL B 122 8.06 8.35 -2.99
C VAL B 122 9.51 8.84 -2.95
N TYR B 123 9.87 9.59 -1.90
CA TYR B 123 11.20 10.19 -1.77
C TYR B 123 12.19 9.33 -0.97
N SER B 124 13.47 9.37 -1.40
CA SER B 124 14.58 8.77 -0.68
C SER B 124 15.77 9.73 -0.72
N ILE B 125 16.41 9.94 0.42
CA ILE B 125 17.59 10.76 0.47
C ILE B 125 18.81 9.82 0.52
N LYS B 126 19.74 10.16 -0.36
CA LYS B 126 20.91 9.36 -0.63
C LYS B 126 22.16 10.20 -0.46
N SER B 127 23.02 9.77 0.47
CA SER B 127 24.35 10.34 0.67
C SER B 127 25.27 9.83 -0.44
N TYR B 128 25.97 10.76 -1.10
CA TYR B 128 27.05 10.41 -2.08
C TYR B 128 28.21 9.63 -1.43
N SER B 129 28.55 10.01 -0.20
CA SER B 129 29.69 9.42 0.49
C SER B 129 29.37 8.00 0.88
N VAL B 130 28.19 7.80 1.46
CA VAL B 130 27.73 6.46 1.87
C VAL B 130 27.57 5.47 0.70
N GLN B 131 27.12 5.96 -0.46
CA GLN B 131 26.83 5.08 -1.60
C GLN B 131 28.09 4.65 -2.30
N ALA B 132 29.15 5.47 -2.19
CA ALA B 132 30.43 5.17 -2.87
C ALA B 132 31.30 4.19 -2.05
N ASN B 133 31.25 4.27 -0.72
CA ASN B 133 32.18 3.51 0.12
C ASN B 133 31.65 3.06 1.45
N PRO B 134 32.26 2.02 2.02
CA PRO B 134 31.80 1.56 3.34
C PRO B 134 32.23 2.40 4.50
N GLU B 135 31.55 2.15 5.60
CA GLU B 135 31.85 2.78 6.85
C GLU B 135 33.33 2.60 7.13
N GLY B 136 33.99 3.70 7.49
CA GLY B 136 35.43 3.69 7.74
C GLY B 136 36.31 4.30 6.68
N SER B 137 35.78 4.50 5.48
CA SER B 137 36.55 4.94 4.33
C SER B 137 35.71 5.74 3.33
N ARG B 138 34.86 6.62 3.85
CA ARG B 138 33.90 7.41 3.06
C ARG B 138 34.31 8.87 2.80
N TYR B 139 35.22 9.39 3.62
CA TYR B 139 35.70 10.78 3.50
C TYR B 139 37.24 10.82 3.45
N GLN C 3 -50.62 -40.03 43.20
CA GLN C 3 -51.61 -38.97 43.58
C GLN C 3 -51.62 -37.76 42.63
N SER C 4 -50.50 -37.05 42.53
CA SER C 4 -50.28 -36.06 41.45
C SER C 4 -49.40 -36.70 40.37
N VAL C 5 -49.27 -36.06 39.21
CA VAL C 5 -48.46 -36.62 38.11
C VAL C 5 -46.97 -36.64 38.46
N SER C 6 -46.51 -35.64 39.21
CA SER C 6 -45.11 -35.57 39.65
C SER C 6 -44.70 -36.75 40.48
N GLU C 7 -45.47 -37.07 41.52
CA GLU C 7 -45.19 -38.27 42.34
C GLU C 7 -45.23 -39.59 41.53
N ARG C 8 -46.27 -39.80 40.72
CA ARG C 8 -46.43 -41.03 39.92
C ARG C 8 -45.33 -41.29 38.89
N THR C 9 -44.67 -40.22 38.40
CA THR C 9 -43.63 -40.33 37.38
C THR C 9 -42.20 -40.20 37.94
N ARG C 10 -42.05 -39.96 39.25
CA ARG C 10 -40.74 -39.95 39.91
C ARG C 10 -39.93 -41.18 39.52
N ILE C 11 -38.64 -40.98 39.32
CA ILE C 11 -37.76 -42.08 38.98
C ILE C 11 -37.41 -42.78 40.29
N LYS C 12 -37.58 -44.10 40.29
CA LYS C 12 -37.41 -44.93 41.48
C LYS C 12 -36.17 -45.81 41.43
N SER C 13 -35.47 -45.83 40.29
CA SER C 13 -34.21 -46.59 40.15
C SER C 13 -33.08 -46.11 41.12
N ASP C 14 -32.17 -47.03 41.44
CA ASP C 14 -31.01 -46.78 42.32
C ASP C 14 -30.20 -45.54 41.93
N ARG C 15 -29.78 -45.53 40.67
CA ARG C 15 -28.97 -44.45 40.11
C ARG C 15 -29.71 -43.10 39.95
N TYR C 16 -31.02 -43.14 39.69
CA TYR C 16 -31.79 -41.94 39.32
C TYR C 16 -32.97 -41.57 40.23
N GLU C 17 -33.07 -42.19 41.41
CA GLU C 17 -33.89 -41.62 42.48
C GLU C 17 -33.17 -40.32 42.85
N SER C 18 -33.92 -39.32 43.28
CA SER C 18 -33.31 -38.07 43.75
C SER C 18 -32.53 -38.31 45.06
N GLY C 19 -31.41 -37.58 45.21
CA GLY C 19 -30.55 -37.67 46.39
C GLY C 19 -29.09 -37.75 45.99
N VAL C 20 -28.22 -37.47 46.95
CA VAL C 20 -26.77 -37.59 46.79
C VAL C 20 -26.39 -39.07 46.83
N ILE C 21 -25.52 -39.46 45.92
CA ILE C 21 -24.77 -40.72 46.04
C ILE C 21 -23.28 -40.40 45.74
N PRO C 22 -22.33 -41.16 46.34
CA PRO C 22 -20.91 -40.88 46.05
C PRO C 22 -20.58 -40.93 44.56
N TYR C 23 -19.67 -40.06 44.11
CA TYR C 23 -19.28 -39.98 42.69
C TYR C 23 -18.74 -41.31 42.09
N ALA C 24 -18.11 -42.15 42.92
CA ALA C 24 -17.68 -43.50 42.49
C ALA C 24 -18.83 -44.46 42.12
N LYS C 25 -20.04 -44.21 42.60
CA LYS C 25 -21.21 -45.02 42.20
C LYS C 25 -21.91 -44.41 40.98
N MET C 26 -21.52 -43.21 40.56
CA MET C 26 -22.27 -42.46 39.53
C MET C 26 -21.80 -42.77 38.11
N GLY C 27 -20.85 -43.69 37.95
CA GLY C 27 -20.20 -43.99 36.64
C GLY C 27 -18.85 -43.32 36.39
N TYR C 28 -18.26 -42.69 37.41
CA TYR C 28 -17.02 -41.94 37.28
C TYR C 28 -15.76 -42.68 37.78
N TRP C 29 -15.89 -43.96 38.14
CA TRP C 29 -14.74 -44.81 38.49
C TRP C 29 -14.80 -46.15 37.73
N ASP C 30 -13.70 -46.57 37.12
CA ASP C 30 -13.62 -47.88 36.44
C ASP C 30 -12.18 -48.32 36.24
N ALA C 31 -11.63 -49.04 37.21
CA ALA C 31 -10.23 -49.55 37.13
C ALA C 31 -9.99 -50.39 35.88
N SER C 32 -10.99 -51.16 35.45
CA SER C 32 -10.89 -52.01 34.25
C SER C 32 -11.00 -51.28 32.90
N TYR C 33 -11.36 -50.00 32.92
CA TYR C 33 -11.53 -49.17 31.70
C TYR C 33 -10.30 -49.20 30.82
N THR C 34 -10.49 -49.60 29.56
CA THR C 34 -9.46 -49.51 28.51
C THR C 34 -9.49 -48.09 27.88
N VAL C 35 -8.42 -47.32 28.08
CA VAL C 35 -8.13 -46.07 27.34
C VAL C 35 -8.22 -46.26 25.82
N LYS C 36 -8.92 -45.35 25.14
CA LYS C 36 -8.94 -45.31 23.68
C LYS C 36 -7.88 -44.32 23.19
N ASP C 37 -7.33 -44.58 21.99
CA ASP C 37 -6.42 -43.61 21.33
C ASP C 37 -6.96 -42.15 21.28
N THR C 38 -8.29 -41.98 21.24
CA THR C 38 -8.93 -40.66 21.10
C THR C 38 -9.26 -39.89 22.42
N ASP C 39 -9.15 -40.56 23.57
CA ASP C 39 -9.44 -39.94 24.86
C ASP C 39 -8.43 -38.85 25.20
N VAL C 40 -8.88 -37.90 26.01
CA VAL C 40 -8.02 -36.89 26.60
C VAL C 40 -7.78 -37.42 27.99
N LEU C 41 -6.52 -37.46 28.43
CA LEU C 41 -6.14 -38.03 29.71
C LEU C 41 -5.52 -36.96 30.58
N ALA C 42 -5.76 -37.02 31.87
CA ALA C 42 -5.17 -36.07 32.80
C ALA C 42 -4.58 -36.85 33.94
N LEU C 43 -3.41 -36.41 34.40
CA LEU C 43 -2.85 -36.90 35.62
C LEU C 43 -2.94 -35.79 36.66
N PHE C 44 -3.66 -36.09 37.73
CA PHE C 44 -3.88 -35.19 38.83
C PHE C 44 -3.12 -35.71 40.05
N ARG C 45 -2.40 -34.85 40.74
CA ARG C 45 -1.87 -35.14 42.09
C ARG C 45 -2.90 -34.67 43.15
N ILE C 46 -3.61 -35.63 43.74
CA ILE C 46 -4.72 -35.34 44.69
C ILE C 46 -4.28 -35.54 46.13
N THR C 47 -4.58 -34.56 46.98
CA THR C 47 -4.46 -34.72 48.44
C THR C 47 -5.90 -34.72 48.96
N PRO C 48 -6.46 -35.91 49.31
CA PRO C 48 -7.79 -35.90 49.94
C PRO C 48 -7.84 -35.19 51.31
N GLN C 49 -8.96 -34.54 51.66
CA GLN C 49 -9.20 -34.14 53.06
C GLN C 49 -9.21 -35.41 53.92
N PRO C 50 -8.78 -35.31 55.20
CA PRO C 50 -8.80 -36.51 56.07
C PRO C 50 -10.17 -37.21 56.08
N GLY C 51 -10.16 -38.55 55.96
CA GLY C 51 -11.39 -39.34 55.94
C GLY C 51 -12.12 -39.47 54.61
N VAL C 52 -11.74 -38.66 53.62
CA VAL C 52 -12.20 -38.81 52.22
C VAL C 52 -11.45 -39.96 51.56
N ASP C 53 -12.22 -40.89 50.99
CA ASP C 53 -11.70 -42.07 50.30
C ASP C 53 -10.96 -41.65 49.00
N PRO C 54 -9.65 -42.00 48.87
CA PRO C 54 -8.85 -41.58 47.70
C PRO C 54 -9.43 -41.86 46.33
N VAL C 55 -10.17 -42.97 46.18
CA VAL C 55 -10.88 -43.29 44.94
C VAL C 55 -12.11 -42.39 44.76
N GLU C 56 -12.80 -42.07 45.86
CA GLU C 56 -13.90 -41.10 45.81
C GLU C 56 -13.39 -39.68 45.45
N ALA C 57 -12.17 -39.30 45.87
CA ALA C 57 -11.62 -37.99 45.52
C ALA C 57 -11.39 -37.91 44.02
N ALA C 58 -10.86 -38.99 43.44
CA ALA C 58 -10.61 -39.07 42.00
C ALA C 58 -11.89 -39.25 41.19
N ALA C 59 -12.87 -40.00 41.72
CA ALA C 59 -14.18 -40.07 41.07
C ALA C 59 -14.87 -38.68 41.02
N ALA C 60 -14.68 -37.88 42.07
CA ALA C 60 -15.25 -36.53 42.16
C ALA C 60 -14.66 -35.57 41.14
N VAL C 61 -13.32 -35.54 41.09
CA VAL C 61 -12.59 -34.72 40.14
C VAL C 61 -13.00 -35.09 38.73
N ALA C 62 -13.04 -36.38 38.45
CA ALA C 62 -13.50 -36.87 37.17
C ALA C 62 -14.93 -36.47 36.89
N GLY C 63 -15.80 -36.67 37.86
CA GLY C 63 -17.21 -36.29 37.77
C GLY C 63 -17.41 -34.81 37.49
N GLU C 64 -16.83 -33.97 38.35
CA GLU C 64 -17.00 -32.51 38.28
C GLU C 64 -16.22 -31.81 37.17
N SER C 65 -15.29 -32.53 36.54
CA SER C 65 -14.63 -32.04 35.35
C SER C 65 -15.28 -32.54 34.05
N SER C 66 -16.45 -33.19 34.11
CA SER C 66 -17.11 -33.70 32.90
C SER C 66 -18.65 -33.54 32.82
N THR C 67 -19.40 -34.40 33.53
CA THR C 67 -20.87 -34.36 33.49
C THR C 67 -21.60 -34.27 34.83
N ALA C 68 -20.92 -34.51 35.95
CA ALA C 68 -21.58 -34.64 37.24
C ALA C 68 -21.84 -33.29 37.93
N THR C 69 -22.88 -33.29 38.79
CA THR C 69 -22.94 -32.36 39.90
C THR C 69 -23.15 -33.12 41.21
N TRP C 70 -23.18 -32.36 42.31
CA TRP C 70 -23.29 -32.87 43.69
C TRP C 70 -24.50 -33.82 44.03
N THR C 71 -25.63 -33.64 43.35
CA THR C 71 -26.80 -34.52 43.53
C THR C 71 -27.25 -35.07 42.18
N VAL C 72 -28.13 -36.05 42.24
CA VAL C 72 -28.50 -36.86 41.08
C VAL C 72 -29.47 -36.09 40.17
N VAL C 73 -29.23 -36.09 38.86
CA VAL C 73 -30.13 -35.38 37.93
C VAL C 73 -30.73 -36.28 36.84
N TRP C 74 -32.05 -36.20 36.71
CA TRP C 74 -32.78 -37.04 35.74
C TRP C 74 -32.45 -36.67 34.29
N THR C 75 -32.11 -35.40 34.06
CA THR C 75 -31.73 -34.93 32.71
C THR C 75 -30.50 -35.68 32.12
N ASP C 76 -29.72 -36.39 32.95
CA ASP C 76 -28.70 -37.34 32.47
C ASP C 76 -29.30 -38.30 31.42
N LEU C 77 -30.53 -38.74 31.65
CA LEU C 77 -31.23 -39.73 30.78
C LEU C 77 -31.75 -39.19 29.42
N LEU C 78 -31.68 -37.87 29.22
CA LEU C 78 -31.94 -37.23 27.93
C LEU C 78 -30.69 -37.26 27.01
N THR C 79 -29.55 -37.69 27.57
CA THR C 79 -28.26 -37.73 26.89
C THR C 79 -27.73 -39.16 26.94
N ALA C 80 -26.67 -39.40 26.18
CA ALA C 80 -25.97 -40.67 26.19
C ALA C 80 -24.97 -40.60 27.35
N CYS C 81 -25.50 -40.65 28.57
CA CYS C 81 -24.73 -40.30 29.77
C CYS C 81 -23.55 -41.22 30.05
N GLU C 82 -23.67 -42.50 29.69
CA GLU C 82 -22.57 -43.48 29.86
C GLU C 82 -21.34 -43.10 29.05
N ARG C 83 -21.55 -42.52 27.88
CA ARG C 83 -20.46 -42.09 26.97
C ARG C 83 -19.78 -40.80 27.42
N TYR C 84 -20.53 -39.85 27.96
CA TYR C 84 -19.98 -38.52 28.25
C TYR C 84 -19.29 -38.41 29.61
N ARG C 85 -19.53 -39.35 30.51
CA ARG C 85 -18.85 -39.33 31.82
C ARG C 85 -17.36 -39.58 31.67
N ALA C 86 -16.54 -38.81 32.39
CA ALA C 86 -15.12 -39.15 32.56
C ALA C 86 -15.01 -40.39 33.45
N LYS C 87 -13.97 -41.19 33.24
CA LYS C 87 -13.68 -42.31 34.13
C LYS C 87 -12.30 -42.11 34.70
N ALA C 88 -12.22 -41.91 36.01
CA ALA C 88 -10.98 -42.15 36.74
C ALA C 88 -10.68 -43.65 36.68
N TYR C 89 -9.47 -44.01 36.27
CA TYR C 89 -9.17 -45.39 35.91
C TYR C 89 -7.88 -45.95 36.55
N ARG C 90 -7.28 -45.20 37.47
CA ARG C 90 -6.05 -45.61 38.10
C ARG C 90 -5.72 -44.60 39.18
N VAL C 91 -5.42 -45.09 40.39
CA VAL C 91 -4.95 -44.26 41.49
C VAL C 91 -3.68 -44.87 42.09
N ASP C 92 -2.57 -44.13 42.05
CA ASP C 92 -1.29 -44.59 42.61
C ASP C 92 -0.92 -43.69 43.77
N PRO C 93 -0.34 -44.24 44.85
CA PRO C 93 0.26 -43.35 45.84
C PRO C 93 1.48 -42.63 45.31
N VAL C 94 1.70 -41.42 45.79
CA VAL C 94 2.96 -40.69 45.54
C VAL C 94 4.06 -41.35 46.39
N PRO C 95 5.29 -41.53 45.83
CA PRO C 95 6.38 -42.00 46.71
C PRO C 95 6.67 -41.03 47.88
N ASN C 96 6.74 -41.57 49.10
CA ASN C 96 6.89 -40.80 50.36
C ASN C 96 5.66 -40.03 50.91
N SER C 97 4.48 -40.20 50.31
CA SER C 97 3.23 -39.65 50.87
C SER C 97 2.28 -40.80 51.19
N ALA C 98 1.81 -40.84 52.43
CA ALA C 98 0.74 -41.76 52.85
C ALA C 98 -0.64 -41.10 52.67
N ASP C 99 -0.66 -39.92 52.05
CA ASP C 99 -1.93 -39.21 51.85
C ASP C 99 -2.03 -38.34 50.58
N VAL C 100 -1.07 -38.48 49.66
CA VAL C 100 -1.14 -37.80 48.36
C VAL C 100 -1.13 -38.89 47.29
N PHE C 101 -1.96 -38.72 46.27
CA PHE C 101 -2.19 -39.75 45.24
C PHE C 101 -2.12 -39.18 43.80
N PHE C 102 -1.73 -40.03 42.84
CA PHE C 102 -1.80 -39.73 41.40
C PHE C 102 -3.08 -40.32 40.81
N ALA C 103 -3.93 -39.47 40.23
CA ALA C 103 -5.19 -39.91 39.61
C ALA C 103 -5.16 -39.70 38.10
N PHE C 104 -5.32 -40.80 37.39
CA PHE C 104 -5.42 -40.79 35.95
C PHE C 104 -6.90 -40.80 35.64
N ILE C 105 -7.33 -39.86 34.81
CA ILE C 105 -8.75 -39.75 34.40
C ILE C 105 -8.83 -39.62 32.88
N ALA C 106 -9.72 -40.39 32.25
CA ALA C 106 -9.92 -40.33 30.77
C ALA C 106 -11.17 -39.56 30.48
N TYR C 107 -11.08 -38.60 29.57
CA TYR C 107 -12.22 -37.80 29.11
C TYR C 107 -12.48 -38.11 27.65
N GLU C 108 -13.75 -38.24 27.30
CA GLU C 108 -14.13 -38.54 25.93
C GLU C 108 -13.77 -37.35 24.99
N CYS C 109 -13.28 -37.65 23.78
CA CYS C 109 -12.93 -36.64 22.76
C CYS C 109 -14.04 -35.63 22.47
N ASP C 110 -15.28 -36.12 22.42
CA ASP C 110 -16.44 -35.30 22.07
C ASP C 110 -16.88 -34.30 23.15
N LEU C 111 -16.19 -34.24 24.30
CA LEU C 111 -16.49 -33.28 25.40
C LEU C 111 -15.90 -31.91 25.17
N PHE C 112 -15.07 -31.83 24.12
CA PHE C 112 -14.18 -30.72 23.91
C PHE C 112 -14.50 -30.03 22.58
N GLU C 113 -14.54 -28.71 22.67
CA GLU C 113 -14.68 -27.90 21.52
C GLU C 113 -13.38 -27.99 20.74
N GLU C 114 -13.53 -28.21 19.44
CA GLU C 114 -12.41 -28.28 18.52
C GLU C 114 -11.66 -26.96 18.58
N ALA C 115 -10.34 -27.06 18.53
CA ALA C 115 -9.44 -25.89 18.41
C ALA C 115 -9.45 -24.93 19.60
N SER C 116 -9.97 -25.37 20.75
CA SER C 116 -10.25 -24.45 21.84
C SER C 116 -9.56 -24.80 23.14
N LEU C 117 -8.43 -24.15 23.41
CA LEU C 117 -7.77 -24.26 24.68
C LEU C 117 -8.73 -23.88 25.82
N ALA C 118 -9.44 -22.78 25.67
CA ALA C 118 -10.41 -22.31 26.64
C ALA C 118 -11.43 -23.37 27.03
N ASN C 119 -11.91 -24.14 26.05
CA ASN C 119 -12.90 -25.15 26.38
C ASN C 119 -12.31 -26.33 27.08
N LEU C 120 -11.13 -26.78 26.61
CA LEU C 120 -10.36 -27.83 27.29
C LEU C 120 -10.10 -27.50 28.76
N THR C 121 -9.64 -26.28 29.03
CA THR C 121 -9.25 -25.88 30.37
C THR C 121 -10.45 -25.60 31.28
N ALA C 122 -11.61 -25.30 30.68
CA ALA C 122 -12.84 -25.10 31.44
C ALA C 122 -13.27 -26.40 32.09
N SER C 123 -13.30 -27.48 31.31
CA SER C 123 -13.55 -28.80 31.87
C SER C 123 -12.44 -29.16 32.85
N ILE C 124 -11.19 -29.10 32.38
CA ILE C 124 -10.08 -29.73 33.10
C ILE C 124 -9.65 -28.96 34.34
N ILE C 125 -9.54 -27.63 34.28
CA ILE C 125 -9.22 -26.83 35.48
C ILE C 125 -10.33 -25.99 36.06
N GLY C 126 -11.46 -25.88 35.36
CA GLY C 126 -12.55 -24.98 35.76
C GLY C 126 -12.83 -24.87 37.26
N ASN C 127 -13.38 -25.94 37.84
CA ASN C 127 -13.83 -25.89 39.23
C ASN C 127 -13.07 -26.76 40.21
N VAL C 128 -12.56 -27.92 39.77
CA VAL C 128 -12.17 -29.04 40.69
C VAL C 128 -11.07 -28.73 41.71
N PHE C 129 -10.42 -27.59 41.55
CA PHE C 129 -9.34 -27.12 42.40
C PHE C 129 -9.83 -26.31 43.58
N GLY C 130 -11.07 -25.83 43.48
CA GLY C 130 -11.78 -25.18 44.59
C GLY C 130 -12.60 -26.14 45.46
N PHE C 131 -12.66 -27.42 45.08
CA PHE C 131 -13.49 -28.44 45.74
C PHE C 131 -13.06 -28.66 47.21
N LYS C 132 -14.00 -28.56 48.15
CA LYS C 132 -13.67 -28.71 49.59
C LYS C 132 -13.20 -30.11 49.96
N ALA C 133 -13.68 -31.12 49.22
CA ALA C 133 -13.34 -32.52 49.48
C ALA C 133 -11.84 -32.85 49.33
N VAL C 134 -11.11 -31.92 48.72
CA VAL C 134 -9.73 -32.07 48.32
C VAL C 134 -9.02 -30.90 49.00
N SER C 135 -7.94 -31.17 49.75
CA SER C 135 -7.12 -30.07 50.36
C SER C 135 -6.10 -29.49 49.37
N ALA C 136 -5.71 -30.31 48.39
CA ALA C 136 -4.73 -29.90 47.35
C ALA C 136 -4.92 -30.71 46.05
N LEU C 137 -4.55 -30.09 44.93
CA LEU C 137 -4.73 -30.66 43.61
C LEU C 137 -3.73 -30.04 42.67
N ARG C 138 -2.86 -30.86 42.07
CA ARG C 138 -1.98 -30.40 40.97
C ARG C 138 -2.28 -31.19 39.71
N LEU C 139 -2.57 -30.48 38.62
CA LEU C 139 -2.54 -31.04 37.27
C LEU C 139 -1.09 -31.24 36.82
N GLU C 140 -0.70 -32.51 36.65
CA GLU C 140 0.70 -32.88 36.43
C GLU C 140 1.06 -33.15 34.96
N ASP C 141 0.19 -33.84 34.22
CA ASP C 141 0.40 -34.08 32.80
C ASP C 141 -0.93 -34.28 32.10
N MET C 142 -0.91 -34.19 30.77
CA MET C 142 -2.07 -34.51 29.95
C MET C 142 -1.63 -35.24 28.67
N ARG C 143 -2.50 -36.14 28.19
CA ARG C 143 -2.29 -36.85 26.92
C ARG C 143 -3.31 -36.29 25.95
N ILE C 144 -2.88 -35.32 25.17
CA ILE C 144 -3.76 -34.72 24.20
C ILE C 144 -3.75 -35.68 23.01
N PRO C 145 -4.89 -36.31 22.70
CA PRO C 145 -4.88 -37.31 21.62
C PRO C 145 -4.62 -36.70 20.25
N HIS C 146 -4.08 -37.53 19.36
CA HIS C 146 -3.77 -37.10 17.99
C HIS C 146 -4.97 -36.40 17.32
N SER C 147 -6.20 -36.91 17.55
CA SER C 147 -7.40 -36.33 16.88
C SER C 147 -7.79 -34.94 17.33
N TYR C 148 -7.60 -34.66 18.61
CA TYR C 148 -7.77 -33.31 19.10
C TYR C 148 -6.64 -32.39 18.62
N LEU C 149 -5.39 -32.88 18.65
CA LEU C 149 -4.24 -32.08 18.18
C LEU C 149 -4.40 -31.56 16.76
NZ LOH C 150 -1.45 -33.64 10.56
CE LOH C 150 -2.09 -34.23 11.72
CD LOH C 150 -3.16 -33.30 12.36
CG LOH C 150 -4.30 -34.03 13.08
CB LOH C 150 -5.47 -33.12 13.54
CA LOH C 150 -5.15 -31.94 14.47
N LOH C 150 -4.97 -32.37 15.87
C LOH C 150 -6.18 -30.80 14.33
O LOH C 150 -6.20 -30.14 13.29
OH1 LOH C 150 -6.45 -33.91 14.21
OH2 LOH C 150 -4.83 -35.04 12.19
N THR C 151 -7.02 -30.54 15.31
CA THR C 151 -7.87 -29.35 15.27
C THR C 151 -7.07 -28.07 15.53
N PHE C 152 -5.88 -28.16 16.13
CA PHE C 152 -5.10 -26.96 16.50
C PHE C 152 -4.04 -26.68 15.44
N GLN C 153 -3.68 -25.42 15.31
CA GLN C 153 -2.59 -25.03 14.41
C GLN C 153 -1.22 -25.55 14.84
N GLY C 154 -0.95 -25.51 16.15
CA GLY C 154 0.41 -25.65 16.66
C GLY C 154 1.20 -24.40 16.29
N HYP C 155 2.51 -24.36 16.54
CA HYP C 155 3.28 -23.15 16.27
C HYP C 155 3.08 -22.55 14.90
O HYP C 155 3.09 -23.25 13.89
CB HYP C 155 4.74 -23.42 16.62
CG HYP C 155 4.59 -24.58 17.60
CD HYP C 155 3.35 -25.35 17.17
OD1 HYP C 155 4.37 -24.10 18.94
N ALA C 156 2.87 -21.23 14.89
CA ALA C 156 2.76 -20.37 13.71
C ALA C 156 3.91 -20.58 12.74
N THR C 157 5.11 -20.55 13.28
CA THR C 157 6.33 -20.60 12.52
C THR C 157 7.00 -21.93 12.82
N GLY C 158 7.36 -22.18 14.08
CA GLY C 158 8.03 -23.41 14.49
C GLY C 158 9.55 -23.31 14.37
N ILE C 159 10.24 -24.21 15.07
CA ILE C 159 11.71 -24.20 15.14
C ILE C 159 12.37 -24.29 13.75
N ILE C 160 11.92 -25.21 12.91
CA ILE C 160 12.52 -25.41 11.60
C ILE C 160 12.42 -24.14 10.79
N VAL C 161 11.22 -23.63 10.59
CA VAL C 161 11.05 -22.46 9.75
C VAL C 161 11.69 -21.20 10.37
N GLU C 162 11.68 -21.12 11.69
CA GLU C 162 12.31 -20.00 12.36
C GLU C 162 13.80 -19.84 12.00
N ARG C 163 14.56 -20.94 12.16
CA ARG C 163 15.96 -20.98 11.78
C ARG C 163 16.14 -20.68 10.29
N GLU C 164 15.20 -21.12 9.45
CA GLU C 164 15.21 -20.82 8.01
C GLU C 164 15.03 -19.34 7.71
N ARG C 165 14.15 -18.69 8.46
CA ARG C 165 13.99 -17.24 8.34
C ARG C 165 15.17 -16.44 8.85
N LEU C 166 15.77 -16.87 9.95
CA LEU C 166 17.00 -16.25 10.44
C LEU C 166 18.25 -16.60 9.62
N ASN C 167 18.22 -17.74 8.92
CA ASN C 167 19.40 -18.33 8.30
C ASN C 167 20.54 -18.58 9.35
N LYS C 168 20.21 -19.34 10.40
CA LYS C 168 21.09 -19.51 11.55
C LYS C 168 20.95 -20.90 12.10
N TYR C 169 21.98 -21.71 11.88
CA TYR C 169 21.94 -23.12 12.19
C TYR C 169 23.27 -23.56 12.83
N GLY C 170 23.19 -24.43 13.84
CA GLY C 170 24.36 -25.12 14.40
C GLY C 170 24.75 -24.76 15.83
N THR C 171 24.36 -23.57 16.24
CA THR C 171 24.43 -23.13 17.64
C THR C 171 23.04 -22.86 18.17
N PRO C 172 22.93 -22.65 19.48
CA PRO C 172 21.78 -21.94 20.00
C PRO C 172 21.71 -20.52 19.49
N LEU C 173 20.50 -19.98 19.57
CA LEU C 173 20.25 -18.60 19.19
C LEU C 173 20.46 -17.77 20.40
N HLU C 174 20.68 -16.48 20.19
CA HLU C 174 21.09 -15.61 21.27
CB HLU C 174 22.52 -15.21 20.93
CG HLU C 174 23.58 -15.92 21.77
CD1 HLU C 174 24.97 -15.42 21.42
CD2 HLU C 174 23.39 -15.84 23.29
C HLU C 174 20.15 -14.47 21.44
O HLU C 174 19.47 -14.07 20.52
OH HLU C 174 22.61 -13.82 21.06
N GLY C 175 20.09 -13.92 22.66
CA GLY C 175 19.21 -12.80 22.91
C GLY C 175 19.48 -12.08 24.20
N ALA C 176 18.69 -11.04 24.46
CA ALA C 176 18.79 -10.27 25.72
C ALA C 176 17.56 -9.44 26.00
N THR C 177 17.20 -9.31 27.26
CA THR C 177 16.15 -8.39 27.64
C THR C 177 16.78 -7.01 27.85
N VAL C 178 16.11 -5.98 27.30
CA VAL C 178 16.54 -4.57 27.52
C VAL C 178 16.30 -4.15 28.99
N LYS C 179 17.28 -3.44 29.55
CA LYS C 179 17.25 -3.02 30.95
C LYS C 179 17.63 -1.52 31.05
N PRO C 180 17.10 -0.78 32.06
CA PRO C 180 16.21 -1.32 33.10
C PRO C 180 14.88 -1.76 32.55
N LYS C 181 14.12 -2.48 33.39
CA LYS C 181 12.86 -3.09 32.97
C LYS C 181 11.93 -2.05 32.40
N LEU C 182 11.72 -0.99 33.19
CA LEU C 182 10.96 0.18 32.80
C LEU C 182 11.78 1.44 33.05
N GLY C 183 11.30 2.54 32.46
CA GLY C 183 11.94 3.86 32.54
C GLY C 183 12.46 4.44 31.24
N LEU C 184 12.93 3.56 30.34
CA LEU C 184 13.62 3.96 29.09
C LEU C 184 12.72 4.60 28.05
N SER C 185 13.21 5.63 27.35
CA SER C 185 12.50 6.24 26.22
C SER C 185 12.63 5.38 24.95
N GLY C 186 11.71 5.52 24.01
CA GLY C 186 11.76 4.77 22.74
C GLY C 186 13.07 4.90 22.00
N LYS C 187 13.60 6.13 21.95
CA LYS C 187 14.90 6.42 21.33
C LYS C 187 16.05 5.67 21.98
N ASN C 188 16.10 5.70 23.30
CA ASN C 188 17.08 4.93 24.04
C ASN C 188 16.88 3.40 23.92
N TYR C 189 15.63 2.95 23.77
CA TYR C 189 15.38 1.53 23.54
C TYR C 189 16.06 1.10 22.25
N GLY C 190 15.85 1.87 21.19
CA GLY C 190 16.53 1.60 19.92
C GLY C 190 18.05 1.60 19.99
N ARG C 191 18.62 2.43 20.86
CA ARG C 191 20.07 2.43 21.12
C ARG C 191 20.55 1.10 21.68
N VAL C 192 19.88 0.66 22.76
CA VAL C 192 20.22 -0.63 23.38
C VAL C 192 20.11 -1.81 22.36
N VAL C 193 19.08 -1.80 21.51
CA VAL C 193 18.82 -2.86 20.55
C VAL C 193 19.89 -2.89 19.45
N TYR C 194 20.18 -1.72 18.89
CA TYR C 194 21.26 -1.58 17.92
C TYR C 194 22.59 -2.16 18.43
N GLU C 195 22.98 -1.72 19.61
CA GLU C 195 24.24 -2.10 20.23
C GLU C 195 24.27 -3.59 20.52
N GLY C 196 23.17 -4.10 21.06
CA GLY C 196 23.11 -5.51 21.40
C GLY C 196 23.22 -6.42 20.18
N LEU C 197 22.56 -5.99 19.11
CA LEU C 197 22.58 -6.73 17.87
C LEU C 197 23.91 -6.56 17.10
N LYO C 198 24.45 -5.34 17.12
CA LYO C 198 25.71 -5.03 16.41
C LYO C 198 26.84 -5.82 17.02
O LYO C 198 27.68 -6.36 16.30
CB LYO C 198 26.01 -3.53 16.46
CG LYO C 198 27.38 -3.22 15.84
OG LYO C 198 27.47 -3.85 14.56
CD LYO C 198 27.52 -1.72 15.72
CE LYO C 198 28.84 -1.31 15.08
NZ LYO C 198 28.50 -0.75 13.80
N GLY C 199 26.84 -5.89 18.34
CA GLY C 199 27.84 -6.68 19.08
C GLY C 199 27.70 -8.20 18.97
N GLY C 200 26.58 -8.70 18.45
CA GLY C 200 26.47 -10.11 18.12
C GLY C 200 25.17 -10.83 18.42
N LEU C 201 24.29 -10.24 19.23
CA LEU C 201 23.06 -10.93 19.60
C LEU C 201 22.16 -11.06 18.37
N ASP C 202 21.40 -12.15 18.33
CA ASP C 202 20.42 -12.36 17.26
C ASP C 202 19.16 -11.50 17.55
N PHE C 203 18.66 -11.61 18.78
CA PHE C 203 17.53 -10.84 19.26
C PHE C 203 17.89 -9.95 20.47
N LEU C 204 17.10 -8.90 20.66
CA LEU C 204 16.79 -8.40 21.99
C LEU C 204 15.30 -8.48 22.20
N KCX C 205 14.86 -8.18 23.39
CA KCX C 205 13.43 -8.10 23.65
CB KCX C 205 12.95 -9.42 24.26
CG KCX C 205 13.44 -9.79 25.64
CD KCX C 205 12.94 -11.18 26.06
CE KCX C 205 11.49 -11.18 26.50
NZ KCX C 205 11.23 -10.21 27.55
C KCX C 205 13.08 -6.94 24.49
O KCX C 205 13.85 -6.48 25.33
CX KCX C 205 11.51 -10.48 28.83
OQ1 KCX C 205 11.28 -9.55 29.77
OQ2 KCX C 205 11.97 -11.56 29.19
N ASP C 206 11.87 -6.45 24.28
CA ASP C 206 11.21 -5.65 25.32
C ASP C 206 11.01 -6.51 26.55
N ASP C 207 11.05 -5.87 27.68
CA ASP C 207 10.76 -6.54 28.93
C ASP C 207 9.25 -6.85 28.91
N GLU C 208 8.83 -7.89 29.63
CA GLU C 208 7.38 -8.30 29.67
C GLU C 208 6.43 -7.17 30.09
N ASN C 209 6.85 -6.34 31.03
CA ASN C 209 6.08 -5.15 31.47
C ASN C 209 6.24 -3.87 30.61
N ILE C 210 7.06 -3.92 29.57
CA ILE C 210 7.13 -2.85 28.60
C ILE C 210 5.97 -3.10 27.62
N ASN C 211 4.94 -2.26 27.72
CA ASN C 211 3.81 -2.25 26.80
C ASN C 211 3.73 -0.83 26.21
N SER C 212 2.84 0.04 26.69
CA SER C 212 2.86 1.48 26.33
C SER C 212 2.60 2.30 27.59
N GLN C 213 3.49 3.23 27.90
CA GLN C 213 3.49 3.95 29.19
C GLN C 213 3.92 5.43 29.03
N PRO C 214 3.71 6.25 30.10
CA PRO C 214 4.08 7.69 30.03
C PRO C 214 5.53 8.01 29.64
N PHE C 215 6.46 7.19 30.11
CA PHE C 215 7.89 7.31 29.73
C PHE C 215 8.26 6.84 28.28
N MET C 216 7.45 5.96 27.71
CA MET C 216 7.65 5.52 26.34
C MET C 216 6.36 4.90 25.80
N ARG C 217 5.79 5.49 24.76
CA ARG C 217 4.61 4.93 24.12
C ARG C 217 5.09 4.02 23.00
N TRP C 218 4.30 2.99 22.70
CA TRP C 218 4.76 1.84 21.90
C TRP C 218 5.22 2.13 20.46
N ARG C 219 4.62 3.09 19.78
CA ARG C 219 5.06 3.41 18.41
C ARG C 219 6.48 3.92 18.34
N GLU C 220 6.86 4.72 19.30
CA GLU C 220 8.22 5.27 19.36
C GLU C 220 9.24 4.17 19.50
N ARG C 221 8.90 3.20 20.34
CA ARG C 221 9.75 2.02 20.51
C ARG C 221 9.88 1.26 19.21
N PHE C 222 8.76 1.01 18.56
CA PHE C 222 8.77 0.18 17.38
C PHE C 222 9.60 0.81 16.28
N LEU C 223 9.43 2.10 16.03
CA LEU C 223 10.13 2.77 14.92
C LEU C 223 11.64 2.92 15.21
N ASN C 224 11.97 3.36 16.42
CA ASN C 224 13.36 3.51 16.78
C ASN C 224 14.04 2.13 16.78
N CYS C 225 13.35 1.10 17.27
CA CYS C 225 13.92 -0.27 17.21
C CYS C 225 14.16 -0.83 15.77
N MET C 226 13.25 -0.60 14.82
CA MET C 226 13.49 -1.00 13.44
C MET C 226 14.72 -0.32 12.84
N GLU C 227 14.91 0.97 13.12
CA GLU C 227 16.13 1.66 12.75
C GLU C 227 17.32 0.91 13.36
N GLY C 228 17.27 0.62 14.66
CA GLY C 228 18.34 -0.16 15.30
C GLY C 228 18.55 -1.52 14.67
N ILE C 229 17.48 -2.23 14.41
CA ILE C 229 17.55 -3.57 13.83
C ILE C 229 18.21 -3.58 12.45
N ASN C 230 17.74 -2.72 11.55
CA ASN C 230 18.28 -2.72 10.22
C ASN C 230 19.71 -2.23 10.19
N ARG C 231 20.02 -1.29 11.06
CA ARG C 231 21.38 -0.79 11.20
C ARG C 231 22.31 -1.91 11.60
N ALA C 232 21.90 -2.67 12.62
CA ALA C 232 22.63 -3.87 13.00
C ALA C 232 22.71 -4.93 11.87
N SER C 233 21.62 -5.17 11.16
CA SER C 233 21.65 -6.13 10.06
C SER C 233 22.59 -5.70 8.91
N ALA C 234 22.60 -4.41 8.61
CA ALA C 234 23.48 -3.85 7.57
C ALA C 234 24.91 -3.85 7.99
N ALA C 235 25.15 -3.72 9.28
CA ALA C 235 26.50 -3.68 9.83
C ALA C 235 27.17 -5.05 9.93
N THR C 236 26.39 -6.12 9.87
CA THR C 236 26.85 -7.50 10.07
C THR C 236 26.56 -8.47 8.93
N GLY C 237 25.54 -8.19 8.11
CA GLY C 237 25.08 -9.11 7.07
C GLY C 237 24.26 -10.30 7.55
N GLU C 238 23.70 -10.17 8.76
CA GLU C 238 22.83 -11.16 9.37
C GLU C 238 21.39 -10.64 9.49
N VAL C 239 20.44 -11.56 9.48
CA VAL C 239 19.06 -11.22 9.84
C VAL C 239 19.02 -10.90 11.36
N LYS C 240 18.44 -9.76 11.73
CA LYS C 240 18.32 -9.37 13.13
C LYS C 240 16.89 -8.96 13.47
N GLY C 241 16.60 -8.94 14.77
CA GLY C 241 15.25 -8.61 15.25
C GLY C 241 15.22 -8.29 16.72
N SER C 242 14.08 -7.79 17.17
CA SER C 242 13.82 -7.57 18.58
C SER C 242 12.36 -7.89 18.85
N TYR C 243 12.08 -8.65 19.92
CA TYR C 243 10.68 -9.03 20.18
C TYR C 243 9.89 -7.80 20.64
N LEU C 244 9.12 -7.25 19.72
CA LEU C 244 8.32 -6.08 20.00
C LEU C 244 7.13 -6.56 20.81
N ASN C 245 6.99 -6.05 22.03
CA ASN C 245 5.87 -6.41 22.88
C ASN C 245 4.60 -5.73 22.38
N ILE C 246 3.66 -6.56 21.95
CA ILE C 246 2.34 -6.10 21.49
C ILE C 246 1.27 -6.37 22.55
N THR C 247 1.67 -6.83 23.73
CA THR C 247 0.73 -7.02 24.83
C THR C 247 -0.02 -5.72 25.14
N ALA C 248 -1.34 -5.81 25.16
CA ALA C 248 -2.19 -4.64 25.37
C ALA C 248 -3.44 -5.02 26.13
N ALA C 249 -4.28 -4.03 26.44
CA ALA C 249 -5.48 -4.28 27.26
C ALA C 249 -6.56 -5.04 26.51
N THR C 250 -6.74 -4.69 25.25
CA THR C 250 -7.82 -5.22 24.43
C THR C 250 -7.22 -5.97 23.22
N MET C 251 -7.99 -6.91 22.70
CA MET C 251 -7.61 -7.61 21.47
C MET C 251 -7.45 -6.61 20.32
N GLU C 252 -8.24 -5.55 20.33
CA GLU C 252 -8.18 -4.52 19.30
C GLU C 252 -6.83 -3.80 19.34
N GLU C 253 -6.32 -3.51 20.53
CA GLU C 253 -5.05 -2.82 20.66
C GLU C 253 -3.90 -3.80 20.35
N VAL C 254 -4.02 -5.08 20.74
CA VAL C 254 -2.96 -6.04 20.42
C VAL C 254 -2.75 -6.04 18.89
N TYR C 255 -3.84 -6.32 18.16
CA TYR C 255 -3.82 -6.37 16.68
C TYR C 255 -3.26 -5.10 16.06
N LYS C 256 -3.58 -3.98 16.66
CA LYS C 256 -3.13 -2.72 16.14
C LYS C 256 -1.61 -2.71 16.22
N ARG C 257 -1.06 -3.13 17.36
CA ARG C 257 0.38 -3.18 17.57
C ARG C 257 1.02 -4.22 16.71
N ALA C 258 0.38 -5.38 16.58
CA ALA C 258 0.92 -6.45 15.72
C ALA C 258 0.90 -6.07 14.24
N GLU C 259 -0.14 -5.39 13.80
CA GLU C 259 -0.21 -4.92 12.40
C GLU C 259 0.89 -3.88 12.16
N TYR C 260 1.11 -3.00 13.12
CA TYR C 260 2.13 -1.99 12.98
C TYR C 260 3.54 -2.63 12.92
N ALA C 261 3.80 -3.58 13.82
CA ALA C 261 5.07 -4.35 13.80
C ALA C 261 5.32 -4.99 12.43
N LYS C 262 4.30 -5.57 11.83
CA LYS C 262 4.43 -6.15 10.52
C LYS C 262 4.69 -5.07 9.49
N ALA C 263 3.97 -3.95 9.58
CA ALA C 263 4.05 -2.92 8.54
C ALA C 263 5.45 -2.40 8.43
N VAL C 264 6.17 -2.33 9.55
CA VAL C 264 7.56 -1.84 9.60
C VAL C 264 8.64 -2.93 9.50
N GLY C 265 8.26 -4.19 9.28
CA GLY C 265 9.20 -5.24 8.87
C GLY C 265 9.82 -6.08 9.98
N SER C 266 9.26 -5.99 11.18
CA SER C 266 9.75 -6.73 12.33
C SER C 266 9.55 -8.18 11.98
N ILE C 267 10.63 -8.94 12.12
CA ILE C 267 10.60 -10.38 11.92
C ILE C 267 9.84 -11.09 13.04
N VAL C 268 9.73 -10.44 14.21
CA VAL C 268 9.19 -11.06 15.41
C VAL C 268 8.34 -10.08 16.25
N VAL C 269 7.37 -10.63 16.99
CA VAL C 269 6.65 -9.91 18.06
C VAL C 269 6.64 -10.78 19.34
N MET C 270 6.41 -10.13 20.49
CA MET C 270 6.16 -10.87 21.74
C MET C 270 4.86 -10.50 22.39
N ILE C 271 4.34 -11.48 23.13
CA ILE C 271 3.12 -11.39 23.91
C ILE C 271 3.36 -11.97 25.30
N ASP C 272 2.63 -11.46 26.28
CA ASP C 272 2.72 -11.98 27.63
C ASP C 272 1.59 -12.98 27.89
N LEU C 273 1.88 -14.05 28.64
CA LEU C 273 0.88 -15.06 29.00
C LEU C 273 -0.33 -14.48 29.76
N VAL C 274 -0.15 -13.36 30.45
CA VAL C 274 -1.24 -12.73 31.20
C VAL C 274 -2.40 -12.25 30.32
N MET C 275 -2.15 -12.03 29.03
CA MET C 275 -3.20 -11.74 28.08
C MET C 275 -4.23 -12.85 28.07
N GLY C 276 -3.78 -14.08 28.26
CA GLY C 276 -4.66 -15.23 28.51
C GLY C 276 -4.99 -15.99 27.25
N TYR C 277 -5.57 -17.16 27.42
CA TYR C 277 -5.59 -18.16 26.34
C TYR C 277 -6.26 -17.73 25.03
N THR C 278 -7.36 -17.01 25.12
CA THR C 278 -8.13 -16.67 23.94
C THR C 278 -7.47 -15.57 23.14
N ALA C 279 -6.83 -14.62 23.80
CA ALA C 279 -6.03 -13.61 23.09
C ALA C 279 -4.82 -14.25 22.42
N ILE C 280 -4.19 -15.20 23.13
CA ILE C 280 -3.09 -16.03 22.64
C ILE C 280 -3.45 -16.89 21.40
N GLN C 281 -4.59 -17.58 21.39
CA GLN C 281 -4.96 -18.37 20.22
C GLN C 281 -5.16 -17.49 18.99
N SER C 282 -5.71 -16.29 19.20
CA SER C 282 -6.03 -15.35 18.11
C SER C 282 -4.78 -14.78 17.48
N ILE C 283 -3.89 -14.27 18.33
CA ILE C 283 -2.60 -13.74 17.88
C ILE C 283 -1.66 -14.83 17.31
N ALA C 284 -1.85 -16.09 17.70
CA ALA C 284 -1.11 -17.22 17.10
C ALA C 284 -1.60 -17.58 15.69
N TYR C 285 -2.90 -17.43 15.44
CA TYR C 285 -3.48 -17.51 14.09
C TYR C 285 -3.00 -16.31 13.28
N TRP C 286 -3.09 -15.15 13.91
CA TRP C 286 -2.61 -13.95 13.27
C TRP C 286 -1.13 -14.04 12.90
N ALA C 287 -0.32 -14.66 13.75
CA ALA C 287 1.11 -14.84 13.41
C ALA C 287 1.34 -15.75 12.20
N ARG C 288 0.66 -16.89 12.10
CA ARG C 288 0.79 -17.76 10.91
C ARG C 288 0.43 -16.98 9.64
N GLU C 289 -0.65 -16.22 9.71
CA GLU C 289 -1.23 -15.51 8.57
C GLU C 289 -0.45 -14.28 8.17
N ASN C 290 0.44 -13.81 9.04
CA ASN C 290 1.23 -12.62 8.78
C ASN C 290 2.74 -12.83 8.86
N ASP C 291 3.17 -14.10 8.73
CA ASP C 291 4.56 -14.47 8.59
C ASP C 291 5.41 -13.93 9.74
N MET C 292 4.90 -14.03 10.98
CA MET C 292 5.55 -13.45 12.15
C MET C 292 5.98 -14.53 13.11
N LEU C 293 7.18 -14.38 13.67
CA LEU C 293 7.55 -15.11 14.89
C LEU C 293 6.80 -14.59 16.11
N LEU C 294 6.30 -15.51 16.91
CA LEU C 294 5.52 -15.19 18.08
C LEU C 294 6.25 -15.65 19.33
N HIS C 295 6.87 -14.71 20.02
CA HIS C 295 7.50 -15.00 21.31
C HIS C 295 6.52 -14.86 22.50
N LEU C 296 6.30 -15.96 23.20
CA LEU C 296 5.51 -15.99 24.43
C LEU C 296 6.39 -15.85 25.66
N HIS C 297 6.28 -14.73 26.34
CA HIS C 297 6.83 -14.60 27.66
C HIS C 297 5.81 -15.20 28.61
N ARG C 298 6.26 -15.89 29.66
CA ARG C 298 5.32 -16.68 30.49
C ARG C 298 4.85 -15.95 31.75
N ALA C 299 4.60 -14.64 31.64
CA ALA C 299 4.23 -13.80 32.80
C ALA C 299 3.09 -14.44 33.60
N GLY C 300 3.23 -14.42 34.92
CA GLY C 300 2.23 -14.99 35.84
C GLY C 300 2.23 -16.50 35.97
N ASN C 301 3.02 -17.24 35.17
CA ASN C 301 3.00 -18.74 35.19
C ASN C 301 3.28 -19.36 36.56
N SER C 302 4.31 -18.87 37.23
CA SER C 302 4.73 -19.41 38.52
C SER C 302 3.71 -19.15 39.68
N THR C 303 2.62 -18.41 39.44
CA THR C 303 1.55 -18.26 40.44
C THR C 303 0.80 -19.56 40.70
N TYR C 304 0.63 -20.37 39.65
CA TYR C 304 -0.04 -21.68 39.72
C TYR C 304 0.96 -22.85 39.55
N ALA C 305 2.21 -22.57 39.20
CA ALA C 305 3.17 -23.60 38.71
C ALA C 305 4.34 -23.94 39.64
N ARG C 306 4.58 -23.09 40.64
CA ARG C 306 5.77 -23.17 41.48
C ARG C 306 5.69 -24.35 42.45
N GLN C 307 4.60 -24.46 43.20
CA GLN C 307 4.53 -25.47 44.28
C GLN C 307 4.21 -26.90 43.84
N LYS C 308 4.74 -27.86 44.60
CA LYS C 308 4.60 -29.30 44.34
C LYS C 308 3.18 -29.83 44.64
N ASN C 309 2.49 -29.24 45.62
CA ASN C 309 1.21 -29.76 46.14
C ASN C 309 -0.07 -29.40 45.34
N HIS C 310 -0.07 -28.22 44.72
CA HIS C 310 -1.27 -27.60 44.10
C HIS C 310 -0.97 -26.72 42.87
N GLY C 311 -1.87 -26.76 41.88
CA GLY C 311 -1.83 -25.89 40.71
C GLY C 311 -1.70 -26.64 39.39
N ILE C 312 -0.95 -26.05 38.45
CA ILE C 312 -0.67 -26.69 37.19
C ILE C 312 0.83 -26.79 36.97
N ASN C 313 1.32 -27.98 36.64
CA ASN C 313 2.72 -28.10 36.28
C ASN C 313 2.99 -27.38 34.98
N PHE C 314 4.18 -26.81 34.88
CA PHE C 314 4.52 -26.03 33.72
C PHE C 314 4.57 -26.88 32.47
N ARG C 315 4.87 -28.16 32.61
CA ARG C 315 4.94 -29.04 31.45
C ARG C 315 3.62 -29.12 30.72
N VAL C 316 2.52 -29.01 31.45
CA VAL C 316 1.18 -28.95 30.88
C VAL C 316 0.96 -27.65 30.08
N ILE C 317 1.39 -26.53 30.65
CA ILE C 317 1.34 -25.20 29.99
C ILE C 317 2.11 -25.25 28.67
N CYS C 318 3.29 -25.86 28.67
CA CYS C 318 4.05 -26.09 27.44
C CYS C 318 3.21 -26.77 26.37
N LYS C 319 2.50 -27.83 26.73
CA LYS C 319 1.69 -28.55 25.75
C LYS C 319 0.63 -27.63 25.22
N TRP C 320 -0.12 -27.00 26.14
CA TRP C 320 -1.20 -26.07 25.77
C TRP C 320 -0.74 -24.91 24.96
N MET C 321 0.45 -24.38 25.24
CA MET C 321 1.00 -23.26 24.46
C MET C 321 1.54 -23.65 23.10
N ARG C 322 2.11 -24.85 22.99
CA ARG C 322 2.51 -25.38 21.70
C ARG C 322 1.27 -25.67 20.83
N MET C 323 0.21 -26.21 21.42
CA MET C 323 -1.09 -26.37 20.74
C MET C 323 -1.65 -25.08 20.15
N SER C 324 -1.74 -24.07 20.99
CA SER C 324 -2.30 -22.78 20.63
C SER C 324 -1.55 -22.20 19.43
N GLY C 325 -0.22 -22.31 19.48
CA GLY C 325 0.66 -21.93 18.36
C GLY C 325 1.75 -20.87 18.50
N VAL C 326 2.23 -20.63 19.72
CA VAL C 326 3.35 -19.72 19.95
C VAL C 326 4.66 -20.38 19.51
N ASP C 327 5.61 -19.55 19.09
CA ASP C 327 6.87 -20.03 18.49
C ASP C 327 8.02 -20.20 19.48
N HIS C 328 8.07 -19.28 20.44
CA HIS C 328 9.00 -19.36 21.53
C HIS C 328 8.20 -19.47 22.79
N ILE C 329 8.70 -20.20 23.77
CA ILE C 329 8.20 -20.04 25.14
C ILE C 329 9.35 -20.18 26.13
N HIS C 330 9.41 -19.29 27.11
CA HIS C 330 10.41 -19.38 28.19
C HIS C 330 10.16 -20.68 28.91
N ALA C 331 11.19 -21.49 29.13
CA ALA C 331 11.05 -22.76 29.83
C ALA C 331 12.19 -23.09 30.78
N GLY C 332 12.93 -22.06 31.17
CA GLY C 332 13.92 -22.18 32.23
C GLY C 332 15.39 -22.29 31.82
N THR C 333 16.22 -22.05 32.84
CA THR C 333 17.67 -21.97 32.73
C THR C 333 18.43 -23.10 33.46
N VAL C 334 17.84 -23.64 34.53
CA VAL C 334 18.49 -24.53 35.49
C VAL C 334 19.39 -23.73 36.43
N VAL C 335 20.37 -23.04 35.86
CA VAL C 335 21.42 -22.40 36.64
C VAL C 335 21.24 -20.89 36.81
N GLY C 336 20.13 -20.35 36.31
CA GLY C 336 19.80 -18.93 36.48
C GLY C 336 19.11 -18.57 37.80
N LYS C 337 18.58 -17.35 37.84
CA LYS C 337 17.86 -16.81 39.02
C LYS C 337 16.42 -17.28 39.23
N LEU C 338 15.84 -18.04 38.30
CA LEU C 338 14.47 -18.51 38.45
C LEU C 338 14.40 -20.01 38.60
N GLU C 339 13.49 -20.46 39.46
CA GLU C 339 13.17 -21.88 39.69
C GLU C 339 13.34 -22.77 38.48
N GLY C 340 14.23 -23.74 38.58
CA GLY C 340 14.48 -24.62 37.46
C GLY C 340 15.26 -25.83 37.89
N ASP C 341 14.55 -26.89 38.27
CA ASP C 341 15.19 -28.17 38.60
C ASP C 341 15.62 -28.82 37.29
N PRO C 342 16.86 -29.39 37.22
CA PRO C 342 17.41 -29.79 35.91
C PRO C 342 16.57 -30.74 35.07
N LEU C 343 16.10 -31.84 35.65
CA LEU C 343 15.40 -32.90 34.89
C LEU C 343 13.96 -32.53 34.52
N MET C 344 13.32 -31.69 35.35
CA MET C 344 11.99 -31.15 35.03
C MET C 344 12.07 -30.24 33.80
N ILE C 345 13.06 -29.35 33.80
CA ILE C 345 13.35 -28.47 32.67
C ILE C 345 13.63 -29.24 31.38
N M3L C 346 14.45 -30.28 31.47
CA M3L C 346 14.65 -31.17 30.33
CB M3L C 346 15.59 -32.32 30.72
CG M3L C 346 17.05 -31.90 30.88
CD M3L C 346 17.93 -32.88 30.12
CE M3L C 346 19.39 -32.70 30.51
NZ M3L C 346 20.31 -33.63 29.82
C M3L C 346 13.36 -31.76 29.82
O M3L C 346 13.18 -31.88 28.61
CM1 M3L C 346 20.31 -33.38 28.35
CM2 M3L C 346 19.99 -35.06 30.13
CM3 M3L C 346 21.68 -33.35 30.34
N GLY C 347 12.46 -32.14 30.71
CA GLY C 347 11.17 -32.69 30.31
C GLY C 347 10.32 -31.66 29.61
N PHE C 348 10.33 -30.44 30.13
CA PHE C 348 9.67 -29.30 29.48
C PHE C 348 10.24 -29.15 28.06
N TYR C 349 11.57 -29.12 27.94
CA TYR C 349 12.24 -28.89 26.65
C TYR C 349 11.88 -29.99 25.66
N ASP C 350 11.77 -31.22 26.16
CA ASP C 350 11.33 -32.38 25.34
C ASP C 350 9.89 -32.26 24.82
N ILE C 351 9.01 -31.71 25.68
CA ILE C 351 7.61 -31.46 25.34
C ILE C 351 7.51 -30.44 24.23
N LEU C 352 8.34 -29.41 24.30
CA LEU C 352 8.33 -28.34 23.31
C LEU C 352 8.99 -28.71 21.98
N ARG C 353 9.89 -29.70 21.98
CA ARG C 353 10.79 -29.90 20.83
C ARG C 353 10.74 -31.23 20.10
N LEU C 354 10.02 -32.22 20.63
CA LEU C 354 10.02 -33.57 20.07
C LEU C 354 8.76 -33.86 19.26
N THR C 355 8.82 -34.87 18.42
CA THR C 355 7.69 -35.22 17.58
C THR C 355 6.76 -36.18 18.30
N GLU C 356 7.30 -36.94 19.24
CA GLU C 356 6.45 -37.66 20.16
C GLU C 356 7.19 -37.76 21.49
N LEU C 357 6.46 -38.25 22.50
CA LEU C 357 6.97 -38.35 23.86
C LEU C 357 6.79 -39.78 24.35
N GLU C 358 7.75 -40.22 25.17
CA GLU C 358 7.78 -41.58 25.72
C GLU C 358 7.86 -41.43 27.20
N VAL C 359 7.12 -42.29 27.91
CA VAL C 359 7.06 -42.23 29.36
C VAL C 359 8.48 -42.15 29.87
N ASN C 360 8.71 -41.16 30.71
CA ASN C 360 10.01 -40.85 31.23
C ASN C 360 9.80 -40.13 32.58
N LEU C 361 9.64 -40.94 33.62
CA LEU C 361 9.21 -40.44 34.94
C LEU C 361 10.20 -39.49 35.64
N PRO C 362 11.52 -39.70 35.47
CA PRO C 362 12.47 -38.71 36.03
C PRO C 362 12.34 -37.26 35.51
N PHE C 363 11.89 -37.12 34.24
CA PHE C 363 11.66 -35.82 33.57
C PHE C 363 10.19 -35.31 33.75
N GLY C 364 9.38 -36.07 34.49
CA GLY C 364 7.99 -35.75 34.66
C GLY C 364 7.08 -36.05 33.46
N ILE C 365 7.54 -36.89 32.53
CA ILE C 365 6.75 -37.23 31.37
C ILE C 365 5.94 -38.48 31.74
N PHE C 366 4.73 -38.26 32.25
CA PHE C 366 3.90 -39.38 32.71
C PHE C 366 3.10 -40.14 31.63
N PHE C 367 2.87 -39.52 30.48
CA PHE C 367 2.10 -40.13 29.40
C PHE C 367 2.95 -40.19 28.13
N GLU C 368 2.75 -41.26 27.35
CA GLU C 368 3.25 -41.27 25.98
C GLU C 368 2.26 -40.51 25.08
N MET C 369 2.84 -39.75 24.16
CA MET C 369 2.07 -38.79 23.41
C MET C 369 2.67 -38.46 22.06
N ASP C 370 1.92 -38.71 20.99
CA ASP C 370 2.27 -38.23 19.68
C ASP C 370 1.89 -36.75 19.56
N TRP C 371 2.68 -36.02 18.80
CA TRP C 371 2.45 -34.60 18.63
C TRP C 371 1.78 -34.25 17.29
N ALA C 372 1.33 -35.25 16.55
CA ALA C 372 0.56 -35.03 15.32
C ALA C 372 1.20 -34.04 14.33
N SER C 373 2.51 -34.08 14.21
CA SER C 373 3.21 -33.19 13.30
C SER C 373 2.83 -31.72 13.53
N LEU C 374 2.40 -31.36 14.73
CA LEU C 374 2.36 -29.94 15.10
C LEU C 374 3.81 -29.53 15.22
N ARG C 375 4.11 -28.32 14.75
CA ARG C 375 5.49 -27.86 14.78
C ARG C 375 6.11 -27.78 16.18
N ARG C 376 7.41 -27.57 16.19
CA ARG C 376 8.17 -27.62 17.40
C ARG C 376 8.29 -26.20 17.96
N CYS C 377 8.08 -26.05 19.27
CA CYS C 377 8.17 -24.76 19.93
C CYS C 377 9.58 -24.52 20.44
N MET C 378 10.15 -23.36 20.15
CA MET C 378 11.53 -23.07 20.57
C MET C 378 11.54 -22.70 22.05
N PRO C 379 12.32 -23.42 22.90
CA PRO C 379 12.38 -23.03 24.29
C PRO C 379 13.30 -21.85 24.47
N VAL C 380 13.03 -21.01 25.44
CA VAL C 380 13.85 -19.85 25.69
C VAL C 380 14.39 -19.96 27.10
N ALA C 381 15.69 -19.77 27.28
CA ALA C 381 16.30 -19.78 28.60
C ALA C 381 16.72 -18.36 28.93
N SER C 382 15.96 -17.71 29.80
CA SER C 382 16.24 -16.35 30.26
C SER C 382 16.27 -16.34 31.78
N GLY C 383 17.03 -15.41 32.35
CA GLY C 383 16.94 -15.09 33.79
C GLY C 383 18.15 -15.35 34.67
N GLY C 384 19.00 -14.34 34.78
CA GLY C 384 20.18 -14.40 35.63
C GLY C 384 21.25 -15.36 35.17
N ILE C 385 21.43 -15.48 33.85
CA ILE C 385 22.50 -16.32 33.34
C ILE C 385 23.60 -15.45 32.75
N HIS C 386 24.84 -15.93 32.83
CA HIS C 386 25.99 -15.25 32.24
C HIS C 386 26.87 -16.22 31.44
N CYS C 387 27.69 -15.65 30.55
CA CYS C 387 28.54 -16.43 29.64
C CYS C 387 29.46 -17.38 30.37
N GLY C 388 29.82 -17.05 31.62
CA GLY C 388 30.52 -17.97 32.53
C GLY C 388 29.93 -19.36 32.64
N GLN C 389 28.60 -19.48 32.53
CA GLN C 389 27.91 -20.77 32.65
C GLN C 389 27.59 -21.44 31.29
N MET C 390 28.31 -21.09 30.23
CA MET C 390 27.96 -21.61 28.90
C MET C 390 28.04 -23.13 28.78
N HIS C 391 29.09 -23.71 29.35
CA HIS C 391 29.20 -25.18 29.45
C HIS C 391 27.94 -25.86 30.04
N GLN C 392 27.42 -25.28 31.12
CA GLN C 392 26.20 -25.82 31.74
C GLN C 392 24.95 -25.72 30.84
N LEU C 393 24.78 -24.56 30.19
CA LEU C 393 23.61 -24.26 29.37
C LEU C 393 23.56 -25.15 28.16
N ILE C 394 24.69 -25.29 27.49
CA ILE C 394 24.83 -26.17 26.33
C ILE C 394 24.55 -27.62 26.70
N HIS C 395 24.94 -28.01 27.92
CA HIS C 395 24.73 -29.38 28.44
C HIS C 395 23.27 -29.66 28.74
N TYR C 396 22.70 -28.82 29.61
CA TYR C 396 21.29 -28.99 30.04
C TYR C 396 20.26 -28.70 28.95
N LEU C 397 20.52 -27.71 28.08
CA LEU C 397 19.51 -27.17 27.15
C LEU C 397 19.59 -27.63 25.67
N GLY C 398 20.72 -28.14 25.23
CA GLY C 398 20.87 -28.58 23.86
C GLY C 398 20.97 -27.42 22.86
N ASP C 399 20.66 -27.74 21.60
CA ASP C 399 20.88 -26.87 20.45
C ASP C 399 19.76 -25.90 20.13
N ASP C 400 18.52 -26.38 20.14
CA ASP C 400 17.39 -25.53 19.71
C ASP C 400 16.82 -24.83 20.94
N VAL C 401 17.29 -23.60 21.13
CA VAL C 401 16.97 -22.84 22.32
C VAL C 401 17.49 -21.42 22.12
N VAL C 402 16.77 -20.45 22.67
CA VAL C 402 17.26 -19.08 22.74
C VAL C 402 17.82 -18.80 24.13
N LEU C 403 19.13 -18.62 24.22
CA LEU C 403 19.80 -18.20 25.46
C LEU C 403 19.74 -16.69 25.54
N GLN C 404 19.15 -16.17 26.62
CA GLN C 404 19.01 -14.72 26.77
C GLN C 404 19.76 -14.15 27.95
N PHE C 405 20.42 -13.03 27.70
CA PHE C 405 21.39 -12.44 28.60
C PHE C 405 21.12 -10.96 28.78
N GLY C 406 20.15 -10.62 29.63
CA GLY C 406 19.80 -9.20 29.91
C GLY C 406 20.89 -8.47 30.69
N GLY C 407 20.93 -8.75 32.00
CA GLY C 407 21.97 -8.24 32.88
C GLY C 407 23.35 -8.68 32.44
N GLY C 408 23.45 -9.89 31.87
CA GLY C 408 24.72 -10.45 31.35
C GLY C 408 25.21 -9.95 30.00
N THR C 409 24.55 -8.94 29.46
CA THR C 409 24.98 -8.21 28.29
C THR C 409 25.14 -6.75 28.70
N ILE C 410 24.05 -6.14 29.14
CA ILE C 410 24.01 -4.70 29.46
C ILE C 410 24.79 -4.35 30.76
N GLY C 411 25.02 -5.31 31.63
CA GLY C 411 25.81 -5.07 32.83
C GLY C 411 27.31 -5.06 32.58
N HIS C 412 27.72 -5.41 31.35
CA HIS C 412 29.13 -5.50 30.99
C HIS C 412 29.76 -4.10 31.08
N PRO C 413 30.92 -3.97 31.75
CA PRO C 413 31.45 -2.58 31.98
C PRO C 413 31.86 -1.78 30.71
N ASP C 414 32.47 -2.48 29.76
CA ASP C 414 32.91 -1.94 28.48
C ASP C 414 31.81 -1.64 27.45
N GLY C 415 30.55 -1.82 27.83
CA GLY C 415 29.42 -1.42 27.00
C GLY C 415 28.64 -2.64 26.58
N ILE C 416 27.58 -2.39 25.82
CA ILE C 416 26.60 -3.40 25.45
C ILE C 416 27.14 -4.25 24.30
N GLN C 417 27.84 -3.62 23.36
CA GLN C 417 28.49 -4.36 22.27
C GLN C 417 29.40 -5.42 22.85
N ALA C 418 30.22 -5.00 23.80
CA ALA C 418 31.17 -5.93 24.43
C ALA C 418 30.42 -7.04 25.19
N GLY C 419 29.33 -6.68 25.88
CA GLY C 419 28.47 -7.66 26.54
C GLY C 419 28.05 -8.74 25.57
N ALA C 420 27.52 -8.30 24.44
CA ALA C 420 27.01 -9.19 23.39
C ALA C 420 28.08 -10.09 22.79
N THR C 421 29.22 -9.48 22.45
CA THR C 421 30.32 -10.16 21.80
C THR C 421 30.86 -11.26 22.72
N ALA C 422 31.01 -10.94 24.00
CA ALA C 422 31.40 -11.92 25.01
C ALA C 422 30.48 -13.15 25.01
N ASN C 423 29.18 -12.91 24.93
CA ASN C 423 28.22 -14.03 24.96
C ASN C 423 28.32 -14.90 23.74
N ARG C 424 28.55 -14.28 22.59
CA ARG C 424 28.57 -15.03 21.37
C ARG C 424 29.86 -15.85 21.21
N VAL C 425 31.02 -15.25 21.51
CA VAL C 425 32.29 -15.97 21.52
C VAL C 425 32.20 -17.14 22.51
N ALA C 426 31.73 -16.88 23.72
CA ALA C 426 31.49 -17.95 24.67
C ALA C 426 30.68 -19.10 24.05
N LEU C 427 29.51 -18.75 23.51
CA LEU C 427 28.59 -19.71 22.89
C LEU C 427 29.29 -20.49 21.82
N GLU C 428 29.89 -19.77 20.87
CA GLU C 428 30.45 -20.39 19.66
C GLU C 428 31.67 -21.27 19.97
N SER C 429 32.56 -20.76 20.81
CA SER C 429 33.76 -21.52 21.20
C SER C 429 33.38 -22.80 21.93
N MET C 430 32.32 -22.74 22.71
CA MET C 430 31.86 -23.89 23.49
C MET C 430 31.25 -24.97 22.60
N VAL C 431 30.41 -24.55 21.68
CA VAL C 431 29.77 -25.48 20.77
C VAL C 431 30.83 -26.12 19.86
N LEU C 432 31.72 -25.31 19.34
CA LEU C 432 32.84 -25.84 18.54
C LEU C 432 33.56 -26.99 19.27
N ALA C 433 33.80 -26.77 20.56
CA ALA C 433 34.45 -27.77 21.40
C ALA C 433 33.57 -28.99 21.69
N ARG C 434 32.25 -28.82 21.84
CA ARG C 434 31.34 -29.96 21.98
C ARG C 434 31.44 -30.85 20.77
N ASN C 435 31.41 -30.24 19.60
CA ASN C 435 31.44 -30.97 18.35
C ASN C 435 32.76 -31.70 18.12
N GLU C 436 33.86 -31.08 18.56
CA GLU C 436 35.18 -31.75 18.56
C GLU C 436 35.29 -32.97 19.50
N GLY C 437 34.33 -33.20 20.40
CA GLY C 437 34.27 -34.37 21.30
C GLY C 437 34.88 -34.17 22.69
N VAL C 438 35.04 -32.92 23.10
CA VAL C 438 35.64 -32.57 24.37
C VAL C 438 34.57 -32.78 25.45
N ASP C 439 34.99 -33.16 26.65
CA ASP C 439 34.12 -33.41 27.81
C ASP C 439 33.85 -32.06 28.50
N TYR C 440 33.17 -31.18 27.76
CA TYR C 440 32.93 -29.77 28.14
C TYR C 440 32.14 -29.51 29.42
N PHE C 441 31.29 -30.45 29.85
CA PHE C 441 30.45 -30.19 31.03
C PHE C 441 31.23 -30.41 32.34
N ASP C 442 32.38 -31.09 32.26
CA ASP C 442 33.39 -31.14 33.35
C ASP C 442 33.73 -29.75 33.96
N GLN C 443 33.66 -29.65 35.30
CA GLN C 443 33.99 -28.41 36.04
C GLN C 443 35.39 -27.86 35.67
N GLN C 444 36.35 -28.75 35.35
CA GLN C 444 37.71 -28.34 34.96
C GLN C 444 37.70 -27.81 33.53
N VAL C 445 37.15 -28.61 32.63
CA VAL C 445 37.30 -28.42 31.19
C VAL C 445 36.52 -27.23 30.63
N GLY C 446 35.20 -27.25 30.81
CA GLY C 446 34.31 -26.15 30.38
C GLY C 446 34.80 -24.72 30.62
N PRO C 447 35.07 -24.33 31.89
CA PRO C 447 35.55 -22.96 32.18
C PRO C 447 36.86 -22.60 31.51
N GLN C 448 37.71 -23.61 31.27
CA GLN C 448 38.98 -23.44 30.57
C GLN C 448 38.78 -23.22 29.07
N ILE C 449 37.77 -23.85 28.47
CA ILE C 449 37.40 -23.57 27.06
C ILE C 449 37.03 -22.06 26.91
N LEU C 450 36.34 -21.52 27.91
CA LEU C 450 35.95 -20.11 27.90
C LEU C 450 37.13 -19.18 28.17
N ARG C 451 38.02 -19.56 29.08
CA ARG C 451 39.29 -18.85 29.29
C ARG C 451 40.23 -18.88 28.05
N ASP C 452 40.24 -19.99 27.29
CA ASP C 452 41.08 -20.13 26.07
C ASP C 452 40.58 -19.17 25.02
N ALA C 453 39.27 -19.25 24.78
CA ALA C 453 38.61 -18.33 23.89
C ALA C 453 38.79 -16.86 24.33
N ALA C 454 38.85 -16.64 25.65
CA ALA C 454 39.01 -15.29 26.22
C ALA C 454 40.37 -14.59 25.98
N LYS C 455 41.41 -15.33 25.60
CA LYS C 455 42.72 -14.73 25.33
C LYS C 455 42.72 -13.92 24.05
N THR C 456 41.96 -14.33 23.03
CA THR C 456 41.75 -13.48 21.84
C THR C 456 40.49 -12.59 21.89
N CYS C 457 39.81 -12.54 23.05
CA CYS C 457 38.57 -11.76 23.25
C CYS C 457 38.52 -11.16 24.66
N GLY C 458 38.86 -9.88 24.74
CA GLY C 458 38.98 -9.14 26.00
C GLY C 458 37.67 -8.89 26.67
N PRO C 459 36.61 -8.64 25.88
CA PRO C 459 35.26 -8.62 26.42
C PRO C 459 34.84 -9.90 27.15
N LEU C 460 35.26 -11.07 26.68
CA LEU C 460 34.91 -12.33 27.37
C LEU C 460 35.76 -12.57 28.64
N GLN C 461 37.06 -12.23 28.61
CA GLN C 461 37.86 -12.25 29.85
C GLN C 461 37.30 -11.28 30.89
N THR C 462 36.84 -10.10 30.48
CA THR C 462 36.23 -9.18 31.40
C THR C 462 35.00 -9.84 32.04
N ALA C 463 34.16 -10.47 31.22
CA ALA C 463 32.90 -11.06 31.68
C ALA C 463 33.13 -12.23 32.61
N LEU C 464 34.07 -13.10 32.27
CA LEU C 464 34.35 -14.28 33.09
C LEU C 464 34.83 -13.88 34.47
N ASP C 465 35.69 -12.87 34.53
CA ASP C 465 36.19 -12.35 35.78
C ASP C 465 35.14 -11.55 36.57
N LEU C 466 34.25 -10.83 35.90
CA LEU C 466 33.19 -10.10 36.61
C LEU C 466 32.14 -10.99 37.32
N TRP C 467 31.63 -12.01 36.63
CA TRP C 467 30.60 -12.92 37.19
C TRP C 467 31.09 -14.35 37.46
N LYS C 468 32.39 -14.53 37.67
CA LYS C 468 32.92 -15.84 38.10
C LYS C 468 32.20 -16.36 39.35
N ASP C 469 31.97 -15.46 40.30
CA ASP C 469 31.51 -15.88 41.60
C ASP C 469 30.02 -16.25 41.64
N ILE C 470 29.27 -15.86 40.61
CA ILE C 470 27.82 -15.80 40.70
C ILE C 470 27.15 -17.14 40.41
N SER C 471 26.44 -17.66 41.42
CA SER C 471 25.47 -18.75 41.24
C SER C 471 24.14 -18.44 42.00
N PHE C 472 23.13 -19.25 41.72
CA PHE C 472 21.83 -19.11 42.37
C PHE C 472 21.47 -20.51 42.85
N ASP C 473 22.20 -20.96 43.85
CA ASP C 473 22.00 -22.27 44.40
C ASP C 473 21.10 -22.10 45.58
N TYR C 474 19.86 -22.55 45.40
CA TYR C 474 18.82 -22.51 46.40
C TYR C 474 18.00 -23.81 46.25
N THR C 475 17.35 -24.21 47.34
CA THR C 475 16.46 -25.40 47.36
C THR C 475 15.24 -25.23 46.43
N SER C 476 15.26 -25.96 45.31
CA SER C 476 14.16 -25.95 44.32
C SER C 476 12.88 -26.56 44.91
N THR C 477 11.74 -25.92 44.62
CA THR C 477 10.42 -26.36 45.12
C THR C 477 9.64 -27.25 44.12
N ASP C 478 9.76 -26.98 42.82
CA ASP C 478 9.14 -27.82 41.78
C ASP C 478 10.07 -29.00 41.47
N THR C 479 10.07 -30.00 42.37
CA THR C 479 10.93 -31.18 42.24
C THR C 479 10.19 -32.39 41.70
N ALA C 480 10.98 -33.37 41.25
CA ALA C 480 10.51 -34.64 40.75
C ALA C 480 10.22 -35.58 41.92
N ASP C 481 9.37 -36.56 41.67
CA ASP C 481 8.97 -37.59 42.64
C ASP C 481 9.86 -38.86 42.54
N PHE C 482 10.54 -38.98 41.38
CA PHE C 482 11.44 -40.09 41.04
C PHE C 482 12.80 -39.47 40.66
N ALA C 483 13.84 -39.73 41.45
CA ALA C 483 15.16 -39.06 41.31
C ALA C 483 16.04 -39.53 40.11
N GLU C 484 17.17 -38.84 39.86
CA GLU C 484 18.19 -39.17 38.82
C GLU C 484 17.65 -39.24 37.41
N MET D 1 34.51 -5.26 6.55
CA MET D 1 33.92 -5.98 7.70
C MET D 1 33.94 -7.50 7.54
N ARG D 2 33.63 -8.17 8.64
CA ARG D 2 33.51 -9.61 8.68
C ARG D 2 32.03 -9.97 8.51
N LEU D 3 31.70 -10.75 7.48
CA LEU D 3 30.36 -11.28 7.36
C LEU D 3 30.16 -12.34 8.44
N THR D 4 29.18 -12.10 9.31
CA THR D 4 28.93 -12.98 10.47
C THR D 4 27.71 -13.90 10.32
N GLN D 5 27.31 -14.18 9.10
CA GLN D 5 26.46 -15.33 8.81
C GLN D 5 27.28 -16.58 9.14
N GLY D 6 26.61 -17.72 9.24
CA GLY D 6 27.30 -18.94 9.68
C GLY D 6 27.39 -18.90 11.19
N CYS D 7 27.63 -20.05 11.79
CA CYS D 7 27.56 -20.18 13.24
C CYS D 7 28.92 -20.18 13.97
N PHE D 8 30.03 -20.02 13.24
CA PHE D 8 31.38 -19.90 13.84
C PHE D 8 32.13 -18.68 13.34
N SER D 9 31.41 -17.69 12.81
CA SER D 9 32.02 -16.45 12.35
C SER D 9 32.44 -15.47 13.46
N PHE D 10 32.12 -15.74 14.72
CA PHE D 10 32.69 -14.96 15.83
C PHE D 10 34.01 -15.56 16.36
N LEU D 11 34.39 -16.74 15.89
CA LEU D 11 35.72 -17.30 16.14
C LEU D 11 36.58 -16.91 14.95
N PRO D 12 37.90 -17.18 15.01
CA PRO D 12 38.72 -16.90 13.82
C PRO D 12 38.43 -17.90 12.72
N ASP D 13 38.84 -17.58 11.49
CA ASP D 13 38.60 -18.46 10.36
C ASP D 13 39.08 -19.86 10.65
N LEU D 14 38.28 -20.85 10.31
CA LEU D 14 38.57 -22.24 10.67
C LEU D 14 39.65 -22.85 9.75
N THR D 15 40.67 -23.44 10.37
CA THR D 15 41.70 -24.23 9.66
C THR D 15 40.99 -25.43 9.03
N ASP D 16 41.62 -26.08 8.05
CA ASP D 16 41.08 -27.33 7.52
C ASP D 16 40.93 -28.41 8.62
N ALA D 17 41.77 -28.36 9.65
CA ALA D 17 41.74 -29.39 10.70
C ALA D 17 40.48 -29.26 11.51
N GLN D 18 40.17 -28.04 11.89
CA GLN D 18 38.91 -27.68 12.57
C GLN D 18 37.64 -28.00 11.74
N ILE D 19 37.69 -27.71 10.44
CA ILE D 19 36.56 -27.96 9.54
C ILE D 19 36.21 -29.45 9.48
N GLU D 20 37.26 -30.27 9.34
CA GLU D 20 37.13 -31.72 9.30
C GLU D 20 36.43 -32.23 10.56
N LYS D 21 36.75 -31.66 11.73
CA LYS D 21 36.17 -32.12 12.99
C LYS D 21 34.67 -31.79 13.16
N GLN D 22 34.24 -30.70 12.54
CA GLN D 22 32.84 -30.33 12.50
C GLN D 22 32.12 -31.20 11.47
N VAL D 23 32.81 -31.50 10.37
CA VAL D 23 32.30 -32.40 9.32
C VAL D 23 32.16 -33.80 9.88
N ALA D 24 33.11 -34.21 10.73
CA ALA D 24 33.09 -35.49 11.44
C ALA D 24 31.94 -35.58 12.41
N TYR D 25 31.76 -34.52 13.20
CA TYR D 25 30.64 -34.43 14.13
C TYR D 25 29.37 -34.64 13.33
N ALA D 26 29.19 -33.81 12.30
CA ALA D 26 27.98 -33.85 11.50
C ALA D 26 27.66 -35.24 11.00
N MET D 27 28.67 -35.89 10.44
CA MET D 27 28.51 -37.20 9.82
C MET D 27 28.20 -38.34 10.79
N ALA D 28 28.84 -38.33 11.97
CA ALA D 28 28.55 -39.27 13.06
C ALA D 28 27.11 -39.14 13.59
N LYS D 29 26.56 -37.93 13.58
CA LYS D 29 25.13 -37.70 13.83
C LYS D 29 24.18 -38.22 12.69
N GLY D 30 24.75 -38.67 11.56
CA GLY D 30 23.98 -39.26 10.46
C GLY D 30 23.63 -38.25 9.37
N TRP D 31 24.14 -37.03 9.48
CA TRP D 31 23.70 -35.92 8.63
C TRP D 31 24.47 -35.86 7.32
N ALA D 32 23.86 -35.17 6.36
CA ALA D 32 24.33 -35.09 4.99
C ALA D 32 24.96 -33.72 4.73
N MET D 33 26.21 -33.72 4.25
CA MET D 33 26.91 -32.47 4.01
C MET D 33 26.72 -31.97 2.58
N ASN D 34 26.72 -30.66 2.40
CA ASN D 34 26.96 -30.06 1.08
C ASN D 34 27.81 -28.80 1.17
N VAL D 35 28.22 -28.31 0.02
CA VAL D 35 29.14 -27.18 -0.10
C VAL D 35 28.50 -26.20 -1.02
N GLU D 36 28.53 -24.91 -0.67
CA GLU D 36 27.83 -23.87 -1.46
C GLU D 36 28.65 -22.60 -1.61
N TRP D 37 28.54 -21.97 -2.78
CA TRP D 37 29.25 -20.71 -3.08
C TRP D 37 28.28 -19.55 -3.39
N THR D 38 28.65 -18.34 -2.96
CA THR D 38 28.00 -17.11 -3.42
C THR D 38 29.04 -16.02 -3.46
N ASP D 39 28.71 -14.92 -4.13
CA ASP D 39 29.37 -13.65 -3.91
C ASP D 39 28.36 -12.52 -3.78
N ASP D 40 27.17 -12.86 -3.27
CA ASP D 40 26.16 -11.91 -2.85
C ASP D 40 26.00 -12.16 -1.36
N PRO D 41 26.68 -11.36 -0.52
CA PRO D 41 26.66 -11.62 0.90
C PRO D 41 25.38 -11.13 1.63
N HIS D 42 24.34 -10.72 0.90
CA HIS D 42 23.09 -10.20 1.48
C HIS D 42 22.47 -11.15 2.55
N PRO D 43 21.94 -10.59 3.66
CA PRO D 43 21.41 -11.50 4.68
C PRO D 43 20.24 -12.35 4.19
N ARG D 44 19.47 -11.80 3.26
CA ARG D 44 18.34 -12.47 2.63
C ARG D 44 18.65 -13.28 1.35
N ASN D 45 19.93 -13.44 0.98
CA ASN D 45 20.32 -14.33 -0.14
C ASN D 45 20.25 -15.81 0.29
N ASN D 46 19.06 -16.39 0.20
CA ASN D 46 18.84 -17.72 0.75
C ASN D 46 19.55 -18.80 -0.01
N TYR D 47 19.53 -18.66 -1.34
CA TYR D 47 20.00 -19.71 -2.24
C TYR D 47 21.38 -19.41 -2.82
N TRP D 48 22.42 -19.83 -2.10
CA TRP D 48 23.77 -19.82 -2.62
C TRP D 48 23.87 -20.92 -3.67
N GLU D 49 24.90 -20.87 -4.49
CA GLU D 49 25.08 -21.82 -5.60
C GLU D 49 25.57 -23.19 -5.13
N LEU D 50 24.90 -24.24 -5.60
CA LEU D 50 25.23 -25.61 -5.21
C LEU D 50 26.53 -26.06 -5.84
N TRP D 51 27.51 -26.47 -5.01
CA TRP D 51 28.68 -27.19 -5.50
C TRP D 51 28.32 -28.69 -5.61
N GLY D 52 27.78 -29.06 -6.77
CA GLY D 52 27.22 -30.40 -6.97
C GLY D 52 26.05 -30.74 -6.04
N LEU D 53 25.79 -32.03 -5.95
CA LEU D 53 24.76 -32.55 -5.07
C LEU D 53 25.28 -32.61 -3.63
N PRO D 54 24.37 -32.63 -2.65
CA PRO D 54 24.79 -33.02 -1.32
C PRO D 54 25.34 -34.43 -1.28
N LEU D 55 26.27 -34.65 -0.36
CA LEU D 55 26.96 -35.91 -0.25
C LEU D 55 26.17 -36.78 0.72
N PHE D 56 25.20 -37.52 0.18
CA PHE D 56 24.20 -38.27 0.98
C PHE D 56 24.77 -39.61 1.49
N ASP D 57 25.27 -40.42 0.56
CA ASP D 57 25.74 -41.78 0.85
C ASP D 57 27.12 -41.83 1.53
N ILE D 58 27.78 -40.67 1.68
CA ILE D 58 29.22 -40.62 1.99
C ILE D 58 29.54 -40.82 3.49
N LYS D 59 30.53 -41.69 3.73
CA LYS D 59 30.91 -42.17 5.06
C LYS D 59 32.20 -41.55 5.60
N ASP D 60 33.15 -41.22 4.72
CA ASP D 60 34.43 -40.65 5.15
C ASP D 60 34.45 -39.13 5.09
N PRO D 61 34.71 -38.44 6.23
CA PRO D 61 35.01 -37.00 6.28
C PRO D 61 35.96 -36.45 5.22
N ALA D 62 37.04 -37.19 4.94
CA ALA D 62 38.01 -36.80 3.91
C ALA D 62 37.40 -36.56 2.52
N THR D 63 36.34 -37.30 2.14
CA THR D 63 35.62 -37.09 0.85
C THR D 63 35.00 -35.69 0.72
N VAL D 64 34.58 -35.11 1.85
CA VAL D 64 33.88 -33.81 1.92
C VAL D 64 34.87 -32.66 1.89
N MET D 65 36.01 -32.88 2.56
CA MET D 65 37.17 -31.97 2.50
C MET D 65 37.77 -31.96 1.10
N PHE D 66 37.77 -33.12 0.44
CA PHE D 66 38.24 -33.23 -0.96
C PHE D 66 37.35 -32.40 -1.89
N GLU D 67 36.03 -32.42 -1.63
CA GLU D 67 35.08 -31.58 -2.38
C GLU D 67 35.18 -30.11 -2.01
N LEU D 68 35.34 -29.81 -0.74
CA LEU D 68 35.55 -28.42 -0.34
C LEU D 68 36.78 -27.86 -1.04
N ASN D 69 37.80 -28.69 -1.13
CA ASN D 69 39.02 -28.26 -1.75
C ASN D 69 38.83 -28.05 -3.24
N GLU D 70 38.08 -28.95 -3.88
CA GLU D 70 37.78 -28.77 -5.30
C GLU D 70 36.90 -27.54 -5.56
N ALA D 71 35.94 -27.23 -4.67
CA ALA D 71 35.19 -25.95 -4.76
C ALA D 71 36.12 -24.76 -4.67
N ARG D 72 37.06 -24.82 -3.75
CA ARG D 72 38.02 -23.73 -3.59
C ARG D 72 38.88 -23.52 -4.84
N LYS D 73 39.34 -24.61 -5.47
CA LYS D 73 40.15 -24.54 -6.71
C LYS D 73 39.40 -24.02 -7.93
N SER D 74 38.07 -24.08 -7.91
CA SER D 74 37.18 -23.84 -9.07
C SER D 74 36.22 -22.66 -8.98
N CYS D 75 35.87 -22.28 -7.77
CA CYS D 75 35.02 -21.13 -7.56
C CYS D 75 35.79 -19.82 -7.52
N ALA D 76 35.10 -18.77 -7.99
CA ALA D 76 35.63 -17.45 -8.02
C ALA D 76 35.72 -16.91 -6.62
N ALA D 77 36.37 -15.76 -6.49
CA ALA D 77 36.52 -15.12 -5.20
C ALA D 77 35.12 -14.90 -4.54
N GLY D 78 34.94 -15.39 -3.34
CA GLY D 78 33.71 -15.10 -2.61
C GLY D 78 33.60 -15.83 -1.29
N TYR D 79 32.38 -16.28 -0.99
CA TYR D 79 32.11 -17.08 0.18
C TYR D 79 31.82 -18.51 -0.23
N ILE D 80 32.30 -19.44 0.58
CA ILE D 80 31.91 -20.83 0.53
C ILE D 80 31.49 -21.19 1.94
N ARG D 81 30.49 -22.06 2.04
CA ARG D 81 30.00 -22.58 3.32
C ARG D 81 29.74 -24.09 3.25
N ILE D 82 29.87 -24.76 4.37
CA ILE D 82 29.39 -26.13 4.49
C ILE D 82 28.12 -26.16 5.33
N ASN D 83 27.13 -26.90 4.84
CA ASN D 83 25.91 -27.14 5.57
C ASN D 83 25.67 -28.63 5.87
N ALA D 84 25.12 -28.93 7.03
CA ALA D 84 24.67 -30.29 7.36
C ALA D 84 23.12 -30.33 7.31
N PHE D 85 22.58 -31.24 6.51
CA PHE D 85 21.16 -31.41 6.33
C PHE D 85 20.67 -32.67 7.08
N ASP D 86 19.58 -32.53 7.85
CA ASP D 86 19.00 -33.65 8.60
C ASP D 86 17.62 -33.93 8.00
N ALA D 87 17.52 -35.04 7.27
CA ALA D 87 16.23 -35.46 6.65
C ALA D 87 15.25 -36.21 7.57
N SER D 88 15.50 -36.25 8.88
CA SER D 88 14.61 -36.92 9.84
C SER D 88 13.29 -36.17 9.93
N TYR D 89 12.20 -36.93 9.98
CA TYR D 89 10.86 -36.39 10.33
C TYR D 89 10.89 -35.39 11.51
N GLY D 90 10.24 -34.24 11.31
CA GLY D 90 10.24 -33.14 12.27
C GLY D 90 11.51 -32.29 12.28
N VAL D 91 12.46 -32.58 11.40
CA VAL D 91 13.61 -31.69 11.16
C VAL D 91 13.54 -31.28 9.68
N GLU D 92 14.00 -32.17 8.78
CA GLU D 92 13.86 -31.97 7.32
C GLU D 92 14.41 -30.63 6.90
N SER D 93 15.58 -30.31 7.45
CA SER D 93 16.15 -28.98 7.34
C SER D 93 17.63 -29.02 7.52
N CYS D 94 18.22 -27.86 7.29
CA CYS D 94 19.62 -27.65 7.59
C CYS D 94 19.72 -27.65 9.12
N VAL D 95 20.80 -28.22 9.69
CA VAL D 95 21.06 -28.08 11.15
C VAL D 95 22.41 -27.55 11.52
N MET D 96 23.33 -27.41 10.58
CA MET D 96 24.56 -26.71 10.84
C MET D 96 24.98 -25.98 9.58
N SER D 97 25.46 -24.77 9.70
CA SER D 97 25.96 -24.02 8.55
C SER D 97 27.07 -23.08 9.01
N PHE D 98 28.28 -23.26 8.47
CA PHE D 98 29.39 -22.34 8.75
C PHE D 98 30.16 -21.96 7.50
N ILE D 99 30.78 -20.78 7.59
CA ILE D 99 31.60 -20.26 6.52
C ILE D 99 32.95 -20.96 6.60
N THR D 100 33.37 -21.56 5.48
CA THR D 100 34.71 -22.15 5.32
C THR D 100 35.69 -21.24 4.60
N ASN D 101 35.21 -20.32 3.77
CA ASN D 101 36.04 -19.36 3.07
C ASN D 101 35.32 -18.02 2.94
N ARG D 102 36.07 -16.94 3.11
CA ARG D 102 35.58 -15.60 2.93
C ARG D 102 36.63 -14.75 2.19
N PRO D 103 36.19 -13.68 1.52
CA PRO D 103 37.14 -12.86 0.77
C PRO D 103 38.09 -12.09 1.69
N THR D 104 39.25 -11.69 1.19
CA THR D 104 40.26 -11.00 2.03
C THR D 104 39.67 -9.70 2.54
N ASN D 105 38.95 -9.00 1.66
CA ASN D 105 38.31 -7.75 1.98
C ASN D 105 36.82 -7.76 1.61
N GLU D 106 35.95 -7.76 2.63
CA GLU D 106 34.48 -7.53 2.46
C GLU D 106 34.13 -6.08 2.81
N PRO D 107 33.68 -5.29 1.82
CA PRO D 107 33.37 -3.89 2.12
C PRO D 107 32.10 -3.74 2.94
N GLY D 108 31.16 -4.65 2.73
CA GLY D 108 30.01 -4.81 3.60
C GLY D 108 28.79 -4.25 2.92
N PHE D 109 28.00 -3.51 3.71
CA PHE D 109 26.70 -2.97 3.32
C PHE D 109 26.45 -1.55 3.80
N TYR D 110 25.55 -0.84 3.11
CA TYR D 110 24.92 0.36 3.63
C TYR D 110 23.40 0.21 3.70
N LEU D 111 22.80 1.06 4.53
CA LEU D 111 21.38 1.07 4.78
C LEU D 111 20.73 2.15 3.94
N ASP D 112 19.86 1.74 3.02
CA ASP D 112 19.22 2.67 2.12
C ASP D 112 17.84 2.96 2.71
N ARG D 113 17.49 4.24 2.78
CA ARG D 113 16.28 4.70 3.46
C ARG D 113 15.31 5.46 2.53
N THR D 114 14.12 4.87 2.35
CA THR D 114 13.07 5.48 1.60
C THR D 114 11.97 5.89 2.59
N ASP D 115 11.46 7.10 2.42
CA ASP D 115 10.41 7.64 3.28
C ASP D 115 9.11 6.93 2.97
N GLY D 116 8.53 6.28 3.98
CA GLY D 116 7.18 5.73 3.90
C GLY D 116 6.17 6.74 4.44
N PRO D 117 4.92 6.30 4.66
CA PRO D 117 3.97 7.23 5.30
C PRO D 117 4.40 7.62 6.71
N GLY D 118 4.03 8.82 7.12
CA GLY D 118 4.33 9.32 8.44
C GLY D 118 5.82 9.34 8.71
N ARG D 119 6.23 8.54 9.72
CA ARG D 119 7.63 8.40 10.09
C ARG D 119 8.25 7.08 9.67
N GLN D 120 7.47 6.18 9.10
CA GLN D 120 7.97 4.86 8.70
C GLN D 120 8.99 4.96 7.59
N ILE D 121 9.94 4.02 7.63
CA ILE D 121 11.06 4.03 6.69
C ILE D 121 11.04 2.70 6.01
N VAL D 122 11.11 2.75 4.69
CA VAL D 122 11.26 1.55 3.89
C VAL D 122 12.77 1.35 3.80
N TYR D 123 13.26 0.31 4.47
CA TYR D 123 14.69 0.00 4.49
C TYR D 123 15.04 -0.95 3.37
N SER D 124 16.25 -0.77 2.87
CA SER D 124 16.89 -1.71 2.00
C SER D 124 18.38 -1.78 2.36
N ILE D 125 18.85 -3.00 2.59
CA ILE D 125 20.27 -3.27 2.81
C ILE D 125 20.91 -3.49 1.45
N LYS D 126 21.95 -2.71 1.19
CA LYS D 126 22.63 -2.69 -0.10
C LYS D 126 24.10 -3.12 0.02
N SER D 127 24.51 -4.02 -0.87
CA SER D 127 25.88 -4.54 -0.85
C SER D 127 26.85 -3.74 -1.72
N TYR D 128 27.93 -3.21 -1.14
CA TYR D 128 28.94 -2.50 -1.95
C TYR D 128 29.49 -3.33 -3.11
N SER D 129 29.82 -4.59 -2.84
CA SER D 129 30.37 -5.53 -3.85
C SER D 129 29.37 -5.81 -4.94
N VAL D 130 28.15 -6.15 -4.56
CA VAL D 130 27.13 -6.53 -5.55
C VAL D 130 26.68 -5.37 -6.45
N GLN D 131 26.58 -4.16 -5.92
CA GLN D 131 26.21 -3.04 -6.79
C GLN D 131 27.32 -2.67 -7.79
N ALA D 132 28.58 -2.77 -7.40
CA ALA D 132 29.70 -2.45 -8.29
C ALA D 132 29.90 -3.44 -9.48
N ASN D 133 29.70 -4.74 -9.29
CA ASN D 133 30.08 -5.74 -10.31
C ASN D 133 29.15 -6.93 -10.32
N PRO D 134 29.03 -7.63 -11.48
CA PRO D 134 28.21 -8.84 -11.60
C PRO D 134 28.83 -10.11 -11.02
N GLU D 135 28.02 -11.16 -11.04
CA GLU D 135 28.38 -12.44 -10.48
C GLU D 135 29.66 -12.98 -11.09
N GLY D 136 30.66 -13.23 -10.25
CA GLY D 136 31.91 -13.87 -10.64
C GLY D 136 33.07 -12.90 -10.60
N SER D 137 32.83 -11.61 -10.35
CA SER D 137 33.91 -10.63 -10.30
C SER D 137 33.63 -9.47 -9.32
N ARG D 138 33.14 -9.83 -8.13
CA ARG D 138 32.75 -8.87 -7.10
C ARG D 138 33.78 -8.68 -5.95
N TYR D 139 34.72 -9.60 -5.90
CA TYR D 139 35.85 -9.53 -4.96
C TYR D 139 37.13 -9.95 -5.69
N GLN E 3 -69.19 -35.18 -10.84
CA GLN E 3 -69.36 -34.70 -9.43
C GLN E 3 -68.36 -33.57 -9.10
N SER E 4 -67.34 -33.79 -8.26
CA SER E 4 -66.58 -32.68 -7.62
C SER E 4 -65.74 -31.85 -8.59
N VAL E 5 -65.41 -30.61 -8.20
CA VAL E 5 -64.75 -29.68 -9.13
C VAL E 5 -63.42 -30.17 -9.69
N SER E 6 -62.56 -30.75 -8.85
CA SER E 6 -61.30 -31.39 -9.29
C SER E 6 -61.54 -32.33 -10.46
N GLU E 7 -62.62 -33.10 -10.39
CA GLU E 7 -62.99 -34.08 -11.42
C GLU E 7 -63.56 -33.50 -12.71
N ARG E 8 -64.34 -32.43 -12.61
CA ARG E 8 -64.94 -31.78 -13.78
C ARG E 8 -63.89 -31.04 -14.60
N THR E 9 -62.81 -30.59 -13.94
CA THR E 9 -61.77 -29.77 -14.56
C THR E 9 -60.49 -30.58 -14.87
N ARG E 10 -60.50 -31.91 -14.68
CA ARG E 10 -59.41 -32.81 -15.16
C ARG E 10 -59.07 -32.52 -16.61
N ILE E 11 -57.80 -32.60 -16.96
CA ILE E 11 -57.40 -32.45 -18.34
C ILE E 11 -57.62 -33.81 -19.01
N LYS E 12 -58.35 -33.77 -20.14
CA LYS E 12 -58.73 -34.96 -20.91
C LYS E 12 -58.04 -35.11 -22.29
N SER E 13 -57.18 -34.17 -22.69
CA SER E 13 -56.43 -34.28 -23.96
C SER E 13 -55.47 -35.48 -23.91
N ASP E 14 -55.11 -36.01 -25.09
CA ASP E 14 -54.16 -37.15 -25.19
C ASP E 14 -52.79 -36.88 -24.49
N ARG E 15 -52.34 -35.61 -24.54
CA ARG E 15 -51.01 -35.21 -24.10
C ARG E 15 -50.93 -34.83 -22.62
N TYR E 16 -51.99 -34.22 -22.09
CA TYR E 16 -51.94 -33.70 -20.71
C TYR E 16 -52.97 -34.34 -19.76
N GLU E 17 -53.71 -35.33 -20.24
CA GLU E 17 -54.35 -36.30 -19.35
C GLU E 17 -53.26 -36.86 -18.47
N SER E 18 -53.60 -37.20 -17.23
CA SER E 18 -52.62 -37.79 -16.33
C SER E 18 -52.14 -39.17 -16.81
N GLY E 19 -50.93 -39.52 -16.39
CA GLY E 19 -50.33 -40.80 -16.74
C GLY E 19 -49.05 -40.71 -17.57
N VAL E 20 -48.35 -41.84 -17.61
CA VAL E 20 -47.07 -41.97 -18.26
C VAL E 20 -47.29 -42.18 -19.72
N ILE E 21 -46.71 -41.31 -20.54
CA ILE E 21 -46.54 -41.60 -21.97
C ILE E 21 -45.04 -41.57 -22.30
N PRO E 22 -44.61 -42.26 -23.39
CA PRO E 22 -43.15 -42.24 -23.71
C PRO E 22 -42.60 -40.83 -24.05
N TYR E 23 -41.33 -40.62 -23.71
CA TYR E 23 -40.68 -39.33 -23.89
C TYR E 23 -40.74 -38.90 -25.36
N ALA E 24 -40.66 -39.84 -26.31
CA ALA E 24 -40.80 -39.51 -27.76
C ALA E 24 -42.18 -38.90 -28.14
N LYS E 25 -43.23 -39.42 -27.51
CA LYS E 25 -44.59 -38.87 -27.71
C LYS E 25 -44.91 -37.64 -26.86
N MET E 26 -43.93 -37.16 -26.07
CA MET E 26 -44.03 -35.89 -25.32
C MET E 26 -43.39 -34.69 -26.08
N GLY E 27 -43.03 -34.88 -27.35
CA GLY E 27 -42.50 -33.80 -28.19
C GLY E 27 -41.03 -33.48 -27.90
N TYR E 28 -40.29 -34.45 -27.33
CA TYR E 28 -38.83 -34.34 -27.19
C TYR E 28 -38.05 -35.02 -28.31
N TRP E 29 -38.75 -35.47 -29.35
CA TRP E 29 -38.15 -36.09 -30.54
C TRP E 29 -38.68 -35.41 -31.81
N ASP E 30 -37.82 -35.05 -32.73
CA ASP E 30 -38.27 -34.53 -34.02
C ASP E 30 -37.20 -34.79 -35.07
N ALA E 31 -37.46 -35.73 -35.97
CA ALA E 31 -36.49 -36.16 -37.01
C ALA E 31 -36.11 -35.06 -38.01
N SER E 32 -36.95 -34.03 -38.10
CA SER E 32 -36.72 -32.89 -38.99
C SER E 32 -36.83 -31.54 -38.26
N TYR E 33 -36.32 -31.46 -37.03
CA TYR E 33 -36.06 -30.16 -36.41
C TYR E 33 -34.93 -29.49 -37.20
N THR E 34 -35.05 -28.19 -37.43
CA THR E 34 -33.96 -27.42 -38.02
C THR E 34 -33.31 -26.63 -36.88
N VAL E 35 -32.03 -26.88 -36.69
CA VAL E 35 -31.24 -26.23 -35.66
C VAL E 35 -31.12 -24.73 -35.94
N LYS E 36 -31.19 -23.95 -34.87
CA LYS E 36 -30.99 -22.50 -34.95
C LYS E 36 -29.56 -22.23 -34.52
N ASP E 37 -29.04 -21.09 -34.95
CA ASP E 37 -27.69 -20.67 -34.58
C ASP E 37 -27.56 -20.32 -33.09
N THR E 38 -28.68 -20.17 -32.38
CA THR E 38 -28.66 -19.92 -30.95
C THR E 38 -28.87 -21.18 -30.07
N ASP E 39 -29.05 -22.35 -30.67
CA ASP E 39 -29.22 -23.59 -29.91
C ASP E 39 -27.90 -24.10 -29.31
N VAL E 40 -28.00 -24.59 -28.08
CA VAL E 40 -27.02 -25.46 -27.47
C VAL E 40 -27.29 -26.84 -28.05
N LEU E 41 -26.27 -27.44 -28.65
CA LEU E 41 -26.37 -28.77 -29.22
C LEU E 41 -25.53 -29.68 -28.35
N ALA E 42 -25.99 -30.91 -28.14
CA ALA E 42 -25.19 -31.90 -27.42
C ALA E 42 -25.20 -33.20 -28.18
N LEU E 43 -24.05 -33.86 -28.29
CA LEU E 43 -23.97 -35.19 -28.88
C LEU E 43 -23.73 -36.14 -27.76
N PHE E 44 -24.57 -37.15 -27.68
CA PHE E 44 -24.50 -38.16 -26.66
C PHE E 44 -24.20 -39.48 -27.34
N ARG E 45 -23.44 -40.34 -26.66
CA ARG E 45 -23.26 -41.74 -27.01
C ARG E 45 -24.13 -42.58 -26.08
N ILE E 46 -25.23 -43.13 -26.59
CA ILE E 46 -26.24 -43.78 -25.73
C ILE E 46 -26.23 -45.30 -25.95
N THR E 47 -26.00 -46.06 -24.88
CA THR E 47 -26.17 -47.50 -24.89
C THR E 47 -27.53 -47.80 -24.22
N PRO E 48 -28.58 -47.99 -25.05
CA PRO E 48 -29.88 -48.30 -24.44
C PRO E 48 -29.86 -49.68 -23.79
N GLN E 49 -30.64 -49.86 -22.72
CA GLN E 49 -30.88 -51.21 -22.14
C GLN E 49 -31.53 -52.17 -23.17
N PRO E 50 -31.22 -53.49 -23.08
CA PRO E 50 -31.96 -54.49 -23.88
C PRO E 50 -33.44 -54.18 -23.98
N GLY E 51 -33.98 -54.13 -25.21
CA GLY E 51 -35.40 -53.89 -25.43
C GLY E 51 -35.92 -52.44 -25.42
N VAL E 52 -35.10 -51.48 -25.00
CA VAL E 52 -35.47 -50.04 -25.07
C VAL E 52 -35.14 -49.55 -26.46
N ASP E 53 -36.08 -48.80 -27.04
CA ASP E 53 -35.94 -48.28 -28.39
C ASP E 53 -34.85 -47.19 -28.45
N PRO E 54 -34.02 -47.17 -29.52
CA PRO E 54 -32.97 -46.12 -29.60
C PRO E 54 -33.48 -44.67 -29.66
N VAL E 55 -34.62 -44.45 -30.31
CA VAL E 55 -35.24 -43.12 -30.36
C VAL E 55 -35.80 -42.76 -28.97
N GLU E 56 -36.47 -43.72 -28.33
CA GLU E 56 -37.01 -43.49 -26.99
C GLU E 56 -35.91 -43.03 -26.02
N ALA E 57 -34.82 -43.77 -25.94
CA ALA E 57 -33.74 -43.41 -25.03
C ALA E 57 -33.16 -42.03 -25.38
N ALA E 58 -33.07 -41.69 -26.67
CA ALA E 58 -32.57 -40.35 -27.10
C ALA E 58 -33.53 -39.23 -26.66
N ALA E 59 -34.83 -39.46 -26.87
CA ALA E 59 -35.88 -38.56 -26.38
C ALA E 59 -35.96 -38.47 -24.88
N ALA E 60 -35.75 -39.59 -24.19
CA ALA E 60 -35.71 -39.59 -22.73
C ALA E 60 -34.63 -38.68 -22.23
N VAL E 61 -33.45 -38.81 -22.82
CA VAL E 61 -32.31 -37.98 -22.46
C VAL E 61 -32.59 -36.51 -22.75
N ALA E 62 -33.16 -36.21 -23.92
CA ALA E 62 -33.61 -34.83 -24.24
C ALA E 62 -34.51 -34.26 -23.14
N GLY E 63 -35.57 -35.01 -22.83
CA GLY E 63 -36.60 -34.56 -21.93
C GLY E 63 -36.21 -34.37 -20.49
N GLU E 64 -35.50 -35.34 -19.94
CA GLU E 64 -35.04 -35.22 -18.56
C GLU E 64 -33.87 -34.24 -18.42
N SER E 65 -33.27 -33.76 -19.51
CA SER E 65 -32.27 -32.72 -19.44
C SER E 65 -32.86 -31.35 -19.78
N SER E 66 -34.17 -31.26 -20.06
CA SER E 66 -34.83 -29.99 -20.32
C SER E 66 -36.05 -29.75 -19.42
N THR E 67 -37.20 -30.34 -19.76
CA THR E 67 -38.44 -30.02 -19.04
C THR E 67 -39.24 -31.19 -18.53
N ALA E 68 -38.97 -32.40 -19.03
CA ALA E 68 -39.83 -33.53 -18.78
C ALA E 68 -39.72 -34.09 -17.36
N THR E 69 -40.69 -34.92 -17.01
CA THR E 69 -40.47 -35.95 -16.03
C THR E 69 -41.18 -37.24 -16.49
N TRP E 70 -41.20 -38.21 -15.59
CA TRP E 70 -41.64 -39.58 -15.90
C TRP E 70 -43.12 -39.73 -16.16
N THR E 71 -43.91 -38.77 -15.72
CA THR E 71 -45.36 -38.76 -15.93
C THR E 71 -45.77 -37.33 -16.29
N VAL E 72 -46.98 -37.22 -16.82
CA VAL E 72 -47.43 -36.01 -17.47
C VAL E 72 -47.88 -35.05 -16.39
N VAL E 73 -47.54 -33.77 -16.55
CA VAL E 73 -47.92 -32.69 -15.62
C VAL E 73 -48.68 -31.54 -16.33
N TRP E 74 -49.84 -31.20 -15.78
CA TRP E 74 -50.66 -30.11 -16.31
C TRP E 74 -49.96 -28.74 -16.30
N THR E 75 -49.03 -28.57 -15.35
CA THR E 75 -48.22 -27.38 -15.20
C THR E 75 -47.37 -27.03 -16.42
N ASP E 76 -47.06 -27.97 -17.30
CA ASP E 76 -46.47 -27.60 -18.60
C ASP E 76 -47.20 -26.40 -19.23
N LEU E 77 -48.54 -26.45 -19.17
CA LEU E 77 -49.44 -25.49 -19.86
C LEU E 77 -49.48 -24.09 -19.26
N LEU E 78 -48.83 -23.89 -18.11
CA LEU E 78 -48.55 -22.51 -17.62
C LEU E 78 -47.33 -21.88 -18.31
N THR E 79 -46.62 -22.64 -19.15
CA THR E 79 -45.42 -22.19 -19.83
C THR E 79 -45.60 -22.31 -21.34
N ALA E 80 -44.69 -21.70 -22.08
CA ALA E 80 -44.54 -21.93 -23.51
C ALA E 80 -43.75 -23.23 -23.69
N CYS E 81 -44.44 -24.34 -23.52
CA CYS E 81 -43.77 -25.63 -23.39
C CYS E 81 -43.21 -26.19 -24.71
N GLU E 82 -43.75 -25.75 -25.85
CA GLU E 82 -43.22 -26.14 -27.17
C GLU E 82 -41.78 -25.66 -27.23
N ARG E 83 -41.61 -24.42 -26.79
CA ARG E 83 -40.36 -23.68 -26.88
C ARG E 83 -39.24 -24.24 -25.99
N TYR E 84 -39.57 -24.67 -24.78
CA TYR E 84 -38.56 -25.06 -23.78
C TYR E 84 -38.07 -26.50 -23.95
N ARG E 85 -38.90 -27.35 -24.54
CA ARG E 85 -38.56 -28.75 -24.78
C ARG E 85 -37.36 -28.91 -25.68
N ALA E 86 -36.37 -29.69 -25.22
CA ALA E 86 -35.24 -30.06 -26.05
C ALA E 86 -35.70 -31.07 -27.11
N LYS E 87 -35.02 -31.11 -28.24
CA LYS E 87 -35.32 -32.04 -29.31
C LYS E 87 -34.13 -32.94 -29.54
N ALA E 88 -34.29 -34.24 -29.34
CA ALA E 88 -33.42 -35.22 -29.97
C ALA E 88 -33.84 -35.17 -31.42
N TYR E 89 -32.88 -34.89 -32.29
CA TYR E 89 -33.21 -34.59 -33.69
C TYR E 89 -32.47 -35.45 -34.75
N ARG E 90 -31.56 -36.31 -34.28
CA ARG E 90 -30.81 -37.23 -35.12
C ARG E 90 -30.19 -38.34 -34.31
N VAL E 91 -30.28 -39.56 -34.82
CA VAL E 91 -29.70 -40.73 -34.19
C VAL E 91 -29.13 -41.59 -35.30
N ASP E 92 -27.81 -41.70 -35.30
CA ASP E 92 -27.07 -42.65 -36.13
C ASP E 92 -26.56 -43.76 -35.23
N PRO E 93 -26.37 -44.96 -35.78
CA PRO E 93 -25.67 -45.97 -34.97
C PRO E 93 -24.17 -45.67 -34.94
N VAL E 94 -23.53 -45.97 -33.81
CA VAL E 94 -22.07 -45.84 -33.68
C VAL E 94 -21.38 -46.88 -34.59
N PRO E 95 -20.41 -46.43 -35.43
CA PRO E 95 -19.64 -47.35 -36.30
C PRO E 95 -19.24 -48.67 -35.63
N ASN E 96 -19.60 -49.78 -36.26
CA ASN E 96 -19.14 -51.12 -35.83
C ASN E 96 -19.69 -51.49 -34.46
N SER E 97 -21.02 -51.49 -34.39
CA SER E 97 -21.81 -51.76 -33.18
C SER E 97 -23.27 -51.45 -33.52
N ALA E 98 -24.18 -52.35 -33.12
CA ALA E 98 -25.65 -52.15 -33.35
C ALA E 98 -26.42 -52.08 -32.03
N ASP E 99 -25.71 -51.69 -30.96
CA ASP E 99 -26.34 -51.45 -29.66
C ASP E 99 -25.84 -50.17 -28.99
N VAL E 100 -25.09 -49.36 -29.74
CA VAL E 100 -24.64 -48.04 -29.27
C VAL E 100 -24.96 -47.04 -30.38
N PHE E 101 -25.45 -45.87 -29.95
CA PHE E 101 -26.00 -44.84 -30.83
C PHE E 101 -25.40 -43.47 -30.53
N PHE E 102 -25.19 -42.69 -31.59
CA PHE E 102 -24.91 -41.26 -31.46
C PHE E 102 -26.24 -40.54 -31.50
N ALA E 103 -26.55 -39.77 -30.45
CA ALA E 103 -27.79 -39.01 -30.39
C ALA E 103 -27.49 -37.50 -30.30
N PHE E 104 -27.98 -36.75 -31.29
CA PHE E 104 -27.88 -35.28 -31.32
C PHE E 104 -29.14 -34.68 -30.71
N ILE E 105 -28.94 -33.76 -29.77
CA ILE E 105 -30.00 -33.10 -29.04
C ILE E 105 -29.74 -31.61 -29.07
N ALA E 106 -30.80 -30.84 -29.31
CA ALA E 106 -30.78 -29.38 -29.37
C ALA E 106 -31.57 -28.74 -28.21
N TYR E 107 -30.95 -27.84 -27.48
CA TYR E 107 -31.60 -27.14 -26.38
C TYR E 107 -31.75 -25.69 -26.75
N GLU E 108 -32.92 -25.11 -26.46
CA GLU E 108 -33.20 -23.68 -26.66
C GLU E 108 -32.32 -22.82 -25.75
N CYS E 109 -31.78 -21.74 -26.33
CA CYS E 109 -30.87 -20.79 -25.64
C CYS E 109 -31.37 -20.34 -24.28
N ASP E 110 -32.64 -19.95 -24.21
CA ASP E 110 -33.23 -19.42 -22.97
C ASP E 110 -33.25 -20.39 -21.80
N LEU E 111 -33.00 -21.67 -22.03
CA LEU E 111 -32.94 -22.63 -20.93
C LEU E 111 -31.81 -22.38 -19.96
N PHE E 112 -30.79 -21.61 -20.35
CA PHE E 112 -29.50 -21.58 -19.62
C PHE E 112 -29.20 -20.26 -18.98
N GLU E 113 -28.74 -20.28 -17.73
CA GLU E 113 -28.35 -19.06 -17.06
C GLU E 113 -27.09 -18.52 -17.77
N GLU E 114 -27.12 -17.23 -18.06
CA GLU E 114 -26.06 -16.56 -18.76
C GLU E 114 -24.82 -16.69 -17.90
N ALA E 115 -23.68 -17.00 -18.52
CA ALA E 115 -22.37 -17.02 -17.87
C ALA E 115 -22.19 -18.09 -16.79
N SER E 116 -23.09 -19.10 -16.76
CA SER E 116 -23.05 -20.14 -15.70
C SER E 116 -22.83 -21.53 -16.25
N LEU E 117 -21.58 -21.99 -16.16
CA LEU E 117 -21.24 -23.36 -16.45
C LEU E 117 -21.95 -24.29 -15.46
N ALA E 118 -22.11 -23.85 -14.22
CA ALA E 118 -22.90 -24.59 -13.25
C ALA E 118 -24.30 -24.91 -13.76
N ASN E 119 -24.96 -23.94 -14.39
CA ASN E 119 -26.29 -24.16 -14.93
C ASN E 119 -26.30 -24.98 -16.21
N LEU E 120 -25.32 -24.74 -17.08
CA LEU E 120 -25.20 -25.53 -18.31
C LEU E 120 -25.06 -27.01 -17.96
N THR E 121 -24.14 -27.30 -17.07
CA THR E 121 -23.91 -28.67 -16.65
C THR E 121 -25.07 -29.25 -15.84
N ALA E 122 -25.74 -28.43 -15.02
CA ALA E 122 -26.89 -28.91 -14.23
C ALA E 122 -27.97 -29.56 -15.13
N SER E 123 -28.26 -28.91 -16.25
CA SER E 123 -29.17 -29.48 -17.25
C SER E 123 -28.57 -30.69 -17.96
N ILE E 124 -27.35 -30.54 -18.46
CA ILE E 124 -26.81 -31.45 -19.49
C ILE E 124 -26.27 -32.76 -18.92
N ILE E 125 -25.64 -32.70 -17.73
CA ILE E 125 -25.14 -33.89 -17.03
C ILE E 125 -25.82 -34.21 -15.70
N GLY E 126 -26.88 -33.47 -15.36
CA GLY E 126 -27.41 -33.46 -14.01
C GLY E 126 -27.84 -34.83 -13.53
N ASN E 127 -28.82 -35.38 -14.22
CA ASN E 127 -29.50 -36.63 -13.87
C ASN E 127 -29.29 -37.78 -14.86
N VAL E 128 -29.28 -37.46 -16.16
CA VAL E 128 -29.47 -38.45 -17.25
C VAL E 128 -28.48 -39.60 -17.33
N PHE E 129 -27.31 -39.45 -16.73
CA PHE E 129 -26.29 -40.48 -16.81
C PHE E 129 -26.63 -41.63 -15.85
N GLY E 130 -27.41 -41.34 -14.81
CA GLY E 130 -27.88 -42.36 -13.88
C GLY E 130 -29.25 -42.97 -14.19
N PHE E 131 -29.81 -42.70 -15.36
CA PHE E 131 -31.14 -43.21 -15.73
C PHE E 131 -31.11 -44.72 -15.92
N LYS E 132 -32.14 -45.41 -15.41
CA LYS E 132 -32.23 -46.88 -15.59
C LYS E 132 -32.36 -47.36 -17.05
N ALA E 133 -33.26 -46.76 -17.84
CA ALA E 133 -33.48 -47.18 -19.25
C ALA E 133 -32.23 -47.17 -20.17
N VAL E 134 -31.12 -46.65 -19.69
CA VAL E 134 -29.89 -46.44 -20.44
C VAL E 134 -28.80 -47.17 -19.63
N SER E 135 -28.07 -48.12 -20.25
CA SER E 135 -27.02 -48.88 -19.52
C SER E 135 -25.69 -48.09 -19.45
N ALA E 136 -25.44 -47.29 -20.47
CA ALA E 136 -24.34 -46.34 -20.47
C ALA E 136 -24.67 -45.08 -21.27
N LEU E 137 -23.93 -44.01 -21.00
CA LEU E 137 -24.15 -42.68 -21.57
C LEU E 137 -22.87 -41.84 -21.49
N ARG E 138 -22.43 -41.30 -22.63
CA ARG E 138 -21.27 -40.42 -22.69
C ARG E 138 -21.58 -39.15 -23.46
N LEU E 139 -21.35 -37.99 -22.84
CA LEU E 139 -21.40 -36.71 -23.54
C LEU E 139 -20.13 -36.58 -24.36
N GLU E 140 -20.24 -36.69 -25.68
CA GLU E 140 -19.07 -36.66 -26.59
C GLU E 140 -18.63 -35.24 -27.03
N ASP E 141 -19.59 -34.38 -27.37
CA ASP E 141 -19.31 -33.04 -27.85
C ASP E 141 -20.52 -32.14 -27.57
N MET E 142 -20.32 -30.85 -27.72
CA MET E 142 -21.36 -29.86 -27.62
C MET E 142 -21.09 -28.71 -28.58
N ARG E 143 -22.16 -28.12 -29.13
CA ARG E 143 -22.09 -26.88 -29.90
C ARG E 143 -22.59 -25.75 -29.02
N ILE E 144 -21.64 -25.05 -28.40
CA ILE E 144 -21.96 -23.84 -27.64
C ILE E 144 -22.15 -22.69 -28.66
N PRO E 145 -23.36 -22.12 -28.71
CA PRO E 145 -23.67 -21.10 -29.72
C PRO E 145 -23.04 -19.75 -29.37
N HIS E 146 -22.68 -18.99 -30.38
CA HIS E 146 -22.05 -17.70 -30.22
C HIS E 146 -22.67 -16.87 -29.09
N SER E 147 -24.01 -16.83 -29.08
CA SER E 147 -24.80 -16.01 -28.18
C SER E 147 -24.65 -16.34 -26.72
N TYR E 148 -24.47 -17.64 -26.44
CA TYR E 148 -24.20 -18.08 -25.08
C TYR E 148 -22.75 -17.76 -24.73
N LEU E 149 -21.83 -18.00 -25.68
CA LEU E 149 -20.41 -17.73 -25.51
C LEU E 149 -20.08 -16.29 -25.18
NZ LOH E 150 -17.48 -10.50 -27.84
CE LOH E 150 -18.27 -11.49 -28.60
CD LOH E 150 -19.00 -12.45 -27.64
CG LOH E 150 -20.49 -12.76 -27.85
CB LOH E 150 -21.23 -12.95 -26.50
CA LOH E 150 -20.60 -13.94 -25.48
N LOH E 150 -20.87 -15.37 -25.72
C LOH E 150 -20.93 -13.52 -24.05
O LOH E 150 -20.57 -12.42 -23.66
OH1 LOH E 150 -22.57 -13.29 -26.83
OH2 LOH E 150 -21.19 -11.70 -28.54
N THR E 151 -21.62 -14.36 -23.27
CA THR E 151 -21.94 -14.09 -21.87
C THR E 151 -20.79 -14.50 -20.95
N PHE E 152 -19.84 -15.25 -21.50
CA PHE E 152 -18.69 -15.74 -20.76
C PHE E 152 -17.45 -14.88 -21.06
N GLN E 153 -16.50 -14.92 -20.11
CA GLN E 153 -15.26 -14.18 -20.23
C GLN E 153 -14.27 -14.82 -21.21
N GLY E 154 -14.25 -16.15 -21.26
CA GLY E 154 -13.15 -16.86 -21.92
C GLY E 154 -11.85 -16.64 -21.15
N HYP E 155 -10.73 -17.16 -21.65
CA HYP E 155 -9.48 -17.04 -20.90
C HYP E 155 -9.23 -15.64 -20.36
O HYP E 155 -9.49 -14.64 -21.04
CB HYP E 155 -8.36 -17.53 -21.80
CG HYP E 155 -9.12 -18.50 -22.69
CD HYP E 155 -10.48 -17.82 -22.90
OD1 HYP E 155 -9.52 -19.69 -22.02
N ALA E 156 -8.76 -15.61 -19.17
CA ALA E 156 -8.41 -14.38 -18.43
C ALA E 156 -7.32 -13.58 -19.20
N THR E 157 -6.26 -14.28 -19.53
CA THR E 157 -5.13 -13.74 -20.25
C THR E 157 -5.13 -14.26 -21.69
N GLY E 158 -5.03 -15.57 -21.83
CA GLY E 158 -5.08 -16.21 -23.13
C GLY E 158 -3.71 -16.30 -23.75
N ILE E 159 -3.61 -17.17 -24.75
CA ILE E 159 -2.34 -17.51 -25.35
C ILE E 159 -1.59 -16.27 -25.80
N ILE E 160 -2.27 -15.40 -26.54
CA ILE E 160 -1.61 -14.22 -27.13
C ILE E 160 -1.01 -13.26 -26.08
N VAL E 161 -1.79 -12.90 -25.09
CA VAL E 161 -1.33 -11.93 -24.08
C VAL E 161 -0.32 -12.56 -23.13
N GLU E 162 -0.44 -13.87 -22.91
CA GLU E 162 0.49 -14.61 -22.08
C GLU E 162 1.90 -14.53 -22.62
N ARG E 163 2.05 -14.83 -23.89
CA ARG E 163 3.34 -14.73 -24.56
C ARG E 163 3.89 -13.31 -24.51
N GLU E 164 3.01 -12.30 -24.59
CA GLU E 164 3.42 -10.91 -24.50
C GLU E 164 3.95 -10.52 -23.11
N ARG E 165 3.28 -10.96 -22.06
CA ARG E 165 3.75 -10.76 -20.69
C ARG E 165 5.04 -11.51 -20.41
N LEU E 166 5.25 -12.63 -21.09
CA LEU E 166 6.46 -13.43 -20.96
C LEU E 166 7.62 -12.96 -21.84
N ASN E 167 7.31 -12.21 -22.89
CA ASN E 167 8.26 -11.88 -23.96
C ASN E 167 8.91 -13.12 -24.65
N LYS E 168 8.11 -14.14 -24.92
CA LYS E 168 8.59 -15.40 -25.47
C LYS E 168 7.70 -15.83 -26.61
N TYR E 169 8.21 -15.70 -27.82
CA TYR E 169 7.53 -16.11 -29.05
C TYR E 169 8.42 -16.91 -29.96
N GLY E 170 7.94 -18.08 -30.39
CA GLY E 170 8.58 -18.81 -31.49
C GLY E 170 8.77 -20.28 -31.25
N THR E 171 8.84 -20.63 -29.97
CA THR E 171 9.01 -22.01 -29.56
C THR E 171 7.97 -22.32 -28.50
N PRO E 172 7.54 -23.59 -28.41
CA PRO E 172 6.72 -23.95 -27.28
C PRO E 172 7.39 -23.52 -26.00
N LEU E 173 6.58 -23.22 -25.01
CA LEU E 173 7.05 -22.83 -23.68
C LEU E 173 7.38 -24.09 -22.89
N HLU E 174 8.04 -23.91 -21.76
CA HLU E 174 8.73 -24.99 -21.08
CB HLU E 174 10.18 -24.67 -21.46
CG HLU E 174 10.93 -25.66 -22.38
CD1 HLU E 174 12.42 -25.76 -22.08
CD2 HLU E 174 10.34 -27.07 -22.48
C HLU E 174 8.45 -24.96 -19.59
O HLU E 174 8.41 -23.88 -18.99
OH HLU E 174 10.82 -24.24 -20.25
N GLY E 175 8.23 -26.14 -19.00
CA GLY E 175 7.98 -26.22 -17.56
C GLY E 175 8.39 -27.52 -16.91
N ALA E 176 8.26 -27.58 -15.59
CA ALA E 176 8.51 -28.80 -14.83
C ALA E 176 7.73 -28.77 -13.54
N THR E 177 7.16 -29.93 -13.17
CA THR E 177 6.54 -30.08 -11.86
C THR E 177 7.66 -30.39 -10.86
N VAL E 178 7.65 -29.69 -9.72
CA VAL E 178 8.58 -29.93 -8.63
C VAL E 178 8.28 -31.29 -8.02
N LYS E 179 9.34 -31.99 -7.58
CA LYS E 179 9.29 -33.39 -7.10
C LYS E 179 10.29 -33.60 -5.97
N PRO E 180 10.02 -34.45 -4.96
CA PRO E 180 8.85 -35.29 -4.88
C PRO E 180 7.54 -34.50 -4.72
N LYS E 181 6.44 -35.18 -5.06
CA LYS E 181 5.15 -34.56 -5.14
C LYS E 181 4.89 -33.84 -3.82
N LEU E 182 4.95 -34.61 -2.72
CA LEU E 182 4.78 -34.17 -1.34
C LEU E 182 6.07 -34.37 -0.49
N GLY E 183 6.23 -33.54 0.55
CA GLY E 183 7.25 -33.73 1.60
C GLY E 183 8.28 -32.63 1.71
N LEU E 184 8.54 -31.96 0.58
CA LEU E 184 9.47 -30.83 0.53
C LEU E 184 9.02 -29.63 1.38
N SER E 185 9.97 -29.05 2.13
CA SER E 185 9.75 -27.78 2.83
C SER E 185 9.70 -26.63 1.83
N GLY E 186 9.02 -25.54 2.18
CA GLY E 186 9.02 -24.34 1.33
C GLY E 186 10.39 -23.86 0.86
N LYS E 187 11.38 -24.00 1.75
CA LYS E 187 12.78 -23.65 1.53
C LYS E 187 13.33 -24.41 0.32
N ASN E 188 13.14 -25.72 0.38
CA ASN E 188 13.68 -26.62 -0.63
C ASN E 188 12.89 -26.51 -1.95
N TYR E 189 11.62 -26.15 -1.83
CA TYR E 189 10.78 -25.87 -2.98
C TYR E 189 11.35 -24.69 -3.72
N GLY E 190 11.73 -23.65 -2.97
CA GLY E 190 12.31 -22.45 -3.57
C GLY E 190 13.64 -22.74 -4.21
N ARG E 191 14.36 -23.72 -3.67
CA ARG E 191 15.61 -24.21 -4.25
C ARG E 191 15.38 -24.86 -5.58
N VAL E 192 14.41 -25.77 -5.64
CA VAL E 192 14.17 -26.53 -6.88
C VAL E 192 13.74 -25.55 -7.97
N VAL E 193 12.85 -24.62 -7.62
CA VAL E 193 12.35 -23.60 -8.56
C VAL E 193 13.48 -22.70 -9.12
N TYR E 194 14.40 -22.28 -8.26
CA TYR E 194 15.52 -21.45 -8.68
C TYR E 194 16.39 -22.23 -9.65
N GLU E 195 16.75 -23.45 -9.26
CA GLU E 195 17.65 -24.28 -10.07
C GLU E 195 17.09 -24.53 -11.46
N GLY E 196 15.81 -24.90 -11.53
CA GLY E 196 15.17 -25.29 -12.78
C GLY E 196 14.97 -24.13 -13.72
N LEU E 197 14.51 -23.03 -13.14
CA LEU E 197 14.35 -21.80 -13.90
C LEU E 197 15.71 -21.27 -14.39
N LYO E 198 16.69 -21.24 -13.50
CA LYO E 198 18.04 -20.80 -13.91
C LYO E 198 18.64 -21.66 -15.02
O LYO E 198 19.37 -21.15 -15.83
CB LYO E 198 18.98 -20.74 -12.70
CG LYO E 198 20.39 -20.29 -13.09
OG LYO E 198 20.32 -19.08 -13.90
CD LYO E 198 21.20 -20.07 -11.82
CE LYO E 198 22.66 -19.75 -12.13
NZ LYO E 198 23.07 -18.68 -11.24
N GLY E 199 18.32 -22.95 -15.06
CA GLY E 199 18.83 -23.85 -16.09
C GLY E 199 18.15 -23.76 -17.45
N GLY E 200 17.07 -22.98 -17.56
CA GLY E 200 16.41 -22.76 -18.83
C GLY E 200 14.90 -22.84 -18.85
N LEU E 201 14.27 -23.36 -17.80
CA LEU E 201 12.80 -23.52 -17.81
C LEU E 201 12.10 -22.16 -17.68
N ASP E 202 10.97 -22.00 -18.39
CA ASP E 202 10.17 -20.78 -18.26
C ASP E 202 9.37 -20.80 -16.95
N PHE E 203 9.00 -22.01 -16.54
CA PHE E 203 8.11 -22.23 -15.42
C PHE E 203 8.51 -23.44 -14.59
N LEU E 204 8.13 -23.44 -13.32
CA LEU E 204 7.96 -24.68 -12.59
C LEU E 204 6.58 -24.61 -12.01
N KCX E 205 6.12 -25.70 -11.40
CA KCX E 205 4.81 -25.70 -10.79
CB KCX E 205 3.74 -26.18 -11.76
CG KCX E 205 3.81 -27.65 -12.13
CD KCX E 205 2.74 -27.97 -13.16
CE KCX E 205 1.35 -28.16 -12.57
NZ KCX E 205 1.29 -29.17 -11.56
C KCX E 205 4.81 -26.49 -9.56
O KCX E 205 5.61 -27.40 -9.40
CX KCX E 205 1.17 -30.43 -11.89
OQ1 KCX E 205 1.11 -31.36 -10.95
OQ2 KCX E 205 1.10 -30.80 -13.06
N ASP E 206 3.89 -26.12 -8.66
CA ASP E 206 3.53 -26.96 -7.53
C ASP E 206 2.86 -28.21 -8.10
N ASP E 207 3.03 -29.35 -7.44
CA ASP E 207 2.20 -30.49 -7.75
C ASP E 207 0.74 -30.21 -7.40
N GLU E 208 -0.18 -30.84 -8.13
CA GLU E 208 -1.64 -30.67 -7.91
C GLU E 208 -2.05 -30.82 -6.47
N ASN E 209 -1.41 -31.75 -5.78
CA ASN E 209 -1.69 -32.00 -4.38
C ASN E 209 -0.81 -31.25 -3.38
N ILE E 210 -0.02 -30.27 -3.82
CA ILE E 210 0.72 -29.41 -2.92
C ILE E 210 -0.14 -28.17 -2.72
N ASN E 211 -0.76 -28.07 -1.54
CA ASN E 211 -1.57 -26.94 -1.16
C ASN E 211 -0.96 -26.30 0.09
N SER E 212 -1.22 -26.89 1.25
CA SER E 212 -0.67 -26.45 2.53
C SER E 212 -0.83 -27.61 3.53
N GLN E 213 0.29 -28.11 4.01
CA GLN E 213 0.35 -29.36 4.74
C GLN E 213 1.39 -29.24 5.87
N PRO E 214 1.37 -30.16 6.85
CA PRO E 214 2.31 -30.06 7.96
C PRO E 214 3.74 -29.85 7.53
N PHE E 215 4.16 -30.55 6.48
CA PHE E 215 5.54 -30.52 6.02
C PHE E 215 5.94 -29.19 5.39
N MET E 216 4.95 -28.44 4.96
CA MET E 216 5.16 -27.16 4.27
C MET E 216 3.82 -26.41 4.17
N ARG E 217 3.78 -25.26 4.86
CA ARG E 217 2.65 -24.37 4.82
C ARG E 217 2.83 -23.37 3.66
N TRP E 218 1.71 -22.92 3.10
CA TRP E 218 1.70 -22.29 1.78
C TRP E 218 2.46 -20.97 1.66
N ARG E 219 2.33 -20.10 2.67
CA ARG E 219 3.08 -18.85 2.70
C ARG E 219 4.60 -19.04 2.62
N GLU E 220 5.11 -20.09 3.25
CA GLU E 220 6.54 -20.35 3.18
C GLU E 220 6.92 -20.69 1.76
N ARG E 221 6.11 -21.53 1.11
CA ARG E 221 6.39 -21.92 -0.27
C ARG E 221 6.38 -20.71 -1.19
N PHE E 222 5.34 -19.89 -1.08
CA PHE E 222 5.18 -18.74 -1.96
C PHE E 222 6.36 -17.77 -1.81
N LEU E 223 6.70 -17.36 -0.60
CA LEU E 223 7.81 -16.45 -0.36
C LEU E 223 9.15 -16.98 -0.84
N ASN E 224 9.40 -18.27 -0.62
CA ASN E 224 10.68 -18.89 -0.98
C ASN E 224 10.78 -19.08 -2.50
N CYS E 225 9.66 -19.43 -3.15
CA CYS E 225 9.63 -19.54 -4.60
C CYS E 225 9.83 -18.18 -5.28
N MET E 226 9.27 -17.10 -4.71
CA MET E 226 9.42 -15.77 -5.29
C MET E 226 10.89 -15.35 -5.32
N GLU E 227 11.59 -15.51 -4.20
CA GLU E 227 13.05 -15.36 -4.14
C GLU E 227 13.74 -16.15 -5.26
N GLY E 228 13.38 -17.42 -5.39
CA GLY E 228 13.94 -18.29 -6.42
C GLY E 228 13.69 -17.83 -7.84
N ILE E 229 12.48 -17.31 -8.07
CA ILE E 229 12.02 -16.88 -9.38
C ILE E 229 12.75 -15.64 -9.81
N ASN E 230 12.90 -14.70 -8.89
CA ASN E 230 13.48 -13.40 -9.20
C ASN E 230 14.98 -13.50 -9.30
N ARG E 231 15.54 -14.44 -8.56
CA ARG E 231 16.92 -14.80 -8.68
C ARG E 231 17.20 -15.39 -10.06
N ALA E 232 16.33 -16.29 -10.51
CA ALA E 232 16.45 -16.85 -11.84
C ALA E 232 16.38 -15.75 -12.88
N SER E 233 15.37 -14.88 -12.81
CA SER E 233 15.25 -13.83 -13.84
C SER E 233 16.40 -12.83 -13.78
N ALA E 234 16.91 -12.53 -12.60
CA ALA E 234 18.10 -11.69 -12.51
C ALA E 234 19.31 -12.34 -13.21
N ALA E 235 19.45 -13.67 -13.08
CA ALA E 235 20.53 -14.44 -13.69
C ALA E 235 20.41 -14.67 -15.19
N THR E 236 19.22 -14.47 -15.77
CA THR E 236 18.98 -14.80 -17.18
C THR E 236 18.44 -13.65 -18.04
N GLY E 237 17.85 -12.62 -17.43
CA GLY E 237 17.18 -11.54 -18.16
C GLY E 237 15.90 -11.98 -18.87
N GLU E 238 15.24 -12.98 -18.29
CA GLU E 238 13.95 -13.48 -18.77
C GLU E 238 12.92 -13.31 -17.67
N VAL E 239 11.70 -13.04 -18.09
CA VAL E 239 10.56 -13.16 -17.21
C VAL E 239 10.48 -14.64 -16.81
N LYS E 240 10.38 -14.93 -15.51
CA LYS E 240 10.24 -16.32 -15.06
C LYS E 240 9.03 -16.45 -14.17
N GLY E 241 8.57 -17.67 -13.93
CA GLY E 241 7.56 -17.89 -12.90
C GLY E 241 7.42 -19.31 -12.38
N SER E 242 6.58 -19.50 -11.39
CA SER E 242 6.20 -20.84 -10.98
C SER E 242 4.72 -20.84 -10.66
N TYR E 243 4.01 -21.89 -11.11
CA TYR E 243 2.56 -21.99 -10.83
C TYR E 243 2.34 -22.24 -9.31
N LEU E 244 2.12 -21.15 -8.57
CA LEU E 244 1.83 -21.23 -7.14
C LEU E 244 0.40 -21.74 -6.99
N ASN E 245 0.24 -22.88 -6.30
CA ASN E 245 -1.06 -23.51 -6.17
C ASN E 245 -1.91 -22.81 -5.10
N ILE E 246 -3.07 -22.32 -5.53
CA ILE E 246 -3.98 -21.61 -4.66
C ILE E 246 -5.19 -22.50 -4.31
N THR E 247 -5.15 -23.76 -4.70
CA THR E 247 -6.24 -24.69 -4.43
C THR E 247 -6.49 -24.77 -2.95
N ALA E 248 -7.73 -24.65 -2.53
CA ALA E 248 -8.04 -24.75 -1.10
C ALA E 248 -9.47 -25.21 -0.81
N ALA E 249 -9.75 -25.42 0.47
CA ALA E 249 -11.02 -25.98 0.93
C ALA E 249 -12.22 -25.06 0.65
N THR E 250 -12.03 -23.79 0.95
CA THR E 250 -13.05 -22.79 0.85
C THR E 250 -12.63 -21.78 -0.17
N MET E 251 -13.60 -21.03 -0.68
CA MET E 251 -13.32 -19.95 -1.63
C MET E 251 -12.60 -18.79 -0.94
N GLU E 252 -12.80 -18.61 0.36
CA GLU E 252 -12.18 -17.52 1.10
C GLU E 252 -10.66 -17.76 1.17
N GLU E 253 -10.31 -19.00 1.50
CA GLU E 253 -8.92 -19.41 1.46
C GLU E 253 -8.30 -19.33 0.04
N VAL E 254 -9.00 -19.75 -1.00
CA VAL E 254 -8.45 -19.64 -2.37
C VAL E 254 -8.06 -18.18 -2.73
N TYR E 255 -8.96 -17.24 -2.44
CA TYR E 255 -8.73 -15.82 -2.65
C TYR E 255 -7.55 -15.36 -1.85
N LYS E 256 -7.51 -15.76 -0.59
CA LYS E 256 -6.45 -15.34 0.30
C LYS E 256 -5.09 -15.70 -0.26
N ARG E 257 -5.03 -16.89 -0.85
CA ARG E 257 -3.84 -17.39 -1.51
C ARG E 257 -3.57 -16.69 -2.83
N ALA E 258 -4.62 -16.45 -3.60
CA ALA E 258 -4.50 -15.68 -4.84
C ALA E 258 -3.99 -14.26 -4.58
N GLU E 259 -4.53 -13.63 -3.54
CA GLU E 259 -4.15 -12.25 -3.20
C GLU E 259 -2.71 -12.21 -2.75
N TYR E 260 -2.24 -13.31 -2.15
CA TYR E 260 -0.89 -13.38 -1.62
C TYR E 260 0.07 -13.53 -2.78
N ALA E 261 -0.21 -14.49 -3.65
CA ALA E 261 0.47 -14.58 -4.96
C ALA E 261 0.57 -13.21 -5.67
N LYS E 262 -0.54 -12.51 -5.79
CA LYS E 262 -0.50 -11.24 -6.48
C LYS E 262 0.45 -10.30 -5.78
N ALA E 263 0.39 -10.26 -4.46
CA ALA E 263 0.96 -9.15 -3.71
C ALA E 263 2.47 -9.20 -3.74
N VAL E 264 3.00 -10.42 -3.74
CA VAL E 264 4.45 -10.71 -3.82
C VAL E 264 4.98 -10.82 -5.27
N GLY E 265 4.10 -10.67 -6.25
CA GLY E 265 4.53 -10.37 -7.60
C GLY E 265 4.48 -11.48 -8.62
N SER E 266 4.02 -12.66 -8.20
CA SER E 266 3.83 -13.82 -9.06
C SER E 266 3.09 -13.47 -10.34
N ILE E 267 3.61 -14.00 -11.44
CA ILE E 267 2.99 -13.89 -12.74
C ILE E 267 1.88 -14.89 -12.93
N VAL E 268 1.91 -16.02 -12.22
CA VAL E 268 1.02 -17.16 -12.50
C VAL E 268 0.59 -17.84 -11.22
N VAL E 269 -0.61 -18.41 -11.21
CA VAL E 269 -1.11 -19.26 -10.11
C VAL E 269 -1.81 -20.50 -10.70
N MET E 270 -1.86 -21.60 -9.96
CA MET E 270 -2.64 -22.75 -10.42
C MET E 270 -3.80 -23.08 -9.52
N ILE E 271 -4.79 -23.72 -10.14
CA ILE E 271 -5.93 -24.30 -9.46
C ILE E 271 -6.07 -25.73 -9.94
N ASP E 272 -6.66 -26.57 -9.09
CA ASP E 272 -7.06 -27.92 -9.47
C ASP E 272 -8.53 -27.95 -9.90
N LEU E 273 -8.86 -28.79 -10.88
CA LEU E 273 -10.23 -29.00 -11.32
C LEU E 273 -11.16 -29.50 -10.24
N VAL E 274 -10.63 -30.22 -9.26
CA VAL E 274 -11.44 -30.69 -8.13
C VAL E 274 -11.99 -29.55 -7.24
N MET E 275 -11.45 -28.34 -7.36
CA MET E 275 -12.10 -27.18 -6.75
C MET E 275 -13.54 -27.05 -7.24
N GLY E 276 -13.77 -27.40 -8.51
CA GLY E 276 -15.11 -27.42 -9.07
C GLY E 276 -15.41 -26.17 -9.86
N TYR E 277 -16.48 -26.23 -10.66
CA TYR E 277 -16.75 -25.20 -11.67
C TYR E 277 -17.05 -23.81 -11.11
N THR E 278 -17.70 -23.71 -9.96
CA THR E 278 -18.08 -22.38 -9.45
C THR E 278 -16.87 -21.59 -8.89
N ALA E 279 -16.04 -22.24 -8.07
CA ALA E 279 -14.77 -21.64 -7.69
C ALA E 279 -13.88 -21.32 -8.90
N ILE E 280 -13.86 -22.21 -9.90
CA ILE E 280 -13.07 -21.98 -11.10
C ILE E 280 -13.51 -20.70 -11.80
N GLN E 281 -14.81 -20.56 -12.04
CA GLN E 281 -15.34 -19.33 -12.64
C GLN E 281 -15.01 -18.09 -11.79
N SER E 282 -15.04 -18.22 -10.48
CA SER E 282 -14.77 -17.10 -9.61
C SER E 282 -13.32 -16.66 -9.81
N ILE E 283 -12.42 -17.61 -9.64
CA ILE E 283 -11.00 -17.33 -9.69
C ILE E 283 -10.50 -16.97 -11.11
N ALA E 284 -11.26 -17.36 -12.14
CA ALA E 284 -11.04 -16.90 -13.53
C ALA E 284 -11.40 -15.45 -13.76
N TYR E 285 -12.52 -14.98 -13.21
CA TYR E 285 -12.83 -13.54 -13.21
C TYR E 285 -11.72 -12.79 -12.42
N TRP E 286 -11.37 -13.33 -11.25
CA TRP E 286 -10.34 -12.72 -10.40
C TRP E 286 -9.00 -12.58 -11.13
N ALA E 287 -8.66 -13.61 -11.88
CA ALA E 287 -7.40 -13.62 -12.59
C ALA E 287 -7.37 -12.52 -13.68
N ARG E 288 -8.46 -12.36 -14.43
CA ARG E 288 -8.56 -11.23 -15.35
C ARG E 288 -8.38 -9.89 -14.64
N GLU E 289 -9.03 -9.73 -13.50
CA GLU E 289 -9.04 -8.45 -12.82
C GLU E 289 -7.77 -8.12 -12.08
N ASN E 290 -6.90 -9.13 -11.86
CA ASN E 290 -5.67 -8.92 -11.09
C ASN E 290 -4.40 -9.28 -11.84
N ASP E 291 -4.49 -9.32 -13.17
CA ASP E 291 -3.32 -9.44 -14.07
C ASP E 291 -2.55 -10.73 -13.85
N MET E 292 -3.29 -11.84 -13.67
CA MET E 292 -2.72 -13.13 -13.29
C MET E 292 -3.01 -14.18 -14.34
N LEU E 293 -1.99 -14.97 -14.62
CA LEU E 293 -2.12 -16.19 -15.36
C LEU E 293 -2.79 -17.24 -14.49
N LEU E 294 -3.74 -17.96 -15.07
CA LEU E 294 -4.44 -18.99 -14.37
C LEU E 294 -4.23 -20.36 -15.01
N HIS E 295 -3.39 -21.19 -14.41
CA HIS E 295 -3.13 -22.52 -14.91
C HIS E 295 -4.04 -23.54 -14.24
N LEU E 296 -4.89 -24.19 -15.03
CA LEU E 296 -5.75 -25.27 -14.51
C LEU E 296 -5.09 -26.62 -14.65
N HIS E 297 -4.85 -27.26 -13.53
CA HIS E 297 -4.49 -28.66 -13.51
C HIS E 297 -5.81 -29.39 -13.55
N ARG E 298 -5.94 -30.40 -14.41
CA ARG E 298 -7.21 -31.08 -14.61
C ARG E 298 -7.42 -32.28 -13.66
N ALA E 299 -7.09 -32.09 -12.38
CA ALA E 299 -7.15 -33.20 -11.40
C ALA E 299 -8.57 -33.74 -11.34
N GLY E 300 -8.72 -35.06 -11.32
CA GLY E 300 -10.01 -35.76 -11.23
C GLY E 300 -10.68 -36.06 -12.55
N ASN E 301 -10.21 -35.42 -13.62
CA ASN E 301 -10.84 -35.52 -14.96
C ASN E 301 -11.09 -36.99 -15.41
N SER E 302 -10.05 -37.81 -15.29
CA SER E 302 -10.05 -39.16 -15.84
C SER E 302 -10.96 -40.14 -15.07
N THR E 303 -11.60 -39.71 -13.99
CA THR E 303 -12.65 -40.52 -13.35
C THR E 303 -13.91 -40.65 -14.23
N TYR E 304 -14.22 -39.62 -15.00
CA TYR E 304 -15.35 -39.62 -15.95
C TYR E 304 -14.90 -39.60 -17.41
N ALA E 305 -13.64 -39.23 -17.65
CA ALA E 305 -13.16 -38.96 -19.00
C ALA E 305 -12.52 -40.17 -19.68
N ARG E 306 -12.16 -41.20 -18.91
CA ARG E 306 -11.32 -42.29 -19.43
C ARG E 306 -12.09 -43.23 -20.38
N GLN E 307 -13.21 -43.78 -19.92
CA GLN E 307 -13.89 -44.82 -20.71
C GLN E 307 -14.75 -44.28 -21.87
N LYS E 308 -14.75 -45.03 -22.96
CA LYS E 308 -15.47 -44.72 -24.19
C LYS E 308 -16.99 -44.96 -24.11
N ASN E 309 -17.42 -45.94 -23.32
CA ASN E 309 -18.84 -46.29 -23.21
C ASN E 309 -19.64 -45.30 -22.37
N HIS E 310 -18.97 -44.56 -21.48
CA HIS E 310 -19.66 -43.74 -20.47
C HIS E 310 -18.80 -42.61 -19.88
N GLY E 311 -19.43 -41.47 -19.62
CA GLY E 311 -18.80 -40.31 -18.96
C GLY E 311 -18.94 -38.98 -19.71
N ILE E 312 -17.90 -38.16 -19.65
CA ILE E 312 -17.80 -36.96 -20.46
C ILE E 312 -16.46 -37.04 -21.13
N ASN E 313 -16.44 -36.89 -22.46
CA ASN E 313 -15.19 -36.72 -23.19
C ASN E 313 -14.47 -35.45 -22.80
N PHE E 314 -13.16 -35.55 -22.62
CA PHE E 314 -12.36 -34.40 -22.24
C PHE E 314 -12.49 -33.21 -23.17
N ARG E 315 -12.88 -33.46 -24.43
CA ARG E 315 -13.07 -32.35 -25.39
C ARG E 315 -14.19 -31.38 -25.00
N VAL E 316 -15.17 -31.86 -24.27
CA VAL E 316 -16.23 -31.03 -23.76
C VAL E 316 -15.73 -30.24 -22.55
N ILE E 317 -14.95 -30.89 -21.68
CA ILE E 317 -14.26 -30.21 -20.57
C ILE E 317 -13.36 -29.07 -21.12
N CYS E 318 -12.68 -29.31 -22.22
CA CYS E 318 -11.94 -28.23 -22.91
C CYS E 318 -12.82 -27.04 -23.15
N LYS E 319 -13.99 -27.26 -23.72
CA LYS E 319 -14.86 -26.16 -24.12
C LYS E 319 -15.31 -25.40 -22.88
N TRP E 320 -15.78 -26.15 -21.88
CA TRP E 320 -16.32 -25.57 -20.67
C TRP E 320 -15.25 -24.75 -19.93
N MET E 321 -14.01 -25.22 -19.94
CA MET E 321 -12.94 -24.56 -19.22
C MET E 321 -12.44 -23.36 -19.98
N ARG E 322 -12.49 -23.41 -21.30
CA ARG E 322 -12.09 -22.25 -22.07
C ARG E 322 -13.15 -21.14 -21.88
N MET E 323 -14.42 -21.55 -21.84
CA MET E 323 -15.53 -20.65 -21.50
C MET E 323 -15.38 -19.96 -20.12
N SER E 324 -14.95 -20.72 -19.13
CA SER E 324 -14.91 -20.25 -17.76
C SER E 324 -13.77 -19.27 -17.63
N GLY E 325 -12.68 -19.59 -18.32
CA GLY E 325 -11.61 -18.65 -18.53
C GLY E 325 -10.25 -18.98 -18.00
N VAL E 326 -9.90 -20.26 -17.87
CA VAL E 326 -8.57 -20.63 -17.42
C VAL E 326 -7.61 -20.43 -18.57
N ASP E 327 -6.37 -20.06 -18.27
CA ASP E 327 -5.37 -19.70 -19.29
C ASP E 327 -4.62 -20.89 -19.82
N HIS E 328 -4.30 -21.81 -18.92
CA HIS E 328 -3.71 -23.10 -19.27
C HIS E 328 -4.69 -24.20 -18.90
N ILE E 329 -4.61 -25.30 -19.64
CA ILE E 329 -5.18 -26.54 -19.16
C ILE E 329 -4.37 -27.70 -19.73
N HIS E 330 -4.11 -28.70 -18.90
CA HIS E 330 -3.45 -29.91 -19.34
C HIS E 330 -4.37 -30.61 -20.34
N ALA E 331 -3.80 -31.06 -21.45
CA ALA E 331 -4.57 -31.74 -22.47
C ALA E 331 -3.93 -32.99 -23.04
N GLY E 332 -2.84 -33.47 -22.42
CA GLY E 332 -2.22 -34.74 -22.80
C GLY E 332 -0.96 -34.57 -23.62
N THR E 333 -0.20 -35.66 -23.75
CA THR E 333 1.12 -35.66 -24.39
C THR E 333 1.26 -36.56 -25.59
N VAL E 334 0.34 -37.50 -25.78
CA VAL E 334 0.48 -38.65 -26.68
C VAL E 334 1.49 -39.72 -26.22
N VAL E 335 2.74 -39.32 -26.00
CA VAL E 335 3.85 -40.27 -25.80
C VAL E 335 4.29 -40.47 -24.34
N GLY E 336 3.67 -39.77 -23.40
CA GLY E 336 4.06 -39.87 -21.99
C GLY E 336 3.28 -40.92 -21.19
N LYS E 337 3.26 -40.76 -19.87
CA LYS E 337 2.68 -41.74 -18.97
C LYS E 337 1.18 -41.73 -18.86
N LEU E 338 0.52 -40.70 -19.41
CA LEU E 338 -0.94 -40.57 -19.27
C LEU E 338 -1.70 -40.80 -20.58
N GLU E 339 -2.91 -41.34 -20.48
CA GLU E 339 -3.73 -41.70 -21.60
C GLU E 339 -3.83 -40.58 -22.62
N GLY E 340 -3.44 -40.89 -23.84
CA GLY E 340 -3.49 -39.95 -24.96
C GLY E 340 -3.31 -40.66 -26.29
N ASP E 341 -4.42 -40.79 -27.02
CA ASP E 341 -4.46 -41.15 -28.45
C ASP E 341 -4.12 -39.89 -29.28
N PRO E 342 -3.15 -39.95 -30.22
CA PRO E 342 -2.81 -38.72 -31.01
C PRO E 342 -3.98 -37.94 -31.64
N LEU E 343 -4.97 -38.66 -32.14
CA LEU E 343 -6.14 -38.08 -32.80
C LEU E 343 -7.01 -37.26 -31.86
N MET E 344 -7.26 -37.79 -30.67
CA MET E 344 -8.13 -37.17 -29.69
C MET E 344 -7.42 -35.97 -29.06
N ILE E 345 -6.14 -36.13 -28.75
CA ILE E 345 -5.32 -35.04 -28.22
C ILE E 345 -5.31 -33.91 -29.21
N M3L E 346 -5.13 -34.22 -30.50
CA M3L E 346 -5.10 -33.17 -31.52
CB M3L E 346 -4.78 -33.71 -32.91
CG M3L E 346 -3.26 -33.76 -33.08
CD M3L E 346 -2.86 -34.07 -34.52
CE M3L E 346 -1.72 -33.13 -34.91
NZ M3L E 346 -1.17 -33.34 -36.27
C M3L E 346 -6.38 -32.36 -31.52
O M3L E 346 -6.33 -31.13 -31.52
CM1 M3L E 346 -2.19 -33.45 -37.35
CM2 M3L E 346 -0.36 -34.57 -36.32
CM3 M3L E 346 -0.36 -32.12 -36.54
N GLY E 347 -7.53 -33.04 -31.45
CA GLY E 347 -8.81 -32.36 -31.34
C GLY E 347 -8.97 -31.53 -30.08
N PHE E 348 -8.51 -32.08 -28.96
CA PHE E 348 -8.45 -31.29 -27.74
C PHE E 348 -7.69 -29.99 -28.00
N TYR E 349 -6.49 -30.11 -28.56
CA TYR E 349 -5.65 -28.95 -28.83
C TYR E 349 -6.34 -27.95 -29.76
N ASP E 350 -7.09 -28.42 -30.76
CA ASP E 350 -7.77 -27.51 -31.71
C ASP E 350 -8.86 -26.71 -31.02
N ILE E 351 -9.61 -27.38 -30.17
CA ILE E 351 -10.68 -26.79 -29.40
C ILE E 351 -10.15 -25.69 -28.52
N LEU E 352 -8.98 -25.89 -27.95
CA LEU E 352 -8.38 -24.91 -27.05
C LEU E 352 -7.79 -23.73 -27.77
N ARG E 353 -7.29 -23.95 -28.97
CA ARG E 353 -6.46 -22.97 -29.67
C ARG E 353 -7.11 -22.24 -30.85
N LEU E 354 -8.00 -22.90 -31.58
CA LEU E 354 -8.52 -22.30 -32.81
C LEU E 354 -9.63 -21.25 -32.56
N THR E 355 -9.84 -20.39 -33.55
CA THR E 355 -10.92 -19.38 -33.48
C THR E 355 -12.27 -19.95 -33.80
N GLU E 356 -12.25 -21.08 -34.50
CA GLU E 356 -13.46 -21.79 -34.87
C GLU E 356 -13.10 -23.24 -35.16
N LEU E 357 -14.11 -24.07 -35.22
CA LEU E 357 -13.96 -25.49 -35.47
C LEU E 357 -14.76 -25.85 -36.68
N GLU E 358 -14.17 -26.61 -37.57
CA GLU E 358 -14.86 -27.24 -38.67
C GLU E 358 -14.96 -28.72 -38.35
N VAL E 359 -16.04 -29.36 -38.78
CA VAL E 359 -16.28 -30.78 -38.53
C VAL E 359 -15.06 -31.59 -39.00
N ASN E 360 -14.59 -32.49 -38.15
CA ASN E 360 -13.45 -33.34 -38.44
C ASN E 360 -13.62 -34.52 -37.50
N LEU E 361 -14.29 -35.55 -37.99
CA LEU E 361 -14.67 -36.72 -37.17
C LEU E 361 -13.48 -37.55 -36.63
N PRO E 362 -12.39 -37.70 -37.40
CA PRO E 362 -11.21 -38.34 -36.84
C PRO E 362 -10.63 -37.68 -35.57
N PHE E 363 -10.66 -36.34 -35.52
CA PHE E 363 -10.19 -35.62 -34.33
C PHE E 363 -11.28 -35.50 -33.24
N GLY E 364 -12.45 -36.12 -33.44
CA GLY E 364 -13.50 -36.13 -32.44
C GLY E 364 -14.29 -34.82 -32.40
N ILE E 365 -14.17 -34.02 -33.45
CA ILE E 365 -14.85 -32.73 -33.55
C ILE E 365 -16.13 -32.99 -34.31
N PHE E 366 -17.22 -33.20 -33.58
CA PHE E 366 -18.50 -33.60 -34.20
C PHE E 366 -19.32 -32.40 -34.68
N PHE E 367 -19.20 -31.27 -34.00
CA PHE E 367 -19.94 -30.07 -34.34
C PHE E 367 -19.00 -29.02 -34.86
N GLU E 368 -19.46 -28.26 -35.84
CA GLU E 368 -18.75 -27.03 -36.23
C GLU E 368 -19.15 -25.94 -35.24
N MET E 369 -18.27 -24.97 -34.97
CA MET E 369 -18.48 -24.05 -33.85
C MET E 369 -17.60 -22.82 -33.93
N ASP E 370 -18.19 -21.62 -33.83
CA ASP E 370 -17.40 -20.41 -33.67
C ASP E 370 -17.05 -20.20 -32.21
N TRP E 371 -15.82 -19.73 -31.94
CA TRP E 371 -15.42 -19.45 -30.54
C TRP E 371 -15.75 -18.03 -30.08
N ALA E 372 -16.31 -17.21 -30.97
CA ALA E 372 -16.90 -15.92 -30.62
C ALA E 372 -15.89 -14.94 -30.02
N SER E 373 -14.72 -14.96 -30.63
CA SER E 373 -13.54 -14.23 -30.19
C SER E 373 -13.23 -14.36 -28.71
N LEU E 374 -13.76 -15.36 -28.03
CA LEU E 374 -13.19 -15.76 -26.78
C LEU E 374 -11.73 -16.14 -27.04
N ARG E 375 -10.88 -15.82 -26.07
CA ARG E 375 -9.45 -15.98 -26.21
C ARG E 375 -9.05 -17.45 -26.20
N ARG E 376 -7.80 -17.69 -26.57
CA ARG E 376 -7.34 -19.02 -26.82
C ARG E 376 -6.68 -19.56 -25.57
N CYS E 377 -6.93 -20.82 -25.28
CA CYS E 377 -6.48 -21.44 -24.04
C CYS E 377 -5.22 -22.26 -24.33
N MET E 378 -4.22 -22.16 -23.46
CA MET E 378 -2.90 -22.74 -23.73
C MET E 378 -2.89 -24.20 -23.29
N PRO E 379 -2.77 -25.12 -24.25
CA PRO E 379 -2.63 -26.48 -23.77
C PRO E 379 -1.29 -26.75 -23.11
N VAL E 380 -1.31 -27.69 -22.16
CA VAL E 380 -0.12 -28.10 -21.42
C VAL E 380 0.07 -29.57 -21.70
N ALA E 381 1.32 -29.96 -21.95
CA ALA E 381 1.67 -31.33 -22.25
C ALA E 381 2.56 -31.80 -21.12
N SER E 382 2.06 -32.68 -20.29
CA SER E 382 2.75 -33.06 -19.07
C SER E 382 2.54 -34.54 -18.73
N GLY E 383 3.57 -35.14 -18.13
CA GLY E 383 3.47 -36.47 -17.54
C GLY E 383 4.38 -37.49 -18.18
N GLY E 384 5.43 -37.89 -17.47
CA GLY E 384 6.38 -38.89 -17.98
C GLY E 384 6.90 -38.67 -19.38
N ILE E 385 7.30 -37.44 -19.71
CA ILE E 385 7.93 -37.17 -21.01
C ILE E 385 9.35 -36.72 -20.78
N HIS E 386 10.18 -36.85 -21.84
CA HIS E 386 11.58 -36.48 -21.82
C HIS E 386 12.08 -35.96 -23.19
N CYS E 387 13.25 -35.32 -23.18
CA CYS E 387 13.76 -34.62 -24.38
C CYS E 387 14.16 -35.54 -25.54
N GLY E 388 14.36 -36.83 -25.27
CA GLY E 388 14.51 -37.81 -26.33
C GLY E 388 13.26 -37.93 -27.19
N GLN E 389 12.12 -37.51 -26.65
CA GLN E 389 10.86 -37.48 -27.41
C GLN E 389 10.54 -36.13 -28.11
N MET E 390 11.45 -35.15 -28.06
CA MET E 390 11.16 -33.78 -28.52
C MET E 390 10.59 -33.68 -29.95
N HIS E 391 11.11 -34.49 -30.85
CA HIS E 391 10.63 -34.53 -32.25
C HIS E 391 9.15 -34.93 -32.37
N GLN E 392 8.73 -35.81 -31.46
CA GLN E 392 7.36 -36.30 -31.39
C GLN E 392 6.44 -35.21 -30.80
N LEU E 393 6.89 -34.61 -29.72
CA LEU E 393 6.19 -33.49 -29.05
C LEU E 393 5.88 -32.31 -30.00
N ILE E 394 6.88 -31.89 -30.77
CA ILE E 394 6.74 -30.77 -31.69
C ILE E 394 5.72 -31.09 -32.79
N HIS E 395 5.81 -32.29 -33.35
CA HIS E 395 4.95 -32.71 -34.44
C HIS E 395 3.50 -32.89 -34.01
N TYR E 396 3.32 -33.62 -32.92
CA TYR E 396 1.97 -33.88 -32.43
C TYR E 396 1.27 -32.65 -31.83
N LEU E 397 2.00 -31.79 -31.13
CA LEU E 397 1.40 -30.75 -30.28
C LEU E 397 1.55 -29.30 -30.79
N GLY E 398 2.37 -29.07 -31.81
CA GLY E 398 2.51 -27.74 -32.40
C GLY E 398 3.22 -26.71 -31.53
N ASP E 399 2.96 -25.43 -31.86
CA ASP E 399 3.66 -24.25 -31.29
C ASP E 399 3.16 -23.74 -29.95
N ASP E 400 1.87 -23.44 -29.85
CA ASP E 400 1.28 -22.87 -28.62
C ASP E 400 0.92 -24.00 -27.64
N VAL E 401 1.87 -24.27 -26.75
CA VAL E 401 1.77 -25.36 -25.79
C VAL E 401 2.90 -25.16 -24.76
N VAL E 402 2.69 -25.66 -23.54
CA VAL E 402 3.73 -25.73 -22.53
C VAL E 402 4.08 -27.19 -22.29
N LEU E 403 5.34 -27.51 -22.64
CA LEU E 403 5.90 -28.84 -22.43
C LEU E 403 6.46 -28.91 -21.01
N GLN E 404 5.88 -29.76 -20.19
CA GLN E 404 6.29 -29.92 -18.80
C GLN E 404 7.09 -31.24 -18.57
N PHE E 405 8.23 -31.13 -17.90
CA PHE E 405 9.15 -32.24 -17.69
C PHE E 405 9.59 -32.27 -16.21
N GLY E 406 8.71 -32.74 -15.34
CA GLY E 406 8.98 -32.76 -13.90
C GLY E 406 10.13 -33.69 -13.58
N GLY E 407 9.88 -34.97 -13.81
CA GLY E 407 10.89 -36.01 -13.67
C GLY E 407 11.98 -35.96 -14.72
N GLY E 408 11.61 -35.61 -15.96
CA GLY E 408 12.58 -35.43 -17.05
C GLY E 408 13.58 -34.27 -16.92
N THR E 409 13.34 -33.38 -15.95
CA THR E 409 14.30 -32.35 -15.54
C THR E 409 14.96 -32.78 -14.22
N ILE E 410 14.16 -33.11 -13.23
CA ILE E 410 14.71 -33.28 -11.89
C ILE E 410 15.45 -34.62 -11.81
N GLY E 411 15.00 -35.61 -12.58
CA GLY E 411 15.67 -36.91 -12.62
C GLY E 411 17.08 -36.93 -13.19
N HIS E 412 17.61 -35.78 -13.63
CA HIS E 412 18.84 -35.72 -14.43
C HIS E 412 20.04 -35.89 -13.50
N PRO E 413 20.93 -36.86 -13.79
CA PRO E 413 21.98 -37.24 -12.83
C PRO E 413 22.97 -36.13 -12.45
N ASP E 414 23.22 -35.22 -13.41
CA ASP E 414 24.06 -33.99 -13.19
C ASP E 414 23.34 -32.77 -12.59
N GLY E 415 22.17 -32.97 -12.00
CA GLY E 415 21.48 -31.90 -11.27
C GLY E 415 20.34 -31.27 -12.05
N ILE E 416 19.62 -30.38 -11.37
CA ILE E 416 18.40 -29.78 -11.91
C ILE E 416 18.67 -28.80 -13.05
N GLN E 417 19.68 -27.94 -12.87
CA GLN E 417 20.10 -27.03 -13.97
C GLN E 417 20.48 -27.79 -15.26
N ALA E 418 21.30 -28.83 -15.13
CA ALA E 418 21.59 -29.75 -16.24
C ALA E 418 20.31 -30.28 -16.91
N GLY E 419 19.37 -30.73 -16.10
CA GLY E 419 18.11 -31.25 -16.60
C GLY E 419 17.37 -30.28 -17.48
N ALA E 420 17.17 -29.06 -16.97
CA ALA E 420 16.46 -27.97 -17.67
C ALA E 420 17.14 -27.59 -18.95
N THR E 421 18.46 -27.38 -18.90
CA THR E 421 19.25 -27.03 -20.08
C THR E 421 19.13 -28.08 -21.17
N ALA E 422 19.17 -29.36 -20.81
CA ALA E 422 19.03 -30.42 -21.80
C ALA E 422 17.72 -30.29 -22.59
N ASN E 423 16.63 -30.04 -21.87
CA ASN E 423 15.31 -29.88 -22.45
C ASN E 423 15.18 -28.64 -23.35
N ARG E 424 15.77 -27.52 -22.97
CA ARG E 424 15.63 -26.33 -23.79
C ARG E 424 16.46 -26.35 -25.09
N VAL E 425 17.68 -26.89 -25.02
CA VAL E 425 18.53 -27.08 -26.20
C VAL E 425 17.79 -28.02 -27.14
N ALA E 426 17.41 -29.19 -26.61
CA ALA E 426 16.54 -30.12 -27.32
C ALA E 426 15.44 -29.41 -28.11
N LEU E 427 14.65 -28.62 -27.39
CA LEU E 427 13.51 -27.89 -27.94
C LEU E 427 13.93 -26.91 -29.03
N GLU E 428 14.91 -26.08 -28.71
CA GLU E 428 15.25 -25.00 -29.62
C GLU E 428 15.84 -25.52 -30.92
N SER E 429 16.63 -26.59 -30.82
CA SER E 429 17.24 -27.19 -31.99
C SER E 429 16.20 -27.87 -32.86
N MET E 430 15.18 -28.43 -32.23
CA MET E 430 14.15 -29.12 -32.97
C MET E 430 13.31 -28.11 -33.74
N VAL E 431 12.94 -27.01 -33.08
CA VAL E 431 12.17 -25.96 -33.73
C VAL E 431 13.00 -25.35 -34.85
N LEU E 432 14.22 -24.91 -34.51
CA LEU E 432 15.17 -24.41 -35.51
C LEU E 432 15.14 -25.28 -36.77
N ALA E 433 15.34 -26.58 -36.57
CA ALA E 433 15.29 -27.59 -37.65
C ALA E 433 13.98 -27.64 -38.44
N ARG E 434 12.83 -27.70 -37.77
CA ARG E 434 11.50 -27.68 -38.44
C ARG E 434 11.41 -26.50 -39.40
N ASN E 435 11.72 -25.32 -38.88
CA ASN E 435 11.59 -24.06 -39.62
C ASN E 435 12.51 -24.01 -40.83
N GLU E 436 13.63 -24.73 -40.76
CA GLU E 436 14.58 -24.85 -41.87
C GLU E 436 14.10 -25.82 -42.97
N GLY E 437 13.05 -26.59 -42.71
CA GLY E 437 12.46 -27.54 -43.66
C GLY E 437 12.78 -29.01 -43.40
N VAL E 438 13.56 -29.31 -42.38
CA VAL E 438 14.02 -30.68 -42.11
C VAL E 438 12.84 -31.58 -41.70
N ASP E 439 12.80 -32.83 -42.20
CA ASP E 439 11.70 -33.79 -41.88
C ASP E 439 11.97 -34.39 -40.48
N TYR E 440 11.76 -33.54 -39.50
CA TYR E 440 12.03 -33.81 -38.10
C TYR E 440 11.25 -35.00 -37.53
N PHE E 441 10.05 -35.26 -38.03
CA PHE E 441 9.22 -36.34 -37.46
C PHE E 441 9.63 -37.75 -37.91
N ASP E 442 10.43 -37.86 -38.98
CA ASP E 442 10.98 -39.13 -39.44
C ASP E 442 11.77 -39.85 -38.32
N GLN E 443 11.51 -41.14 -38.14
CA GLN E 443 12.11 -41.95 -37.06
C GLN E 443 13.66 -41.90 -37.05
N GLN E 444 14.29 -41.59 -38.20
CA GLN E 444 15.74 -41.47 -38.31
C GLN E 444 16.21 -40.07 -37.98
N VAL E 445 15.56 -39.08 -38.60
CA VAL E 445 16.03 -37.69 -38.61
C VAL E 445 15.90 -37.06 -37.22
N GLY E 446 14.71 -37.21 -36.66
CA GLY E 446 14.39 -36.66 -35.35
C GLY E 446 15.37 -37.02 -34.25
N PRO E 447 15.54 -38.32 -33.98
CA PRO E 447 16.58 -38.72 -33.03
C PRO E 447 17.99 -38.18 -33.37
N GLN E 448 18.30 -38.05 -34.66
CA GLN E 448 19.61 -37.57 -35.12
C GLN E 448 19.79 -36.07 -34.86
N ILE E 449 18.76 -35.26 -35.12
CA ILE E 449 18.82 -33.82 -34.77
C ILE E 449 19.19 -33.60 -33.30
N LEU E 450 18.72 -34.47 -32.40
CA LEU E 450 19.01 -34.39 -30.97
C LEU E 450 20.38 -34.95 -30.63
N ARG E 451 20.76 -36.07 -31.23
CA ARG E 451 22.12 -36.61 -31.05
C ARG E 451 23.22 -35.68 -31.58
N ASP E 452 22.92 -34.98 -32.66
CA ASP E 452 23.73 -33.84 -33.14
C ASP E 452 23.76 -32.65 -32.18
N ALA E 453 22.61 -32.28 -31.65
CA ALA E 453 22.53 -31.24 -30.63
C ALA E 453 23.25 -31.63 -29.33
N ALA E 454 23.18 -32.91 -28.99
CA ALA E 454 23.91 -33.49 -27.84
C ALA E 454 25.43 -33.40 -27.93
N LYS E 455 25.97 -33.36 -29.15
CA LYS E 455 27.42 -33.25 -29.32
C LYS E 455 28.02 -31.92 -28.85
N THR E 456 27.20 -30.89 -28.69
CA THR E 456 27.66 -29.62 -28.14
C THR E 456 26.98 -29.26 -26.83
N CYS E 457 26.13 -30.16 -26.33
CA CYS E 457 25.44 -30.01 -25.04
C CYS E 457 25.58 -31.26 -24.18
N GLY E 458 26.42 -31.17 -23.16
CA GLY E 458 26.74 -32.29 -22.29
C GLY E 458 25.53 -32.88 -21.60
N PRO E 459 24.74 -32.00 -20.93
CA PRO E 459 23.47 -32.38 -20.29
C PRO E 459 22.49 -33.11 -21.23
N LEU E 460 22.38 -32.68 -22.48
CA LEU E 460 21.57 -33.41 -23.43
C LEU E 460 22.09 -34.84 -23.72
N GLN E 461 23.39 -35.02 -23.92
CA GLN E 461 23.91 -36.38 -24.21
C GLN E 461 23.47 -37.29 -23.11
N THR E 462 23.77 -36.88 -21.89
CA THR E 462 23.39 -37.59 -20.69
C THR E 462 21.89 -37.93 -20.62
N ALA E 463 21.01 -36.97 -20.93
CA ALA E 463 19.55 -37.23 -20.91
C ALA E 463 19.15 -38.22 -22.00
N LEU E 464 19.75 -38.09 -23.18
CA LEU E 464 19.56 -39.09 -24.24
C LEU E 464 20.08 -40.49 -23.82
N ASP E 465 21.24 -40.55 -23.18
CA ASP E 465 21.82 -41.82 -22.72
C ASP E 465 20.93 -42.50 -21.67
N LEU E 466 20.44 -41.72 -20.70
CA LEU E 466 19.63 -42.23 -19.60
C LEU E 466 18.23 -42.73 -19.96
N TRP E 467 17.56 -42.06 -20.89
CA TRP E 467 16.13 -42.22 -21.10
C TRP E 467 15.67 -42.64 -22.52
N LYS E 468 16.56 -42.80 -23.50
CA LYS E 468 16.09 -43.01 -24.90
C LYS E 468 15.34 -44.33 -25.20
N ASP E 469 15.49 -45.33 -24.33
CA ASP E 469 14.68 -46.55 -24.38
C ASP E 469 13.20 -46.29 -23.94
N ILE E 470 13.00 -45.29 -23.07
CA ILE E 470 11.76 -45.13 -22.30
C ILE E 470 10.62 -44.74 -23.23
N SER E 471 9.55 -45.53 -23.14
CA SER E 471 8.32 -45.27 -23.84
C SER E 471 7.18 -45.90 -23.05
N PHE E 472 5.96 -45.42 -23.31
CA PHE E 472 4.76 -45.86 -22.61
C PHE E 472 3.83 -46.37 -23.70
N ASP E 473 4.25 -47.49 -24.29
CA ASP E 473 3.63 -48.13 -25.45
C ASP E 473 2.50 -49.06 -24.93
N TYR E 474 1.29 -48.49 -24.78
CA TYR E 474 0.09 -49.21 -24.31
C TYR E 474 -1.13 -48.86 -25.16
N THR E 475 -2.15 -49.71 -25.12
CA THR E 475 -3.40 -49.48 -25.86
C THR E 475 -4.24 -48.36 -25.20
N SER E 476 -4.91 -47.56 -26.04
CA SER E 476 -5.79 -46.48 -25.56
C SER E 476 -7.12 -47.06 -25.11
N THR E 477 -7.79 -46.28 -24.26
CA THR E 477 -9.18 -46.50 -23.89
C THR E 477 -10.07 -45.50 -24.66
N ASP E 478 -9.73 -44.19 -24.59
CA ASP E 478 -10.44 -43.13 -25.34
C ASP E 478 -9.87 -43.02 -26.76
N THR E 479 -10.49 -43.76 -27.68
CA THR E 479 -10.14 -43.77 -29.11
C THR E 479 -11.23 -43.08 -29.94
N ALA E 480 -10.88 -42.70 -31.16
CA ALA E 480 -11.87 -42.19 -32.13
C ALA E 480 -12.75 -43.34 -32.65
N ASP E 481 -13.91 -43.00 -33.20
CA ASP E 481 -14.72 -43.99 -33.93
C ASP E 481 -14.53 -43.90 -35.43
N PHE E 482 -13.68 -42.96 -35.85
CA PHE E 482 -13.36 -42.71 -37.26
C PHE E 482 -11.82 -42.55 -37.31
N ALA E 483 -11.14 -43.43 -38.07
CA ALA E 483 -9.68 -43.44 -38.16
C ALA E 483 -9.11 -42.32 -39.08
N GLU E 484 -7.78 -42.17 -39.10
CA GLU E 484 -7.06 -41.45 -40.19
C GLU E 484 -5.85 -42.29 -40.64
N MET F 1 27.54 -12.98 -18.61
CA MET F 1 26.31 -13.82 -18.77
C MET F 1 25.74 -13.64 -20.18
N ARG F 2 24.94 -14.62 -20.61
CA ARG F 2 24.23 -14.56 -21.87
C ARG F 2 22.75 -14.22 -21.58
N LEU F 3 22.31 -13.11 -22.14
CA LEU F 3 20.91 -12.75 -22.11
C LEU F 3 20.11 -13.77 -22.92
N THR F 4 19.23 -14.53 -22.26
CA THR F 4 18.49 -15.60 -22.94
C THR F 4 17.02 -15.27 -23.29
N GLN F 5 16.78 -14.00 -23.64
CA GLN F 5 15.55 -13.60 -24.30
C GLN F 5 15.65 -14.08 -25.71
N GLY F 6 14.56 -14.00 -26.46
CA GLY F 6 14.53 -14.56 -27.81
C GLY F 6 14.33 -16.05 -27.69
N CYS F 7 13.97 -16.68 -28.79
CA CYS F 7 13.58 -18.06 -28.76
C CYS F 7 14.65 -19.06 -29.20
N PHE F 8 15.78 -18.60 -29.74
CA PHE F 8 16.90 -19.48 -30.09
C PHE F 8 18.17 -19.18 -29.29
N SER F 9 18.03 -18.73 -28.04
CA SER F 9 19.19 -18.27 -27.27
C SER F 9 19.92 -19.34 -26.45
N PHE F 10 19.39 -20.54 -26.36
CA PHE F 10 20.22 -21.67 -25.88
C PHE F 10 20.97 -22.38 -27.02
N LEU F 11 20.86 -21.87 -28.25
CA LEU F 11 21.69 -22.27 -29.35
C LEU F 11 22.77 -21.22 -29.57
N PRO F 12 23.82 -21.56 -30.37
CA PRO F 12 24.84 -20.55 -30.72
C PRO F 12 24.26 -19.40 -31.58
N ASP F 13 24.81 -18.21 -31.37
CA ASP F 13 24.53 -17.03 -32.16
C ASP F 13 24.32 -17.49 -33.59
N LEU F 14 23.22 -17.07 -34.21
CA LEU F 14 22.87 -17.47 -35.57
C LEU F 14 23.69 -16.75 -36.66
N THR F 15 24.08 -17.48 -37.70
CA THR F 15 24.77 -16.86 -38.83
C THR F 15 23.79 -16.12 -39.69
N ASP F 16 24.30 -15.23 -40.55
CA ASP F 16 23.45 -14.60 -41.52
C ASP F 16 22.62 -15.66 -42.24
N ALA F 17 23.25 -16.74 -42.68
CA ALA F 17 22.57 -17.76 -43.49
C ALA F 17 21.49 -18.51 -42.70
N GLN F 18 21.74 -18.77 -41.42
CA GLN F 18 20.73 -19.34 -40.52
C GLN F 18 19.54 -18.39 -40.22
N ILE F 19 19.82 -17.09 -40.19
CA ILE F 19 18.79 -16.09 -40.03
C ILE F 19 17.93 -15.98 -41.30
N GLU F 20 18.54 -15.96 -42.48
CA GLU F 20 17.81 -15.96 -43.75
C GLU F 20 16.81 -17.13 -43.77
N LYS F 21 17.21 -18.29 -43.29
CA LYS F 21 16.30 -19.45 -43.33
C LYS F 21 15.07 -19.28 -42.42
N GLN F 22 15.30 -18.72 -41.23
CA GLN F 22 14.20 -18.38 -40.33
C GLN F 22 13.31 -17.29 -40.94
N VAL F 23 13.92 -16.30 -41.61
CA VAL F 23 13.16 -15.32 -42.35
C VAL F 23 12.33 -15.97 -43.45
N ALA F 24 12.93 -16.86 -44.26
CA ALA F 24 12.21 -17.59 -45.29
C ALA F 24 10.95 -18.30 -44.75
N TYR F 25 11.10 -19.00 -43.64
CA TYR F 25 10.00 -19.71 -43.01
C TYR F 25 8.83 -18.78 -42.74
N ALA F 26 9.14 -17.68 -42.04
CA ALA F 26 8.18 -16.65 -41.68
C ALA F 26 7.51 -15.95 -42.87
N MET F 27 8.26 -15.71 -43.95
CA MET F 27 7.70 -15.08 -45.15
C MET F 27 6.78 -16.04 -45.88
N ALA F 28 7.19 -17.30 -46.02
CA ALA F 28 6.31 -18.35 -46.58
C ALA F 28 5.02 -18.59 -45.77
N LYS F 29 5.01 -18.26 -44.47
CA LYS F 29 3.80 -18.33 -43.66
C LYS F 29 2.95 -17.04 -43.68
N GLY F 30 3.41 -15.99 -44.36
CA GLY F 30 2.65 -14.76 -44.58
C GLY F 30 2.92 -13.68 -43.56
N TRP F 31 3.87 -13.94 -42.67
CA TRP F 31 4.14 -13.04 -41.57
C TRP F 31 4.95 -11.82 -41.97
N ALA F 32 4.90 -10.80 -41.13
CA ALA F 32 5.60 -9.55 -41.33
C ALA F 32 6.84 -9.51 -40.40
N MET F 33 7.98 -9.17 -40.95
CA MET F 33 9.20 -9.13 -40.17
C MET F 33 9.48 -7.71 -39.77
N ASN F 34 10.12 -7.53 -38.63
CA ASN F 34 10.75 -6.26 -38.34
C ASN F 34 12.01 -6.45 -37.51
N VAL F 35 12.80 -5.39 -37.41
CA VAL F 35 14.10 -5.42 -36.73
C VAL F 35 14.03 -4.35 -35.69
N GLU F 36 14.59 -4.63 -34.51
CA GLU F 36 14.58 -3.69 -33.40
C GLU F 36 15.87 -3.74 -32.61
N TRP F 37 16.20 -2.63 -31.95
CA TRP F 37 17.46 -2.46 -31.21
C TRP F 37 17.22 -1.99 -29.77
N THR F 38 18.07 -2.44 -28.84
CA THR F 38 18.14 -1.89 -27.48
C THR F 38 19.51 -2.08 -26.88
N ASP F 39 19.84 -1.23 -25.92
CA ASP F 39 20.89 -1.52 -24.98
C ASP F 39 20.42 -1.50 -23.53
N ASP F 40 19.11 -1.67 -23.35
CA ASP F 40 18.50 -2.00 -22.07
C ASP F 40 18.03 -3.46 -22.16
N PRO F 41 18.77 -4.41 -21.53
CA PRO F 41 18.38 -5.82 -21.56
C PRO F 41 17.38 -6.26 -20.47
N HIS F 42 16.82 -5.32 -19.72
CA HIS F 42 15.83 -5.65 -18.69
C HIS F 42 14.71 -6.51 -19.28
N PRO F 43 14.33 -7.57 -18.56
CA PRO F 43 13.27 -8.48 -19.08
C PRO F 43 11.91 -7.80 -19.34
N ARG F 44 11.60 -6.76 -18.57
CA ARG F 44 10.42 -5.89 -18.73
C ARG F 44 10.63 -4.67 -19.63
N ASN F 45 11.69 -4.64 -20.46
CA ASN F 45 11.84 -3.65 -21.55
C ASN F 45 11.06 -4.10 -22.76
N ASN F 46 9.75 -3.86 -22.72
CA ASN F 46 8.89 -4.38 -23.78
C ASN F 46 9.29 -3.74 -25.08
N TYR F 47 9.56 -2.42 -25.10
CA TYR F 47 9.70 -1.68 -26.36
C TYR F 47 11.15 -1.38 -26.70
N TRP F 48 11.74 -2.25 -27.49
CA TRP F 48 13.01 -1.98 -28.12
C TRP F 48 12.75 -1.00 -29.25
N GLU F 49 13.82 -0.37 -29.73
CA GLU F 49 13.71 0.67 -30.75
C GLU F 49 13.44 0.11 -32.14
N LEU F 50 12.38 0.59 -32.77
CA LEU F 50 12.13 0.24 -34.15
C LEU F 50 13.30 0.65 -35.06
N TRP F 51 13.69 -0.23 -35.96
CA TRP F 51 14.55 0.12 -37.10
C TRP F 51 13.67 0.22 -38.35
N GLY F 52 13.26 1.44 -38.70
CA GLY F 52 12.29 1.67 -39.78
C GLY F 52 10.92 1.09 -39.48
N LEU F 53 10.11 0.91 -40.52
CA LEU F 53 8.82 0.24 -40.37
C LEU F 53 8.96 -1.26 -40.60
N PRO F 54 8.01 -2.08 -40.04
CA PRO F 54 7.94 -3.49 -40.47
C PRO F 54 7.75 -3.65 -41.98
N LEU F 55 8.26 -4.75 -42.48
CA LEU F 55 8.38 -5.00 -43.90
C LEU F 55 7.23 -5.93 -44.29
N PHE F 56 6.07 -5.33 -44.54
CA PHE F 56 4.83 -6.08 -44.81
C PHE F 56 4.75 -6.58 -46.26
N ASP F 57 5.13 -5.70 -47.18
CA ASP F 57 5.02 -5.94 -48.63
C ASP F 57 6.02 -6.97 -49.20
N ILE F 58 7.06 -7.35 -48.44
CA ILE F 58 8.27 -7.90 -49.08
C ILE F 58 8.20 -9.41 -49.37
N LYS F 59 8.76 -9.75 -50.55
CA LYS F 59 8.58 -11.01 -51.24
C LYS F 59 9.93 -11.75 -51.35
N ASP F 60 10.96 -11.26 -50.65
CA ASP F 60 12.32 -11.76 -50.77
C ASP F 60 13.10 -11.60 -49.44
N PRO F 61 13.52 -12.73 -48.83
CA PRO F 61 14.31 -12.70 -47.59
C PRO F 61 15.49 -11.73 -47.61
N ALA F 62 16.21 -11.69 -48.72
CA ALA F 62 17.37 -10.78 -48.87
C ALA F 62 17.08 -9.34 -48.41
N THR F 63 15.84 -8.86 -48.59
CA THR F 63 15.44 -7.53 -48.12
C THR F 63 15.49 -7.39 -46.59
N VAL F 64 14.99 -8.40 -45.89
CA VAL F 64 15.07 -8.38 -44.43
C VAL F 64 16.54 -8.39 -44.05
N MET F 65 17.30 -9.29 -44.64
CA MET F 65 18.75 -9.44 -44.40
C MET F 65 19.51 -8.18 -44.71
N PHE F 66 19.17 -7.52 -45.80
CA PHE F 66 19.82 -6.26 -46.17
C PHE F 66 19.54 -5.20 -45.09
N GLU F 67 18.31 -5.16 -44.58
CA GLU F 67 17.97 -4.21 -43.51
C GLU F 67 18.64 -4.57 -42.20
N LEU F 68 18.77 -5.86 -41.92
CA LEU F 68 19.46 -6.29 -40.72
C LEU F 68 20.87 -5.71 -40.67
N ASN F 69 21.59 -5.80 -41.79
CA ASN F 69 22.98 -5.36 -41.87
C ASN F 69 23.12 -3.85 -41.91
N GLU F 70 22.17 -3.17 -42.54
CA GLU F 70 22.11 -1.71 -42.38
C GLU F 70 21.90 -1.31 -40.91
N ALA F 71 21.07 -2.04 -40.18
CA ALA F 71 20.84 -1.72 -38.76
C ALA F 71 22.11 -1.99 -37.95
N ARG F 72 22.72 -3.14 -38.21
CA ARG F 72 24.02 -3.53 -37.62
C ARG F 72 25.11 -2.47 -37.73
N LYS F 73 25.17 -1.83 -38.89
CA LYS F 73 26.17 -0.81 -39.16
C LYS F 73 25.86 0.57 -38.60
N SER F 74 24.59 0.88 -38.35
CA SER F 74 24.20 2.21 -37.82
C SER F 74 24.02 2.25 -36.32
N CYS F 75 23.60 1.14 -35.72
CA CYS F 75 23.26 1.14 -34.30
C CYS F 75 24.50 0.95 -33.46
N ALA F 76 24.52 1.60 -32.30
CA ALA F 76 25.51 1.38 -31.25
C ALA F 76 25.57 -0.06 -30.77
N ALA F 77 26.52 -0.33 -29.88
CA ALA F 77 26.69 -1.64 -29.32
C ALA F 77 25.46 -1.98 -28.44
N GLY F 78 24.96 -3.19 -28.64
CA GLY F 78 23.81 -3.67 -27.93
C GLY F 78 23.22 -4.94 -28.53
N TYR F 79 21.88 -4.95 -28.56
CA TYR F 79 21.09 -6.11 -28.90
C TYR F 79 20.23 -5.74 -30.07
N ILE F 80 20.10 -6.68 -31.00
CA ILE F 80 19.17 -6.57 -32.11
C ILE F 80 18.41 -7.88 -32.13
N ARG F 81 17.10 -7.80 -32.31
CA ARG F 81 16.28 -8.96 -32.59
C ARG F 81 15.50 -8.71 -33.87
N ILE F 82 15.09 -9.81 -34.51
CA ILE F 82 14.13 -9.80 -35.59
C ILE F 82 12.87 -10.45 -35.07
N ASN F 83 11.73 -9.79 -35.29
CA ASN F 83 10.41 -10.34 -34.93
C ASN F 83 9.60 -10.66 -36.15
N ALA F 84 8.81 -11.72 -36.06
CA ALA F 84 7.79 -12.04 -37.06
C ALA F 84 6.40 -11.77 -36.46
N PHE F 85 5.55 -11.09 -37.22
CA PHE F 85 4.27 -10.59 -36.72
C PHE F 85 3.12 -11.11 -37.60
N ASP F 86 2.11 -11.74 -36.98
CA ASP F 86 0.96 -12.32 -37.70
C ASP F 86 -0.32 -11.54 -37.46
N ALA F 87 -0.75 -10.79 -38.47
CA ALA F 87 -1.92 -9.92 -38.41
C ALA F 87 -3.26 -10.70 -38.41
N SER F 88 -3.23 -11.98 -38.78
CA SER F 88 -4.39 -12.88 -38.70
C SER F 88 -5.27 -12.67 -37.49
N TYR F 89 -6.56 -12.81 -37.71
CA TYR F 89 -7.54 -12.83 -36.64
C TYR F 89 -7.29 -14.00 -35.67
N GLY F 90 -7.31 -13.67 -34.38
CA GLY F 90 -7.06 -14.63 -33.33
C GLY F 90 -5.59 -14.82 -33.02
N VAL F 91 -4.71 -14.05 -33.70
CA VAL F 91 -3.28 -13.97 -33.36
C VAL F 91 -2.95 -12.48 -33.13
N GLU F 92 -2.83 -11.69 -34.19
CA GLU F 92 -2.62 -10.23 -34.08
C GLU F 92 -1.47 -9.84 -33.15
N SER F 93 -0.37 -10.58 -33.28
CA SER F 93 0.74 -10.52 -32.32
C SER F 93 2.04 -11.00 -32.95
N CYS F 94 3.11 -10.82 -32.21
CA CYS F 94 4.37 -11.44 -32.52
C CYS F 94 4.23 -12.96 -32.39
N VAL F 95 4.62 -13.71 -33.42
CA VAL F 95 4.74 -15.19 -33.36
C VAL F 95 6.18 -15.72 -33.38
N MET F 96 7.18 -14.86 -33.57
CA MET F 96 8.58 -15.31 -33.49
C MET F 96 9.47 -14.14 -33.11
N SER F 97 10.44 -14.37 -32.24
CA SER F 97 11.38 -13.32 -31.88
C SER F 97 12.68 -13.92 -31.39
N PHE F 98 13.77 -13.57 -32.05
CA PHE F 98 15.07 -14.12 -31.72
C PHE F 98 16.19 -13.07 -31.84
N ILE F 99 17.22 -13.24 -31.03
CA ILE F 99 18.32 -12.32 -30.99
C ILE F 99 19.20 -12.58 -32.22
N THR F 100 19.55 -11.50 -32.93
CA THR F 100 20.49 -11.54 -34.03
C THR F 100 21.87 -11.03 -33.61
N ASN F 101 21.90 -10.13 -32.64
CA ASN F 101 23.14 -9.55 -32.13
C ASN F 101 23.12 -9.32 -30.63
N ARG F 102 24.27 -9.51 -30.02
CA ARG F 102 24.42 -9.31 -28.60
C ARG F 102 25.86 -8.88 -28.34
N PRO F 103 26.06 -7.90 -27.46
CA PRO F 103 27.39 -7.39 -27.21
C PRO F 103 28.28 -8.45 -26.56
N THR F 104 29.58 -8.34 -26.72
CA THR F 104 30.50 -9.34 -26.18
C THR F 104 30.50 -9.47 -24.66
N ASN F 105 30.35 -8.34 -23.97
CA ASN F 105 30.51 -8.29 -22.51
C ASN F 105 29.21 -7.79 -21.93
N GLU F 106 28.31 -8.75 -21.72
CA GLU F 106 27.09 -8.55 -20.93
C GLU F 106 27.29 -8.97 -19.47
N PRO F 107 27.42 -7.98 -18.55
CA PRO F 107 27.53 -8.26 -17.13
C PRO F 107 26.25 -8.81 -16.51
N GLY F 108 25.09 -8.44 -17.07
CA GLY F 108 23.77 -8.90 -16.63
C GLY F 108 23.17 -8.03 -15.55
N PHE F 109 22.71 -8.66 -14.47
CA PHE F 109 21.88 -8.05 -13.45
C PHE F 109 22.23 -8.51 -12.04
N TYR F 110 21.81 -7.71 -11.07
CA TYR F 110 21.72 -8.11 -9.69
C TYR F 110 20.31 -7.92 -9.20
N LEU F 111 19.96 -8.72 -8.21
CA LEU F 111 18.65 -8.64 -7.61
C LEU F 111 18.70 -7.66 -6.42
N ASP F 112 17.81 -6.68 -6.41
CA ASP F 112 17.84 -5.59 -5.45
C ASP F 112 16.64 -5.77 -4.54
N ARG F 113 16.88 -5.94 -3.26
CA ARG F 113 15.88 -6.34 -2.30
C ARG F 113 15.56 -5.22 -1.34
N THR F 114 14.30 -4.83 -1.30
CA THR F 114 13.79 -3.85 -0.35
C THR F 114 12.84 -4.61 0.61
N ASP F 115 12.89 -4.28 1.89
CA ASP F 115 12.05 -4.96 2.89
C ASP F 115 10.60 -4.44 2.79
N GLY F 116 9.65 -5.34 2.64
CA GLY F 116 8.24 -5.00 2.57
C GLY F 116 7.62 -5.23 3.93
N PRO F 117 6.27 -5.33 3.98
CA PRO F 117 5.67 -5.81 5.24
C PRO F 117 6.17 -7.20 5.65
N GLY F 118 6.27 -7.44 6.95
CA GLY F 118 6.66 -8.77 7.48
C GLY F 118 7.95 -9.39 6.91
N ARG F 119 7.78 -10.51 6.22
CA ARG F 119 8.85 -11.16 5.45
C ARG F 119 8.85 -10.80 3.97
N GLN F 120 7.86 -10.06 3.48
CA GLN F 120 7.77 -9.82 2.05
C GLN F 120 8.95 -8.99 1.57
N ILE F 121 9.38 -9.25 0.34
CA ILE F 121 10.49 -8.49 -0.27
C ILE F 121 10.00 -7.81 -1.53
N VAL F 122 10.47 -6.58 -1.74
CA VAL F 122 10.23 -5.80 -2.92
C VAL F 122 11.50 -5.92 -3.81
N TYR F 123 11.36 -6.68 -4.90
CA TYR F 123 12.42 -6.96 -5.84
C TYR F 123 12.49 -5.94 -7.01
N SER F 124 13.71 -5.52 -7.33
CA SER F 124 13.99 -4.77 -8.55
C SER F 124 15.21 -5.39 -9.21
N ILE F 125 15.04 -5.74 -10.48
CA ILE F 125 16.10 -6.37 -11.22
C ILE F 125 16.83 -5.19 -11.79
N LYS F 126 18.12 -5.10 -11.47
CA LYS F 126 18.98 -3.97 -11.90
C LYS F 126 20.11 -4.38 -12.86
N SER F 127 20.24 -3.67 -14.00
CA SER F 127 21.24 -3.96 -15.02
C SER F 127 22.49 -3.10 -14.77
N TYR F 128 23.66 -3.76 -14.78
CA TYR F 128 24.94 -3.10 -14.65
C TYR F 128 25.23 -2.16 -15.80
N SER F 129 24.95 -2.62 -17.03
CA SER F 129 25.20 -1.80 -18.22
C SER F 129 24.41 -0.50 -18.17
N VAL F 130 23.12 -0.61 -17.89
CA VAL F 130 22.24 0.54 -17.86
C VAL F 130 22.53 1.56 -16.72
N GLN F 131 22.94 1.09 -15.56
CA GLN F 131 23.12 1.99 -14.40
C GLN F 131 24.41 2.78 -14.50
N ALA F 132 25.42 2.19 -15.18
CA ALA F 132 26.72 2.81 -15.38
C ALA F 132 26.72 3.86 -16.50
N ASN F 133 25.96 3.66 -17.58
CA ASN F 133 26.02 4.57 -18.75
C ASN F 133 24.70 4.74 -19.48
N PRO F 134 24.52 5.88 -20.17
CA PRO F 134 23.28 6.12 -20.90
C PRO F 134 23.18 5.37 -22.23
N GLU F 135 21.96 5.32 -22.75
CA GLU F 135 21.63 4.65 -24.00
C GLU F 135 22.60 5.15 -25.06
N GLY F 136 23.22 4.23 -25.80
CA GLY F 136 24.22 4.55 -26.82
C GLY F 136 25.67 4.35 -26.40
N SER F 137 25.92 4.22 -25.13
CA SER F 137 27.27 3.99 -24.67
C SER F 137 27.32 2.99 -23.51
N ARG F 138 26.47 1.96 -23.57
CA ARG F 138 26.35 0.97 -22.49
C ARG F 138 27.21 -0.27 -22.69
N TYR F 139 27.54 -0.56 -23.95
CA TYR F 139 28.45 -1.63 -24.32
C TYR F 139 29.53 -1.09 -25.26
N GLN G 3 -74.76 22.49 -3.77
CA GLN G 3 -75.28 21.55 -2.72
C GLN G 3 -74.23 20.51 -2.25
N SER G 4 -73.25 20.14 -3.09
CA SER G 4 -72.10 19.28 -2.65
C SER G 4 -70.91 20.16 -2.25
N VAL G 5 -70.07 19.65 -1.35
CA VAL G 5 -68.92 20.42 -0.83
C VAL G 5 -67.87 20.77 -1.91
N SER G 6 -67.63 19.84 -2.84
CA SER G 6 -66.79 20.10 -4.02
C SER G 6 -67.20 21.37 -4.79
N GLU G 7 -68.50 21.51 -5.06
CA GLU G 7 -69.03 22.60 -5.90
C GLU G 7 -68.98 23.95 -5.20
N ARG G 8 -69.30 23.96 -3.91
CA ARG G 8 -69.30 25.19 -3.10
C ARG G 8 -67.90 25.76 -2.92
N THR G 9 -66.91 24.88 -2.71
CA THR G 9 -65.47 25.26 -2.58
C THR G 9 -64.65 25.27 -3.89
N ARG G 10 -65.26 24.88 -5.03
CA ARG G 10 -64.69 25.16 -6.38
C ARG G 10 -64.16 26.56 -6.44
N ILE G 11 -62.94 26.70 -6.93
CA ILE G 11 -62.31 28.01 -7.10
C ILE G 11 -62.92 28.67 -8.34
N LYS G 12 -63.32 29.95 -8.22
CA LYS G 12 -64.00 30.67 -9.32
C LYS G 12 -63.24 31.92 -9.78
N SER G 13 -61.97 32.10 -9.36
CA SER G 13 -61.14 33.23 -9.82
C SER G 13 -60.72 33.05 -11.29
N ASP G 14 -60.45 34.16 -11.98
CA ASP G 14 -59.97 34.10 -13.37
C ASP G 14 -58.81 33.10 -13.56
N ARG G 15 -57.85 33.17 -12.63
CA ARG G 15 -56.58 32.43 -12.73
C ARG G 15 -56.61 30.96 -12.23
N TYR G 16 -57.42 30.65 -11.22
CA TYR G 16 -57.40 29.34 -10.56
C TYR G 16 -58.69 28.53 -10.65
N GLU G 17 -59.61 28.99 -11.48
CA GLU G 17 -60.72 28.17 -11.93
C GLU G 17 -60.19 27.05 -12.84
N SER G 18 -60.87 25.93 -12.85
CA SER G 18 -60.50 24.86 -13.76
C SER G 18 -60.53 25.32 -15.22
N GLY G 19 -59.65 24.73 -16.03
CA GLY G 19 -59.64 24.97 -17.45
C GLY G 19 -58.27 25.28 -18.04
N VAL G 20 -58.23 25.19 -19.36
CA VAL G 20 -57.10 25.62 -20.12
C VAL G 20 -57.17 27.13 -20.26
N ILE G 21 -56.08 27.81 -19.97
CA ILE G 21 -55.89 29.20 -20.38
C ILE G 21 -54.47 29.32 -20.96
N PRO G 22 -54.26 30.32 -21.83
CA PRO G 22 -52.93 30.56 -22.41
C PRO G 22 -51.85 30.69 -21.36
N TYR G 23 -50.66 30.10 -21.57
CA TYR G 23 -49.54 30.20 -20.60
C TYR G 23 -49.11 31.66 -20.38
N ALA G 24 -49.28 32.50 -21.41
CA ALA G 24 -49.03 33.94 -21.30
C ALA G 24 -49.97 34.68 -20.36
N LYS G 25 -51.08 34.06 -19.97
CA LYS G 25 -51.96 34.58 -18.91
C LYS G 25 -51.73 33.88 -17.58
N MET G 26 -51.03 32.76 -17.57
CA MET G 26 -50.73 32.05 -16.32
C MET G 26 -49.61 32.67 -15.47
N GLY G 27 -48.97 33.73 -15.99
CA GLY G 27 -47.91 34.45 -15.30
C GLY G 27 -46.51 34.16 -15.80
N TYR G 28 -46.40 33.61 -17.00
CA TYR G 28 -45.12 33.15 -17.53
C TYR G 28 -44.58 34.07 -18.61
N TRP G 29 -45.19 35.25 -18.77
CA TRP G 29 -44.77 36.25 -19.71
C TRP G 29 -44.84 37.58 -19.05
N ASP G 30 -43.70 38.22 -18.89
CA ASP G 30 -43.60 39.48 -18.17
C ASP G 30 -42.48 40.23 -18.82
N ALA G 31 -42.82 41.10 -19.74
CA ALA G 31 -41.85 41.84 -20.54
C ALA G 31 -41.15 42.95 -19.78
N SER G 32 -41.57 43.23 -18.55
CA SER G 32 -40.91 44.21 -17.70
C SER G 32 -40.39 43.56 -16.38
N TYR G 33 -40.25 42.24 -16.37
CA TYR G 33 -39.47 41.56 -15.35
C TYR G 33 -38.05 42.15 -15.27
N THR G 34 -37.64 42.57 -14.06
CA THR G 34 -36.25 42.94 -13.85
C THR G 34 -35.48 41.67 -13.42
N VAL G 35 -34.55 41.27 -14.27
CA VAL G 35 -33.64 40.17 -14.00
C VAL G 35 -32.87 40.44 -12.68
N LYS G 36 -32.86 39.44 -11.81
CA LYS G 36 -32.06 39.47 -10.60
C LYS G 36 -30.74 38.81 -10.93
N ASP G 37 -29.73 39.13 -10.13
CA ASP G 37 -28.41 38.56 -10.33
C ASP G 37 -28.35 37.09 -10.00
N THR G 38 -29.25 36.61 -9.14
CA THR G 38 -29.32 35.20 -8.75
C THR G 38 -30.15 34.35 -9.71
N ASP G 39 -30.89 34.96 -10.64
CA ASP G 39 -31.64 34.19 -11.63
C ASP G 39 -30.74 33.40 -12.57
N VAL G 40 -31.22 32.20 -12.95
CA VAL G 40 -30.68 31.45 -14.09
C VAL G 40 -31.42 31.96 -15.33
N LEU G 41 -30.68 32.40 -16.33
CA LEU G 41 -31.24 32.84 -17.60
C LEU G 41 -31.01 31.81 -18.69
N ALA G 42 -32.00 31.61 -19.55
CA ALA G 42 -31.81 30.84 -20.76
C ALA G 42 -32.22 31.67 -21.97
N LEU G 43 -31.50 31.51 -23.06
CA LEU G 43 -31.91 32.03 -24.36
C LEU G 43 -32.23 30.84 -25.26
N PHE G 44 -33.46 30.82 -25.79
CA PHE G 44 -33.91 29.79 -26.72
C PHE G 44 -34.16 30.44 -28.06
N ARG G 45 -33.91 29.71 -29.14
CA ARG G 45 -34.36 30.08 -30.49
C ARG G 45 -35.65 29.29 -30.78
N ILE G 46 -36.77 29.99 -30.93
CA ILE G 46 -38.08 29.34 -31.03
C ILE G 46 -38.62 29.53 -32.43
N THR G 47 -38.98 28.41 -33.07
CA THR G 47 -39.73 28.42 -34.33
C THR G 47 -41.13 27.92 -34.01
N PRO G 48 -42.06 28.85 -33.72
CA PRO G 48 -43.41 28.43 -33.47
C PRO G 48 -44.10 27.87 -34.70
N GLN G 49 -45.01 26.94 -34.46
CA GLN G 49 -45.91 26.42 -35.51
C GLN G 49 -46.71 27.52 -36.15
N PRO G 50 -47.10 27.33 -37.43
CA PRO G 50 -47.97 28.35 -38.06
C PRO G 50 -49.25 28.55 -37.25
N GLY G 51 -49.56 29.81 -36.95
CA GLY G 51 -50.74 30.13 -36.17
C GLY G 51 -50.53 30.28 -34.67
N VAL G 52 -49.36 29.90 -34.15
CA VAL G 52 -49.03 30.09 -32.72
C VAL G 52 -48.29 31.42 -32.55
N ASP G 53 -48.72 32.20 -31.58
CA ASP G 53 -48.12 33.50 -31.31
C ASP G 53 -46.74 33.24 -30.74
N PRO G 54 -45.72 33.99 -31.18
CA PRO G 54 -44.35 33.78 -30.68
C PRO G 54 -44.24 33.88 -29.14
N VAL G 55 -44.91 34.87 -28.58
CA VAL G 55 -44.87 35.19 -27.15
C VAL G 55 -45.52 34.09 -26.36
N GLU G 56 -46.62 33.55 -26.89
CA GLU G 56 -47.35 32.44 -26.27
C GLU G 56 -46.47 31.18 -26.24
N ALA G 57 -45.69 30.98 -27.31
CA ALA G 57 -44.69 29.90 -27.35
C ALA G 57 -43.61 30.09 -26.27
N ALA G 58 -43.09 31.30 -26.14
CA ALA G 58 -42.09 31.61 -25.11
C ALA G 58 -42.65 31.37 -23.72
N ALA G 59 -43.90 31.77 -23.53
CA ALA G 59 -44.60 31.49 -22.28
C ALA G 59 -44.76 29.97 -22.07
N ALA G 60 -45.15 29.21 -23.09
CA ALA G 60 -45.27 27.77 -22.98
C ALA G 60 -43.95 27.14 -22.56
N VAL G 61 -42.86 27.53 -23.22
CA VAL G 61 -41.51 27.03 -22.86
C VAL G 61 -41.16 27.40 -21.40
N ALA G 62 -41.39 28.65 -21.05
CA ALA G 62 -41.13 29.11 -19.68
C ALA G 62 -41.93 28.35 -18.68
N GLY G 63 -43.21 28.11 -19.00
CA GLY G 63 -44.14 27.39 -18.11
C GLY G 63 -43.73 25.95 -17.92
N GLU G 64 -43.59 25.24 -19.05
CA GLU G 64 -43.36 23.81 -19.03
C GLU G 64 -41.96 23.39 -18.65
N SER G 65 -41.05 24.37 -18.49
CA SER G 65 -39.75 24.15 -17.89
C SER G 65 -39.66 24.73 -16.47
N SER G 66 -40.81 25.05 -15.85
CA SER G 66 -40.78 25.58 -14.51
C SER G 66 -41.94 25.02 -13.68
N THR G 67 -43.10 25.66 -13.63
CA THR G 67 -44.15 25.22 -12.69
C THR G 67 -45.46 24.76 -13.36
N ALA G 68 -45.55 24.87 -14.69
CA ALA G 68 -46.83 24.80 -15.40
C ALA G 68 -47.16 23.43 -15.94
N THR G 69 -48.44 23.21 -16.14
CA THR G 69 -48.90 22.17 -17.03
C THR G 69 -50.01 22.76 -17.90
N TRP G 70 -50.58 21.92 -18.75
CA TRP G 70 -51.47 22.35 -19.84
C TRP G 70 -52.86 22.92 -19.44
N THR G 71 -53.26 22.58 -18.22
CA THR G 71 -54.53 23.01 -17.63
C THR G 71 -54.20 23.51 -16.22
N VAL G 72 -55.10 24.30 -15.66
CA VAL G 72 -54.84 25.03 -14.44
C VAL G 72 -55.03 24.10 -13.27
N VAL G 73 -54.16 24.22 -12.28
CA VAL G 73 -54.20 23.39 -11.10
C VAL G 73 -54.25 24.23 -9.84
N TRP G 74 -55.16 23.87 -8.91
CA TRP G 74 -55.38 24.65 -7.67
C TRP G 74 -54.19 24.55 -6.72
N THR G 75 -53.46 23.44 -6.79
CA THR G 75 -52.29 23.16 -5.97
C THR G 75 -51.14 24.19 -6.05
N ASP G 76 -51.03 24.96 -7.16
CA ASP G 76 -50.15 26.16 -7.22
C ASP G 76 -50.25 26.96 -5.90
N LEU G 77 -51.49 27.14 -5.43
CA LEU G 77 -51.85 27.92 -4.21
C LEU G 77 -51.38 27.36 -2.87
N LEU G 78 -50.86 26.13 -2.85
CA LEU G 78 -50.14 25.61 -1.67
C LEU G 78 -48.68 26.04 -1.61
N THR G 79 -48.20 26.65 -2.70
CA THR G 79 -46.80 27.03 -2.83
C THR G 79 -46.78 28.54 -2.97
N ALA G 80 -45.56 29.09 -2.97
CA ALA G 80 -45.34 30.49 -3.34
C ALA G 80 -45.25 30.58 -4.87
N CYS G 81 -46.38 30.40 -5.54
CA CYS G 81 -46.39 30.16 -6.98
C CYS G 81 -45.74 31.29 -7.80
N GLU G 82 -46.01 32.54 -7.43
CA GLU G 82 -45.56 33.72 -8.19
C GLU G 82 -44.04 33.77 -8.28
N ARG G 83 -43.40 33.37 -7.17
CA ARG G 83 -41.95 33.27 -7.03
C ARG G 83 -41.33 32.21 -7.91
N TYR G 84 -41.96 31.04 -8.02
CA TYR G 84 -41.35 29.89 -8.71
C TYR G 84 -41.54 29.83 -10.21
N ARG G 85 -42.48 30.57 -10.78
CA ARG G 85 -42.65 30.61 -12.22
C ARG G 85 -41.47 31.27 -12.93
N ALA G 86 -41.02 30.67 -14.02
CA ALA G 86 -40.07 31.31 -14.89
C ALA G 86 -40.82 32.35 -15.72
N LYS G 87 -40.20 33.49 -15.96
CA LYS G 87 -40.80 34.54 -16.80
C LYS G 87 -40.02 34.64 -18.10
N ALA G 88 -40.66 34.33 -19.22
CA ALA G 88 -40.20 34.82 -20.52
C ALA G 88 -40.24 36.31 -20.46
N TYR G 89 -39.09 36.95 -20.64
CA TYR G 89 -39.01 38.38 -20.41
C TYR G 89 -38.63 39.17 -21.62
N ARG G 90 -38.44 38.49 -22.74
CA ARG G 90 -37.97 39.12 -23.96
C ARG G 90 -38.15 38.14 -25.11
N VAL G 91 -38.91 38.58 -26.11
CA VAL G 91 -39.06 37.85 -27.37
C VAL G 91 -38.73 38.83 -28.47
N ASP G 92 -37.76 38.47 -29.27
CA ASP G 92 -37.22 39.31 -30.33
C ASP G 92 -37.21 38.53 -31.65
N PRO G 93 -37.36 39.23 -32.78
CA PRO G 93 -37.20 38.54 -34.04
C PRO G 93 -35.74 38.19 -34.30
N VAL G 94 -35.51 37.07 -34.96
CA VAL G 94 -34.17 36.70 -35.41
C VAL G 94 -33.87 37.37 -36.78
N PRO G 95 -32.65 37.88 -36.94
CA PRO G 95 -32.17 38.40 -38.23
C PRO G 95 -32.26 37.39 -39.36
N ASN G 96 -32.98 37.76 -40.43
CA ASN G 96 -33.01 37.01 -41.67
C ASN G 96 -33.76 35.66 -41.66
N SER G 97 -34.43 35.32 -40.55
CA SER G 97 -35.44 34.27 -40.59
C SER G 97 -36.70 34.93 -40.09
N ALA G 98 -37.74 34.81 -40.89
CA ALA G 98 -38.91 35.64 -40.73
C ALA G 98 -39.83 35.12 -39.63
N ASP G 99 -39.90 33.80 -39.44
CA ASP G 99 -40.82 33.24 -38.43
C ASP G 99 -40.06 32.42 -37.39
N VAL G 100 -38.92 32.96 -36.97
CA VAL G 100 -38.09 32.40 -35.88
C VAL G 100 -37.75 33.50 -34.87
N PHE G 101 -37.68 33.15 -33.60
CA PHE G 101 -37.56 34.14 -32.53
C PHE G 101 -36.58 33.74 -31.46
N PHE G 102 -35.96 34.74 -30.84
CA PHE G 102 -35.12 34.59 -29.66
C PHE G 102 -36.02 34.89 -28.50
N ALA G 103 -36.01 34.01 -27.49
CA ALA G 103 -36.83 34.15 -26.31
C ALA G 103 -35.92 33.93 -25.10
N PHE G 104 -35.79 34.99 -24.29
CA PHE G 104 -35.02 35.00 -23.06
C PHE G 104 -35.95 34.66 -21.91
N ILE G 105 -35.55 33.73 -21.06
CA ILE G 105 -36.37 33.27 -19.94
C ILE G 105 -35.56 33.24 -18.63
N ALA G 106 -36.18 33.79 -17.58
CA ALA G 106 -35.57 33.93 -16.27
C ALA G 106 -36.16 32.92 -15.29
N TYR G 107 -35.28 32.25 -14.55
CA TYR G 107 -35.65 31.16 -13.66
C TYR G 107 -35.12 31.47 -12.26
N GLU G 108 -36.00 31.38 -11.28
CA GLU G 108 -35.61 31.64 -9.91
C GLU G 108 -34.55 30.63 -9.43
N CYS G 109 -33.45 31.13 -8.86
CA CYS G 109 -32.36 30.32 -8.24
C CYS G 109 -32.81 29.07 -7.45
N ASP G 110 -33.87 29.20 -6.64
CA ASP G 110 -34.37 28.09 -5.83
C ASP G 110 -35.05 26.98 -6.63
N LEU G 111 -35.23 27.12 -7.93
CA LEU G 111 -35.72 25.99 -8.70
C LEU G 111 -34.75 24.82 -8.85
N PHE G 112 -33.48 25.00 -8.43
CA PHE G 112 -32.40 24.14 -8.92
C PHE G 112 -31.66 23.50 -7.80
N GLU G 113 -31.52 22.19 -7.86
CA GLU G 113 -30.75 21.50 -6.88
C GLU G 113 -29.34 21.99 -7.02
N GLU G 114 -28.75 22.30 -5.86
CA GLU G 114 -27.39 22.79 -5.76
C GLU G 114 -26.43 21.72 -6.32
N ALA G 115 -25.44 22.15 -7.09
CA ALA G 115 -24.39 21.28 -7.66
C ALA G 115 -24.91 20.21 -8.58
N SER G 116 -26.16 20.28 -9.04
CA SER G 116 -26.70 19.20 -9.87
C SER G 116 -26.92 19.69 -11.26
N LEU G 117 -26.06 19.28 -12.18
CA LEU G 117 -26.33 19.45 -13.62
C LEU G 117 -27.60 18.67 -14.07
N ALA G 118 -27.82 17.48 -13.52
CA ALA G 118 -28.96 16.67 -13.91
C ALA G 118 -30.22 17.47 -13.68
N ASN G 119 -30.30 18.09 -12.52
CA ASN G 119 -31.45 18.90 -12.22
C ASN G 119 -31.61 20.17 -13.07
N LEU G 120 -30.51 20.84 -13.37
CA LEU G 120 -30.57 22.02 -14.22
C LEU G 120 -31.12 21.62 -15.57
N THR G 121 -30.55 20.57 -16.17
CA THR G 121 -31.01 20.12 -17.48
C THR G 121 -32.44 19.56 -17.47
N ALA G 122 -32.83 18.90 -16.37
CA ALA G 122 -34.19 18.37 -16.23
C ALA G 122 -35.23 19.46 -16.43
N SER G 123 -34.95 20.65 -15.93
CA SER G 123 -35.88 21.79 -16.10
C SER G 123 -35.70 22.43 -17.49
N ILE G 124 -34.48 22.86 -17.81
CA ILE G 124 -34.21 23.66 -19.00
C ILE G 124 -34.40 22.91 -20.30
N ILE G 125 -34.00 21.64 -20.37
CA ILE G 125 -34.20 20.80 -21.60
C ILE G 125 -35.12 19.56 -21.49
N GLY G 126 -35.62 19.25 -20.29
CA GLY G 126 -36.45 18.05 -20.05
C GLY G 126 -37.53 17.73 -21.07
N ASN G 127 -38.54 18.61 -21.21
CA ASN G 127 -39.69 18.36 -22.08
C ASN G 127 -39.96 19.39 -23.17
N VAL G 128 -39.47 20.62 -23.03
CA VAL G 128 -39.94 21.70 -23.90
C VAL G 128 -39.62 21.57 -25.39
N PHE G 129 -38.70 20.66 -25.76
CA PHE G 129 -38.32 20.47 -27.16
C PHE G 129 -39.27 19.53 -27.92
N GLY G 130 -40.04 18.73 -27.19
CA GLY G 130 -41.02 17.85 -27.79
C GLY G 130 -42.42 18.43 -27.84
N PHE G 131 -42.54 19.71 -27.54
CA PHE G 131 -43.84 20.35 -27.50
C PHE G 131 -44.35 20.55 -28.94
N LYS G 132 -45.58 20.12 -29.24
CA LYS G 132 -46.13 20.23 -30.59
C LYS G 132 -46.26 21.68 -31.03
N ALA G 133 -46.72 22.56 -30.14
CA ALA G 133 -46.95 23.99 -30.48
C ALA G 133 -45.70 24.77 -31.02
N VAL G 134 -44.53 24.13 -30.97
CA VAL G 134 -43.26 24.67 -31.43
C VAL G 134 -42.67 23.65 -32.42
N SER G 135 -42.36 24.05 -33.66
CA SER G 135 -41.86 23.08 -34.66
C SER G 135 -40.33 22.82 -34.51
N ALA G 136 -39.65 23.83 -33.95
CA ALA G 136 -38.25 23.73 -33.56
C ALA G 136 -37.86 24.65 -32.37
N LEU G 137 -36.82 24.25 -31.67
CA LEU G 137 -36.40 24.85 -30.40
C LEU G 137 -34.94 24.55 -30.23
N ARG G 138 -34.15 25.58 -29.94
CA ARG G 138 -32.76 25.38 -29.69
C ARG G 138 -32.31 26.25 -28.51
N LEU G 139 -31.53 25.68 -27.59
CA LEU G 139 -31.00 26.42 -26.45
C LEU G 139 -29.66 26.98 -26.89
N GLU G 140 -29.57 28.30 -26.99
CA GLU G 140 -28.43 28.99 -27.56
C GLU G 140 -27.39 29.41 -26.57
N ASP G 141 -27.82 29.74 -25.35
CA ASP G 141 -26.90 30.25 -24.34
C ASP G 141 -27.61 30.26 -22.99
N MET G 142 -26.82 30.27 -21.93
CA MET G 142 -27.33 30.45 -20.58
C MET G 142 -26.45 31.37 -19.77
N ARG G 143 -27.10 32.12 -18.88
CA ARG G 143 -26.43 32.87 -17.83
C ARG G 143 -26.59 32.05 -16.57
N ILE G 144 -25.53 31.37 -16.18
CA ILE G 144 -25.53 30.64 -14.91
C ILE G 144 -25.05 31.63 -13.85
N PRO G 145 -25.89 31.98 -12.88
CA PRO G 145 -25.54 33.00 -11.89
C PRO G 145 -24.41 32.61 -10.94
N HIS G 146 -23.65 33.62 -10.47
CA HIS G 146 -22.51 33.42 -9.54
C HIS G 146 -22.83 32.49 -8.37
N SER G 147 -24.00 32.73 -7.76
CA SER G 147 -24.53 31.91 -6.65
C SER G 147 -24.81 30.44 -6.92
N TYR G 148 -25.18 30.13 -8.16
CA TYR G 148 -25.33 28.76 -8.56
C TYR G 148 -23.89 28.19 -8.85
N LEU G 149 -23.05 28.96 -9.53
CA LEU G 149 -21.73 28.47 -9.88
C LEU G 149 -20.90 28.05 -8.68
NZ LOH G 150 -15.63 31.25 -5.21
CE LOH G 150 -17.05 31.53 -5.54
CD LOH G 150 -17.94 30.33 -5.22
CG LOH G 150 -19.42 30.66 -5.50
CB LOH G 150 -20.31 29.44 -5.25
CA LOH G 150 -20.22 28.40 -6.35
N LOH G 150 -21.00 28.76 -7.55
C LOH G 150 -20.59 27.07 -5.75
O LOH G 150 -19.79 26.49 -5.01
OH1 LOH G 150 -21.66 29.86 -5.17
OH2 LOH G 150 -19.85 31.72 -4.61
N THR G 151 -21.81 26.56 -6.02
CA THR G 151 -22.20 25.21 -5.57
C THR G 151 -21.44 24.15 -6.32
N PHE G 152 -20.99 24.48 -7.53
CA PHE G 152 -20.22 23.57 -8.36
C PHE G 152 -18.70 23.61 -8.11
N GLN G 153 -18.07 22.47 -8.37
CA GLN G 153 -16.63 22.32 -8.24
C GLN G 153 -15.84 23.16 -9.27
N GLY G 154 -16.30 23.20 -10.53
CA GLY G 154 -15.48 23.71 -11.63
C GLY G 154 -14.45 22.66 -11.94
N HYP G 155 -13.55 22.89 -12.92
CA HYP G 155 -12.51 21.88 -13.28
C HYP G 155 -11.72 21.34 -12.11
O HYP G 155 -11.35 22.11 -11.25
CB HYP G 155 -11.61 22.46 -14.36
CG HYP G 155 -12.57 23.48 -14.95
CD HYP G 155 -13.51 23.98 -13.86
OD1 HYP G 155 -13.38 22.80 -15.93
N ALA G 156 -11.51 20.04 -12.09
CA ALA G 156 -10.76 19.35 -11.05
C ALA G 156 -9.38 19.93 -10.93
N THR G 157 -8.78 20.18 -12.10
CA THR G 157 -7.43 20.66 -12.21
C THR G 157 -7.46 22.08 -12.73
N GLY G 158 -7.96 22.24 -13.94
CA GLY G 158 -7.96 23.51 -14.63
C GLY G 158 -6.62 23.78 -15.29
N ILE G 159 -6.62 24.75 -16.20
CA ILE G 159 -5.51 25.00 -17.08
C ILE G 159 -4.27 25.32 -16.29
N ILE G 160 -4.41 26.14 -15.26
CA ILE G 160 -3.24 26.66 -14.55
C ILE G 160 -2.50 25.55 -13.83
N VAL G 161 -3.22 24.75 -13.04
CA VAL G 161 -2.59 23.65 -12.34
C VAL G 161 -2.16 22.54 -13.30
N GLU G 162 -2.85 22.39 -14.44
CA GLU G 162 -2.46 21.43 -15.44
C GLU G 162 -1.10 21.68 -16.05
N ARG G 163 -0.86 22.92 -16.43
CA ARG G 163 0.44 23.33 -16.92
C ARG G 163 1.55 23.21 -15.89
N GLU G 164 1.24 23.38 -14.60
CA GLU G 164 2.21 23.19 -13.52
C GLU G 164 2.54 21.74 -13.34
N ARG G 165 1.63 20.82 -13.60
CA ARG G 165 1.92 19.38 -13.46
C ARG G 165 2.74 18.83 -14.60
N LEU G 166 2.53 19.39 -15.79
CA LEU G 166 3.27 19.02 -17.01
C LEU G 166 4.65 19.72 -17.10
N ASN G 167 4.77 20.86 -16.41
CA ASN G 167 5.89 21.80 -16.48
C ASN G 167 6.11 22.24 -17.94
N LYS G 168 5.10 22.91 -18.47
CA LYS G 168 5.02 23.27 -19.90
C LYS G 168 4.20 24.53 -20.05
N TYR G 169 4.87 25.62 -20.37
CA TYR G 169 4.30 26.94 -20.47
C TYR G 169 4.92 27.66 -21.66
N GLY G 170 4.09 28.33 -22.47
CA GLY G 170 4.61 29.19 -23.54
C GLY G 170 4.08 28.83 -24.90
N THR G 171 3.72 27.57 -25.09
CA THR G 171 3.01 27.16 -26.29
C THR G 171 1.80 26.30 -25.99
N PRO G 172 0.91 26.15 -26.98
CA PRO G 172 -0.05 25.07 -26.96
C PRO G 172 0.57 23.71 -26.71
N LEU G 173 -0.18 22.87 -26.04
CA LEU G 173 0.19 21.51 -25.80
C LEU G 173 -0.21 20.73 -27.03
N HLU G 174 0.25 19.50 -27.10
CA HLU G 174 0.25 18.74 -28.32
CB HLU G 174 1.70 18.86 -28.74
CG HLU G 174 2.09 19.54 -30.05
CD1 HLU G 174 3.35 18.93 -30.62
CD2 HLU G 174 1.04 19.49 -31.15
C HLU G 174 -0.18 17.35 -27.96
O HLU G 174 0.23 16.83 -26.90
OH HLU G 174 2.20 17.55 -28.68
N GLY G 175 -1.01 16.72 -28.80
CA GLY G 175 -1.27 15.29 -28.67
C GLY G 175 -1.75 14.63 -29.93
N ALA G 176 -2.28 13.42 -29.78
CA ALA G 176 -2.75 12.62 -30.90
C ALA G 176 -3.56 11.41 -30.43
N THR G 177 -4.62 11.11 -31.16
CA THR G 177 -5.39 9.89 -30.95
C THR G 177 -4.64 8.73 -31.62
N VAL G 178 -4.54 7.59 -30.93
CA VAL G 178 -3.97 6.38 -31.51
C VAL G 178 -4.90 5.81 -32.58
N LYS G 179 -4.32 5.39 -33.70
CA LYS G 179 -5.04 4.90 -34.89
C LYS G 179 -4.42 3.59 -35.37
N PRO G 180 -5.16 2.68 -35.97
CA PRO G 180 -6.61 2.74 -36.18
C PRO G 180 -7.44 2.83 -34.90
N LYS G 181 -8.64 3.41 -35.02
CA LYS G 181 -9.49 3.68 -33.86
C LYS G 181 -9.68 2.39 -33.06
N LEU G 182 -10.01 1.32 -33.77
CA LEU G 182 -10.26 0.02 -33.18
C LEU G 182 -9.36 -1.03 -33.81
N GLY G 183 -9.00 -2.03 -33.01
CA GLY G 183 -8.30 -3.25 -33.47
C GLY G 183 -6.95 -3.55 -32.80
N LEU G 184 -6.30 -2.54 -32.20
CA LEU G 184 -4.94 -2.72 -31.71
C LEU G 184 -4.92 -3.47 -30.39
N SER G 185 -3.97 -4.38 -30.22
CA SER G 185 -3.76 -5.05 -28.92
C SER G 185 -3.17 -4.09 -27.88
N GLY G 186 -3.13 -4.51 -26.62
CA GLY G 186 -2.45 -3.75 -25.57
C GLY G 186 -0.99 -3.37 -25.84
N LYS G 187 -0.17 -4.37 -26.18
CA LYS G 187 1.27 -4.15 -26.41
C LYS G 187 1.51 -3.08 -27.49
N ASN G 188 0.77 -3.20 -28.58
CA ASN G 188 0.90 -2.32 -29.73
C ASN G 188 0.38 -0.93 -29.47
N TYR G 189 -0.62 -0.80 -28.59
CA TYR G 189 -1.11 0.50 -28.16
C TYR G 189 0.04 1.21 -27.46
N GLY G 190 0.69 0.52 -26.55
CA GLY G 190 1.86 1.10 -25.86
C GLY G 190 3.01 1.49 -26.76
N ARG G 191 3.22 0.74 -27.85
CA ARG G 191 4.24 1.04 -28.86
C ARG G 191 3.92 2.38 -29.48
N VAL G 192 2.73 2.47 -30.06
CA VAL G 192 2.24 3.68 -30.67
C VAL G 192 2.38 4.87 -29.72
N VAL G 193 2.04 4.66 -28.44
CA VAL G 193 2.07 5.73 -27.44
C VAL G 193 3.51 6.12 -27.18
N TYR G 194 4.35 5.13 -26.90
CA TYR G 194 5.80 5.33 -26.71
C TYR G 194 6.46 6.15 -27.85
N GLU G 195 6.22 5.70 -29.08
CA GLU G 195 6.79 6.31 -30.27
C GLU G 195 6.33 7.78 -30.40
N GLY G 196 5.05 8.04 -30.17
CA GLY G 196 4.52 9.41 -30.32
C GLY G 196 5.03 10.38 -29.26
N LEU G 197 5.05 9.91 -28.02
CA LEU G 197 5.63 10.66 -26.93
C LEU G 197 7.12 10.91 -27.12
N LYO G 198 7.87 9.89 -27.55
CA LYO G 198 9.32 10.03 -27.77
C LYO G 198 9.64 11.07 -28.85
O LYO G 198 10.52 11.92 -28.67
CB LYO G 198 9.92 8.68 -28.20
CG LYO G 198 11.44 8.76 -28.30
OG LYO G 198 11.92 9.53 -27.19
CD LYO G 198 12.03 7.35 -28.23
CE LYO G 198 13.53 7.32 -28.52
NZ LYO G 198 14.24 6.40 -27.63
N GLY G 199 8.87 10.99 -29.93
CA GLY G 199 8.97 11.90 -31.06
C GLY G 199 8.61 13.34 -30.81
N GLY G 200 7.98 13.63 -29.68
CA GLY G 200 7.68 14.99 -29.27
C GLY G 200 6.32 15.29 -28.70
N LEU G 201 5.32 14.44 -28.87
CA LEU G 201 3.96 14.78 -28.38
C LEU G 201 3.95 14.74 -26.88
N ASP G 202 3.22 15.67 -26.28
CA ASP G 202 3.00 15.67 -24.83
C ASP G 202 2.11 14.51 -24.39
N PHE G 203 1.08 14.27 -25.19
CA PHE G 203 0.06 13.28 -24.89
C PHE G 203 -0.25 12.48 -26.13
N LEU G 204 -0.69 11.25 -25.94
CA LEU G 204 -1.54 10.59 -26.90
C LEU G 204 -2.85 10.28 -26.19
N KCX G 205 -3.78 9.66 -26.90
CA KCX G 205 -5.05 9.29 -26.28
CB KCX G 205 -6.07 10.41 -26.25
CG KCX G 205 -6.50 10.85 -27.62
CD KCX G 205 -7.43 12.06 -27.57
CE KCX G 205 -8.83 11.67 -27.13
NZ KCX G 205 -9.47 10.68 -27.98
C KCX G 205 -5.62 8.08 -26.92
O KCX G 205 -5.41 7.82 -28.12
CX KCX G 205 -10.10 10.98 -29.11
OQ1 KCX G 205 -10.70 10.02 -29.81
OQ2 KCX G 205 -10.23 12.10 -29.56
N ASP G 206 -6.33 7.34 -26.08
CA ASP G 206 -7.22 6.29 -26.56
C ASP G 206 -8.27 6.98 -27.39
N ASP G 207 -8.67 6.34 -28.48
CA ASP G 207 -9.84 6.80 -29.23
C ASP G 207 -11.14 6.64 -28.37
N GLU G 208 -12.13 7.50 -28.59
CA GLU G 208 -13.38 7.51 -27.81
C GLU G 208 -14.08 6.15 -27.68
N ASN G 209 -14.07 5.37 -28.76
CA ASN G 209 -14.69 4.03 -28.76
C ASN G 209 -13.76 2.90 -28.29
N ILE G 210 -12.54 3.23 -27.90
CA ILE G 210 -11.62 2.28 -27.26
C ILE G 210 -11.91 2.34 -25.79
N ASN G 211 -12.47 1.24 -25.31
CA ASN G 211 -12.84 1.07 -23.90
C ASN G 211 -12.19 -0.26 -23.42
N SER G 212 -12.88 -1.39 -23.65
CA SER G 212 -12.37 -2.73 -23.38
C SER G 212 -13.12 -3.65 -24.32
N GLN G 213 -12.42 -4.48 -25.06
CA GLN G 213 -13.02 -5.20 -26.18
C GLN G 213 -12.27 -6.52 -26.38
N PRO G 214 -12.81 -7.44 -27.19
CA PRO G 214 -12.11 -8.73 -27.48
C PRO G 214 -10.67 -8.59 -27.98
N PHE G 215 -10.47 -7.59 -28.84
CA PHE G 215 -9.16 -7.30 -29.44
C PHE G 215 -8.14 -6.71 -28.47
N MET G 216 -8.63 -6.17 -27.35
CA MET G 216 -7.81 -5.55 -26.29
C MET G 216 -8.65 -5.21 -25.06
N ARG G 217 -8.30 -5.87 -23.96
CA ARG G 217 -8.97 -5.65 -22.69
C ARG G 217 -8.23 -4.57 -21.93
N TRP G 218 -8.97 -3.74 -21.20
CA TRP G 218 -8.45 -2.41 -20.81
C TRP G 218 -7.17 -2.41 -19.98
N ARG G 219 -7.05 -3.37 -19.06
CA ARG G 219 -5.84 -3.52 -18.26
C ARG G 219 -4.57 -3.69 -19.10
N GLU G 220 -4.65 -4.37 -20.23
CA GLU G 220 -3.49 -4.63 -21.04
C GLU G 220 -2.97 -3.32 -21.63
N ARG G 221 -3.92 -2.49 -22.08
CA ARG G 221 -3.61 -1.17 -22.58
C ARG G 221 -3.05 -0.32 -21.48
N PHE G 222 -3.66 -0.29 -20.31
CA PHE G 222 -3.17 0.57 -19.24
C PHE G 222 -1.70 0.27 -18.85
N LEU G 223 -1.36 -1.00 -18.59
CA LEU G 223 0.04 -1.38 -18.20
C LEU G 223 1.09 -1.07 -19.29
N ASN G 224 0.80 -1.47 -20.51
CA ASN G 224 1.67 -1.23 -21.63
C ASN G 224 1.80 0.24 -21.93
N CYS G 225 0.70 0.99 -21.86
CA CYS G 225 0.79 2.43 -22.05
C CYS G 225 1.69 3.09 -21.00
N MET G 226 1.65 2.64 -19.73
CA MET G 226 2.51 3.23 -18.71
C MET G 226 3.98 2.91 -18.96
N GLU G 227 4.29 1.71 -19.43
CA GLU G 227 5.69 1.38 -19.79
C GLU G 227 6.17 2.35 -20.89
N GLY G 228 5.35 2.59 -21.90
CA GLY G 228 5.69 3.48 -23.01
C GLY G 228 5.79 4.94 -22.62
N ILE G 229 4.86 5.35 -21.77
CA ILE G 229 4.84 6.70 -21.21
C ILE G 229 6.08 6.96 -20.39
N ASN G 230 6.39 6.06 -19.48
CA ASN G 230 7.58 6.20 -18.64
C ASN G 230 8.93 6.04 -19.42
N ARG G 231 8.93 5.24 -20.47
CA ARG G 231 10.06 5.16 -21.38
C ARG G 231 10.24 6.50 -22.11
N ALA G 232 9.14 7.12 -22.50
CA ALA G 232 9.25 8.38 -23.24
C ALA G 232 9.72 9.51 -22.30
N SER G 233 9.16 9.54 -21.11
CA SER G 233 9.58 10.51 -20.12
C SER G 233 11.06 10.38 -19.81
N ALA G 234 11.53 9.15 -19.62
CA ALA G 234 12.96 8.94 -19.37
C ALA G 234 13.82 9.31 -20.58
N ALA G 235 13.34 9.07 -21.80
CA ALA G 235 14.09 9.38 -23.00
C ALA G 235 14.20 10.88 -23.30
N THR G 236 13.25 11.69 -22.79
CA THR G 236 13.10 13.11 -23.11
C THR G 236 13.31 14.07 -21.94
N GLY G 237 13.21 13.55 -20.72
CA GLY G 237 13.22 14.38 -19.50
C GLY G 237 11.99 15.26 -19.30
N GLU G 238 10.90 14.99 -20.04
CA GLU G 238 9.62 15.67 -19.86
C GLU G 238 8.61 14.79 -19.10
N VAL G 239 7.65 15.46 -18.48
CA VAL G 239 6.46 14.77 -17.99
C VAL G 239 5.63 14.36 -19.18
N LYS G 240 5.16 13.12 -19.19
CA LYS G 240 4.40 12.62 -20.34
C LYS G 240 3.19 11.93 -19.82
N GLY G 241 2.22 11.74 -20.72
CA GLY G 241 1.01 11.03 -20.37
C GLY G 241 0.27 10.56 -21.58
N SER G 242 -0.66 9.65 -21.37
CA SER G 242 -1.69 9.30 -22.38
C SER G 242 -3.07 9.26 -21.75
N TYR G 243 -4.08 9.80 -22.42
CA TYR G 243 -5.45 9.81 -21.85
C TYR G 243 -6.02 8.41 -21.96
N LEU G 244 -5.93 7.65 -20.86
CA LEU G 244 -6.46 6.30 -20.78
C LEU G 244 -7.99 6.39 -20.61
N ASN G 245 -8.73 5.72 -21.48
CA ASN G 245 -10.16 5.84 -21.49
C ASN G 245 -10.74 4.90 -20.46
N ILE G 246 -11.44 5.50 -19.51
CA ILE G 246 -12.13 4.81 -18.44
C ILE G 246 -13.65 4.76 -18.66
N THR G 247 -14.12 5.18 -19.85
CA THR G 247 -15.52 5.05 -20.23
C THR G 247 -15.95 3.61 -20.04
N ALA G 248 -17.05 3.40 -19.31
CA ALA G 248 -17.54 2.05 -19.06
C ALA G 248 -19.03 2.00 -18.83
N ALA G 249 -19.58 0.79 -18.86
CA ALA G 249 -21.02 0.56 -18.82
C ALA G 249 -21.65 1.08 -17.53
N THR G 250 -20.93 0.91 -16.43
CA THR G 250 -21.47 1.14 -15.08
C THR G 250 -20.52 2.04 -14.33
N MET G 251 -21.04 2.72 -13.32
CA MET G 251 -20.21 3.64 -12.56
C MET G 251 -19.17 2.85 -11.77
N GLU G 252 -19.52 1.65 -11.36
CA GLU G 252 -18.61 0.76 -10.63
C GLU G 252 -17.38 0.42 -11.49
N GLU G 253 -17.59 0.22 -12.79
CA GLU G 253 -16.49 -0.10 -13.68
C GLU G 253 -15.65 1.13 -14.04
N VAL G 254 -16.26 2.29 -14.15
CA VAL G 254 -15.51 3.52 -14.46
C VAL G 254 -14.50 3.79 -13.34
N TYR G 255 -14.96 3.76 -12.10
CA TYR G 255 -14.09 3.93 -10.92
C TYR G 255 -13.01 2.87 -10.82
N LYS G 256 -13.33 1.64 -11.21
CA LYS G 256 -12.31 0.60 -11.22
C LYS G 256 -11.19 0.97 -12.19
N ARG G 257 -11.58 1.42 -13.37
CA ARG G 257 -10.62 1.87 -14.38
C ARG G 257 -9.86 3.13 -13.95
N ALA G 258 -10.58 4.08 -13.35
CA ALA G 258 -10.00 5.30 -12.78
C ALA G 258 -8.96 5.02 -11.70
N GLU G 259 -9.33 4.18 -10.74
CA GLU G 259 -8.43 3.75 -9.67
C GLU G 259 -7.22 2.96 -10.20
N TYR G 260 -7.43 2.18 -11.25
CA TYR G 260 -6.33 1.41 -11.84
C TYR G 260 -5.39 2.39 -12.46
N ALA G 261 -5.93 3.27 -13.29
CA ALA G 261 -5.13 4.37 -13.84
C ALA G 261 -4.36 5.17 -12.76
N LYS G 262 -4.95 5.42 -11.61
CA LYS G 262 -4.27 6.15 -10.58
C LYS G 262 -3.13 5.35 -10.03
N ALA G 263 -3.43 4.11 -9.65
CA ALA G 263 -2.48 3.29 -8.95
C ALA G 263 -1.22 3.10 -9.79
N VAL G 264 -1.36 2.99 -11.11
CA VAL G 264 -0.19 2.84 -12.02
C VAL G 264 0.50 4.14 -12.40
N GLY G 265 -0.04 5.27 -11.96
CA GLY G 265 0.69 6.54 -11.98
C GLY G 265 0.38 7.43 -13.16
N SER G 266 -0.68 7.11 -13.89
CA SER G 266 -1.12 7.97 -14.97
C SER G 266 -1.41 9.40 -14.47
N ILE G 267 -0.89 10.38 -15.19
CA ILE G 267 -1.21 11.78 -14.93
C ILE G 267 -2.65 12.18 -15.37
N VAL G 268 -3.21 11.43 -16.34
CA VAL G 268 -4.48 11.83 -17.01
C VAL G 268 -5.36 10.61 -17.31
N VAL G 269 -6.67 10.80 -17.23
CA VAL G 269 -7.66 9.85 -17.77
C VAL G 269 -8.66 10.61 -18.62
N MET G 270 -9.34 9.89 -19.52
CA MET G 270 -10.42 10.46 -20.33
C MET G 270 -11.72 9.73 -20.15
N ILE G 271 -12.79 10.45 -20.46
CA ILE G 271 -14.16 9.94 -20.38
C ILE G 271 -14.91 10.45 -21.59
N ASP G 272 -15.88 9.67 -22.11
CA ASP G 272 -16.71 10.10 -23.21
C ASP G 272 -18.00 10.70 -22.69
N LEU G 273 -18.48 11.74 -23.37
CA LEU G 273 -19.71 12.39 -22.95
C LEU G 273 -20.91 11.42 -22.92
N VAL G 274 -20.92 10.39 -23.78
CA VAL G 274 -22.01 9.42 -23.77
C VAL G 274 -22.24 8.75 -22.43
N MET G 275 -21.24 8.72 -21.55
CA MET G 275 -21.43 8.27 -20.17
C MET G 275 -22.49 9.05 -19.40
N GLY G 276 -22.67 10.32 -19.78
CA GLY G 276 -23.78 11.13 -19.29
C GLY G 276 -23.43 11.96 -18.09
N TYR G 277 -24.22 12.98 -17.85
CA TYR G 277 -23.87 13.98 -16.85
C TYR G 277 -23.60 13.49 -15.42
N THR G 278 -24.32 12.50 -14.94
CA THR G 278 -24.16 12.12 -13.54
C THR G 278 -22.88 11.30 -13.33
N ALA G 279 -22.58 10.38 -14.25
CA ALA G 279 -21.28 9.72 -14.28
C ALA G 279 -20.15 10.74 -14.36
N ILE G 280 -20.36 11.80 -15.15
CA ILE G 280 -19.37 12.87 -15.32
C ILE G 280 -19.09 13.69 -14.06
N GLN G 281 -20.11 14.16 -13.36
CA GLN G 281 -19.88 14.92 -12.14
C GLN G 281 -19.16 14.03 -11.09
N SER G 282 -19.56 12.75 -10.97
CA SER G 282 -18.90 11.81 -10.09
C SER G 282 -17.42 11.74 -10.36
N ILE G 283 -17.07 11.57 -11.62
CA ILE G 283 -15.70 11.34 -11.99
C ILE G 283 -14.89 12.64 -11.91
N ALA G 284 -15.56 13.78 -12.10
CA ALA G 284 -14.91 15.09 -11.94
C ALA G 284 -14.53 15.33 -10.48
N TYR G 285 -15.44 15.01 -9.56
CA TYR G 285 -15.15 15.01 -8.12
C TYR G 285 -14.00 14.05 -7.81
N TRP G 286 -14.08 12.82 -8.33
CA TRP G 286 -13.04 11.82 -8.15
C TRP G 286 -11.68 12.35 -8.61
N ALA G 287 -11.66 12.95 -9.80
CA ALA G 287 -10.44 13.54 -10.34
C ALA G 287 -9.83 14.59 -9.42
N ARG G 288 -10.66 15.40 -8.78
CA ARG G 288 -10.13 16.34 -7.78
C ARG G 288 -9.47 15.61 -6.62
N GLU G 289 -10.14 14.55 -6.16
CA GLU G 289 -9.76 13.89 -4.94
C GLU G 289 -8.52 13.01 -5.12
N ASN G 290 -8.24 12.68 -6.38
CA ASN G 290 -7.21 11.73 -6.75
C ASN G 290 -6.13 12.27 -7.66
N ASP G 291 -6.05 13.58 -7.78
CA ASP G 291 -4.91 14.22 -8.41
C ASP G 291 -4.76 13.79 -9.87
N MET G 292 -5.89 13.72 -10.59
CA MET G 292 -5.93 13.27 -11.97
C MET G 292 -6.49 14.31 -12.91
N LEU G 293 -5.87 14.45 -14.07
CA LEU G 293 -6.41 15.26 -15.14
C LEU G 293 -7.52 14.48 -15.81
N LEU G 294 -8.62 15.18 -16.12
CA LEU G 294 -9.83 14.59 -16.66
C LEU G 294 -10.10 15.21 -18.00
N HIS G 295 -9.97 14.39 -19.03
CA HIS G 295 -10.13 14.83 -20.41
C HIS G 295 -11.50 14.41 -20.89
N LEU G 296 -12.31 15.35 -21.39
CA LEU G 296 -13.66 14.99 -21.83
C LEU G 296 -13.68 14.90 -23.33
N HIS G 297 -13.88 13.69 -23.85
CA HIS G 297 -14.23 13.53 -25.23
C HIS G 297 -15.74 13.77 -25.34
N ARG G 298 -16.15 14.64 -26.27
CA ARG G 298 -17.56 15.04 -26.44
C ARG G 298 -18.47 14.11 -27.30
N ALA G 299 -18.34 12.79 -27.17
CA ALA G 299 -19.09 11.81 -28.00
C ALA G 299 -20.61 12.08 -28.01
N GLY G 300 -21.20 12.09 -29.19
CA GLY G 300 -22.64 12.30 -29.33
C GLY G 300 -23.04 13.76 -29.30
N ASN G 301 -22.12 14.66 -28.95
CA ASN G 301 -22.47 16.06 -28.86
C ASN G 301 -23.17 16.60 -30.11
N SER G 302 -22.70 16.19 -31.29
CA SER G 302 -23.20 16.74 -32.55
C SER G 302 -24.57 16.18 -32.94
N THR G 303 -25.06 15.14 -32.26
CA THR G 303 -26.44 14.68 -32.45
C THR G 303 -27.45 15.75 -32.13
N TYR G 304 -27.15 16.66 -31.21
CA TYR G 304 -28.08 17.77 -30.89
C TYR G 304 -27.48 19.13 -31.18
N ALA G 305 -26.16 19.24 -31.40
CA ALA G 305 -25.51 20.55 -31.50
C ALA G 305 -25.30 21.08 -32.93
N ARG G 306 -25.47 20.23 -33.94
CA ARG G 306 -25.12 20.58 -35.30
C ARG G 306 -26.04 21.64 -35.97
N GLN G 307 -27.36 21.50 -35.89
CA GLN G 307 -28.27 22.34 -36.69
C GLN G 307 -28.65 23.65 -36.00
N LYS G 308 -28.76 24.70 -36.78
CA LYS G 308 -29.16 26.04 -36.31
C LYS G 308 -30.61 26.08 -35.77
N ASN G 309 -31.55 25.38 -36.42
CA ASN G 309 -32.97 25.43 -36.01
C ASN G 309 -33.32 24.77 -34.66
N HIS G 310 -32.57 23.74 -34.26
CA HIS G 310 -32.96 22.86 -33.16
C HIS G 310 -31.78 22.19 -32.38
N GLY G 311 -32.01 21.97 -31.09
CA GLY G 311 -31.12 21.24 -30.23
C GLY G 311 -30.50 22.12 -29.16
N ILE G 312 -29.23 21.90 -28.85
CA ILE G 312 -28.56 22.72 -27.86
C ILE G 312 -27.23 23.14 -28.46
N ASN G 313 -26.97 24.43 -28.49
CA ASN G 313 -25.71 24.90 -29.02
C ASN G 313 -24.59 24.46 -28.08
N PHE G 314 -23.43 24.17 -28.68
CA PHE G 314 -22.29 23.56 -27.96
C PHE G 314 -21.70 24.50 -26.94
N ARG G 315 -21.93 25.80 -27.08
CA ARG G 315 -21.47 26.75 -26.10
C ARG G 315 -22.14 26.54 -24.75
N VAL G 316 -23.36 26.02 -24.75
CA VAL G 316 -24.09 25.74 -23.52
C VAL G 316 -23.45 24.51 -22.91
N ILE G 317 -23.23 23.50 -23.73
CA ILE G 317 -22.51 22.32 -23.28
C ILE G 317 -21.16 22.69 -22.67
N CYS G 318 -20.51 23.68 -23.23
CA CYS G 318 -19.24 24.13 -22.66
C CYS G 318 -19.41 24.64 -21.26
N LYS G 319 -20.44 25.45 -21.06
CA LYS G 319 -20.77 25.99 -19.72
C LYS G 319 -21.01 24.87 -18.73
N TRP G 320 -21.82 23.91 -19.14
CA TRP G 320 -22.20 22.77 -18.29
C TRP G 320 -21.02 21.85 -17.91
N MET G 321 -20.10 21.60 -18.85
CA MET G 321 -18.99 20.72 -18.56
C MET G 321 -17.91 21.40 -17.72
N ARG G 322 -17.74 22.72 -17.94
CA ARG G 322 -16.84 23.49 -17.12
C ARG G 322 -17.41 23.54 -15.71
N MET G 323 -18.70 23.76 -15.53
CA MET G 323 -19.26 23.69 -14.18
C MET G 323 -19.04 22.32 -13.55
N SER G 324 -19.26 21.23 -14.29
CA SER G 324 -19.21 19.86 -13.75
C SER G 324 -17.82 19.52 -13.36
N GLY G 325 -16.90 19.97 -14.19
CA GLY G 325 -15.52 20.10 -13.79
C GLY G 325 -14.56 19.21 -14.51
N VAL G 326 -14.71 19.10 -15.83
CA VAL G 326 -13.71 18.46 -16.67
C VAL G 326 -12.59 19.42 -16.99
N ASP G 327 -11.39 18.88 -17.11
CA ASP G 327 -10.19 19.65 -17.34
C ASP G 327 -9.97 20.01 -18.83
N HIS G 328 -10.28 19.06 -19.71
CA HIS G 328 -10.23 19.28 -21.15
C HIS G 328 -11.62 19.07 -21.74
N ILE G 329 -12.01 19.86 -22.72
CA ILE G 329 -13.14 19.45 -23.56
C ILE G 329 -12.82 19.75 -24.99
N HIS G 330 -13.10 18.82 -25.89
CA HIS G 330 -12.97 19.05 -27.33
C HIS G 330 -13.88 20.18 -27.73
N ALA G 331 -13.33 21.19 -28.39
CA ALA G 331 -14.08 22.41 -28.69
C ALA G 331 -13.96 22.92 -30.13
N GLY G 332 -13.33 22.14 -31.02
CA GLY G 332 -13.25 22.49 -32.46
C GLY G 332 -11.87 22.88 -33.00
N THR G 333 -11.73 22.79 -34.32
CA THR G 333 -10.50 23.15 -35.03
C THR G 333 -10.59 24.27 -36.03
N VAL G 334 -11.80 24.56 -36.51
CA VAL G 334 -12.04 25.49 -37.63
C VAL G 334 -11.62 24.93 -38.99
N VAL G 335 -10.37 24.45 -39.09
CA VAL G 335 -9.77 24.05 -40.36
C VAL G 335 -9.71 22.53 -40.56
N GLY G 336 -10.14 21.78 -39.55
CA GLY G 336 -10.05 20.31 -39.58
C GLY G 336 -11.29 19.70 -40.19
N LYS G 337 -11.46 18.40 -39.95
CA LYS G 337 -12.51 17.61 -40.61
C LYS G 337 -13.93 17.75 -40.03
N LEU G 338 -14.08 18.38 -38.85
CA LEU G 338 -15.38 18.50 -38.19
C LEU G 338 -15.85 19.93 -38.09
N GLU G 339 -17.18 20.07 -38.11
CA GLU G 339 -17.90 21.34 -38.09
C GLU G 339 -17.32 22.30 -37.05
N GLY G 340 -17.25 23.56 -37.44
CA GLY G 340 -16.60 24.58 -36.65
C GLY G 340 -16.41 25.87 -37.42
N ASP G 341 -17.43 26.74 -37.38
CA ASP G 341 -17.35 28.09 -37.90
C ASP G 341 -16.44 28.93 -37.00
N PRO G 342 -15.55 29.77 -37.60
CA PRO G 342 -14.55 30.53 -36.81
C PRO G 342 -15.08 31.36 -35.64
N LEU G 343 -16.19 32.04 -35.83
CA LEU G 343 -16.78 32.87 -34.78
C LEU G 343 -17.39 32.07 -33.65
N MET G 344 -18.15 31.05 -33.99
CA MET G 344 -18.69 30.12 -33.02
C MET G 344 -17.60 29.41 -32.20
N ILE G 345 -16.53 28.95 -32.85
CA ILE G 345 -15.45 28.26 -32.11
C ILE G 345 -14.82 29.21 -31.07
N M3L G 346 -14.51 30.43 -31.51
CA M3L G 346 -13.90 31.41 -30.64
CB M3L G 346 -13.60 32.66 -31.42
CG M3L G 346 -12.29 32.50 -32.18
CD M3L G 346 -11.86 33.87 -32.63
CE M3L G 346 -10.40 33.89 -33.03
NZ M3L G 346 -9.82 35.26 -33.05
C M3L G 346 -14.74 31.78 -29.47
O M3L G 346 -14.22 32.09 -28.39
CM1 M3L G 346 -10.85 36.32 -33.37
CM2 M3L G 346 -8.76 35.37 -34.09
CM3 M3L G 346 -9.20 35.52 -31.72
N GLY G 347 -16.06 31.78 -29.66
CA GLY G 347 -17.01 31.82 -28.58
C GLY G 347 -16.82 30.68 -27.63
N PHE G 348 -16.78 29.46 -28.15
CA PHE G 348 -16.68 28.30 -27.23
C PHE G 348 -15.41 28.39 -26.42
N TYR G 349 -14.33 28.75 -27.09
CA TYR G 349 -13.00 28.81 -26.46
C TYR G 349 -12.95 29.89 -25.42
N ASP G 350 -13.58 31.03 -25.68
CA ASP G 350 -13.73 32.10 -24.67
C ASP G 350 -14.51 31.64 -23.45
N ILE G 351 -15.60 30.92 -23.67
CA ILE G 351 -16.43 30.41 -22.59
C ILE G 351 -15.67 29.49 -21.63
N LEU G 352 -14.86 28.60 -22.19
CA LEU G 352 -14.07 27.66 -21.42
C LEU G 352 -12.85 28.26 -20.69
N ARG G 353 -12.35 29.40 -21.16
CA ARG G 353 -11.06 29.95 -20.69
C ARG G 353 -11.09 31.28 -19.94
N LEU G 354 -12.05 32.16 -20.22
CA LEU G 354 -12.08 33.47 -19.60
C LEU G 354 -12.64 33.42 -18.17
N THR G 355 -12.30 34.42 -17.39
CA THR G 355 -12.78 34.50 -16.01
C THR G 355 -14.15 35.10 -15.96
N GLU G 356 -14.52 35.84 -17.01
CA GLU G 356 -15.88 36.28 -17.23
C GLU G 356 -16.10 36.57 -18.71
N LEU G 357 -17.36 36.81 -19.04
CA LEU G 357 -17.82 36.96 -20.42
C LEU G 357 -18.57 38.26 -20.57
N GLU G 358 -18.21 39.05 -21.60
CA GLU G 358 -18.97 40.23 -22.00
C GLU G 358 -19.79 39.87 -23.22
N VAL G 359 -20.89 40.57 -23.44
CA VAL G 359 -21.77 40.29 -24.58
C VAL G 359 -20.97 40.48 -25.85
N ASN G 360 -21.06 39.51 -26.75
CA ASN G 360 -20.25 39.50 -27.96
C ASN G 360 -21.03 38.72 -28.98
N LEU G 361 -22.05 39.35 -29.56
CA LEU G 361 -23.02 38.65 -30.39
C LEU G 361 -22.41 37.94 -31.62
N PRO G 362 -21.40 38.54 -32.28
CA PRO G 362 -20.78 37.79 -33.41
C PRO G 362 -20.16 36.42 -33.04
N PHE G 363 -19.70 36.30 -31.79
CA PHE G 363 -19.11 35.08 -31.22
C PHE G 363 -20.17 34.21 -30.55
N GLY G 364 -21.40 34.69 -30.54
CA GLY G 364 -22.51 33.93 -29.98
C GLY G 364 -22.63 33.98 -28.48
N ILE G 365 -22.06 35.01 -27.85
CA ILE G 365 -22.10 35.17 -26.40
C ILE G 365 -23.24 36.17 -26.11
N PHE G 366 -24.41 35.63 -25.77
CA PHE G 366 -25.61 36.43 -25.62
C PHE G 366 -25.76 37.02 -24.21
N PHE G 367 -25.11 36.43 -23.22
CA PHE G 367 -25.16 36.94 -21.87
C PHE G 367 -23.79 37.27 -21.38
N GLU G 368 -23.72 38.32 -20.58
CA GLU G 368 -22.52 38.56 -19.79
C GLU G 368 -22.64 37.66 -18.57
N MET G 369 -21.50 37.23 -18.04
CA MET G 369 -21.47 36.22 -17.00
C MET G 369 -20.12 36.13 -16.35
N ASP G 370 -20.09 36.31 -15.03
CA ASP G 370 -18.94 36.01 -14.21
C ASP G 370 -18.81 34.48 -14.10
N TRP G 371 -17.59 33.98 -14.06
CA TRP G 371 -17.38 32.55 -13.91
C TRP G 371 -17.14 32.12 -12.46
N ALA G 372 -17.18 33.07 -11.51
CA ALA G 372 -17.17 32.76 -10.04
C ALA G 372 -15.90 32.07 -9.53
N SER G 373 -14.78 32.41 -10.18
CA SER G 373 -13.44 31.82 -9.95
C SER G 373 -13.40 30.31 -10.11
N LEU G 374 -14.32 29.76 -10.89
CA LEU G 374 -14.24 28.35 -11.26
C LEU G 374 -13.07 28.27 -12.21
N ARG G 375 -12.26 27.25 -12.04
CA ARG G 375 -11.08 27.07 -12.82
C ARG G 375 -11.37 27.00 -14.32
N ARG G 376 -10.33 27.28 -15.09
CA ARG G 376 -10.49 27.41 -16.52
C ARG G 376 -10.33 26.02 -17.16
N CYS G 377 -11.16 25.75 -18.15
CA CYS G 377 -11.16 24.46 -18.83
C CYS G 377 -10.35 24.55 -20.12
N MET G 378 -9.39 23.64 -20.30
CA MET G 378 -8.53 23.58 -21.50
C MET G 378 -9.32 23.07 -22.71
N PRO G 379 -9.49 23.87 -23.76
CA PRO G 379 -10.11 23.32 -24.96
C PRO G 379 -9.14 22.41 -25.72
N VAL G 380 -9.68 21.50 -26.55
CA VAL G 380 -8.88 20.54 -27.30
C VAL G 380 -9.28 20.70 -28.74
N ALA G 381 -8.29 20.94 -29.61
CA ALA G 381 -8.51 21.09 -31.07
C ALA G 381 -8.07 19.81 -31.72
N SER G 382 -8.99 19.11 -32.34
CA SER G 382 -8.74 17.75 -32.80
C SER G 382 -9.64 17.40 -33.95
N GLY G 383 -9.09 16.57 -34.84
CA GLY G 383 -9.85 15.99 -35.95
C GLY G 383 -9.46 16.59 -37.27
N GLY G 384 -8.65 15.86 -38.03
CA GLY G 384 -8.34 16.25 -39.41
C GLY G 384 -7.45 17.45 -39.60
N ILE G 385 -6.60 17.76 -38.63
CA ILE G 385 -5.70 18.91 -38.74
C ILE G 385 -4.29 18.40 -39.00
N HIS G 386 -3.45 19.26 -39.56
CA HIS G 386 -2.06 18.88 -39.85
C HIS G 386 -1.10 20.07 -39.75
N CYS G 387 0.20 19.79 -39.63
CA CYS G 387 1.19 20.82 -39.30
C CYS G 387 1.26 21.95 -40.31
N GLY G 388 0.91 21.65 -41.56
CA GLY G 388 0.73 22.66 -42.60
C GLY G 388 -0.29 23.74 -42.34
N GLN G 389 -1.20 23.55 -41.36
CA GLN G 389 -2.20 24.56 -40.96
C GLN G 389 -1.91 25.24 -39.61
N MET G 390 -0.71 25.05 -39.10
CA MET G 390 -0.38 25.49 -37.73
C MET G 390 -0.58 26.99 -37.57
N HIS G 391 -0.26 27.77 -38.58
CA HIS G 391 -0.52 29.21 -38.56
C HIS G 391 -1.99 29.54 -38.31
N GLN G 392 -2.88 28.79 -38.96
CA GLN G 392 -4.31 28.99 -38.81
C GLN G 392 -4.74 28.58 -37.40
N LEU G 393 -4.17 27.46 -36.92
CA LEU G 393 -4.47 26.94 -35.58
C LEU G 393 -4.03 27.88 -34.44
N ILE G 394 -2.84 28.47 -34.55
CA ILE G 394 -2.32 29.42 -33.54
C ILE G 394 -3.14 30.70 -33.52
N HIS G 395 -3.57 31.15 -34.69
CA HIS G 395 -4.42 32.34 -34.81
C HIS G 395 -5.80 32.13 -34.22
N TYR G 396 -6.56 31.20 -34.79
CA TYR G 396 -7.93 30.96 -34.35
C TYR G 396 -8.07 30.52 -32.91
N LEU G 397 -7.08 29.82 -32.34
CA LEU G 397 -7.27 29.10 -31.08
C LEU G 397 -6.43 29.58 -29.90
N GLY G 398 -5.41 30.38 -30.11
CA GLY G 398 -4.66 30.94 -29.01
C GLY G 398 -3.69 29.98 -28.35
N ASP G 399 -3.37 30.25 -27.08
CA ASP G 399 -2.27 29.59 -26.39
C ASP G 399 -2.68 28.40 -25.61
N ASP G 400 -3.79 28.52 -24.88
CA ASP G 400 -4.19 27.48 -23.98
C ASP G 400 -5.14 26.53 -24.72
N VAL G 401 -4.55 25.47 -25.25
CA VAL G 401 -5.22 24.53 -26.13
C VAL G 401 -4.33 23.29 -26.28
N VAL G 402 -4.96 22.15 -26.53
CA VAL G 402 -4.22 20.96 -26.94
C VAL G 402 -4.58 20.74 -28.40
N LEU G 403 -3.56 20.81 -29.28
CA LEU G 403 -3.73 20.55 -30.68
C LEU G 403 -3.48 19.08 -30.92
N GLN G 404 -4.48 18.36 -31.44
CA GLN G 404 -4.42 16.91 -31.66
C GLN G 404 -4.35 16.42 -33.11
N PHE G 405 -3.29 15.67 -33.39
CA PHE G 405 -2.95 15.20 -34.70
C PHE G 405 -2.81 13.67 -34.69
N GLY G 406 -3.93 12.97 -34.84
CA GLY G 406 -3.91 11.50 -34.86
C GLY G 406 -3.34 10.95 -36.15
N GLY G 407 -4.09 11.15 -37.23
CA GLY G 407 -3.64 10.80 -38.57
C GLY G 407 -2.47 11.67 -39.03
N GLY G 408 -2.49 12.93 -38.61
CA GLY G 408 -1.39 13.87 -38.87
C GLY G 408 -0.06 13.56 -38.18
N THR G 409 -0.07 12.61 -37.22
CA THR G 409 1.16 12.02 -36.68
C THR G 409 1.42 10.61 -37.21
N ILE G 410 0.39 9.75 -37.18
CA ILE G 410 0.60 8.32 -37.45
C ILE G 410 0.66 8.04 -38.93
N GLY G 411 0.06 8.92 -39.73
CA GLY G 411 0.12 8.80 -41.19
C GLY G 411 1.38 9.38 -41.85
N HIS G 412 2.43 9.60 -41.05
CA HIS G 412 3.65 10.13 -41.58
C HIS G 412 4.43 8.95 -42.19
N PRO G 413 4.98 9.13 -43.41
CA PRO G 413 5.51 7.91 -44.05
C PRO G 413 6.76 7.42 -43.38
N ASP G 414 7.55 8.33 -42.85
CA ASP G 414 8.78 8.02 -42.09
C ASP G 414 8.65 7.59 -40.62
N GLY G 415 7.41 7.37 -40.16
CA GLY G 415 7.19 6.84 -38.79
C GLY G 415 6.48 7.78 -37.83
N ILE G 416 6.05 7.22 -36.72
CA ILE G 416 5.29 7.95 -35.73
C ILE G 416 6.15 9.02 -35.06
N GLN G 417 7.40 8.68 -34.69
CA GLN G 417 8.31 9.68 -34.15
C GLN G 417 8.43 10.88 -35.09
N ALA G 418 8.68 10.58 -36.37
CA ALA G 418 8.78 11.63 -37.37
C ALA G 418 7.49 12.45 -37.42
N GLY G 419 6.36 11.76 -37.34
CA GLY G 419 5.06 12.45 -37.29
C GLY G 419 5.01 13.46 -36.16
N ALA G 420 5.35 12.97 -34.96
CA ALA G 420 5.36 13.82 -33.77
C ALA G 420 6.34 14.96 -33.93
N THR G 421 7.54 14.66 -34.37
CA THR G 421 8.60 15.67 -34.40
C THR G 421 8.21 16.79 -35.36
N ALA G 422 7.64 16.44 -36.50
CA ALA G 422 7.17 17.42 -37.45
C ALA G 422 6.11 18.36 -36.86
N ASN G 423 5.20 17.81 -36.07
CA ASN G 423 4.17 18.63 -35.44
C ASN G 423 4.73 19.57 -34.42
N ARG G 424 5.58 19.05 -33.56
CA ARG G 424 6.23 19.91 -32.57
C ARG G 424 7.14 21.01 -33.11
N VAL G 425 7.85 20.78 -34.22
CA VAL G 425 8.71 21.82 -34.81
C VAL G 425 7.84 22.89 -35.45
N ALA G 426 6.90 22.47 -36.30
CA ALA G 426 5.91 23.42 -36.85
C ALA G 426 5.34 24.30 -35.75
N LEU G 427 4.90 23.66 -34.65
CA LEU G 427 4.31 24.37 -33.53
C LEU G 427 5.26 25.35 -32.90
N GLU G 428 6.45 24.89 -32.49
CA GLU G 428 7.36 25.76 -31.76
C GLU G 428 7.85 26.85 -32.66
N SER G 429 8.07 26.51 -33.92
CA SER G 429 8.62 27.47 -34.84
C SER G 429 7.56 28.52 -35.16
N MET G 430 6.28 28.14 -35.19
CA MET G 430 5.20 29.10 -35.42
C MET G 430 4.98 30.09 -34.27
N VAL G 431 5.05 29.59 -33.04
CA VAL G 431 4.86 30.42 -31.84
C VAL G 431 6.06 31.34 -31.66
N LEU G 432 7.27 30.80 -31.83
CA LEU G 432 8.48 31.62 -31.78
C LEU G 432 8.35 32.83 -32.67
N ALA G 433 7.91 32.60 -33.91
CA ALA G 433 7.69 33.68 -34.89
C ALA G 433 6.53 34.61 -34.53
N ARG G 434 5.44 34.09 -33.95
CA ARG G 434 4.39 35.00 -33.48
C ARG G 434 4.96 35.96 -32.45
N ASN G 435 5.70 35.42 -31.49
CA ASN G 435 6.19 36.24 -30.39
C ASN G 435 7.21 37.29 -30.85
N GLU G 436 7.82 37.06 -32.00
CA GLU G 436 8.75 38.01 -32.61
C GLU G 436 8.11 39.19 -33.33
N GLY G 437 6.80 39.14 -33.54
CA GLY G 437 6.07 40.17 -34.24
C GLY G 437 5.69 39.83 -35.67
N VAL G 438 6.08 38.66 -36.18
CA VAL G 438 5.81 38.30 -37.58
C VAL G 438 4.28 38.19 -37.78
N ASP G 439 3.80 38.65 -38.95
CA ASP G 439 2.37 38.59 -39.33
C ASP G 439 2.08 37.19 -39.91
N TYR G 440 2.04 36.23 -38.99
CA TYR G 440 2.03 34.80 -39.30
C TYR G 440 0.74 34.29 -39.94
N PHE G 441 -0.39 34.93 -39.63
CA PHE G 441 -1.68 34.49 -40.19
C PHE G 441 -1.91 34.86 -41.67
N ASP G 442 -1.09 35.74 -42.24
CA ASP G 442 -1.22 36.10 -43.68
C ASP G 442 -1.04 34.85 -44.54
N GLN G 443 -1.85 34.70 -45.58
CA GLN G 443 -1.78 33.49 -46.43
C GLN G 443 -0.41 33.26 -47.05
N GLN G 444 0.38 34.34 -47.18
CA GLN G 444 1.80 34.29 -47.58
C GLN G 444 2.74 33.74 -46.50
N VAL G 445 2.73 34.46 -45.38
CA VAL G 445 3.77 34.40 -44.37
C VAL G 445 3.70 33.14 -43.48
N GLY G 446 2.47 32.69 -43.19
CA GLY G 446 2.24 31.49 -42.39
C GLY G 446 2.88 30.26 -43.00
N PRO G 447 2.46 29.91 -44.24
CA PRO G 447 3.11 28.83 -44.98
C PRO G 447 4.61 28.99 -45.20
N GLN G 448 5.07 30.25 -45.31
CA GLN G 448 6.52 30.53 -45.34
C GLN G 448 7.28 30.25 -44.02
N ILE G 449 6.73 30.65 -42.87
CA ILE G 449 7.34 30.26 -41.56
C ILE G 449 7.53 28.74 -41.46
N LEU G 450 6.58 27.97 -41.98
CA LEU G 450 6.66 26.50 -41.93
C LEU G 450 7.67 25.94 -42.93
N ARG G 451 7.68 26.46 -44.16
CA ARG G 451 8.70 26.07 -45.15
C ARG G 451 10.15 26.33 -44.69
N ASP G 452 10.39 27.43 -43.96
CA ASP G 452 11.69 27.76 -43.39
C ASP G 452 12.15 26.67 -42.43
N ALA G 453 11.34 26.42 -41.41
CA ALA G 453 11.56 25.37 -40.43
C ALA G 453 11.74 23.97 -41.06
N ALA G 454 11.05 23.72 -42.17
CA ALA G 454 11.13 22.47 -42.97
C ALA G 454 12.49 22.28 -43.65
N LYS G 455 13.13 23.39 -44.05
CA LYS G 455 14.50 23.33 -44.58
C LYS G 455 15.51 22.81 -43.58
N THR G 456 15.16 22.83 -42.30
CA THR G 456 16.00 22.29 -41.24
C THR G 456 15.33 21.16 -40.39
N CYS G 457 14.25 20.56 -40.91
CA CYS G 457 13.54 19.42 -40.28
C CYS G 457 12.88 18.49 -41.33
N GLY G 458 13.64 17.47 -41.75
CA GLY G 458 13.18 16.47 -42.72
C GLY G 458 11.75 16.04 -42.51
N PRO G 459 11.43 15.51 -41.33
CA PRO G 459 10.06 15.16 -40.93
C PRO G 459 8.97 16.20 -41.27
N LEU G 460 9.22 17.47 -40.98
CA LEU G 460 8.27 18.55 -41.30
C LEU G 460 8.19 18.80 -42.79
N GLN G 461 9.33 18.84 -43.47
CA GLN G 461 9.31 18.97 -44.94
C GLN G 461 8.42 17.93 -45.58
N THR G 462 8.62 16.67 -45.20
CA THR G 462 7.82 15.53 -45.69
C THR G 462 6.30 15.64 -45.41
N ALA G 463 5.92 16.17 -44.24
CA ALA G 463 4.52 16.32 -43.86
C ALA G 463 3.86 17.48 -44.59
N LEU G 464 4.61 18.58 -44.81
CA LEU G 464 4.14 19.64 -45.74
C LEU G 464 3.90 19.11 -47.15
N ASP G 465 4.84 18.35 -47.70
CA ASP G 465 4.66 17.78 -49.06
C ASP G 465 3.50 16.79 -49.16
N LEU G 466 3.30 16.01 -48.13
CA LEU G 466 2.18 15.06 -48.10
C LEU G 466 0.81 15.76 -48.01
N TRP G 467 0.66 16.70 -47.08
CA TRP G 467 -0.65 17.21 -46.75
C TRP G 467 -0.96 18.65 -47.15
N LYS G 468 -0.02 19.40 -47.73
CA LYS G 468 -0.20 20.88 -47.89
C LYS G 468 -1.48 21.29 -48.59
N ASP G 469 -1.91 20.53 -49.59
CA ASP G 469 -3.13 20.89 -50.33
C ASP G 469 -4.47 20.37 -49.72
N ILE G 470 -4.41 19.88 -48.48
CA ILE G 470 -5.57 19.23 -47.84
C ILE G 470 -6.35 20.24 -47.05
N SER G 471 -7.63 20.34 -47.39
CA SER G 471 -8.56 21.23 -46.72
C SER G 471 -9.95 20.58 -46.58
N PHE G 472 -10.75 21.14 -45.68
CA PHE G 472 -12.14 20.70 -45.48
C PHE G 472 -13.03 21.94 -45.56
N ASP G 473 -13.19 22.42 -46.79
CA ASP G 473 -13.90 23.67 -47.07
C ASP G 473 -15.33 23.29 -47.47
N TYR G 474 -16.21 23.41 -46.48
CA TYR G 474 -17.62 23.16 -46.67
C TYR G 474 -18.34 24.29 -45.96
N THR G 475 -19.56 24.58 -46.42
CA THR G 475 -20.42 25.51 -45.69
C THR G 475 -20.74 24.97 -44.27
N SER G 476 -20.72 25.88 -43.29
CA SER G 476 -21.09 25.57 -41.93
C SER G 476 -22.61 25.49 -41.83
N THR G 477 -23.07 24.64 -40.89
CA THR G 477 -24.44 24.61 -40.41
C THR G 477 -24.59 25.52 -39.18
N ASP G 478 -23.72 25.30 -38.20
CA ASP G 478 -23.72 26.04 -36.93
C ASP G 478 -23.01 27.41 -37.12
N THR G 479 -23.79 28.39 -37.60
CA THR G 479 -23.29 29.71 -38.02
C THR G 479 -23.93 30.81 -37.21
N ALA G 480 -23.35 32.01 -37.31
CA ALA G 480 -23.79 33.18 -36.54
C ALA G 480 -25.05 33.81 -37.12
N ASP G 481 -25.73 34.60 -36.29
CA ASP G 481 -26.83 35.51 -36.71
C ASP G 481 -26.37 36.99 -36.89
N PHE G 482 -25.21 37.35 -36.32
CA PHE G 482 -24.69 38.70 -36.29
C PHE G 482 -23.25 38.67 -36.80
N ALA G 483 -22.83 39.68 -37.57
CA ALA G 483 -21.48 39.69 -38.18
C ALA G 483 -20.46 40.60 -37.44
N GLU G 484 -19.16 40.20 -37.50
CA GLU G 484 -17.91 40.97 -37.10
C GLU G 484 -17.07 40.28 -36.02
N MET H 1 21.81 13.10 -24.84
CA MET H 1 20.46 13.46 -25.27
C MET H 1 20.19 14.94 -25.03
N ARG H 2 19.14 15.46 -25.65
CA ARG H 2 18.68 16.83 -25.45
C ARG H 2 17.52 16.81 -24.44
N LEU H 3 17.63 17.61 -23.39
CA LEU H 3 16.53 17.79 -22.46
C LEU H 3 15.49 18.67 -23.12
N THR H 4 14.29 18.12 -23.33
CA THR H 4 13.24 18.78 -24.11
C THR H 4 12.14 19.41 -23.23
N GLN H 5 12.45 19.68 -21.95
CA GLN H 5 11.70 20.67 -21.13
C GLN H 5 11.88 22.05 -21.75
N GLY H 6 11.02 22.99 -21.39
CA GLY H 6 10.98 24.31 -22.01
C GLY H 6 10.18 24.25 -23.30
N CYS H 7 9.67 25.40 -23.74
CA CYS H 7 8.70 25.45 -24.83
C CYS H 7 9.30 25.64 -26.22
N PHE H 8 10.62 25.80 -26.31
CA PHE H 8 11.32 25.94 -27.58
C PHE H 8 12.48 24.93 -27.75
N SER H 9 12.48 23.83 -26.99
CA SER H 9 13.59 22.87 -27.01
C SER H 9 13.61 21.86 -28.18
N PHE H 10 12.61 21.90 -29.06
CA PHE H 10 12.72 21.20 -30.36
C PHE H 10 13.26 22.11 -31.50
N LEU H 11 13.61 23.37 -31.18
CA LEU H 11 14.35 24.27 -32.04
C LEU H 11 15.83 24.28 -31.63
N PRO H 12 16.73 24.80 -32.50
CA PRO H 12 18.11 24.88 -32.05
C PRO H 12 18.22 25.80 -30.85
N ASP H 13 19.24 25.57 -30.05
CA ASP H 13 19.57 26.46 -28.92
C ASP H 13 19.31 27.87 -29.40
N LEU H 14 18.59 28.63 -28.60
CA LEU H 14 18.28 30.02 -28.94
C LEU H 14 19.55 30.93 -28.82
N THR H 15 19.74 31.77 -29.83
CA THR H 15 20.76 32.82 -29.78
C THR H 15 20.37 33.81 -28.70
N ASP H 16 21.28 34.71 -28.36
CA ASP H 16 20.93 35.79 -27.45
C ASP H 16 19.94 36.74 -28.07
N ALA H 17 19.98 36.89 -29.38
CA ALA H 17 19.09 37.79 -30.09
C ALA H 17 17.67 37.21 -30.10
N GLN H 18 17.57 35.89 -30.30
CA GLN H 18 16.26 35.22 -30.23
C GLN H 18 15.70 35.23 -28.78
N ILE H 19 16.55 34.97 -27.79
CA ILE H 19 16.12 35.03 -26.39
C ILE H 19 15.56 36.41 -26.07
N GLU H 20 16.28 37.47 -26.44
CA GLU H 20 15.82 38.81 -26.12
C GLU H 20 14.45 39.08 -26.73
N LYS H 21 14.22 38.60 -27.96
CA LYS H 21 12.92 38.80 -28.61
C LYS H 21 11.74 38.16 -27.83
N GLN H 22 11.97 36.99 -27.22
CA GLN H 22 10.98 36.32 -26.38
C GLN H 22 10.82 37.03 -25.00
N VAL H 23 11.92 37.51 -24.47
CA VAL H 23 11.89 38.34 -23.29
C VAL H 23 11.06 39.60 -23.59
N ALA H 24 11.37 40.27 -24.70
CA ALA H 24 10.68 41.48 -25.11
C ALA H 24 9.18 41.27 -25.30
N TYR H 25 8.80 40.11 -25.82
CA TYR H 25 7.39 39.77 -25.96
C TYR H 25 6.74 39.60 -24.57
N ALA H 26 7.38 38.83 -23.70
CA ALA H 26 6.85 38.60 -22.38
C ALA H 26 6.67 39.90 -21.64
N MET H 27 7.67 40.78 -21.71
CA MET H 27 7.60 42.06 -20.98
C MET H 27 6.63 43.07 -21.59
N ALA H 28 6.37 43.02 -22.91
CA ALA H 28 5.31 43.86 -23.54
C ALA H 28 3.88 43.48 -23.06
N LYS H 29 3.70 42.22 -22.66
CA LYS H 29 2.44 41.75 -22.10
C LYS H 29 2.25 42.11 -20.59
N GLY H 30 3.29 42.65 -19.95
CA GLY H 30 3.28 43.02 -18.54
C GLY H 30 3.75 41.91 -17.61
N TRP H 31 4.42 40.89 -18.14
CA TRP H 31 4.81 39.73 -17.35
C TRP H 31 6.17 39.93 -16.65
N ALA H 32 6.29 39.30 -15.49
CA ALA H 32 7.48 39.38 -14.68
C ALA H 32 8.43 38.26 -15.11
N MET H 33 9.64 38.62 -15.48
CA MET H 33 10.62 37.63 -15.92
C MET H 33 11.45 37.18 -14.74
N ASN H 34 11.83 35.91 -14.69
CA ASN H 34 12.93 35.49 -13.80
C ASN H 34 13.86 34.50 -14.47
N VAL H 35 15.03 34.34 -13.84
CA VAL H 35 16.09 33.48 -14.31
C VAL H 35 16.27 32.39 -13.26
N GLU H 36 16.44 31.15 -13.72
CA GLU H 36 16.63 30.01 -12.81
C GLU H 36 17.68 29.05 -13.32
N TRP H 37 18.35 28.37 -12.38
CA TRP H 37 19.46 27.46 -12.63
C TRP H 37 19.22 26.10 -11.98
N THR H 38 19.63 25.02 -12.66
CA THR H 38 19.68 23.69 -12.04
C THR H 38 20.77 22.83 -12.66
N ASP H 39 21.25 21.87 -11.88
CA ASP H 39 21.92 20.72 -12.47
C ASP H 39 21.23 19.38 -12.12
N ASP H 40 19.95 19.44 -11.72
CA ASP H 40 19.13 18.23 -11.59
C ASP H 40 18.12 18.38 -12.71
N PRO H 41 18.30 17.63 -13.81
CA PRO H 41 17.39 17.74 -14.94
C PRO H 41 16.10 16.88 -14.85
N HIS H 42 15.86 16.21 -13.72
CA HIS H 42 14.67 15.37 -13.52
C HIS H 42 13.37 16.11 -13.89
N PRO H 43 12.43 15.41 -14.56
CA PRO H 43 11.17 15.99 -15.02
C PRO H 43 10.34 16.64 -13.93
N ARG H 44 10.36 16.00 -12.77
CA ARG H 44 9.63 16.39 -11.56
C ARG H 44 10.44 17.24 -10.59
N ASN H 45 11.52 17.84 -11.07
CA ASN H 45 12.24 18.83 -10.28
C ASN H 45 11.61 20.21 -10.46
N ASN H 46 10.44 20.44 -9.82
CA ASN H 46 9.71 21.72 -9.94
C ASN H 46 10.60 22.94 -9.67
N TYR H 47 11.40 22.86 -8.61
CA TYR H 47 12.11 24.03 -8.06
C TYR H 47 13.56 24.07 -8.46
N TRP H 48 13.80 24.77 -9.58
CA TRP H 48 15.15 25.16 -9.95
C TRP H 48 15.52 26.27 -8.99
N GLU H 49 16.78 26.65 -9.04
CA GLU H 49 17.31 27.65 -8.14
C GLU H 49 17.12 29.05 -8.69
N LEU H 50 16.65 29.94 -7.81
CA LEU H 50 16.35 31.31 -8.20
C LEU H 50 17.66 32.07 -8.44
N TRP H 51 17.74 32.80 -9.54
CA TRP H 51 18.82 33.72 -9.76
C TRP H 51 18.26 35.07 -9.31
N GLY H 52 18.40 35.35 -8.02
CA GLY H 52 17.81 36.53 -7.38
C GLY H 52 16.30 36.48 -7.32
N LEU H 53 15.67 37.63 -7.16
CA LEU H 53 14.22 37.73 -7.22
C LEU H 53 13.71 37.80 -8.67
N PRO H 54 12.41 37.52 -8.89
CA PRO H 54 11.84 37.88 -10.19
C PRO H 54 11.91 39.40 -10.35
N LEU H 55 12.06 39.86 -11.60
CA LEU H 55 12.45 41.23 -11.89
C LEU H 55 11.23 42.10 -12.10
N PHE H 56 10.51 42.34 -11.01
CA PHE H 56 9.14 42.85 -11.08
C PHE H 56 8.99 44.27 -11.63
N ASP H 57 9.84 45.20 -11.17
CA ASP H 57 9.79 46.63 -11.58
C ASP H 57 10.73 46.98 -12.75
N ILE H 58 10.98 46.02 -13.64
CA ILE H 58 11.99 46.13 -14.68
C ILE H 58 11.29 46.22 -16.04
N LYS H 59 11.53 47.32 -16.75
CA LYS H 59 10.92 47.61 -18.06
C LYS H 59 11.82 47.30 -19.26
N ASP H 60 13.08 46.92 -19.00
CA ASP H 60 14.10 46.84 -20.05
C ASP H 60 14.59 45.39 -20.30
N PRO H 61 14.25 44.80 -21.47
CA PRO H 61 14.74 43.46 -21.79
C PRO H 61 16.25 43.30 -21.61
N ALA H 62 17.02 44.37 -21.87
CA ALA H 62 18.47 44.34 -21.74
C ALA H 62 18.92 44.07 -20.31
N THR H 63 18.18 44.58 -19.33
CA THR H 63 18.48 44.27 -17.94
C THR H 63 18.22 42.81 -17.64
N VAL H 64 17.17 42.24 -18.20
CA VAL H 64 16.86 40.83 -18.00
C VAL H 64 17.98 39.97 -18.57
N MET H 65 18.46 40.35 -19.75
CA MET H 65 19.55 39.66 -20.44
C MET H 65 20.86 39.73 -19.69
N PHE H 66 21.08 40.88 -19.06
CA PHE H 66 22.21 41.05 -18.20
C PHE H 66 22.20 40.01 -17.07
N GLU H 67 21.07 39.88 -16.35
CA GLU H 67 20.97 38.86 -15.30
C GLU H 67 21.10 37.43 -15.85
N LEU H 68 20.58 37.18 -17.04
CA LEU H 68 20.84 35.90 -17.71
C LEU H 68 22.34 35.70 -17.88
N ASN H 69 23.04 36.70 -18.43
CA ASN H 69 24.49 36.58 -18.62
C ASN H 69 25.28 36.53 -17.33
N GLU H 70 24.82 37.16 -16.27
CA GLU H 70 25.49 37.02 -14.97
C GLU H 70 25.24 35.65 -14.35
N ALA H 71 24.03 35.16 -14.45
CA ALA H 71 23.76 33.79 -14.08
C ALA H 71 24.66 32.82 -14.85
N ARG H 72 24.87 33.09 -16.13
CA ARG H 72 25.71 32.22 -16.94
C ARG H 72 27.17 32.15 -16.49
N LYS H 73 27.71 33.28 -16.01
CA LYS H 73 29.09 33.38 -15.54
C LYS H 73 29.27 32.77 -14.16
N SER H 74 28.34 33.04 -13.26
CA SER H 74 28.46 32.63 -11.85
C SER H 74 28.04 31.20 -11.58
N CYS H 75 27.12 30.65 -12.37
CA CYS H 75 26.57 29.34 -12.07
C CYS H 75 27.45 28.21 -12.62
N ALA H 76 27.62 27.17 -11.82
CA ALA H 76 28.18 25.89 -12.27
C ALA H 76 27.46 25.31 -13.51
N ALA H 77 28.20 24.53 -14.28
CA ALA H 77 27.70 23.88 -15.48
C ALA H 77 26.35 23.22 -15.18
N GLY H 78 25.40 23.43 -16.07
CA GLY H 78 24.03 23.02 -15.84
C GLY H 78 23.02 23.55 -16.83
N TYR H 79 21.85 23.89 -16.35
CA TYR H 79 20.78 24.34 -17.18
C TYR H 79 20.37 25.66 -16.61
N ILE H 80 20.01 26.58 -17.48
CA ILE H 80 19.42 27.84 -17.04
C ILE H 80 18.14 27.94 -17.84
N ARG H 81 17.06 28.39 -17.20
CA ARG H 81 15.83 28.70 -17.91
C ARG H 81 15.36 30.07 -17.52
N ILE H 82 14.62 30.69 -18.43
CA ILE H 82 13.91 31.93 -18.17
C ILE H 82 12.43 31.66 -18.22
N ASN H 83 11.73 32.11 -17.19
CA ASN H 83 10.28 32.07 -17.06
C ASN H 83 9.68 33.47 -17.10
N ALA H 84 8.41 33.55 -17.47
CA ALA H 84 7.65 34.79 -17.39
C ALA H 84 6.40 34.54 -16.53
N PHE H 85 6.33 35.25 -15.40
CA PHE H 85 5.20 35.17 -14.50
C PHE H 85 4.06 36.19 -14.86
N ASP H 86 2.80 35.71 -14.93
CA ASP H 86 1.62 36.58 -15.09
C ASP H 86 0.81 36.57 -13.78
N ALA H 87 0.76 37.70 -13.09
CA ALA H 87 0.10 37.77 -11.77
C ALA H 87 -1.43 38.02 -11.80
N SER H 88 -2.04 38.02 -12.98
CA SER H 88 -3.45 38.36 -13.12
C SER H 88 -4.37 37.29 -12.58
N TYR H 89 -5.45 37.74 -11.92
CA TYR H 89 -6.62 36.94 -11.69
C TYR H 89 -6.90 36.14 -12.95
N GLY H 90 -7.07 34.83 -12.77
CA GLY H 90 -7.31 33.92 -13.89
C GLY H 90 -6.08 33.14 -14.31
N VAL H 91 -4.89 33.70 -14.02
CA VAL H 91 -3.61 33.08 -14.37
C VAL H 91 -2.85 32.82 -13.05
N GLU H 92 -2.22 33.84 -12.48
CA GLU H 92 -1.44 33.72 -11.23
C GLU H 92 -0.40 32.59 -11.28
N SER H 93 0.30 32.54 -12.40
CA SER H 93 1.24 31.46 -12.69
C SER H 93 2.22 31.81 -13.80
N CYS H 94 3.15 30.90 -14.01
CA CYS H 94 4.09 30.99 -15.12
C CYS H 94 3.34 30.83 -16.44
N VAL H 95 3.66 31.62 -17.46
CA VAL H 95 3.05 31.46 -18.78
C VAL H 95 4.02 31.21 -19.94
N MET H 96 5.33 31.28 -19.65
CA MET H 96 6.35 30.97 -20.62
C MET H 96 7.62 30.56 -19.87
N SER H 97 8.11 29.35 -20.13
CA SER H 97 9.39 28.88 -19.67
C SER H 97 10.14 28.24 -20.87
N PHE H 98 11.41 28.64 -21.07
CA PHE H 98 12.27 27.97 -22.05
C PHE H 98 13.71 27.93 -21.55
N ILE H 99 14.47 27.00 -22.10
CA ILE H 99 15.84 26.77 -21.69
C ILE H 99 16.74 27.74 -22.47
N THR H 100 17.58 28.48 -21.74
CA THR H 100 18.58 29.38 -22.33
C THR H 100 19.98 28.75 -22.41
N ASN H 101 20.36 27.96 -21.41
CA ASN H 101 21.61 27.22 -21.45
C ASN H 101 21.40 25.80 -21.16
N ARG H 102 22.21 24.97 -21.81
CA ARG H 102 22.22 23.55 -21.55
C ARG H 102 23.65 23.06 -21.57
N PRO H 103 23.94 22.00 -20.82
CA PRO H 103 25.29 21.46 -20.86
C PRO H 103 25.71 21.00 -22.24
N THR H 104 27.02 21.05 -22.48
CA THR H 104 27.63 20.41 -23.64
C THR H 104 27.07 19.00 -23.85
N ASN H 105 27.07 18.20 -22.81
CA ASN H 105 26.73 16.78 -22.91
C ASN H 105 25.88 16.30 -21.74
N GLU H 106 24.66 15.90 -22.05
CA GLU H 106 23.69 15.44 -21.05
C GLU H 106 23.48 13.95 -21.20
N PRO H 107 23.98 13.14 -20.26
CA PRO H 107 23.81 11.71 -20.46
C PRO H 107 22.32 11.30 -20.46
N GLY H 108 21.50 11.95 -19.64
CA GLY H 108 20.06 11.73 -19.73
C GLY H 108 19.59 10.89 -18.56
N PHE H 109 18.72 9.93 -18.84
CA PHE H 109 18.09 9.14 -17.80
C PHE H 109 18.00 7.66 -18.14
N TYR H 110 17.74 6.88 -17.11
CA TYR H 110 17.30 5.54 -17.28
C TYR H 110 16.10 5.33 -16.41
N LEU H 111 15.33 4.33 -16.83
CA LEU H 111 14.09 3.97 -16.21
C LEU H 111 14.30 2.76 -15.31
N ASP H 112 14.14 2.98 -14.01
CA ASP H 112 14.40 1.96 -12.99
C ASP H 112 13.07 1.25 -12.67
N ARG H 113 13.05 -0.08 -12.75
CA ARG H 113 11.83 -0.86 -12.60
C ARG H 113 11.86 -1.71 -11.34
N THR H 114 10.86 -1.49 -10.49
CA THR H 114 10.68 -2.27 -9.27
C THR H 114 9.40 -3.04 -9.44
N ASP H 115 9.43 -4.30 -9.07
CA ASP H 115 8.23 -5.12 -9.22
C ASP H 115 7.20 -4.76 -8.13
N GLY H 116 5.98 -4.49 -8.59
CA GLY H 116 4.85 -4.15 -7.74
C GLY H 116 3.89 -5.33 -7.69
N PRO H 117 2.66 -5.10 -7.23
CA PRO H 117 1.78 -6.26 -7.23
C PRO H 117 1.44 -6.68 -8.65
N GLY H 118 1.27 -7.98 -8.87
CA GLY H 118 0.77 -8.52 -10.12
C GLY H 118 1.76 -8.27 -11.23
N ARG H 119 1.32 -7.57 -12.27
CA ARG H 119 2.21 -7.13 -13.34
C ARG H 119 2.63 -5.66 -13.20
N GLN H 120 2.09 -4.94 -12.21
CA GLN H 120 2.44 -3.52 -11.99
C GLN H 120 3.95 -3.28 -11.82
N ILE H 121 4.51 -2.34 -12.54
CA ILE H 121 5.86 -1.90 -12.27
C ILE H 121 5.76 -0.56 -11.53
N VAL H 122 6.61 -0.42 -10.51
CA VAL H 122 6.87 0.85 -9.86
C VAL H 122 8.09 1.46 -10.56
N TYR H 123 7.88 2.63 -11.20
CA TYR H 123 8.90 3.30 -12.01
C TYR H 123 9.59 4.46 -11.28
N SER H 124 10.90 4.52 -11.44
CA SER H 124 11.69 5.68 -11.03
C SER H 124 12.61 6.10 -12.16
N ILE H 125 12.62 7.40 -12.45
CA ILE H 125 13.52 7.97 -13.43
C ILE H 125 14.74 8.45 -12.67
N LYS H 126 15.90 8.03 -13.16
CA LYS H 126 17.19 8.31 -12.54
C LYS H 126 18.04 9.11 -13.53
N SER H 127 18.51 10.27 -13.07
CA SER H 127 19.48 11.07 -13.81
C SER H 127 20.88 10.49 -13.60
N TYR H 128 21.63 10.27 -14.68
CA TYR H 128 23.03 9.83 -14.55
C TYR H 128 23.94 10.87 -13.90
N SER H 129 23.70 12.15 -14.19
CA SER H 129 24.56 13.23 -13.72
C SER H 129 24.44 13.36 -12.21
N VAL H 130 23.18 13.36 -11.76
CA VAL H 130 22.85 13.49 -10.36
C VAL H 130 23.32 12.29 -9.50
N GLN H 131 23.08 11.05 -9.95
CA GLN H 131 23.48 9.91 -9.14
C GLN H 131 24.99 9.86 -8.94
N ALA H 132 25.75 10.32 -9.93
CA ALA H 132 27.22 10.23 -9.92
C ALA H 132 27.93 11.29 -9.07
N ASN H 133 27.36 12.50 -8.97
CA ASN H 133 28.06 13.64 -8.36
C ASN H 133 27.08 14.62 -7.75
N PRO H 134 27.52 15.34 -6.70
CA PRO H 134 26.64 16.32 -6.04
C PRO H 134 26.39 17.60 -6.85
N GLU H 135 25.45 18.39 -6.35
CA GLU H 135 25.07 19.65 -6.95
C GLU H 135 26.28 20.58 -7.04
N GLY H 136 26.41 21.27 -8.17
CA GLY H 136 27.56 22.11 -8.42
C GLY H 136 28.68 21.42 -9.17
N SER H 137 28.64 20.10 -9.31
CA SER H 137 29.73 19.39 -9.96
C SER H 137 29.24 18.17 -10.76
N ARG H 138 28.09 18.33 -11.42
CA ARG H 138 27.44 17.24 -12.15
C ARG H 138 27.74 17.20 -13.63
N TYR H 139 28.21 18.32 -14.19
CA TYR H 139 28.59 18.41 -15.60
C TYR H 139 29.93 19.09 -15.69
MG MG I . -1.10 33.43 10.69
C1 CAP J . 2.29 35.72 12.23
C2 CAP J . 0.98 34.98 12.06
C3 CAP J . 0.58 34.22 13.35
C4 CAP J . 0.19 35.06 14.57
C5 CAP J . -0.67 34.28 15.57
C CAP J . -0.07 35.97 11.58
O1 CAP J . 2.66 36.36 11.01
O2 CAP J . 1.15 33.94 11.06
O3 CAP J . -0.47 33.28 13.01
O4 CAP J . 1.38 35.38 15.28
O5 CAP J . -0.70 34.96 16.82
O6 CAP J . -0.90 35.53 10.76
O7 CAP J . -0.10 37.17 11.98
P1 CAP J . 4.10 37.07 10.96
P2 CAP J . -0.39 34.21 18.20
O1P CAP J . 3.88 38.19 11.93
O2P CAP J . 5.04 35.99 11.47
O3P CAP J . 4.33 37.58 9.54
O4P CAP J . -1.62 33.31 18.26
O5P CAP J . -0.38 35.29 19.26
O6P CAP J . 0.96 33.51 18.00
C1 EDO K . 6.92 9.59 1.19
O1 EDO K . 8.02 9.82 0.28
C2 EDO K . 5.86 8.68 0.53
O2 EDO K . 5.24 9.33 -0.60
C1 EDO L . -1.92 11.16 -2.70
O1 EDO L . -1.35 10.14 -3.51
C2 EDO L . -2.05 10.70 -1.26
O2 EDO L . -3.30 10.05 -0.97
MG MG M . 11.77 -9.41 31.70
C1 CAP N . 15.47 -11.71 32.56
C2 CAP N . 14.04 -11.17 32.53
C3 CAP N . 13.04 -12.26 32.04
C4 CAP N . 12.87 -13.45 33.01
C5 CAP N . 11.68 -14.32 32.73
C CAP N . 13.55 -10.58 33.86
O1 CAP N . 16.36 -10.60 32.67
O2 CAP N . 14.07 -10.09 31.60
O3 CAP N . 11.79 -11.61 31.78
O4 CAP N . 13.97 -14.34 32.87
O5 CAP N . 11.79 -15.52 33.49
O6 CAP N . 12.46 -9.97 33.81
O7 CAP N . 14.19 -10.71 34.94
P1 CAP N . 17.93 -10.88 32.94
P2 CAP N . 11.52 -16.94 32.80
O1P CAP N . 17.92 -11.78 34.16
O2P CAP N . 18.39 -11.57 31.68
O3P CAP N . 18.46 -9.50 33.19
O4P CAP N . 10.05 -16.91 32.46
O5P CAP N . 11.79 -17.98 33.85
O6P CAP N . 12.51 -16.92 31.65
C1 EDO O . 3.63 3.27 10.59
O1 EDO O . 3.72 3.73 9.25
C2 EDO O . 3.25 1.80 10.53
O2 EDO O . 1.82 1.66 10.46
C1 EDO P . 10.08 -2.21 5.99
O1 EDO P . 11.29 -1.62 5.46
C2 EDO P . 8.87 -1.40 5.53
O2 EDO P . 8.83 -0.26 6.37
C1 EDO Q . 21.49 5.53 -0.17
O1 EDO Q . 20.33 5.56 0.74
C2 EDO Q . 22.80 5.81 0.57
O2 EDO Q . 22.71 7.04 1.29
C1 EDO R . 22.93 -5.08 -3.92
O1 EDO R . 22.82 -5.57 -2.59
C2 EDO R . 22.52 -3.62 -4.00
O2 EDO R . 21.10 -3.65 -4.10
MG MG S . 1.61 -33.14 -10.56
C1 CAP T . 3.68 -34.98 -14.09
C2 CAP T . 2.63 -34.53 -13.05
C3 CAP T . 1.43 -33.89 -13.75
C4 CAP T . 0.63 -34.86 -14.64
C5 CAP T . -0.80 -34.37 -14.93
C CAP T . 2.20 -35.65 -12.16
O1 CAP T . 4.97 -35.07 -13.47
O2 CAP T . 3.20 -33.61 -12.10
O3 CAP T . 0.62 -33.32 -12.73
O4 CAP T . 1.31 -35.09 -15.89
O5 CAP T . -1.42 -35.23 -15.90
O6 CAP T . 1.75 -35.27 -11.07
O7 CAP T . 2.33 -36.86 -12.49
P1 CAP T . 6.21 -35.54 -14.35
P2 CAP T . -2.15 -34.60 -17.15
O1P CAP T . 5.77 -36.87 -14.89
O2P CAP T . 6.34 -34.47 -15.42
O3P CAP T . 7.36 -35.68 -13.38
O4P CAP T . -3.25 -33.73 -16.62
O5P CAP T . -2.65 -35.78 -17.90
O6P CAP T . -1.01 -33.79 -17.71
C1 EDO U . -10.89 -29.05 -36.50
O1 EDO U . -9.52 -29.47 -36.37
C2 EDO U . -10.93 -28.19 -37.76
O2 EDO U . -10.83 -26.79 -37.51
C1 EDO V . 22.65 -22.68 -16.37
O1 EDO V . 22.48 -24.12 -16.23
C2 EDO V . 23.01 -22.26 -17.81
O2 EDO V . 22.27 -22.98 -18.82
C1 EDO W . 8.11 -7.48 -5.39
O1 EDO W . 8.49 -8.38 -6.44
C2 EDO W . 6.60 -7.37 -5.10
O2 EDO W . 6.44 -7.20 -3.67
C1 EDO X . 1.65 -10.19 1.11
O1 EDO X . 0.45 -10.67 1.75
C2 EDO X . 2.86 -10.77 1.85
O2 EDO X . 3.29 -9.88 2.90
C1 EDO Y . 18.95 -0.13 -13.00
O1 EDO Y . 17.68 0.31 -12.48
C2 EDO Y . 18.88 -0.30 -14.51
O2 EDO Y . 18.38 -1.59 -14.86
C1 EDO Z . 29.40 -11.39 -29.17
O1 EDO Z . 29.61 -10.46 -30.24
C2 EDO Z . 28.61 -12.60 -29.68
O2 EDO Z . 27.52 -12.27 -30.57
C1 EDO AA . 24.88 -3.80 -32.41
O1 EDO AA . 24.30 -2.75 -33.18
C2 EDO AA . 25.57 -4.80 -33.33
O2 EDO AA . 26.16 -4.16 -34.48
MG MG BA . -11.49 9.78 -31.55
C1 CAP CA . -9.52 12.61 -34.42
C2 CAP CA . -10.43 11.80 -33.49
C3 CAP CA . -11.14 12.78 -32.52
C4 CAP CA . -12.06 13.79 -33.19
C5 CAP CA . -13.30 14.17 -32.36
C CAP CA . -11.41 10.96 -34.25
O1 CAP CA . -8.45 11.85 -34.95
O2 CAP CA . -9.66 10.83 -32.76
O3 CAP CA . -11.85 12.06 -31.50
O4 CAP CA . -11.29 14.97 -33.38
O5 CAP CA . -13.98 15.31 -32.92
O6 CAP CA . -11.95 10.02 -33.63
O7 CAP CA . -11.64 11.21 -35.45
P1 CAP CA . -7.60 12.46 -36.16
P2 CAP CA . -14.20 16.62 -32.01
O1P CAP CA . -8.67 12.79 -37.18
O2P CAP CA . -6.77 13.70 -35.70
O3P CAP CA . -6.85 11.25 -36.53
O4P CAP CA . -15.19 16.12 -30.99
O5P CAP CA . -14.76 17.69 -32.88
O6P CAP CA . -12.81 16.97 -31.51
C1 EDO DA . -15.82 37.69 -25.45
O1 EDO DA . -16.22 36.66 -26.37
C2 EDO DA . -16.27 37.27 -24.06
O2 EDO DA . -15.68 38.12 -23.08
C1 EDO EA . -26.99 10.66 -26.66
O1 EDO EA . -26.03 10.53 -25.59
C2 EDO EA . -26.87 12.05 -27.30
O2 EDO EA . -27.11 13.07 -26.31
C1 EDO FA . 3.75 3.90 -10.69
O1 EDO FA . 5.18 3.92 -11.00
C2 EDO FA . 3.39 3.05 -9.47
O2 EDO FA . 3.18 1.70 -9.92
C1 EDO GA . -3.07 -1.77 -10.36
O1 EDO GA . -4.08 -2.24 -9.46
C2 EDO GA . -2.20 -2.93 -10.82
O2 EDO GA . -1.98 -3.91 -9.77
C1 EDO HA . 18.77 9.13 -9.01
O1 EDO HA . 17.46 9.06 -8.39
C2 EDO HA . 19.09 10.53 -9.48
O2 EDO HA . 18.19 10.97 -10.51
#